data_9KBJ
#
_entry.id   9KBJ
#
_cell.length_a   1.00
_cell.length_b   1.00
_cell.length_c   1.00
_cell.angle_alpha   90.00
_cell.angle_beta   90.00
_cell.angle_gamma   90.00
#
_symmetry.space_group_name_H-M   'P 1'
#
loop_
_entity.id
_entity.type
_entity.pdbx_description
1 polymer 'Non-structural protein 1'
2 non-polymer 'MAGNESIUM ION'
3 non-polymer 'PHOSPHOAMINOPHOSPHONIC ACID-ADENYLATE ESTER'
#
_entity_poly.entity_id   1
_entity_poly.type   'polypeptide(L)'
_entity_poly.pdbx_seq_one_letter_code
;AEVVPFNGKGTKASIKFQTMVNWLCENRVFTEDKWKLVDFNQYTLLSSSHSGSFQIQSALKLAIYKATNLVPTSTFLLHA
DFEQVMCIKDNKIVKLLLCQNYDPLLVGQHVLKWIDKKCGKKNTLWFYGPPSTGKTNLAMAIAKSVPVYGMVNWNNENFP
FNDVAGKSLVVWDEGIIKSTIVEAAKAILGGQPTRVDQKMRGSVAVPGVPVVITSNGDITFVVSGNTTTTVHAKALKERM
VKLNFTVRCSPDMGLLTEADVQQWLTWCNAQSWDHYENWAINYTFDFPGINADALHPDLQTT
;
_entity_poly.pdbx_strand_id   A,C,D,E,F,G,H,I,J,K,L,B
#
# COMPACT_ATOMS: atom_id res chain seq x y z
N VAL A 3 -53.21 -6.23 -21.05
CA VAL A 3 -53.01 -5.19 -20.05
C VAL A 3 -53.51 -3.85 -20.58
N VAL A 4 -54.45 -3.24 -19.88
CA VAL A 4 -54.98 -1.95 -20.32
C VAL A 4 -53.97 -0.85 -20.02
N PRO A 5 -53.57 -0.04 -20.99
CA PRO A 5 -52.62 1.04 -20.71
C PRO A 5 -53.22 2.10 -19.81
N PHE A 6 -52.34 2.84 -19.14
CA PHE A 6 -52.78 3.88 -18.22
C PHE A 6 -53.54 4.97 -18.96
N ASN A 7 -54.57 5.52 -18.30
CA ASN A 7 -55.46 6.46 -18.94
C ASN A 7 -54.92 7.89 -18.98
N GLY A 8 -53.78 8.15 -18.34
CA GLY A 8 -53.26 9.51 -18.31
C GLY A 8 -52.87 10.01 -19.69
N LYS A 9 -53.03 11.31 -19.89
CA LYS A 9 -52.68 11.98 -21.14
C LYS A 9 -51.77 13.15 -20.83
N GLY A 10 -50.71 13.30 -21.63
CA GLY A 10 -49.72 14.32 -21.37
C GLY A 10 -50.05 15.66 -22.03
N THR A 11 -49.23 16.64 -21.71
CA THR A 11 -49.38 17.97 -22.27
C THR A 11 -48.75 18.03 -23.66
N LYS A 12 -48.78 19.23 -24.26
CA LYS A 12 -48.25 19.42 -25.60
C LYS A 12 -46.75 19.14 -25.66
N ALA A 13 -46.01 19.56 -24.64
CA ALA A 13 -44.57 19.34 -24.63
C ALA A 13 -44.25 17.84 -24.60
N SER A 14 -44.98 17.08 -23.80
CA SER A 14 -44.74 15.64 -23.74
C SER A 14 -45.09 14.95 -25.05
N ILE A 15 -46.16 15.39 -25.73
CA ILE A 15 -46.50 14.83 -27.02
C ILE A 15 -45.42 15.16 -28.05
N LYS A 16 -44.89 16.38 -28.00
CA LYS A 16 -43.79 16.74 -28.90
C LYS A 16 -42.55 15.89 -28.62
N PHE A 17 -42.27 15.63 -27.34
CA PHE A 17 -41.17 14.76 -27.00
C PHE A 17 -41.38 13.35 -27.54
N GLN A 18 -42.62 12.84 -27.45
CA GLN A 18 -42.92 11.53 -28.00
C GLN A 18 -42.72 11.51 -29.52
N THR A 19 -43.14 12.58 -30.19
CA THR A 19 -42.92 12.68 -31.63
C THR A 19 -41.42 12.69 -31.95
N MET A 20 -40.63 13.40 -31.15
CA MET A 20 -39.19 13.41 -31.35
C MET A 20 -38.59 12.01 -31.16
N VAL A 21 -39.05 11.28 -30.15
CA VAL A 21 -38.57 9.93 -29.92
C VAL A 21 -38.89 9.04 -31.11
N ASN A 22 -40.11 9.15 -31.63
CA ASN A 22 -40.48 8.35 -32.80
C ASN A 22 -39.64 8.75 -34.01
N TRP A 23 -39.38 10.05 -34.19
CA TRP A 23 -38.57 10.51 -35.31
C TRP A 23 -37.15 9.97 -35.22
N LEU A 24 -36.60 9.88 -34.02
CA LEU A 24 -35.25 9.34 -33.86
C LEU A 24 -35.16 7.91 -34.35
N CYS A 25 -36.16 7.08 -34.03
CA CYS A 25 -36.18 5.72 -34.52
C CYS A 25 -36.43 5.67 -36.02
N GLU A 26 -37.27 6.57 -36.52
CA GLU A 26 -37.62 6.56 -37.94
C GLU A 26 -36.41 6.82 -38.82
N ASN A 27 -35.44 7.59 -38.35
CA ASN A 27 -34.28 7.95 -39.14
C ASN A 27 -32.97 7.35 -38.62
N ARG A 28 -33.06 6.39 -37.69
CA ARG A 28 -31.88 5.69 -37.17
C ARG A 28 -30.86 6.65 -36.60
N VAL A 29 -31.32 7.61 -35.81
CA VAL A 29 -30.46 8.55 -35.12
C VAL A 29 -30.36 8.14 -33.65
N PHE A 30 -29.32 7.40 -33.30
CA PHE A 30 -29.22 6.80 -31.97
C PHE A 30 -28.04 7.35 -31.16
N THR A 31 -27.35 8.37 -31.64
CA THR A 31 -26.23 8.94 -30.91
C THR A 31 -26.26 10.45 -31.04
N GLU A 32 -25.60 11.12 -30.09
CA GLU A 32 -25.48 12.58 -30.17
C GLU A 32 -24.68 13.01 -31.39
N ASP A 33 -23.59 12.29 -31.69
CA ASP A 33 -22.76 12.65 -32.84
C ASP A 33 -23.53 12.53 -34.14
N LYS A 34 -24.30 11.46 -34.32
CA LYS A 34 -25.12 11.32 -35.53
C LYS A 34 -26.22 12.38 -35.56
N TRP A 35 -26.76 12.73 -34.40
CA TRP A 35 -27.78 13.78 -34.35
C TRP A 35 -27.22 15.12 -34.80
N LYS A 36 -25.97 15.41 -34.42
CA LYS A 36 -25.36 16.69 -34.81
C LYS A 36 -25.17 16.78 -36.32
N LEU A 37 -24.76 15.69 -36.97
CA LEU A 37 -24.65 15.69 -38.43
C LEU A 37 -26.02 15.76 -39.10
N VAL A 38 -26.96 14.92 -38.66
CA VAL A 38 -28.24 14.80 -39.35
C VAL A 38 -29.06 16.08 -39.17
N ASP A 39 -29.17 16.57 -37.93
CA ASP A 39 -30.03 17.71 -37.63
C ASP A 39 -29.34 18.58 -36.58
N PHE A 40 -28.65 19.62 -37.05
CA PHE A 40 -27.99 20.54 -36.14
C PHE A 40 -28.94 21.62 -35.62
N ASN A 41 -29.96 21.98 -36.39
CA ASN A 41 -30.89 23.04 -35.97
C ASN A 41 -31.66 22.62 -34.73
N GLN A 42 -32.27 21.43 -34.76
CA GLN A 42 -33.02 20.96 -33.61
C GLN A 42 -32.12 20.70 -32.42
N TYR A 43 -30.91 20.20 -32.65
CA TYR A 43 -29.97 20.01 -31.55
C TYR A 43 -29.61 21.33 -30.88
N THR A 44 -29.34 22.36 -31.69
CA THR A 44 -29.03 23.67 -31.12
C THR A 44 -30.23 24.25 -30.39
N LEU A 45 -31.42 24.11 -30.94
CA LEU A 45 -32.62 24.62 -30.29
C LEU A 45 -32.86 23.92 -28.95
N LEU A 46 -32.69 22.60 -28.92
CA LEU A 46 -32.91 21.86 -27.69
C LEU A 46 -31.85 22.17 -26.64
N SER A 47 -30.59 22.28 -27.05
CA SER A 47 -29.50 22.51 -26.12
C SER A 47 -29.42 23.94 -25.62
N SER A 48 -30.46 24.76 -25.85
CA SER A 48 -30.46 26.13 -25.36
C SER A 48 -30.77 26.21 -23.88
N SER A 49 -31.19 25.10 -23.25
CA SER A 49 -31.55 25.10 -21.84
C SER A 49 -31.32 23.71 -21.27
N HIS A 50 -31.31 23.64 -19.93
CA HIS A 50 -31.14 22.36 -19.27
C HIS A 50 -32.30 21.42 -19.55
N SER A 51 -33.51 21.96 -19.61
CA SER A 51 -34.69 21.14 -19.88
C SER A 51 -34.63 20.50 -21.25
N GLY A 52 -33.98 21.14 -22.21
CA GLY A 52 -33.85 20.58 -23.54
C GLY A 52 -32.75 19.54 -23.63
N SER A 53 -31.67 19.75 -22.89
CA SER A 53 -30.62 18.74 -22.83
C SER A 53 -31.12 17.47 -22.15
N PHE A 54 -31.93 17.62 -21.11
CA PHE A 54 -32.54 16.44 -20.47
C PHE A 54 -33.41 15.68 -21.47
N GLN A 55 -34.20 16.41 -22.26
CA GLN A 55 -35.00 15.77 -23.28
C GLN A 55 -34.17 15.08 -24.34
N ILE A 56 -33.06 15.68 -24.77
CA ILE A 56 -32.15 15.01 -25.70
C ILE A 56 -31.67 13.68 -25.11
N GLN A 57 -31.18 13.72 -23.87
CA GLN A 57 -30.63 12.53 -23.26
C GLN A 57 -31.68 11.45 -23.08
N SER A 58 -32.89 11.81 -22.65
CA SER A 58 -33.94 10.81 -22.47
C SER A 58 -34.43 10.26 -23.81
N ALA A 59 -34.57 11.13 -24.82
CA ALA A 59 -35.06 10.69 -26.11
C ALA A 59 -34.09 9.73 -26.78
N LEU A 60 -32.79 9.94 -26.62
CA LEU A 60 -31.82 9.00 -27.20
C LEU A 60 -31.95 7.62 -26.58
N LYS A 61 -32.07 7.55 -25.24
CA LYS A 61 -32.24 6.27 -24.57
C LYS A 61 -33.52 5.58 -25.01
N LEU A 62 -34.62 6.33 -25.06
CA LEU A 62 -35.89 5.73 -25.47
C LEU A 62 -35.86 5.26 -26.90
N ALA A 63 -35.22 6.02 -27.80
CA ALA A 63 -35.09 5.60 -29.19
C ALA A 63 -34.27 4.32 -29.31
N ILE A 64 -33.16 4.25 -28.57
CA ILE A 64 -32.35 3.04 -28.60
C ILE A 64 -33.15 1.84 -28.09
N TYR A 65 -33.88 2.01 -26.99
CA TYR A 65 -34.66 0.92 -26.45
C TYR A 65 -35.74 0.46 -27.43
N LYS A 66 -36.44 1.41 -28.05
CA LYS A 66 -37.49 1.06 -29.00
C LYS A 66 -36.92 0.33 -30.21
N ALA A 67 -35.77 0.81 -30.72
CA ALA A 67 -35.18 0.18 -31.89
C ALA A 67 -34.57 -1.17 -31.57
N THR A 68 -34.19 -1.42 -30.32
CA THR A 68 -33.56 -2.70 -29.99
C THR A 68 -34.55 -3.74 -29.53
N ASN A 69 -35.32 -3.46 -28.47
CA ASN A 69 -36.13 -4.48 -27.82
C ASN A 69 -37.55 -4.58 -28.35
N LEU A 70 -38.25 -3.46 -28.50
CA LEU A 70 -39.66 -3.50 -28.88
C LEU A 70 -39.87 -3.82 -30.35
N VAL A 71 -38.96 -3.42 -31.21
CA VAL A 71 -39.08 -3.62 -32.66
C VAL A 71 -38.07 -4.70 -33.07
N PRO A 72 -38.49 -5.77 -33.73
CA PRO A 72 -37.54 -6.81 -34.14
C PRO A 72 -36.50 -6.25 -35.10
N THR A 73 -35.30 -6.83 -35.03
CA THR A 73 -34.19 -6.36 -35.86
C THR A 73 -34.45 -6.64 -37.34
N SER A 74 -35.19 -7.70 -37.64
CA SER A 74 -35.43 -8.07 -39.03
C SER A 74 -36.17 -6.97 -39.79
N THR A 75 -37.06 -6.24 -39.10
CA THR A 75 -37.77 -5.14 -39.76
C THR A 75 -36.85 -4.01 -40.18
N PHE A 76 -35.64 -3.95 -39.63
CA PHE A 76 -34.64 -2.98 -40.05
C PHE A 76 -33.68 -3.53 -41.08
N LEU A 77 -33.59 -4.85 -41.22
CA LEU A 77 -32.77 -5.49 -42.23
C LEU A 77 -33.49 -5.66 -43.56
N LEU A 78 -34.76 -5.31 -43.63
CA LEU A 78 -35.54 -5.47 -44.86
C LEU A 78 -35.74 -4.13 -45.57
N CYS A 87 -31.51 -7.01 -61.07
CA CYS A 87 -30.86 -8.30 -61.25
C CYS A 87 -30.42 -8.88 -59.92
N ILE A 88 -30.91 -10.08 -59.61
CA ILE A 88 -30.55 -10.73 -58.35
C ILE A 88 -29.08 -11.13 -58.36
N LYS A 89 -28.57 -11.58 -59.52
CA LYS A 89 -27.18 -12.01 -59.60
C LYS A 89 -26.21 -10.85 -59.46
N ASP A 90 -26.65 -9.62 -59.69
CA ASP A 90 -25.77 -8.47 -59.66
C ASP A 90 -25.61 -7.92 -58.24
N ASN A 91 -26.24 -8.54 -57.26
CA ASN A 91 -26.00 -8.20 -55.86
C ASN A 91 -24.71 -8.87 -55.42
N LYS A 92 -23.75 -8.08 -54.95
CA LYS A 92 -22.40 -8.58 -54.76
C LYS A 92 -22.33 -9.70 -53.73
N ILE A 93 -23.19 -9.67 -52.72
CA ILE A 93 -23.21 -10.76 -51.75
C ILE A 93 -23.68 -12.07 -52.38
N VAL A 94 -24.63 -12.00 -53.32
CA VAL A 94 -25.07 -13.19 -54.01
C VAL A 94 -23.93 -13.79 -54.83
N LYS A 95 -23.11 -12.94 -55.45
CA LYS A 95 -21.91 -13.41 -56.13
C LYS A 95 -20.94 -14.06 -55.15
N LEU A 96 -20.68 -13.37 -54.03
CA LEU A 96 -19.69 -13.82 -53.07
C LEU A 96 -20.05 -15.18 -52.48
N LEU A 97 -21.32 -15.36 -52.14
CA LEU A 97 -21.74 -16.63 -51.55
C LEU A 97 -21.68 -17.77 -52.56
N LEU A 98 -21.88 -17.48 -53.84
CA LEU A 98 -21.74 -18.50 -54.87
C LEU A 98 -20.27 -18.85 -55.08
N CYS A 99 -19.38 -17.85 -54.98
CA CYS A 99 -17.95 -18.11 -55.11
C CYS A 99 -17.45 -19.04 -54.01
N GLN A 100 -17.94 -18.84 -52.78
CA GLN A 100 -17.53 -19.66 -51.64
C GLN A 100 -18.29 -20.98 -51.58
N ASN A 101 -19.17 -21.25 -52.54
CA ASN A 101 -19.89 -22.53 -52.63
C ASN A 101 -20.86 -22.71 -51.46
N TYR A 102 -21.58 -21.64 -51.12
CA TYR A 102 -22.63 -21.67 -50.12
C TYR A 102 -23.93 -21.17 -50.74
N ASP A 103 -25.03 -21.87 -50.44
CA ASP A 103 -26.33 -21.55 -51.02
C ASP A 103 -26.82 -20.21 -50.49
N PRO A 104 -26.87 -19.17 -51.33
CA PRO A 104 -27.20 -17.83 -50.81
C PRO A 104 -28.56 -17.73 -50.16
N LEU A 105 -29.56 -18.46 -50.65
CA LEU A 105 -30.89 -18.40 -50.06
C LEU A 105 -30.89 -18.93 -48.63
N LEU A 106 -30.25 -20.07 -48.40
CA LEU A 106 -30.20 -20.64 -47.07
C LEU A 106 -29.41 -19.74 -46.11
N VAL A 107 -28.30 -19.16 -46.59
CA VAL A 107 -27.51 -18.27 -45.75
C VAL A 107 -28.33 -17.03 -45.38
N GLY A 108 -29.05 -16.46 -46.36
CA GLY A 108 -29.86 -15.29 -46.08
C GLY A 108 -30.97 -15.58 -45.08
N GLN A 109 -31.66 -16.71 -45.25
CA GLN A 109 -32.69 -17.08 -44.29
C GLN A 109 -32.11 -17.34 -42.91
N HIS A 110 -30.91 -17.94 -42.86
CA HIS A 110 -30.26 -18.16 -41.57
C HIS A 110 -29.90 -16.84 -40.90
N VAL A 111 -29.44 -15.86 -41.68
CA VAL A 111 -29.15 -14.54 -41.12
C VAL A 111 -30.43 -13.91 -40.59
N LEU A 112 -31.52 -14.03 -41.34
CA LEU A 112 -32.79 -13.47 -40.88
C LEU A 112 -33.25 -14.11 -39.58
N LYS A 113 -33.13 -15.43 -39.45
CA LYS A 113 -33.56 -16.10 -38.23
C LYS A 113 -32.62 -15.84 -37.07
N TRP A 114 -31.31 -15.76 -37.34
CA TRP A 114 -30.32 -15.60 -36.28
C TRP A 114 -30.32 -14.19 -35.73
N ILE A 115 -30.55 -13.19 -36.60
CA ILE A 115 -30.59 -11.81 -36.14
C ILE A 115 -31.79 -11.55 -35.23
N ASP A 116 -32.80 -12.43 -35.27
CA ASP A 116 -33.96 -12.33 -34.40
C ASP A 116 -33.87 -13.25 -33.19
N LYS A 117 -32.71 -13.89 -32.97
CA LYS A 117 -32.46 -14.79 -31.86
C LYS A 117 -33.37 -16.02 -31.87
N LYS A 118 -33.90 -16.38 -33.02
CA LYS A 118 -34.75 -17.57 -33.15
C LYS A 118 -33.93 -18.79 -33.56
N CYS A 119 -32.86 -19.08 -32.81
CA CYS A 119 -32.01 -20.22 -33.12
C CYS A 119 -31.54 -20.99 -31.89
N GLY A 120 -32.10 -20.73 -30.72
CA GLY A 120 -31.69 -21.46 -29.54
C GLY A 120 -30.26 -21.13 -29.14
N LYS A 121 -29.47 -22.18 -28.88
CA LYS A 121 -28.10 -21.99 -28.45
C LYS A 121 -27.23 -21.37 -29.55
N LYS A 122 -27.45 -21.77 -30.80
CA LYS A 122 -26.58 -21.35 -31.90
C LYS A 122 -26.85 -19.88 -32.28
N ASN A 123 -26.34 -18.99 -31.42
CA ASN A 123 -26.49 -17.56 -31.58
C ASN A 123 -25.32 -16.90 -32.31
N THR A 124 -24.34 -17.68 -32.75
CA THR A 124 -23.10 -17.15 -33.28
C THR A 124 -22.92 -17.52 -34.74
N LEU A 125 -22.57 -16.53 -35.56
CA LEU A 125 -22.10 -16.76 -36.92
C LEU A 125 -20.58 -16.63 -36.93
N TRP A 126 -19.92 -17.58 -37.58
CA TRP A 126 -18.47 -17.62 -37.61
C TRP A 126 -17.99 -17.68 -39.05
N PHE A 127 -17.21 -16.69 -39.46
CA PHE A 127 -16.63 -16.63 -40.80
C PHE A 127 -15.15 -16.96 -40.71
N TYR A 128 -14.76 -18.10 -41.28
CA TYR A 128 -13.41 -18.61 -41.19
C TYR A 128 -12.82 -18.80 -42.58
N GLY A 129 -11.56 -18.43 -42.73
CA GLY A 129 -10.88 -18.60 -44.00
C GLY A 129 -9.58 -17.83 -44.10
N PRO A 130 -8.87 -18.02 -45.21
CA PRO A 130 -7.61 -17.30 -45.42
C PRO A 130 -7.85 -15.81 -45.59
N PRO A 131 -6.81 -14.99 -45.50
CA PRO A 131 -6.99 -13.54 -45.63
C PRO A 131 -7.49 -13.15 -47.02
N SER A 132 -8.21 -12.03 -47.05
CA SER A 132 -8.75 -11.46 -48.29
C SER A 132 -9.73 -12.41 -48.97
N THR A 133 -10.76 -12.81 -48.22
CA THR A 133 -11.84 -13.63 -48.74
C THR A 133 -13.22 -13.02 -48.55
N GLY A 134 -13.31 -11.88 -47.86
CA GLY A 134 -14.58 -11.22 -47.68
C GLY A 134 -15.29 -11.53 -46.38
N LYS A 135 -14.55 -11.82 -45.31
CA LYS A 135 -15.19 -12.05 -44.02
C LYS A 135 -15.51 -10.74 -43.33
N THR A 136 -14.49 -9.91 -43.11
CA THR A 136 -14.70 -8.63 -42.43
C THR A 136 -15.63 -7.73 -43.24
N ASN A 137 -15.53 -7.76 -44.57
CA ASN A 137 -16.39 -6.91 -45.38
C ASN A 137 -17.86 -7.26 -45.20
N LEU A 138 -18.19 -8.55 -45.27
CA LEU A 138 -19.58 -8.96 -45.08
C LEU A 138 -20.05 -8.70 -43.65
N ALA A 139 -19.20 -8.97 -42.67
CA ALA A 139 -19.57 -8.73 -41.28
C ALA A 139 -19.85 -7.25 -41.05
N MET A 140 -18.99 -6.37 -41.57
CA MET A 140 -19.20 -4.93 -41.44
C MET A 140 -20.44 -4.48 -42.20
N ALA A 141 -20.72 -5.05 -43.37
CA ALA A 141 -21.94 -4.68 -44.08
C ALA A 141 -23.17 -5.00 -43.25
N ILE A 142 -23.22 -6.22 -42.70
CA ILE A 142 -24.37 -6.61 -41.87
C ILE A 142 -24.45 -5.74 -40.62
N ALA A 143 -23.30 -5.45 -40.01
CA ALA A 143 -23.30 -4.65 -38.79
C ALA A 143 -23.74 -3.21 -39.05
N LYS A 144 -23.35 -2.65 -40.19
CA LYS A 144 -23.81 -1.31 -40.53
C LYS A 144 -25.27 -1.30 -40.96
N SER A 145 -25.80 -2.45 -41.42
CA SER A 145 -27.20 -2.52 -41.79
C SER A 145 -28.14 -2.56 -40.58
N VAL A 146 -27.70 -3.12 -39.46
CA VAL A 146 -28.52 -3.16 -38.25
C VAL A 146 -28.52 -1.78 -37.59
N PRO A 147 -29.50 -1.44 -36.75
CA PRO A 147 -29.52 -0.11 -36.13
C PRO A 147 -28.30 0.22 -35.29
N VAL A 148 -28.03 -0.58 -34.27
CA VAL A 148 -26.94 -0.31 -33.32
C VAL A 148 -26.13 -1.58 -33.15
N TYR A 149 -24.81 -1.45 -33.22
CA TYR A 149 -23.92 -2.58 -33.02
C TYR A 149 -22.71 -2.15 -32.21
N GLY A 150 -22.14 -3.11 -31.48
CA GLY A 150 -20.90 -2.92 -30.76
C GLY A 150 -19.82 -3.83 -31.31
N MET A 151 -18.59 -3.58 -30.86
CA MET A 151 -17.44 -4.36 -31.28
C MET A 151 -16.59 -4.70 -30.06
N VAL A 152 -16.17 -5.96 -29.98
CA VAL A 152 -15.29 -6.37 -28.90
C VAL A 152 -13.94 -5.67 -28.98
N ASN A 153 -13.51 -5.28 -30.18
CA ASN A 153 -12.25 -4.58 -30.34
C ASN A 153 -12.24 -3.22 -29.64
N TRP A 154 -13.39 -2.56 -29.56
CA TRP A 154 -13.47 -1.27 -28.89
C TRP A 154 -13.41 -1.37 -27.37
N ASN A 155 -13.99 -2.42 -26.80
CA ASN A 155 -14.09 -2.53 -25.35
C ASN A 155 -12.72 -2.74 -24.73
N ASN A 156 -12.67 -2.58 -23.42
CA ASN A 156 -11.43 -2.73 -22.66
C ASN A 156 -10.88 -4.15 -22.84
N GLU A 157 -9.55 -4.25 -22.96
CA GLU A 157 -8.93 -5.53 -23.25
C GLU A 157 -9.19 -6.56 -22.15
N ASN A 158 -9.09 -6.13 -20.89
CA ASN A 158 -9.35 -7.01 -19.76
C ASN A 158 -10.82 -7.19 -19.46
N PHE A 159 -11.68 -6.34 -20.01
CA PHE A 159 -13.13 -6.45 -19.87
C PHE A 159 -13.78 -6.36 -21.24
N PRO A 160 -13.58 -7.39 -22.09
CA PRO A 160 -13.99 -7.26 -23.49
C PRO A 160 -15.49 -7.20 -23.70
N PHE A 161 -16.29 -7.57 -22.70
CA PHE A 161 -17.73 -7.69 -22.87
C PHE A 161 -18.52 -6.64 -22.11
N ASN A 162 -17.93 -5.46 -21.91
CA ASN A 162 -18.69 -4.35 -21.37
C ASN A 162 -19.62 -3.77 -22.44
N ASP A 163 -20.72 -3.17 -21.96
CA ASP A 163 -21.69 -2.51 -22.84
C ASP A 163 -22.25 -3.47 -23.89
N VAL A 164 -22.91 -4.52 -23.42
CA VAL A 164 -23.58 -5.44 -24.33
C VAL A 164 -25.03 -5.01 -24.56
N ALA A 165 -25.70 -4.52 -23.52
CA ALA A 165 -27.07 -4.07 -23.67
C ALA A 165 -27.14 -2.85 -24.56
N GLY A 166 -28.29 -2.66 -25.21
CA GLY A 166 -28.44 -1.55 -26.13
C GLY A 166 -27.80 -1.76 -27.48
N LYS A 167 -27.46 -3.00 -27.82
CA LYS A 167 -26.87 -3.34 -29.11
C LYS A 167 -27.71 -4.39 -29.80
N SER A 168 -27.88 -4.23 -31.12
CA SER A 168 -28.59 -5.23 -31.91
C SER A 168 -27.67 -6.30 -32.45
N LEU A 169 -26.35 -6.12 -32.30
CA LEU A 169 -25.37 -7.08 -32.81
C LEU A 169 -24.02 -6.76 -32.18
N VAL A 170 -23.21 -7.79 -32.01
CA VAL A 170 -21.84 -7.66 -31.51
C VAL A 170 -20.91 -8.31 -32.51
N VAL A 171 -19.85 -7.60 -32.88
CA VAL A 171 -18.89 -8.06 -33.88
C VAL A 171 -17.56 -8.32 -33.20
N TRP A 172 -16.98 -9.49 -33.49
CA TRP A 172 -15.68 -9.88 -32.93
C TRP A 172 -14.75 -10.13 -34.10
N ASP A 173 -13.97 -9.12 -34.47
CA ASP A 173 -13.14 -9.16 -35.66
C ASP A 173 -11.76 -9.73 -35.31
N GLU A 174 -11.38 -10.81 -35.99
CA GLU A 174 -10.12 -11.49 -35.75
C GLU A 174 -9.99 -11.91 -34.29
N GLY A 175 -11.03 -12.55 -33.77
CA GLY A 175 -11.09 -12.83 -32.35
C GLY A 175 -10.35 -14.08 -31.94
N ILE A 176 -9.83 -14.05 -30.72
CA ILE A 176 -9.20 -15.20 -30.09
C ILE A 176 -9.68 -15.27 -28.64
N ILE A 177 -10.09 -16.45 -28.21
CA ILE A 177 -10.68 -16.64 -26.89
C ILE A 177 -9.60 -17.09 -25.92
N LYS A 178 -9.34 -16.28 -24.91
CA LYS A 178 -8.39 -16.61 -23.86
C LYS A 178 -9.10 -17.31 -22.69
N SER A 179 -8.32 -18.07 -21.93
CA SER A 179 -8.91 -18.81 -20.81
C SER A 179 -9.35 -17.91 -19.68
N THR A 180 -8.84 -16.68 -19.62
CA THR A 180 -9.26 -15.75 -18.57
C THR A 180 -10.69 -15.25 -18.78
N ILE A 181 -11.17 -15.24 -20.02
CA ILE A 181 -12.51 -14.76 -20.33
C ILE A 181 -13.40 -15.82 -20.96
N VAL A 182 -12.99 -17.10 -20.94
CA VAL A 182 -13.72 -18.13 -21.66
C VAL A 182 -15.12 -18.33 -21.11
N GLU A 183 -15.30 -18.15 -19.80
CA GLU A 183 -16.61 -18.43 -19.20
C GLU A 183 -17.66 -17.41 -19.60
N ALA A 184 -17.33 -16.12 -19.59
CA ALA A 184 -18.28 -15.11 -20.04
C ALA A 184 -18.50 -15.23 -21.56
N ALA A 185 -17.45 -15.59 -22.29
CA ALA A 185 -17.58 -15.79 -23.73
C ALA A 185 -18.56 -16.92 -24.04
N LYS A 186 -18.51 -18.00 -23.25
CA LYS A 186 -19.43 -19.11 -23.46
C LYS A 186 -20.88 -18.66 -23.26
N ALA A 187 -21.12 -17.83 -22.25
CA ALA A 187 -22.47 -17.37 -21.97
C ALA A 187 -22.98 -16.43 -23.07
N ILE A 188 -22.15 -15.46 -23.47
CA ILE A 188 -22.59 -14.48 -24.44
C ILE A 188 -22.73 -15.10 -25.83
N LEU A 189 -21.82 -15.99 -26.21
CA LEU A 189 -21.91 -16.65 -27.50
C LEU A 189 -23.19 -17.47 -27.62
N GLY A 190 -23.60 -18.12 -26.53
CA GLY A 190 -24.84 -18.87 -26.50
C GLY A 190 -26.08 -18.06 -26.28
N GLY A 191 -25.95 -16.75 -26.12
CA GLY A 191 -27.11 -15.89 -25.92
C GLY A 191 -27.65 -15.86 -24.51
N GLN A 192 -26.92 -16.39 -23.53
CA GLN A 192 -27.38 -16.34 -22.16
C GLN A 192 -27.18 -14.94 -21.58
N PRO A 193 -28.19 -14.40 -20.91
CA PRO A 193 -28.03 -13.09 -20.26
C PRO A 193 -27.02 -13.15 -19.13
N THR A 194 -26.38 -12.01 -18.88
CA THR A 194 -25.39 -11.92 -17.82
C THR A 194 -26.07 -11.73 -16.47
N ARG A 195 -25.35 -12.11 -15.41
CA ARG A 195 -25.92 -12.07 -14.06
C ARG A 195 -26.29 -10.65 -13.67
N VAL A 196 -25.55 -9.66 -14.16
CA VAL A 196 -25.87 -8.26 -13.88
C VAL A 196 -27.21 -7.88 -14.50
N ASP A 197 -27.44 -8.30 -15.75
CA ASP A 197 -28.70 -7.98 -16.41
C ASP A 197 -29.88 -8.64 -15.69
N GLN A 198 -29.68 -9.85 -15.18
CA GLN A 198 -30.74 -10.52 -14.44
C GLN A 198 -31.10 -9.75 -13.16
N LYS A 199 -30.09 -9.30 -12.43
CA LYS A 199 -30.33 -8.58 -11.19
C LYS A 199 -30.79 -7.14 -11.42
N MET A 200 -30.41 -6.53 -12.54
CA MET A 200 -30.76 -5.15 -12.83
C MET A 200 -32.01 -5.06 -13.72
N ARG A 201 -32.90 -6.04 -13.60
CA ARG A 201 -34.13 -6.04 -14.39
C ARG A 201 -35.18 -6.92 -13.74
N PRO A 207 -29.22 -8.92 -23.37
CA PRO A 207 -29.94 -10.20 -23.31
C PRO A 207 -29.94 -10.95 -24.64
N GLY A 208 -28.95 -11.82 -24.81
CA GLY A 208 -28.87 -12.65 -26.01
C GLY A 208 -28.62 -11.88 -27.28
N VAL A 209 -27.70 -10.92 -27.24
CA VAL A 209 -27.36 -10.17 -28.45
C VAL A 209 -26.64 -11.10 -29.42
N PRO A 210 -27.03 -11.14 -30.69
CA PRO A 210 -26.31 -11.99 -31.65
C PRO A 210 -24.86 -11.56 -31.80
N VAL A 211 -23.99 -12.54 -31.99
CA VAL A 211 -22.55 -12.32 -32.09
C VAL A 211 -22.05 -12.92 -33.41
N VAL A 212 -21.21 -12.18 -34.11
CA VAL A 212 -20.58 -12.64 -35.34
C VAL A 212 -19.07 -12.51 -35.19
N ILE A 213 -18.35 -13.57 -35.53
CA ILE A 213 -16.90 -13.61 -35.38
C ILE A 213 -16.28 -13.94 -36.74
N THR A 214 -15.28 -13.15 -37.13
CA THR A 214 -14.43 -13.45 -38.27
C THR A 214 -13.04 -13.78 -37.75
N SER A 215 -12.44 -14.84 -38.29
CA SER A 215 -11.17 -15.30 -37.75
C SER A 215 -10.34 -15.93 -38.85
N ASN A 216 -9.02 -15.77 -38.75
CA ASN A 216 -8.11 -16.46 -39.66
C ASN A 216 -7.85 -17.89 -39.19
N GLY A 217 -7.59 -18.06 -37.89
CA GLY A 217 -7.39 -19.38 -37.35
C GLY A 217 -8.63 -19.94 -36.67
N ASP A 218 -8.48 -21.14 -36.13
CA ASP A 218 -9.58 -21.80 -35.42
C ASP A 218 -9.68 -21.22 -34.01
N ILE A 219 -10.89 -20.86 -33.60
CA ILE A 219 -11.08 -20.24 -32.29
C ILE A 219 -11.51 -21.23 -31.22
N THR A 220 -11.82 -22.48 -31.59
CA THR A 220 -12.13 -23.50 -30.60
C THR A 220 -10.91 -23.87 -29.76
N PHE A 221 -9.71 -23.57 -30.24
CA PHE A 221 -8.49 -23.80 -29.47
C PHE A 221 -8.29 -22.63 -28.53
N VAL A 222 -8.74 -22.78 -27.29
CA VAL A 222 -8.71 -21.69 -26.33
C VAL A 222 -7.28 -21.48 -25.83
N VAL A 223 -6.84 -20.23 -25.84
CA VAL A 223 -5.49 -19.89 -25.38
C VAL A 223 -5.47 -19.92 -23.86
N SER A 224 -4.50 -20.65 -23.30
CA SER A 224 -4.33 -20.74 -21.86
C SER A 224 -2.84 -20.66 -21.55
N GLY A 225 -2.40 -19.51 -21.01
CA GLY A 225 -0.99 -19.29 -20.81
C GLY A 225 -0.26 -19.24 -22.14
N ASN A 226 0.84 -19.99 -22.23
CA ASN A 226 1.61 -20.12 -23.46
C ASN A 226 1.28 -21.42 -24.20
N THR A 227 0.02 -21.85 -24.11
CA THR A 227 -0.42 -23.13 -24.66
C THR A 227 -1.89 -23.00 -25.07
N THR A 228 -2.30 -23.83 -26.01
CA THR A 228 -3.70 -23.91 -26.38
C THR A 228 -4.31 -25.18 -25.81
N THR A 229 -5.58 -25.09 -25.41
CA THR A 229 -6.28 -26.20 -24.81
C THR A 229 -7.56 -26.50 -25.60
N THR A 230 -7.85 -27.78 -25.78
CA THR A 230 -9.03 -28.23 -26.48
C THR A 230 -10.17 -28.62 -25.54
N VAL A 231 -10.05 -28.30 -24.25
CA VAL A 231 -11.06 -28.70 -23.27
C VAL A 231 -12.40 -28.06 -23.59
N HIS A 232 -12.39 -26.79 -24.00
CA HIS A 232 -13.61 -26.04 -24.23
C HIS A 232 -14.12 -26.15 -25.66
N ALA A 233 -13.51 -27.00 -26.49
CA ALA A 233 -13.86 -27.05 -27.90
C ALA A 233 -15.30 -27.52 -28.11
N LYS A 234 -15.72 -28.54 -27.37
CA LYS A 234 -17.03 -29.13 -27.62
C LYS A 234 -18.16 -28.15 -27.32
N ALA A 235 -18.05 -27.40 -26.22
CA ALA A 235 -19.11 -26.47 -25.86
C ALA A 235 -19.28 -25.38 -26.90
N LEU A 236 -18.17 -24.82 -27.39
CA LEU A 236 -18.24 -23.71 -28.34
C LEU A 236 -18.85 -24.15 -29.66
N LYS A 237 -18.67 -25.43 -30.04
CA LYS A 237 -19.22 -25.89 -31.31
C LYS A 237 -20.73 -26.01 -31.26
N GLU A 238 -21.30 -26.20 -30.07
CA GLU A 238 -22.76 -26.27 -29.96
C GLU A 238 -23.41 -24.91 -30.16
N ARG A 239 -22.64 -23.84 -30.05
CA ARG A 239 -23.16 -22.47 -30.12
C ARG A 239 -22.80 -21.76 -31.42
N MET A 240 -22.20 -22.45 -32.38
CA MET A 240 -21.67 -21.80 -33.57
C MET A 240 -22.08 -22.52 -34.83
N VAL A 241 -22.23 -21.76 -35.91
CA VAL A 241 -22.32 -22.28 -37.26
C VAL A 241 -21.19 -21.66 -38.07
N LYS A 242 -20.45 -22.50 -38.79
CA LYS A 242 -19.21 -22.10 -39.42
C LYS A 242 -19.39 -21.98 -40.93
N LEU A 243 -18.88 -20.89 -41.50
CA LEU A 243 -18.86 -20.69 -42.94
C LEU A 243 -17.42 -20.57 -43.40
N ASN A 244 -17.01 -21.44 -44.31
CA ASN A 244 -15.64 -21.48 -44.79
C ASN A 244 -15.50 -20.56 -46.01
N PHE A 245 -14.65 -19.54 -45.89
CA PHE A 245 -14.39 -18.60 -46.99
C PHE A 245 -13.09 -19.00 -47.67
N THR A 246 -13.20 -19.96 -48.59
CA THR A 246 -12.02 -20.58 -49.18
C THR A 246 -11.51 -19.80 -50.38
N VAL A 247 -12.35 -19.57 -51.37
CA VAL A 247 -11.91 -18.98 -52.63
C VAL A 247 -11.60 -17.51 -52.42
N ARG A 248 -10.42 -17.09 -52.85
CA ARG A 248 -10.03 -15.68 -52.77
C ARG A 248 -10.86 -14.87 -53.75
N CYS A 249 -11.15 -13.63 -53.37
CA CYS A 249 -11.98 -12.76 -54.18
C CYS A 249 -11.13 -11.77 -54.96
N SER A 250 -11.61 -11.40 -56.15
CA SER A 250 -10.94 -10.39 -56.95
C SER A 250 -11.14 -9.02 -56.31
N PRO A 251 -10.09 -8.19 -56.22
CA PRO A 251 -10.23 -6.90 -55.52
C PRO A 251 -11.27 -5.97 -56.12
N ASP A 252 -11.83 -6.29 -57.29
CA ASP A 252 -12.88 -5.46 -57.87
C ASP A 252 -14.19 -5.54 -57.11
N MET A 253 -14.32 -6.46 -56.15
CA MET A 253 -15.56 -6.58 -55.39
C MET A 253 -15.85 -5.32 -54.58
N GLY A 254 -14.83 -4.74 -53.97
CA GLY A 254 -15.00 -3.49 -53.25
C GLY A 254 -15.78 -3.68 -51.96
N LEU A 255 -16.29 -2.56 -51.44
CA LEU A 255 -17.04 -2.57 -50.19
C LEU A 255 -18.46 -3.06 -50.43
N LEU A 256 -18.94 -3.91 -49.54
CA LEU A 256 -20.36 -4.28 -49.56
C LEU A 256 -21.17 -3.22 -48.85
N THR A 257 -22.25 -2.80 -49.49
CA THR A 257 -23.07 -1.70 -48.99
C THR A 257 -24.29 -2.22 -48.26
N GLU A 258 -24.94 -1.33 -47.51
CA GLU A 258 -26.19 -1.67 -46.84
C GLU A 258 -27.28 -2.01 -47.85
N ALA A 259 -27.26 -1.35 -49.00
CA ALA A 259 -28.26 -1.63 -50.04
C ALA A 259 -28.15 -3.07 -50.52
N ASP A 260 -26.94 -3.58 -50.68
CA ASP A 260 -26.75 -4.97 -51.10
C ASP A 260 -27.36 -5.92 -50.07
N VAL A 261 -27.08 -5.68 -48.79
CA VAL A 261 -27.61 -6.53 -47.72
C VAL A 261 -29.13 -6.49 -47.74
N GLN A 262 -29.70 -5.28 -47.86
CA GLN A 262 -31.15 -5.13 -47.82
C GLN A 262 -31.80 -5.85 -49.00
N GLN A 263 -31.25 -5.68 -50.21
CA GLN A 263 -31.81 -6.35 -51.38
C GLN A 263 -31.72 -7.87 -51.24
N TRP A 264 -30.56 -8.37 -50.84
CA TRP A 264 -30.36 -9.82 -50.73
C TRP A 264 -31.30 -10.41 -49.69
N LEU A 265 -31.43 -9.76 -48.52
CA LEU A 265 -32.28 -10.29 -47.48
C LEU A 265 -33.75 -10.17 -47.83
N THR A 266 -34.14 -9.09 -48.52
CA THR A 266 -35.52 -8.95 -48.95
C THR A 266 -35.89 -10.03 -49.96
N TRP A 267 -34.97 -10.34 -50.88
CA TRP A 267 -35.23 -11.44 -51.82
C TRP A 267 -35.29 -12.78 -51.09
N CYS A 268 -34.40 -12.98 -50.11
CA CYS A 268 -34.40 -14.25 -49.38
C CYS A 268 -35.68 -14.45 -48.58
N ASN A 269 -36.22 -13.38 -48.00
CA ASN A 269 -37.43 -13.51 -47.19
C ASN A 269 -38.63 -13.91 -48.04
N ALA A 270 -38.61 -13.58 -49.33
CA ALA A 270 -39.76 -13.84 -50.19
C ALA A 270 -39.96 -15.33 -50.46
N GLN A 271 -38.88 -16.07 -50.66
CA GLN A 271 -38.97 -17.43 -51.16
C GLN A 271 -39.39 -18.39 -50.04
N SER A 272 -39.36 -19.68 -50.34
CA SER A 272 -39.90 -20.68 -49.43
C SER A 272 -39.03 -20.84 -48.19
N TRP A 273 -39.56 -21.56 -47.21
CA TRP A 273 -38.88 -21.78 -45.94
C TRP A 273 -38.89 -23.24 -45.50
N ASP A 274 -39.49 -24.14 -46.29
CA ASP A 274 -39.55 -25.55 -45.91
C ASP A 274 -38.16 -26.19 -45.88
N HIS A 275 -37.29 -25.83 -46.85
CA HIS A 275 -35.92 -26.29 -46.79
C HIS A 275 -35.23 -25.83 -45.52
N TYR A 276 -35.49 -24.58 -45.11
CA TYR A 276 -34.88 -24.08 -43.88
C TYR A 276 -35.38 -24.85 -42.66
N GLU A 277 -36.67 -25.19 -42.63
CA GLU A 277 -37.16 -25.99 -41.51
C GLU A 277 -36.54 -27.38 -41.52
N ASN A 278 -36.36 -27.95 -42.72
CA ASN A 278 -35.68 -29.24 -42.82
C ASN A 278 -34.27 -29.18 -42.28
N TRP A 279 -33.54 -28.09 -42.55
CA TRP A 279 -32.20 -27.94 -42.01
C TRP A 279 -32.22 -27.68 -40.50
N ALA A 280 -33.14 -26.84 -40.05
CA ALA A 280 -33.22 -26.44 -38.65
C ALA A 280 -33.79 -27.52 -37.76
N ILE A 281 -34.29 -28.62 -38.34
CA ILE A 281 -34.65 -29.79 -37.53
C ILE A 281 -33.46 -30.21 -36.68
N ASN A 282 -32.26 -30.22 -37.27
CA ASN A 282 -31.03 -30.47 -36.52
C ASN A 282 -29.95 -29.57 -37.09
N TYR A 283 -29.54 -28.57 -36.32
CA TYR A 283 -28.55 -27.61 -36.77
C TYR A 283 -27.17 -28.25 -36.86
N THR A 284 -26.64 -28.35 -38.08
CA THR A 284 -25.30 -28.87 -38.28
C THR A 284 -24.26 -27.80 -37.95
N PHE A 285 -23.12 -28.24 -37.41
CA PHE A 285 -22.05 -27.32 -37.09
C PHE A 285 -21.47 -26.70 -38.35
N ASP A 286 -21.12 -27.53 -39.34
CA ASP A 286 -20.65 -27.01 -40.61
C ASP A 286 -21.84 -26.68 -41.50
N PHE A 287 -21.87 -25.46 -42.02
CA PHE A 287 -23.00 -25.04 -42.83
C PHE A 287 -23.03 -25.82 -44.14
N PRO A 288 -24.19 -26.36 -44.52
CA PRO A 288 -24.26 -27.17 -45.74
C PRO A 288 -23.90 -26.36 -46.99
N GLY A 289 -23.23 -27.03 -47.92
CA GLY A 289 -22.79 -26.37 -49.14
C GLY A 289 -23.88 -26.32 -50.20
N ILE A 290 -23.49 -25.83 -51.38
CA ILE A 290 -24.43 -25.70 -52.48
C ILE A 290 -24.86 -27.07 -52.97
N ASN A 291 -26.16 -27.27 -53.09
CA ASN A 291 -26.74 -28.43 -53.76
C ASN A 291 -27.31 -27.96 -55.08
N ALA A 292 -26.69 -28.42 -56.19
CA ALA A 292 -27.05 -27.91 -57.51
C ALA A 292 -28.46 -28.27 -57.93
N ASP A 293 -29.11 -29.23 -57.26
CA ASP A 293 -30.47 -29.60 -57.62
C ASP A 293 -31.51 -28.68 -57.02
N ALA A 294 -31.30 -28.20 -55.79
CA ALA A 294 -32.26 -27.34 -55.12
C ALA A 294 -31.98 -25.86 -55.30
N LEU A 295 -30.94 -25.50 -56.06
CA LEU A 295 -30.63 -24.10 -56.28
C LEU A 295 -31.74 -23.43 -57.07
N HIS A 296 -32.07 -22.19 -56.70
CA HIS A 296 -33.15 -21.48 -57.34
C HIS A 296 -32.82 -21.24 -58.82
N PRO A 297 -33.82 -21.32 -59.70
CA PRO A 297 -33.54 -21.15 -61.14
C PRO A 297 -32.92 -19.81 -61.50
N ASP A 298 -33.18 -18.76 -60.72
CA ASP A 298 -32.66 -17.45 -61.04
C ASP A 298 -31.13 -17.45 -61.05
N LEU A 299 -30.53 -18.08 -60.05
CA LEU A 299 -29.08 -18.10 -59.89
C LEU A 299 -28.43 -19.25 -60.65
N GLN A 300 -29.08 -19.75 -61.68
CA GLN A 300 -28.54 -20.86 -62.47
C GLN A 300 -27.98 -20.36 -63.79
N VAL B 3 -37.06 34.42 25.51
CA VAL B 3 -36.76 35.07 24.25
C VAL B 3 -38.04 35.28 23.45
N VAL B 4 -38.24 36.52 22.98
CA VAL B 4 -39.42 36.88 22.21
C VAL B 4 -39.41 36.15 20.88
N PRO B 5 -40.49 35.46 20.51
CA PRO B 5 -40.51 34.76 19.22
C PRO B 5 -40.49 35.74 18.05
N PHE B 6 -39.96 35.28 16.92
CA PHE B 6 -39.89 36.10 15.73
C PHE B 6 -41.30 36.35 15.17
N ASN B 7 -41.49 37.55 14.62
CA ASN B 7 -42.84 37.98 14.24
C ASN B 7 -43.33 37.27 12.97
N GLY B 8 -42.41 36.94 12.06
CA GLY B 8 -42.77 36.45 10.74
C GLY B 8 -43.76 35.30 10.68
N LYS B 9 -44.83 35.48 9.90
CA LYS B 9 -45.83 34.44 9.72
C LYS B 9 -45.70 33.82 8.34
N GLY B 10 -46.24 32.61 8.20
CA GLY B 10 -46.13 31.85 6.97
C GLY B 10 -47.46 31.61 6.29
N THR B 11 -47.39 31.27 5.00
CA THR B 11 -48.57 30.99 4.21
C THR B 11 -49.19 29.65 4.63
N LYS B 12 -50.27 29.28 3.93
CA LYS B 12 -50.96 28.03 4.23
C LYS B 12 -50.05 26.82 4.04
N ALA B 13 -49.08 26.93 3.12
CA ALA B 13 -48.15 25.82 2.89
C ALA B 13 -47.31 25.55 4.13
N SER B 14 -46.85 26.60 4.80
CA SER B 14 -46.01 26.43 5.98
C SER B 14 -46.81 26.02 7.20
N ILE B 15 -48.06 26.49 7.31
CA ILE B 15 -48.89 26.10 8.45
C ILE B 15 -49.23 24.62 8.38
N LYS B 16 -49.48 24.11 7.17
CA LYS B 16 -49.76 22.69 7.02
C LYS B 16 -48.57 21.83 7.44
N PHE B 17 -47.35 22.29 7.13
CA PHE B 17 -46.16 21.57 7.56
C PHE B 17 -46.05 21.54 9.07
N GLN B 18 -46.37 22.66 9.73
CA GLN B 18 -46.34 22.68 11.19
C GLN B 18 -47.40 21.76 11.78
N THR B 19 -48.57 21.68 11.13
CA THR B 19 -49.57 20.70 11.54
C THR B 19 -49.05 19.28 11.37
N MET B 20 -48.30 19.04 10.30
CA MET B 20 -47.73 17.72 10.06
C MET B 20 -46.77 17.31 11.16
N VAL B 21 -45.93 18.23 11.61
CA VAL B 21 -44.93 17.92 12.62
C VAL B 21 -45.63 17.55 13.94
N ASN B 22 -46.66 18.30 14.31
CA ASN B 22 -47.38 18.00 15.54
C ASN B 22 -48.10 16.65 15.43
N TRP B 23 -48.64 16.34 14.26
CA TRP B 23 -49.34 15.06 14.08
C TRP B 23 -48.39 13.87 14.21
N LEU B 24 -47.13 14.04 13.82
CA LEU B 24 -46.17 12.94 13.93
C LEU B 24 -45.83 12.65 15.38
N CYS B 25 -45.74 13.68 16.22
CA CYS B 25 -45.41 13.48 17.62
C CYS B 25 -46.56 12.83 18.37
N GLU B 26 -47.80 13.15 17.99
CA GLU B 26 -48.97 12.60 18.65
C GLU B 26 -49.22 11.14 18.30
N ASN B 27 -48.38 10.51 17.48
CA ASN B 27 -48.61 9.13 17.06
C ASN B 27 -47.33 8.30 17.04
N ARG B 28 -46.23 8.80 17.59
CA ARG B 28 -44.95 8.08 17.64
C ARG B 28 -44.48 7.68 16.24
N VAL B 29 -44.76 8.51 15.25
CA VAL B 29 -44.34 8.24 13.87
C VAL B 29 -43.02 8.94 13.62
N PHE B 30 -41.91 8.23 13.84
CA PHE B 30 -40.58 8.81 13.71
C PHE B 30 -39.75 8.14 12.62
N THR B 31 -40.34 7.27 11.81
CA THR B 31 -39.61 6.56 10.77
C THR B 31 -40.54 6.38 9.58
N GLU B 32 -39.94 6.26 8.39
CA GLU B 32 -40.72 6.04 7.18
C GLU B 32 -41.48 4.73 7.25
N ASP B 33 -40.84 3.67 7.75
CA ASP B 33 -41.51 2.38 7.87
C ASP B 33 -42.75 2.50 8.75
N LYS B 34 -42.64 3.21 9.86
CA LYS B 34 -43.81 3.47 10.69
C LYS B 34 -44.83 4.34 9.95
N TRP B 35 -44.34 5.31 9.18
CA TRP B 35 -45.23 6.21 8.46
C TRP B 35 -46.01 5.48 7.38
N LYS B 36 -45.33 4.64 6.60
CA LYS B 36 -45.99 3.90 5.54
C LYS B 36 -47.04 2.95 6.10
N LEU B 37 -46.72 2.26 7.20
CA LEU B 37 -47.68 1.36 7.81
C LEU B 37 -48.90 2.10 8.35
N VAL B 38 -48.69 3.26 8.96
CA VAL B 38 -49.78 3.98 9.59
C VAL B 38 -50.60 4.76 8.55
N ASP B 39 -49.96 5.61 7.76
CA ASP B 39 -50.66 6.47 6.82
C ASP B 39 -49.96 6.38 5.46
N PHE B 40 -50.41 5.42 4.64
CA PHE B 40 -49.87 5.29 3.30
C PHE B 40 -50.48 6.31 2.34
N ASN B 41 -51.66 6.84 2.68
CA ASN B 41 -52.31 7.80 1.80
C ASN B 41 -51.54 9.12 1.74
N GLN B 42 -51.17 9.66 2.90
CA GLN B 42 -50.44 10.92 2.92
C GLN B 42 -49.02 10.74 2.40
N TYR B 43 -48.42 9.57 2.66
CA TYR B 43 -47.10 9.28 2.12
C TYR B 43 -47.12 9.25 0.59
N THR B 44 -48.20 8.72 0.01
CA THR B 44 -48.31 8.69 -1.45
C THR B 44 -48.43 10.10 -2.02
N LEU B 45 -49.19 10.97 -1.36
CA LEU B 45 -49.35 12.34 -1.84
C LEU B 45 -48.03 13.12 -1.73
N LEU B 46 -47.37 13.01 -0.58
CA LEU B 46 -46.15 13.78 -0.36
C LEU B 46 -45.04 13.35 -1.32
N SER B 47 -44.89 12.05 -1.55
CA SER B 47 -43.84 11.54 -2.42
C SER B 47 -44.16 11.72 -3.90
N SER B 48 -45.20 12.48 -4.24
CA SER B 48 -45.56 12.68 -5.64
C SER B 48 -44.73 13.76 -6.31
N SER B 49 -43.88 14.46 -5.55
CA SER B 49 -43.07 15.53 -6.12
C SER B 49 -41.75 15.59 -5.41
N HIS B 50 -40.80 16.33 -6.00
CA HIS B 50 -39.50 16.49 -5.37
C HIS B 50 -39.58 17.45 -4.19
N SER B 51 -40.46 18.45 -4.27
CA SER B 51 -40.64 19.36 -3.15
C SER B 51 -41.39 18.69 -2.00
N GLY B 52 -42.39 17.87 -2.32
CA GLY B 52 -43.13 17.14 -1.33
C GLY B 52 -42.29 16.09 -0.62
N SER B 53 -41.48 15.36 -1.38
CA SER B 53 -40.61 14.35 -0.78
C SER B 53 -39.52 14.97 0.09
N PHE B 54 -39.25 16.27 -0.07
CA PHE B 54 -38.35 16.95 0.83
C PHE B 54 -38.96 17.09 2.22
N GLN B 55 -40.28 17.33 2.28
CA GLN B 55 -40.94 17.53 3.57
C GLN B 55 -40.95 16.24 4.39
N ILE B 56 -40.98 15.08 3.71
CA ILE B 56 -40.98 13.81 4.43
C ILE B 56 -39.70 13.66 5.25
N GLN B 57 -38.56 13.95 4.62
CA GLN B 57 -37.28 13.83 5.32
C GLN B 57 -37.02 14.98 6.28
N SER B 58 -37.78 16.08 6.15
CA SER B 58 -37.56 17.22 7.05
C SER B 58 -38.51 17.18 8.24
N ALA B 59 -39.73 16.70 8.05
CA ALA B 59 -40.68 16.61 9.15
C ALA B 59 -40.21 15.64 10.22
N LEU B 60 -39.64 14.51 9.80
CA LEU B 60 -39.20 13.49 10.76
C LEU B 60 -38.07 14.02 11.64
N LYS B 61 -37.14 14.79 11.06
CA LYS B 61 -36.04 15.32 11.85
C LYS B 61 -36.54 16.26 12.94
N LEU B 62 -37.53 17.10 12.61
CA LEU B 62 -38.09 18.00 13.60
C LEU B 62 -38.89 17.22 14.65
N ALA B 63 -39.68 16.25 14.20
CA ALA B 63 -40.50 15.47 15.12
C ALA B 63 -39.63 14.70 16.11
N ILE B 64 -38.54 14.12 15.64
CA ILE B 64 -37.64 13.39 16.54
C ILE B 64 -37.03 14.35 17.56
N TYR B 65 -36.63 15.53 17.12
CA TYR B 65 -36.05 16.52 18.04
C TYR B 65 -37.09 16.97 19.07
N LYS B 66 -38.33 17.20 18.63
CA LYS B 66 -39.36 17.69 19.54
C LYS B 66 -39.66 16.66 20.63
N ALA B 67 -39.74 15.38 20.26
CA ALA B 67 -40.13 14.37 21.23
C ALA B 67 -38.96 13.88 22.08
N THR B 68 -37.74 14.32 21.78
CA THR B 68 -36.57 13.89 22.53
C THR B 68 -35.96 14.99 23.38
N ASN B 69 -35.94 16.23 22.89
CA ASN B 69 -35.31 17.33 23.60
C ASN B 69 -36.29 18.39 24.09
N LEU B 70 -37.39 18.61 23.39
CA LEU B 70 -38.35 19.64 23.79
C LEU B 70 -39.41 19.12 24.76
N VAL B 71 -39.67 17.82 24.77
CA VAL B 71 -40.68 17.21 25.62
C VAL B 71 -39.99 16.23 26.56
N PRO B 72 -40.22 16.30 27.87
CA PRO B 72 -39.61 15.33 28.79
C PRO B 72 -40.06 13.91 28.45
N THR B 73 -39.13 12.96 28.60
CA THR B 73 -39.43 11.58 28.24
C THR B 73 -40.48 10.97 29.17
N SER B 74 -40.46 11.35 30.45
CA SER B 74 -41.36 10.76 31.41
C SER B 74 -42.82 11.06 31.08
N THR B 75 -43.08 12.20 30.44
CA THR B 75 -44.46 12.51 30.03
C THR B 75 -44.99 11.52 29.01
N PHE B 76 -44.12 10.90 28.23
CA PHE B 76 -44.56 9.88 27.28
C PHE B 76 -44.95 8.59 27.99
N LEU B 77 -44.20 8.21 29.03
CA LEU B 77 -44.52 7.01 29.79
C LEU B 77 -45.82 7.18 30.56
N LEU B 78 -45.97 8.31 31.27
CA LEU B 78 -47.16 8.56 32.06
C LEU B 78 -48.36 8.77 31.15
N HIS B 79 -49.30 7.82 31.19
CA HIS B 79 -50.47 7.87 30.33
C HIS B 79 -51.41 9.01 30.76
N CYS B 87 -56.95 -3.96 38.46
CA CYS B 87 -56.33 -4.20 39.75
C CYS B 87 -54.82 -4.04 39.66
N ILE B 88 -54.25 -3.24 40.56
CA ILE B 88 -52.82 -2.94 40.51
C ILE B 88 -52.00 -4.18 40.85
N LYS B 89 -52.49 -5.02 41.78
CA LYS B 89 -51.73 -6.19 42.19
C LYS B 89 -51.61 -7.24 41.10
N ASP B 90 -52.50 -7.21 40.10
CA ASP B 90 -52.46 -8.21 39.04
C ASP B 90 -51.70 -7.76 37.81
N ASN B 91 -51.07 -6.59 37.84
CA ASN B 91 -50.21 -6.17 36.74
C ASN B 91 -48.96 -7.04 36.72
N LYS B 92 -48.56 -7.48 35.53
CA LYS B 92 -47.47 -8.43 35.41
C LYS B 92 -46.16 -7.87 35.96
N ILE B 93 -45.86 -6.61 35.63
CA ILE B 93 -44.62 -6.00 36.12
C ILE B 93 -44.66 -5.82 37.63
N VAL B 94 -45.83 -5.48 38.19
CA VAL B 94 -45.94 -5.32 39.63
C VAL B 94 -45.64 -6.64 40.34
N LYS B 95 -46.15 -7.75 39.81
CA LYS B 95 -45.86 -9.07 40.36
C LYS B 95 -44.38 -9.40 40.22
N LEU B 96 -43.80 -9.03 39.08
CA LEU B 96 -42.43 -9.45 38.76
C LEU B 96 -41.43 -8.96 39.81
N LEU B 97 -41.49 -7.67 40.13
CA LEU B 97 -40.53 -7.11 41.09
C LEU B 97 -40.79 -7.61 42.50
N LEU B 98 -42.05 -7.91 42.83
CA LEU B 98 -42.35 -8.50 44.14
C LEU B 98 -41.68 -9.87 44.27
N CYS B 99 -41.76 -10.70 43.23
CA CYS B 99 -41.11 -11.99 43.27
C CYS B 99 -39.59 -11.87 43.33
N GLN B 100 -39.04 -10.83 42.72
CA GLN B 100 -37.60 -10.59 42.72
C GLN B 100 -37.13 -9.84 43.96
N ASN B 101 -37.94 -9.80 45.02
CA ASN B 101 -37.59 -9.17 46.30
C ASN B 101 -37.26 -7.69 46.16
N TYR B 102 -37.95 -6.98 45.27
CA TYR B 102 -37.70 -5.56 45.03
C TYR B 102 -39.01 -4.79 45.12
N ASP B 103 -38.94 -3.60 45.73
CA ASP B 103 -40.13 -2.77 45.91
C ASP B 103 -40.58 -2.22 44.57
N PRO B 104 -41.80 -2.52 44.10
CA PRO B 104 -42.25 -1.94 42.83
C PRO B 104 -42.36 -0.43 42.86
N LEU B 105 -42.71 0.16 44.00
CA LEU B 105 -42.89 1.60 44.06
C LEU B 105 -41.55 2.32 43.98
N LEU B 106 -40.55 1.84 44.73
CA LEU B 106 -39.27 2.54 44.79
C LEU B 106 -38.52 2.45 43.48
N VAL B 107 -38.64 1.32 42.78
CA VAL B 107 -38.00 1.17 41.47
C VAL B 107 -38.64 2.12 40.47
N GLY B 108 -39.98 2.17 40.45
CA GLY B 108 -40.67 3.02 39.50
C GLY B 108 -40.36 4.50 39.70
N GLN B 109 -40.21 4.92 40.96
CA GLN B 109 -39.86 6.31 41.21
C GLN B 109 -38.44 6.63 40.73
N HIS B 110 -37.56 5.63 40.70
CA HIS B 110 -36.22 5.86 40.16
C HIS B 110 -36.26 5.95 38.64
N VAL B 111 -37.11 5.12 38.00
CA VAL B 111 -37.18 5.11 36.54
C VAL B 111 -37.62 6.45 36.01
N LEU B 112 -38.65 7.05 36.63
CA LEU B 112 -39.15 8.33 36.17
C LEU B 112 -38.15 9.45 36.41
N LYS B 113 -37.23 9.29 37.36
CA LYS B 113 -36.17 10.27 37.55
C LYS B 113 -34.91 9.93 36.77
N TRP B 114 -34.76 8.67 36.35
CA TRP B 114 -33.60 8.27 35.58
C TRP B 114 -33.83 8.49 34.09
N ILE B 115 -35.06 8.27 33.63
CA ILE B 115 -35.37 8.49 32.21
C ILE B 115 -35.38 9.96 31.86
N ASP B 116 -35.41 10.85 32.85
CA ASP B 116 -35.39 12.29 32.62
C ASP B 116 -34.00 12.89 32.85
N LYS B 117 -32.98 12.06 32.99
CA LYS B 117 -31.60 12.49 33.17
C LYS B 117 -31.40 13.37 34.40
N LYS B 118 -32.18 13.14 35.46
CA LYS B 118 -32.10 13.93 36.67
C LYS B 118 -31.46 13.20 37.84
N CYS B 119 -30.84 12.04 37.60
CA CYS B 119 -30.19 11.28 38.66
C CYS B 119 -28.71 11.60 38.81
N GLY B 120 -28.27 12.76 38.35
CA GLY B 120 -26.87 13.12 38.51
C GLY B 120 -25.97 12.24 37.67
N LYS B 121 -24.91 11.72 38.30
CA LYS B 121 -23.94 10.91 37.58
C LYS B 121 -24.43 9.50 37.29
N LYS B 122 -25.28 8.94 38.14
CA LYS B 122 -25.74 7.56 37.97
C LYS B 122 -26.84 7.48 36.91
N ASN B 123 -26.40 7.47 35.66
CA ASN B 123 -27.29 7.50 34.50
C ASN B 123 -27.65 6.12 33.98
N THR B 124 -27.05 5.06 34.51
CA THR B 124 -27.19 3.72 33.95
C THR B 124 -27.94 2.81 34.90
N LEU B 125 -28.98 2.14 34.39
CA LEU B 125 -29.57 1.01 35.08
C LEU B 125 -28.93 -0.28 34.61
N TRP B 126 -28.68 -1.19 35.55
CA TRP B 126 -28.05 -2.47 35.25
C TRP B 126 -28.89 -3.58 35.84
N PHE B 127 -29.25 -4.56 35.00
CA PHE B 127 -29.93 -5.77 35.45
C PHE B 127 -28.96 -6.94 35.37
N TYR B 128 -28.78 -7.63 36.49
CA TYR B 128 -27.86 -8.76 36.57
C TYR B 128 -28.56 -9.94 37.22
N GLY B 129 -28.30 -11.13 36.70
CA GLY B 129 -28.88 -12.34 37.25
C GLY B 129 -28.77 -13.54 36.33
N PRO B 130 -29.16 -14.71 36.83
CA PRO B 130 -29.14 -15.91 36.01
C PRO B 130 -30.08 -15.80 34.82
N PRO B 131 -29.93 -16.65 33.81
CA PRO B 131 -30.79 -16.55 32.62
C PRO B 131 -32.24 -16.87 32.95
N SER B 132 -33.12 -16.31 32.12
CA SER B 132 -34.57 -16.53 32.20
C SER B 132 -35.14 -16.02 33.52
N THR B 133 -34.89 -14.73 33.78
CA THR B 133 -35.43 -14.07 34.96
C THR B 133 -36.17 -12.78 34.65
N GLY B 134 -36.20 -12.34 33.40
CA GLY B 134 -36.96 -11.17 33.00
C GLY B 134 -36.13 -9.94 32.71
N LYS B 135 -34.80 -10.07 32.63
CA LYS B 135 -33.95 -8.91 32.36
C LYS B 135 -34.22 -8.34 30.97
N THR B 136 -34.18 -9.18 29.95
CA THR B 136 -34.43 -8.71 28.59
C THR B 136 -35.88 -8.26 28.42
N ASN B 137 -36.81 -9.00 29.03
CA ASN B 137 -38.23 -8.70 28.89
C ASN B 137 -38.58 -7.33 29.47
N LEU B 138 -38.09 -7.06 30.68
CA LEU B 138 -38.36 -5.78 31.33
C LEU B 138 -37.68 -4.64 30.58
N ALA B 139 -36.45 -4.86 30.14
CA ALA B 139 -35.69 -3.81 29.46
C ALA B 139 -36.37 -3.40 28.15
N MET B 140 -36.82 -4.37 27.36
CA MET B 140 -37.48 -4.05 26.10
C MET B 140 -38.88 -3.50 26.32
N ALA B 141 -39.48 -3.82 27.46
CA ALA B 141 -40.80 -3.28 27.78
C ALA B 141 -40.75 -1.77 27.90
N ILE B 142 -39.79 -1.26 28.67
CA ILE B 142 -39.62 0.19 28.78
C ILE B 142 -39.07 0.76 27.47
N ALA B 143 -38.16 0.02 26.83
CA ALA B 143 -37.54 0.51 25.59
C ALA B 143 -38.57 0.72 24.50
N LYS B 144 -39.61 -0.10 24.47
CA LYS B 144 -40.65 0.07 23.46
C LYS B 144 -41.73 1.06 23.89
N SER B 145 -41.60 1.66 25.06
CA SER B 145 -42.54 2.69 25.51
C SER B 145 -42.01 4.09 25.33
N VAL B 146 -40.71 4.27 25.11
CA VAL B 146 -40.13 5.57 24.84
C VAL B 146 -40.28 5.86 23.35
N PRO B 147 -40.25 7.13 22.93
CA PRO B 147 -40.42 7.42 21.49
C PRO B 147 -39.36 6.77 20.61
N VAL B 148 -38.09 7.06 20.85
CA VAL B 148 -37.00 6.53 20.04
C VAL B 148 -35.98 5.89 20.97
N TYR B 149 -35.57 4.67 20.64
CA TYR B 149 -34.60 3.93 21.45
C TYR B 149 -33.58 3.28 20.53
N GLY B 150 -32.31 3.35 20.95
CA GLY B 150 -31.23 2.71 20.24
C GLY B 150 -30.73 1.48 20.99
N MET B 151 -29.89 0.71 20.31
CA MET B 151 -29.31 -0.50 20.87
C MET B 151 -27.84 -0.59 20.49
N VAL B 152 -27.00 -0.90 21.48
CA VAL B 152 -25.57 -1.07 21.21
C VAL B 152 -25.34 -2.28 20.32
N ASN B 153 -26.15 -3.33 20.47
CA ASN B 153 -25.98 -4.55 19.69
C ASN B 153 -26.22 -4.33 18.20
N TRP B 154 -26.97 -3.29 17.83
CA TRP B 154 -27.18 -2.98 16.42
C TRP B 154 -25.98 -2.29 15.79
N ASN B 155 -25.24 -1.49 16.57
CA ASN B 155 -24.15 -0.72 16.02
C ASN B 155 -22.98 -1.61 15.64
N ASN B 156 -21.98 -1.00 15.00
CA ASN B 156 -20.79 -1.74 14.59
C ASN B 156 -20.02 -2.23 15.81
N GLU B 157 -19.29 -3.33 15.62
CA GLU B 157 -18.55 -3.91 16.73
C GLU B 157 -17.48 -2.97 17.25
N ASN B 158 -16.83 -2.22 16.35
CA ASN B 158 -15.78 -1.30 16.75
C ASN B 158 -16.30 0.11 17.06
N PHE B 159 -17.57 0.39 16.76
CA PHE B 159 -18.18 1.68 17.06
C PHE B 159 -19.50 1.46 17.79
N PRO B 160 -19.45 0.99 19.04
CA PRO B 160 -20.70 0.71 19.77
C PRO B 160 -21.55 1.94 20.03
N PHE B 161 -20.95 3.12 20.15
CA PHE B 161 -21.66 4.33 20.53
C PHE B 161 -21.89 5.29 19.38
N ASN B 162 -21.88 4.78 18.14
CA ASN B 162 -22.37 5.58 17.03
C ASN B 162 -23.89 5.61 17.03
N ASP B 163 -24.45 6.65 16.41
CA ASP B 163 -25.89 6.83 16.31
C ASP B 163 -26.55 6.83 17.69
N VAL B 164 -25.98 7.59 18.62
CA VAL B 164 -26.55 7.71 19.97
C VAL B 164 -27.33 9.01 20.13
N ALA B 165 -26.90 10.08 19.49
CA ALA B 165 -27.63 11.34 19.57
C ALA B 165 -29.02 11.19 18.97
N GLY B 166 -30.00 11.83 19.59
CA GLY B 166 -31.38 11.71 19.15
C GLY B 166 -32.11 10.50 19.66
N LYS B 167 -31.52 9.77 20.62
CA LYS B 167 -32.14 8.60 21.22
C LYS B 167 -32.57 8.91 22.65
N SER B 168 -33.80 8.52 22.99
CA SER B 168 -34.27 8.71 24.35
C SER B 168 -33.67 7.69 25.31
N LEU B 169 -33.17 6.56 24.78
CA LEU B 169 -32.64 5.50 25.62
C LEU B 169 -31.73 4.63 24.78
N VAL B 170 -30.62 4.21 25.38
CA VAL B 170 -29.68 3.29 24.76
C VAL B 170 -29.76 1.96 25.49
N VAL B 171 -30.22 0.93 24.80
CA VAL B 171 -30.31 -0.41 25.35
C VAL B 171 -29.04 -1.17 25.02
N TRP B 172 -28.56 -1.98 25.96
CA TRP B 172 -27.32 -2.75 25.75
C TRP B 172 -27.57 -4.14 26.32
N ASP B 173 -28.00 -5.05 25.46
CA ASP B 173 -28.40 -6.38 25.89
C ASP B 173 -27.22 -7.34 25.91
N GLU B 174 -27.05 -7.99 27.07
CA GLU B 174 -25.98 -8.98 27.27
C GLU B 174 -24.61 -8.38 26.98
N GLY B 175 -24.40 -7.13 27.40
CA GLY B 175 -23.22 -6.40 26.97
C GLY B 175 -22.06 -6.56 27.94
N ILE B 176 -20.85 -6.56 27.38
CA ILE B 176 -19.60 -6.62 28.11
C ILE B 176 -18.74 -5.45 27.67
N ILE B 177 -18.10 -4.78 28.63
CA ILE B 177 -17.28 -3.61 28.35
C ILE B 177 -15.85 -4.04 28.13
N LYS B 178 -15.31 -3.72 26.96
CA LYS B 178 -13.92 -4.02 26.63
C LYS B 178 -13.02 -2.84 26.99
N SER B 179 -11.71 -3.11 27.00
CA SER B 179 -10.75 -2.04 27.26
C SER B 179 -10.65 -1.07 26.10
N THR B 180 -10.81 -1.56 24.86
CA THR B 180 -10.72 -0.69 23.69
C THR B 180 -11.81 0.37 23.67
N ILE B 181 -12.95 0.11 24.31
CA ILE B 181 -14.05 1.07 24.34
C ILE B 181 -14.40 1.52 25.75
N VAL B 182 -13.58 1.20 26.75
CA VAL B 182 -13.92 1.55 28.13
C VAL B 182 -13.95 3.07 28.32
N GLU B 183 -13.06 3.79 27.63
CA GLU B 183 -13.02 5.24 27.80
C GLU B 183 -14.27 5.91 27.25
N ALA B 184 -14.77 5.43 26.11
CA ALA B 184 -16.01 5.97 25.57
C ALA B 184 -17.21 5.57 26.42
N ALA B 185 -17.18 4.36 26.97
CA ALA B 185 -18.31 3.88 27.76
C ALA B 185 -18.47 4.72 29.03
N LYS B 186 -17.36 5.07 29.68
CA LYS B 186 -17.44 5.85 30.91
C LYS B 186 -18.12 7.19 30.67
N ALA B 187 -17.91 7.79 29.50
CA ALA B 187 -18.61 9.01 29.16
C ALA B 187 -20.11 8.75 28.99
N ILE B 188 -20.45 7.69 28.26
CA ILE B 188 -21.85 7.38 27.99
C ILE B 188 -22.55 6.90 29.25
N LEU B 189 -21.91 6.01 30.02
CA LEU B 189 -22.53 5.50 31.23
C LEU B 189 -22.67 6.59 32.30
N GLY B 190 -21.81 7.60 32.27
CA GLY B 190 -21.88 8.70 33.20
C GLY B 190 -22.76 9.85 32.77
N GLY B 191 -23.46 9.73 31.64
CA GLY B 191 -24.30 10.81 31.17
C GLY B 191 -23.56 11.98 30.59
N GLN B 192 -22.26 11.84 30.33
CA GLN B 192 -21.49 12.93 29.77
C GLN B 192 -21.76 13.08 28.29
N PRO B 193 -21.94 14.32 27.83
CA PRO B 193 -22.06 14.55 26.38
C PRO B 193 -20.77 14.24 25.66
N THR B 194 -20.92 13.79 24.40
CA THR B 194 -19.79 13.35 23.61
C THR B 194 -19.07 14.55 23.01
N ARG B 195 -17.75 14.40 22.82
CA ARG B 195 -16.92 15.49 22.30
C ARG B 195 -17.44 15.99 20.96
N VAL B 196 -17.81 15.08 20.06
CA VAL B 196 -18.33 15.49 18.77
C VAL B 196 -19.65 16.22 18.92
N ASP B 197 -20.46 15.82 19.91
CA ASP B 197 -21.70 16.55 20.18
C ASP B 197 -21.42 17.98 20.63
N GLN B 198 -20.41 18.17 21.47
CA GLN B 198 -20.06 19.52 21.93
C GLN B 198 -19.61 20.39 20.77
N LYS B 199 -18.76 19.85 19.90
CA LYS B 199 -18.27 20.61 18.76
C LYS B 199 -19.35 20.92 17.75
N MET B 200 -20.39 20.08 17.66
CA MET B 200 -21.50 20.28 16.73
C MET B 200 -22.71 20.90 17.43
N ARG B 201 -22.49 21.76 18.41
CA ARG B 201 -23.58 22.39 19.14
C ARG B 201 -23.30 23.86 19.40
N GLY B 208 -26.47 13.51 26.44
CA GLY B 208 -26.84 12.68 27.58
C GLY B 208 -28.02 11.77 27.31
N VAL B 209 -27.75 10.48 27.25
CA VAL B 209 -28.79 9.48 26.99
C VAL B 209 -28.79 8.45 28.11
N PRO B 210 -29.94 8.16 28.72
CA PRO B 210 -29.99 7.08 29.71
C PRO B 210 -29.62 5.74 29.09
N VAL B 211 -28.99 4.89 29.89
CA VAL B 211 -28.53 3.58 29.43
C VAL B 211 -29.12 2.51 30.33
N VAL B 212 -29.53 1.41 29.73
CA VAL B 212 -30.00 0.23 30.46
C VAL B 212 -29.20 -0.97 29.96
N ILE B 213 -28.66 -1.75 30.89
CA ILE B 213 -27.79 -2.88 30.56
C ILE B 213 -28.33 -4.13 31.24
N THR B 214 -28.43 -5.21 30.46
CA THR B 214 -28.72 -6.53 30.98
C THR B 214 -27.49 -7.40 30.77
N SER B 215 -27.19 -8.26 31.72
CA SER B 215 -25.98 -9.08 31.63
C SER B 215 -26.06 -10.25 32.59
N ASN B 216 -25.41 -11.34 32.22
CA ASN B 216 -25.28 -12.50 33.09
C ASN B 216 -23.99 -12.48 33.91
N GLY B 217 -23.16 -11.45 33.75
CA GLY B 217 -21.92 -11.36 34.47
C GLY B 217 -21.66 -9.96 35.02
N ASP B 218 -20.72 -9.86 35.96
CA ASP B 218 -20.37 -8.57 36.58
C ASP B 218 -19.63 -7.73 35.54
N ILE B 219 -20.31 -6.72 35.00
CA ILE B 219 -19.72 -5.87 33.98
C ILE B 219 -18.69 -4.91 34.55
N THR B 220 -18.56 -4.83 35.87
CA THR B 220 -17.47 -4.05 36.45
C THR B 220 -16.10 -4.60 36.04
N PHE B 221 -16.02 -5.89 35.72
CA PHE B 221 -14.81 -6.45 35.15
C PHE B 221 -14.66 -5.99 33.70
N VAL B 222 -13.48 -5.51 33.35
CA VAL B 222 -13.22 -4.98 32.02
C VAL B 222 -12.32 -5.96 31.27
N VAL B 223 -12.73 -6.33 30.06
CA VAL B 223 -11.95 -7.25 29.24
C VAL B 223 -10.72 -6.52 28.73
N SER B 224 -9.54 -7.15 28.89
CA SER B 224 -8.28 -6.60 28.42
C SER B 224 -7.50 -7.73 27.74
N GLY B 225 -7.56 -7.78 26.42
CA GLY B 225 -6.97 -8.91 25.73
C GLY B 225 -7.66 -10.20 26.13
N ASN B 226 -6.85 -11.19 26.47
CA ASN B 226 -7.36 -12.47 26.97
C ASN B 226 -7.33 -12.55 28.49
N THR B 227 -7.51 -11.41 29.16
CA THR B 227 -7.37 -11.36 30.61
C THR B 227 -8.32 -10.28 31.15
N THR B 228 -8.91 -10.59 32.31
CA THR B 228 -9.81 -9.66 32.97
C THR B 228 -9.02 -8.75 33.91
N THR B 229 -9.45 -7.49 34.00
CA THR B 229 -8.81 -6.51 34.87
C THR B 229 -9.87 -5.84 35.73
N THR B 230 -9.43 -5.30 36.87
CA THR B 230 -10.32 -4.65 37.83
C THR B 230 -9.97 -3.19 38.07
N VAL B 231 -9.12 -2.58 37.22
CA VAL B 231 -8.68 -1.21 37.46
C VAL B 231 -9.85 -0.24 37.39
N HIS B 232 -10.72 -0.40 36.40
CA HIS B 232 -11.82 0.51 36.17
C HIS B 232 -13.07 0.18 36.98
N ALA B 233 -12.97 -0.74 37.94
CA ALA B 233 -14.15 -1.18 38.66
C ALA B 233 -14.76 -0.06 39.50
N LYS B 234 -13.92 0.67 40.25
CA LYS B 234 -14.45 1.69 41.15
C LYS B 234 -15.13 2.81 40.40
N ALA B 235 -14.53 3.25 39.29
CA ALA B 235 -15.13 4.33 38.51
C ALA B 235 -16.45 3.91 37.87
N LEU B 236 -16.53 2.67 37.38
CA LEU B 236 -17.76 2.17 36.79
C LEU B 236 -18.88 2.07 37.83
N LYS B 237 -18.54 1.67 39.06
CA LYS B 237 -19.55 1.58 40.10
C LYS B 237 -20.13 2.95 40.45
N GLU B 238 -19.42 4.02 40.13
CA GLU B 238 -19.91 5.36 40.44
C GLU B 238 -21.07 5.77 39.54
N ARG B 239 -21.19 5.14 38.37
CA ARG B 239 -22.13 5.58 37.35
C ARG B 239 -23.34 4.66 37.20
N MET B 240 -23.47 3.62 38.01
CA MET B 240 -24.51 2.62 37.80
C MET B 240 -25.34 2.41 39.06
N VAL B 241 -26.53 1.85 38.84
CA VAL B 241 -27.40 1.35 39.90
C VAL B 241 -27.82 -0.06 39.50
N LYS B 242 -27.62 -1.02 40.40
CA LYS B 242 -27.71 -2.43 40.08
C LYS B 242 -28.96 -3.05 40.69
N LEU B 243 -29.62 -3.92 39.92
CA LEU B 243 -30.75 -4.71 40.38
C LEU B 243 -30.45 -6.18 40.16
N ASN B 244 -30.91 -7.02 41.08
CA ASN B 244 -30.59 -8.45 41.06
C ASN B 244 -31.83 -9.25 40.69
N PHE B 245 -31.81 -9.87 39.51
CA PHE B 245 -32.87 -10.75 39.05
C PHE B 245 -32.44 -12.20 39.28
N THR B 246 -32.55 -12.65 40.54
CA THR B 246 -32.03 -13.96 40.91
C THR B 246 -33.06 -15.07 40.72
N VAL B 247 -34.30 -14.85 41.12
CA VAL B 247 -35.32 -15.90 41.16
C VAL B 247 -35.98 -15.99 39.79
N ARG B 248 -36.00 -17.20 39.22
CA ARG B 248 -36.64 -17.44 37.93
C ARG B 248 -38.15 -17.45 38.13
N CYS B 249 -38.79 -16.39 37.64
CA CYS B 249 -40.23 -16.28 37.73
C CYS B 249 -40.90 -17.25 36.78
N SER B 250 -42.19 -17.49 37.01
CA SER B 250 -42.94 -18.44 36.20
C SER B 250 -43.02 -17.96 34.76
N PRO B 251 -42.91 -18.86 33.78
CA PRO B 251 -42.94 -18.43 32.37
C PRO B 251 -44.25 -17.82 31.92
N ASP B 252 -45.34 -18.00 32.69
CA ASP B 252 -46.64 -17.54 32.25
C ASP B 252 -46.74 -16.03 32.14
N MET B 253 -45.77 -15.29 32.70
CA MET B 253 -45.78 -13.83 32.57
C MET B 253 -45.61 -13.42 31.11
N GLY B 254 -44.81 -14.15 30.35
CA GLY B 254 -44.71 -13.95 28.92
C GLY B 254 -44.15 -12.58 28.56
N LEU B 255 -44.60 -12.07 27.41
CA LEU B 255 -44.18 -10.76 26.96
C LEU B 255 -44.76 -9.66 27.84
N LEU B 256 -43.97 -8.63 28.08
CA LEU B 256 -44.47 -7.44 28.74
C LEU B 256 -44.79 -6.37 27.69
N THR B 257 -45.91 -5.69 27.89
CA THR B 257 -46.44 -4.76 26.91
C THR B 257 -46.31 -3.33 27.41
N GLU B 258 -46.48 -2.39 26.48
CA GLU B 258 -46.41 -0.98 26.84
C GLU B 258 -47.50 -0.61 27.83
N ALA B 259 -48.66 -1.26 27.74
CA ALA B 259 -49.72 -1.00 28.70
C ALA B 259 -49.30 -1.40 30.12
N ASP B 260 -48.55 -2.50 30.24
CA ASP B 260 -48.06 -2.92 31.55
C ASP B 260 -47.11 -1.88 32.13
N VAL B 261 -46.22 -1.33 31.30
CA VAL B 261 -45.29 -0.31 31.77
C VAL B 261 -46.05 0.95 32.16
N GLN B 262 -46.99 1.37 31.33
CA GLN B 262 -47.71 2.62 31.59
C GLN B 262 -48.54 2.53 32.86
N GLN B 263 -49.23 1.41 33.07
CA GLN B 263 -50.04 1.25 34.28
C GLN B 263 -49.17 1.24 35.53
N TRP B 264 -48.03 0.55 35.46
CA TRP B 264 -47.12 0.51 36.60
C TRP B 264 -46.58 1.89 36.93
N LEU B 265 -46.19 2.65 35.91
CA LEU B 265 -45.61 3.97 36.15
C LEU B 265 -46.68 5.01 36.51
N THR B 266 -47.87 4.91 35.92
CA THR B 266 -48.91 5.88 36.22
C THR B 266 -49.32 5.81 37.69
N TRP B 267 -49.51 4.59 38.21
CA TRP B 267 -49.85 4.43 39.62
C TRP B 267 -48.70 4.88 40.51
N CYS B 268 -47.46 4.57 40.11
CA CYS B 268 -46.31 4.91 40.93
C CYS B 268 -46.11 6.42 41.05
N ASN B 269 -46.46 7.15 39.99
CA ASN B 269 -46.25 8.60 40.00
C ASN B 269 -47.12 9.28 41.06
N ALA B 270 -48.37 8.84 41.21
CA ALA B 270 -49.29 9.48 42.14
C ALA B 270 -48.90 9.29 43.59
N GLN B 271 -48.09 8.28 43.90
CA GLN B 271 -47.71 8.01 45.29
C GLN B 271 -46.77 9.08 45.80
N SER B 272 -46.54 9.06 47.11
CA SER B 272 -45.65 10.02 47.75
C SER B 272 -44.21 9.77 47.33
N TRP B 273 -43.41 10.84 47.30
CA TRP B 273 -42.02 10.78 46.88
C TRP B 273 -41.05 10.96 48.05
N ASP B 274 -41.52 10.88 49.29
CA ASP B 274 -40.64 11.11 50.43
C ASP B 274 -39.63 9.99 50.59
N HIS B 275 -40.04 8.74 50.34
CA HIS B 275 -39.12 7.62 50.47
C HIS B 275 -37.97 7.74 49.48
N TYR B 276 -38.26 8.17 48.25
CA TYR B 276 -37.21 8.31 47.25
C TYR B 276 -36.19 9.37 47.67
N GLU B 277 -36.68 10.50 48.20
CA GLU B 277 -35.79 11.59 48.57
C GLU B 277 -34.82 11.19 49.68
N ASN B 278 -35.26 10.32 50.60
CA ASN B 278 -34.35 9.83 51.62
C ASN B 278 -33.22 8.99 51.01
N TRP B 279 -33.54 8.14 50.04
CA TRP B 279 -32.55 7.34 49.35
C TRP B 279 -31.77 8.13 48.33
N ALA B 280 -32.36 9.21 47.78
CA ALA B 280 -31.70 10.00 46.75
C ALA B 280 -30.59 10.88 47.31
N ILE B 281 -30.48 11.02 48.64
CA ILE B 281 -29.42 11.85 49.21
C ILE B 281 -28.06 11.25 48.90
N ASN B 282 -27.91 9.93 49.07
CA ASN B 282 -26.67 9.23 48.74
C ASN B 282 -27.06 7.95 48.02
N TYR B 283 -26.82 7.91 46.71
CA TYR B 283 -27.25 6.79 45.89
C TYR B 283 -26.42 5.54 46.20
N THR B 284 -27.10 4.46 46.53
CA THR B 284 -26.42 3.19 46.76
C THR B 284 -26.17 2.48 45.43
N PHE B 285 -25.03 1.78 45.35
CA PHE B 285 -24.70 1.05 44.13
C PHE B 285 -25.73 -0.05 43.86
N ASP B 286 -26.10 -0.79 44.91
CA ASP B 286 -27.14 -1.80 44.76
C ASP B 286 -28.46 -1.26 45.26
N PHE B 287 -29.53 -1.50 44.49
CA PHE B 287 -30.82 -0.95 44.84
C PHE B 287 -31.39 -1.68 46.06
N PRO B 288 -31.99 -0.95 47.00
CA PRO B 288 -32.51 -1.61 48.21
C PRO B 288 -33.66 -2.56 47.91
N GLY B 289 -33.79 -3.58 48.76
CA GLY B 289 -34.84 -4.56 48.60
C GLY B 289 -36.12 -4.16 49.30
N ILE B 290 -37.06 -5.13 49.36
CA ILE B 290 -38.36 -4.87 49.95
C ILE B 290 -38.21 -4.64 51.45
N ASN B 291 -38.84 -3.58 51.94
CA ASN B 291 -38.97 -3.33 53.38
C ASN B 291 -40.42 -3.54 53.76
N ALA B 292 -40.65 -4.38 54.77
CA ALA B 292 -42.01 -4.74 55.15
C ALA B 292 -42.83 -3.56 55.64
N ASP B 293 -42.23 -2.66 56.44
CA ASP B 293 -42.95 -1.52 56.96
C ASP B 293 -43.12 -0.40 55.93
N ALA B 294 -42.14 -0.21 55.06
CA ALA B 294 -42.20 0.87 54.08
C ALA B 294 -43.08 0.53 52.88
N LEU B 295 -43.47 -0.74 52.72
CA LEU B 295 -44.28 -1.14 51.58
C LEU B 295 -45.65 -0.49 51.66
N HIS B 296 -46.14 -0.02 50.51
CA HIS B 296 -47.44 0.64 50.47
C HIS B 296 -48.55 -0.38 50.71
N PRO B 297 -49.64 0.03 51.37
CA PRO B 297 -50.72 -0.94 51.67
C PRO B 297 -51.32 -1.60 50.45
N ASP B 298 -51.29 -0.96 49.28
CA ASP B 298 -51.87 -1.57 48.09
C ASP B 298 -51.12 -2.83 47.67
N LEU B 299 -49.85 -2.94 48.03
CA LEU B 299 -49.03 -4.08 47.65
C LEU B 299 -48.65 -4.99 48.80
N GLN B 300 -49.17 -4.74 50.00
CA GLN B 300 -48.86 -5.58 51.16
C GLN B 300 -49.55 -6.93 51.06
N VAL C 3 -17.16 55.81 0.77
CA VAL C 3 -17.82 54.82 -0.07
C VAL C 3 -19.32 55.07 -0.12
N VAL C 4 -19.87 55.13 -1.33
CA VAL C 4 -21.31 55.25 -1.54
C VAL C 4 -21.90 53.84 -1.55
N PRO C 5 -22.78 53.50 -0.60
CA PRO C 5 -23.38 52.16 -0.60
C PRO C 5 -24.14 51.89 -1.89
N PHE C 6 -24.14 50.61 -2.29
CA PHE C 6 -24.80 50.23 -3.54
C PHE C 6 -26.27 50.61 -3.49
N ASN C 7 -26.75 51.20 -4.59
CA ASN C 7 -28.09 51.78 -4.62
C ASN C 7 -29.18 50.73 -4.80
N GLY C 8 -28.82 49.49 -5.14
CA GLY C 8 -29.82 48.46 -5.37
C GLY C 8 -30.60 48.15 -4.11
N LYS C 9 -31.92 48.12 -4.24
CA LYS C 9 -32.82 47.76 -3.15
C LYS C 9 -33.40 46.36 -3.37
N GLY C 10 -34.21 45.92 -2.41
CA GLY C 10 -34.81 44.60 -2.47
C GLY C 10 -36.28 44.64 -2.11
N THR C 11 -36.96 43.54 -2.42
CA THR C 11 -38.38 43.41 -2.16
C THR C 11 -38.62 43.09 -0.68
N LYS C 12 -39.88 42.76 -0.36
CA LYS C 12 -40.24 42.48 1.03
C LYS C 12 -39.53 41.22 1.54
N ALA C 13 -39.40 40.21 0.69
CA ALA C 13 -38.77 38.97 1.10
C ALA C 13 -37.31 39.17 1.49
N SER C 14 -36.59 40.02 0.76
CA SER C 14 -35.19 40.28 1.09
C SER C 14 -35.05 41.11 2.35
N ILE C 15 -35.94 42.07 2.56
CA ILE C 15 -35.93 42.86 3.79
C ILE C 15 -36.33 42.00 4.97
N LYS C 16 -37.27 41.08 4.75
CA LYS C 16 -37.67 40.16 5.80
C LYS C 16 -36.50 39.29 6.26
N PHE C 17 -35.63 38.92 5.31
CA PHE C 17 -34.44 38.15 5.68
C PHE C 17 -33.50 38.96 6.56
N GLN C 18 -33.36 40.26 6.26
CA GLN C 18 -32.45 41.09 7.03
C GLN C 18 -32.97 41.31 8.45
N THR C 19 -34.29 41.40 8.61
CA THR C 19 -34.86 41.52 9.95
C THR C 19 -34.55 40.29 10.79
N MET C 20 -34.65 39.11 10.19
CA MET C 20 -34.35 37.88 10.92
C MET C 20 -32.87 37.80 11.28
N VAL C 21 -31.99 38.29 10.41
CA VAL C 21 -30.56 38.28 10.71
C VAL C 21 -30.27 39.18 11.90
N ASN C 22 -30.90 40.36 11.95
CA ASN C 22 -30.69 41.26 13.07
C ASN C 22 -31.28 40.68 14.35
N TRP C 23 -32.39 39.95 14.25
CA TRP C 23 -32.98 39.33 15.42
C TRP C 23 -32.05 38.30 16.05
N LEU C 24 -31.33 37.54 15.21
CA LEU C 24 -30.43 36.52 15.72
C LEU C 24 -29.29 37.14 16.51
N CYS C 25 -28.85 38.33 16.13
CA CYS C 25 -27.75 38.99 16.84
C CYS C 25 -28.22 39.56 18.17
N GLU C 26 -29.46 40.07 18.23
CA GLU C 26 -29.97 40.65 19.47
C GLU C 26 -30.16 39.60 20.55
N ASN C 27 -30.42 38.35 20.19
CA ASN C 27 -30.70 37.30 21.17
C ASN C 27 -29.58 36.28 21.28
N ARG C 28 -28.43 36.54 20.66
CA ARG C 28 -27.27 35.65 20.72
C ARG C 28 -27.61 34.24 20.24
N VAL C 29 -28.48 34.15 19.24
CA VAL C 29 -28.85 32.85 18.65
C VAL C 29 -27.97 32.59 17.44
N PHE C 30 -26.85 31.89 17.65
CA PHE C 30 -25.86 31.70 16.60
C PHE C 30 -25.73 30.25 16.15
N THR C 31 -26.55 29.34 16.70
CA THR C 31 -26.53 27.94 16.30
C THR C 31 -27.95 27.44 16.16
N GLU C 32 -28.10 26.36 15.38
CA GLU C 32 -29.42 25.75 15.21
C GLU C 32 -29.92 25.16 16.52
N ASP C 33 -29.04 24.53 17.30
CA ASP C 33 -29.43 23.97 18.58
C ASP C 33 -29.96 25.05 19.51
N LYS C 34 -29.28 26.20 19.55
CA LYS C 34 -29.80 27.33 20.31
C LYS C 34 -31.09 27.85 19.67
N TRP C 35 -31.16 27.83 18.35
CA TRP C 35 -32.36 28.30 17.65
C TRP C 35 -33.57 27.44 17.95
N LYS C 36 -33.38 26.12 17.97
CA LYS C 36 -34.50 25.21 18.19
C LYS C 36 -35.08 25.37 19.58
N LEU C 37 -34.22 25.54 20.59
CA LEU C 37 -34.69 25.61 21.97
C LEU C 37 -35.53 26.86 22.22
N VAL C 38 -35.10 28.01 21.72
CA VAL C 38 -35.73 29.27 22.10
C VAL C 38 -36.86 29.62 21.15
N ASP C 39 -36.79 29.15 19.90
CA ASP C 39 -37.80 29.49 18.91
C ASP C 39 -37.97 28.28 17.98
N PHE C 40 -38.97 27.45 18.29
CA PHE C 40 -39.25 26.29 17.46
C PHE C 40 -40.33 26.55 16.41
N ASN C 41 -41.10 27.63 16.56
CA ASN C 41 -42.09 27.97 15.55
C ASN C 41 -41.42 28.45 14.26
N GLN C 42 -40.47 29.37 14.39
CA GLN C 42 -39.82 29.91 13.20
C GLN C 42 -38.94 28.87 12.51
N TYR C 43 -38.24 28.06 13.30
CA TYR C 43 -37.39 27.03 12.71
C TYR C 43 -38.21 26.01 11.94
N THR C 44 -39.35 25.60 12.50
CA THR C 44 -40.23 24.67 11.78
C THR C 44 -40.83 25.34 10.54
N LEU C 45 -41.23 26.61 10.67
CA LEU C 45 -41.81 27.31 9.53
C LEU C 45 -40.81 27.45 8.39
N LEU C 46 -39.57 27.81 8.72
CA LEU C 46 -38.56 28.00 7.68
C LEU C 46 -38.19 26.69 7.01
N SER C 47 -38.09 25.62 7.80
CA SER C 47 -37.63 24.33 7.28
C SER C 47 -38.74 23.59 6.52
N SER C 48 -39.83 24.30 6.21
CA SER C 48 -40.93 23.68 5.47
C SER C 48 -40.62 23.51 4.00
N SER C 49 -39.58 24.16 3.50
CA SER C 49 -39.26 24.10 2.08
C SER C 49 -37.74 24.19 1.91
N HIS C 50 -37.29 23.98 0.67
CA HIS C 50 -35.86 24.08 0.39
C HIS C 50 -35.41 25.53 0.35
N SER C 51 -36.26 26.43 -0.17
CA SER C 51 -35.91 27.84 -0.19
C SER C 51 -35.87 28.43 1.21
N GLY C 52 -36.59 27.84 2.16
CA GLY C 52 -36.60 28.32 3.52
C GLY C 52 -35.46 27.78 4.35
N SER C 53 -35.13 26.51 4.16
CA SER C 53 -34.01 25.93 4.89
C SER C 53 -32.68 26.47 4.43
N PHE C 54 -32.62 27.01 3.21
CA PHE C 54 -31.42 27.69 2.75
C PHE C 54 -31.17 28.95 3.55
N GLN C 55 -32.24 29.70 3.87
CA GLN C 55 -32.10 30.93 4.63
C GLN C 55 -31.62 30.65 6.05
N ILE C 56 -31.89 29.45 6.58
CA ILE C 56 -31.42 29.11 7.91
C ILE C 56 -29.89 29.04 7.94
N GLN C 57 -29.30 28.41 6.92
CA GLN C 57 -27.85 28.34 6.85
C GLN C 57 -27.24 29.70 6.55
N SER C 58 -27.93 30.52 5.76
CA SER C 58 -27.40 31.84 5.42
C SER C 58 -27.54 32.82 6.58
N ALA C 59 -28.64 32.72 7.33
CA ALA C 59 -28.85 33.65 8.44
C ALA C 59 -27.79 33.49 9.52
N LEU C 60 -27.42 32.25 9.83
CA LEU C 60 -26.47 32.02 10.92
C LEU C 60 -25.07 32.46 10.54
N LYS C 61 -24.65 32.18 9.30
CA LYS C 61 -23.29 32.54 8.89
C LYS C 61 -23.09 34.05 8.90
N LEU C 62 -24.11 34.80 8.49
CA LEU C 62 -24.00 36.26 8.54
C LEU C 62 -24.03 36.76 9.98
N ALA C 63 -24.78 36.09 10.85
CA ALA C 63 -24.85 36.50 12.25
C ALA C 63 -23.53 36.23 12.97
N ILE C 64 -22.94 35.05 12.72
CA ILE C 64 -21.67 34.71 13.37
C ILE C 64 -20.57 35.66 12.93
N TYR C 65 -20.60 36.11 11.67
CA TYR C 65 -19.60 37.06 11.21
C TYR C 65 -19.78 38.41 11.87
N LYS C 66 -21.02 38.90 11.95
CA LYS C 66 -21.29 40.20 12.52
C LYS C 66 -20.90 40.25 14.00
N ALA C 67 -21.19 39.18 14.73
CA ALA C 67 -20.91 39.16 16.16
C ALA C 67 -19.45 38.96 16.48
N THR C 68 -18.62 38.62 15.49
CA THR C 68 -17.22 38.31 15.73
C THR C 68 -16.27 39.37 15.20
N ASN C 69 -16.56 39.97 14.04
CA ASN C 69 -15.65 40.89 13.38
C ASN C 69 -16.15 42.32 13.35
N LEU C 70 -17.34 42.56 12.78
CA LEU C 70 -17.81 43.92 12.59
C LEU C 70 -18.17 44.61 13.90
N VAL C 71 -18.78 43.90 14.84
CA VAL C 71 -19.18 44.45 16.12
C VAL C 71 -18.14 44.05 17.16
N PRO C 72 -17.57 44.99 17.90
CA PRO C 72 -16.57 44.62 18.91
C PRO C 72 -17.16 43.70 19.97
N THR C 73 -16.35 42.74 20.40
CA THR C 73 -16.81 41.76 21.39
C THR C 73 -17.08 42.43 22.73
N SER C 74 -16.37 43.51 23.03
CA SER C 74 -16.51 44.17 24.33
C SER C 74 -17.93 44.66 24.56
N THR C 75 -18.65 45.01 23.49
CA THR C 75 -20.05 45.43 23.64
C THR C 75 -20.93 44.32 24.17
N PHE C 76 -20.61 43.06 23.87
CA PHE C 76 -21.35 41.93 24.42
C PHE C 76 -21.02 41.68 25.89
N LEU C 77 -19.80 42.00 26.32
CA LEU C 77 -19.41 41.77 27.71
C LEU C 77 -20.12 42.71 28.66
N LEU C 78 -20.34 43.96 28.26
CA LEU C 78 -21.01 44.94 29.12
C LEU C 78 -22.45 44.54 29.35
N HIS C 79 -22.92 44.75 30.58
CA HIS C 79 -24.26 44.35 30.98
C HIS C 79 -25.33 45.21 30.31
N MET C 86 -26.79 45.51 44.72
CA MET C 86 -25.75 44.72 45.37
C MET C 86 -24.38 45.36 45.14
N CYS C 87 -23.66 45.58 46.23
CA CYS C 87 -22.36 46.26 46.14
C CYS C 87 -21.33 45.37 45.47
N ILE C 88 -20.32 46.00 44.88
CA ILE C 88 -19.28 45.25 44.16
C ILE C 88 -18.45 44.43 45.13
N LYS C 89 -18.40 44.83 46.40
CA LYS C 89 -17.62 44.09 47.39
C LYS C 89 -18.15 42.68 47.57
N ASP C 90 -19.44 42.45 47.30
CA ASP C 90 -20.05 41.13 47.43
C ASP C 90 -20.01 40.35 46.12
N ASN C 91 -19.45 40.91 45.05
CA ASN C 91 -19.37 40.20 43.79
C ASN C 91 -18.39 39.05 43.90
N LYS C 92 -18.78 37.89 43.37
CA LYS C 92 -17.98 36.68 43.54
C LYS C 92 -16.64 36.77 42.82
N ILE C 93 -16.62 37.34 41.62
CA ILE C 93 -15.37 37.46 40.88
C ILE C 93 -14.41 38.39 41.59
N VAL C 94 -14.91 39.53 42.08
CA VAL C 94 -14.06 40.45 42.85
C VAL C 94 -13.54 39.74 44.10
N LYS C 95 -14.37 38.88 44.70
CA LYS C 95 -13.92 38.10 45.85
C LYS C 95 -12.77 37.18 45.47
N LEU C 96 -12.83 36.60 44.28
CA LEU C 96 -11.80 35.66 43.84
C LEU C 96 -10.46 36.37 43.63
N LEU C 97 -10.47 37.49 42.91
CA LEU C 97 -9.23 38.21 42.65
C LEU C 97 -8.60 38.74 43.93
N LEU C 98 -9.41 39.24 44.86
CA LEU C 98 -8.87 39.64 46.16
C LEU C 98 -8.32 38.43 46.91
N CYS C 99 -8.98 37.27 46.79
CA CYS C 99 -8.48 36.05 47.41
C CYS C 99 -7.13 35.67 46.85
N GLN C 100 -6.94 35.82 45.54
CA GLN C 100 -5.65 35.59 44.90
C GLN C 100 -4.74 36.82 44.97
N ASN C 101 -5.22 37.93 45.55
CA ASN C 101 -4.44 39.14 45.72
C ASN C 101 -4.05 39.77 44.38
N TYR C 102 -5.05 40.02 43.53
CA TYR C 102 -4.90 40.85 42.34
C TYR C 102 -5.96 41.93 42.35
N ASP C 103 -5.68 43.03 41.65
CA ASP C 103 -6.62 44.14 41.60
C ASP C 103 -7.85 43.74 40.81
N PRO C 104 -9.04 43.77 41.43
CA PRO C 104 -10.26 43.48 40.67
C PRO C 104 -10.54 44.51 39.59
N LEU C 105 -9.93 45.68 39.67
CA LEU C 105 -10.14 46.72 38.66
C LEU C 105 -9.19 46.58 37.50
N LEU C 106 -7.90 46.33 37.78
CA LEU C 106 -6.91 46.26 36.72
C LEU C 106 -7.11 45.02 35.86
N VAL C 107 -7.50 43.90 36.47
CA VAL C 107 -7.76 42.69 35.70
C VAL C 107 -8.90 42.89 34.73
N GLY C 108 -9.99 43.50 35.21
CA GLY C 108 -11.13 43.76 34.33
C GLY C 108 -10.79 44.71 33.19
N GLN C 109 -9.96 45.73 33.48
CA GLN C 109 -9.55 46.65 32.44
C GLN C 109 -8.58 45.99 31.46
N HIS C 110 -7.78 45.04 31.95
CA HIS C 110 -6.89 44.30 31.07
C HIS C 110 -7.68 43.36 30.16
N VAL C 111 -8.75 42.76 30.67
CA VAL C 111 -9.54 41.82 29.88
C VAL C 111 -10.20 42.54 28.71
N LEU C 112 -10.76 43.72 28.96
CA LEU C 112 -11.48 44.45 27.92
C LEU C 112 -10.60 44.82 26.74
N LYS C 113 -9.35 45.25 26.99
CA LYS C 113 -8.42 45.51 25.90
C LYS C 113 -8.00 44.20 25.23
N TRP C 114 -7.85 43.13 26.02
CA TRP C 114 -7.39 41.86 25.48
C TRP C 114 -8.47 41.18 24.65
N ILE C 115 -9.73 41.30 25.07
CA ILE C 115 -10.82 40.68 24.32
C ILE C 115 -11.04 41.36 22.97
N ASP C 116 -10.55 42.58 22.80
CA ASP C 116 -10.68 43.30 21.54
C ASP C 116 -9.46 43.14 20.64
N LYS C 117 -8.55 42.24 20.99
CA LYS C 117 -7.30 42.02 20.24
C LYS C 117 -6.48 43.29 20.10
N LYS C 118 -6.41 44.10 21.17
CA LYS C 118 -5.70 45.37 21.10
C LYS C 118 -4.31 45.30 21.72
N CYS C 119 -4.01 44.26 22.51
CA CYS C 119 -2.72 44.13 23.17
C CYS C 119 -1.59 43.80 22.20
N GLY C 120 -1.89 43.49 20.95
CA GLY C 120 -0.85 43.21 19.97
C GLY C 120 -0.28 41.81 20.09
N LYS C 121 1.00 41.70 20.46
CA LYS C 121 1.67 40.41 20.49
C LYS C 121 1.22 39.58 21.69
N LYS C 122 0.85 40.22 22.80
CA LYS C 122 0.38 39.50 23.98
C LYS C 122 -1.12 39.22 23.85
N ASN C 123 -1.43 38.20 23.04
CA ASN C 123 -2.81 37.85 22.72
C ASN C 123 -3.37 36.76 23.63
N THR C 124 -2.56 36.20 24.53
CA THR C 124 -2.94 35.03 25.30
C THR C 124 -2.93 35.36 26.80
N LEU C 125 -4.00 34.94 27.49
CA LEU C 125 -4.05 35.01 28.95
C LEU C 125 -3.85 33.61 29.53
N TRP C 126 -3.12 33.53 30.63
CA TRP C 126 -2.76 32.26 31.24
C TRP C 126 -3.07 32.30 32.73
N PHE C 127 -3.84 31.32 33.20
CA PHE C 127 -4.10 31.14 34.62
C PHE C 127 -3.35 29.90 35.10
N TYR C 128 -2.51 30.08 36.11
CA TYR C 128 -1.65 29.01 36.62
C TYR C 128 -1.83 28.90 38.13
N GLY C 129 -1.71 27.67 38.63
CA GLY C 129 -1.78 27.41 40.05
C GLY C 129 -2.19 26.00 40.39
N PRO C 130 -2.17 25.67 41.68
CA PRO C 130 -2.59 24.33 42.12
C PRO C 130 -4.08 24.13 41.92
N PRO C 131 -4.56 22.88 41.96
CA PRO C 131 -5.99 22.63 41.71
C PRO C 131 -6.89 23.31 42.73
N SER C 132 -8.17 23.36 42.38
CA SER C 132 -9.21 23.98 43.21
C SER C 132 -8.86 25.44 43.53
N THR C 133 -8.65 26.22 42.47
CA THR C 133 -8.36 27.64 42.61
C THR C 133 -9.17 28.50 41.64
N GLY C 134 -10.18 27.94 40.99
CA GLY C 134 -11.03 28.71 40.11
C GLY C 134 -10.41 29.06 38.78
N LYS C 135 -9.38 28.34 38.35
CA LYS C 135 -8.80 28.59 37.04
C LYS C 135 -9.80 28.29 35.93
N THR C 136 -10.51 27.16 36.03
CA THR C 136 -11.51 26.82 35.04
C THR C 136 -12.79 27.63 35.27
N ASN C 137 -13.09 27.93 36.53
CA ASN C 137 -14.32 28.66 36.86
C ASN C 137 -14.35 30.04 36.21
N LEU C 138 -13.23 30.76 36.29
CA LEU C 138 -13.17 32.09 35.70
C LEU C 138 -13.02 32.02 34.18
N ALA C 139 -12.24 31.06 33.69
CA ALA C 139 -12.00 30.96 32.25
C ALA C 139 -13.28 30.65 31.48
N MET C 140 -14.10 29.72 32.00
CA MET C 140 -15.34 29.37 31.31
C MET C 140 -16.42 30.44 31.53
N ALA C 141 -16.30 31.24 32.59
CA ALA C 141 -17.26 32.31 32.80
C ALA C 141 -17.18 33.36 31.70
N ILE C 142 -15.96 33.73 31.29
CA ILE C 142 -15.79 34.69 30.21
C ILE C 142 -16.27 34.11 28.89
N ALA C 143 -15.96 32.83 28.66
CA ALA C 143 -16.35 32.20 27.40
C ALA C 143 -17.86 32.16 27.23
N LYS C 144 -18.60 32.08 28.33
CA LYS C 144 -20.06 32.09 28.24
C LYS C 144 -20.60 33.49 27.98
N SER C 145 -19.78 34.52 28.16
CA SER C 145 -20.22 35.90 27.93
C SER C 145 -19.89 36.41 26.53
N VAL C 146 -18.94 35.79 25.84
CA VAL C 146 -18.59 36.19 24.48
C VAL C 146 -19.57 35.52 23.52
N PRO C 147 -19.78 36.07 22.32
CA PRO C 147 -20.80 35.48 21.43
C PRO C 147 -20.54 34.03 21.08
N VAL C 148 -19.39 33.72 20.48
CA VAL C 148 -19.05 32.38 20.05
C VAL C 148 -17.65 32.05 20.55
N TYR C 149 -17.50 30.89 21.17
CA TYR C 149 -16.20 30.46 21.70
C TYR C 149 -15.93 29.03 21.30
N GLY C 150 -14.65 28.74 21.06
CA GLY C 150 -14.20 27.39 20.80
C GLY C 150 -13.24 26.91 21.86
N MET C 151 -13.02 25.60 21.90
CA MET C 151 -12.11 25.00 22.86
C MET C 151 -11.15 24.05 22.14
N VAL C 152 -9.89 24.06 22.58
CA VAL C 152 -8.89 23.18 21.99
C VAL C 152 -9.21 21.73 22.30
N ASN C 153 -9.76 21.47 23.49
CA ASN C 153 -10.09 20.11 23.90
C ASN C 153 -11.12 19.47 22.99
N TRP C 154 -12.04 20.25 22.40
CA TRP C 154 -13.01 19.70 21.48
C TRP C 154 -12.38 19.28 20.15
N ASN C 155 -11.34 19.98 19.72
CA ASN C 155 -10.70 19.69 18.44
C ASN C 155 -9.91 18.39 18.52
N ASN C 156 -9.55 17.87 17.34
CA ASN C 156 -8.79 16.63 17.26
C ASN C 156 -7.41 16.82 17.87
N GLU C 157 -6.85 15.73 18.40
CA GLU C 157 -5.54 15.79 19.04
C GLU C 157 -4.45 16.20 18.05
N ASN C 158 -4.48 15.63 16.84
CA ASN C 158 -3.47 15.95 15.84
C ASN C 158 -3.75 17.25 15.11
N PHE C 159 -4.97 17.76 15.19
CA PHE C 159 -5.33 19.05 14.60
C PHE C 159 -6.03 19.91 15.67
N PRO C 160 -5.29 20.38 16.67
CA PRO C 160 -5.93 21.09 17.78
C PRO C 160 -6.44 22.46 17.42
N PHE C 161 -5.93 23.05 16.33
CA PHE C 161 -6.30 24.40 15.94
C PHE C 161 -7.16 24.44 14.67
N ASN C 162 -8.07 23.48 14.53
CA ASN C 162 -9.04 23.54 13.44
C ASN C 162 -10.23 24.41 13.84
N ASP C 163 -10.86 25.02 12.84
CA ASP C 163 -12.07 25.82 13.01
C ASP C 163 -11.84 27.01 13.95
N VAL C 164 -10.63 27.58 13.93
CA VAL C 164 -10.35 28.74 14.76
C VAL C 164 -11.13 29.96 14.27
N ALA C 165 -11.27 30.11 12.95
CA ALA C 165 -11.99 31.25 12.41
C ALA C 165 -13.47 31.17 12.79
N GLY C 166 -14.10 32.34 12.91
CA GLY C 166 -15.48 32.40 13.35
C GLY C 166 -15.67 32.25 14.84
N LYS C 167 -14.60 32.37 15.62
CA LYS C 167 -14.66 32.29 17.07
C LYS C 167 -14.24 33.62 17.68
N SER C 168 -15.02 34.11 18.64
CA SER C 168 -14.65 35.33 19.34
C SER C 168 -13.71 35.04 20.50
N LEU C 169 -13.53 33.77 20.87
CA LEU C 169 -12.65 33.39 21.96
C LEU C 169 -12.28 31.92 21.82
N VAL C 170 -11.10 31.57 22.33
CA VAL C 170 -10.62 30.19 22.33
C VAL C 170 -10.09 29.86 23.71
N VAL C 171 -10.50 28.71 24.24
CA VAL C 171 -10.11 28.27 25.57
C VAL C 171 -9.27 27.01 25.45
N TRP C 172 -8.18 26.95 26.22
CA TRP C 172 -7.30 25.78 26.28
C TRP C 172 -7.26 25.34 27.74
N ASP C 173 -8.17 24.43 28.11
CA ASP C 173 -8.35 24.06 29.50
C ASP C 173 -7.38 22.94 29.87
N GLU C 174 -6.53 23.22 30.87
CA GLU C 174 -5.61 22.22 31.43
C GLU C 174 -4.77 21.59 30.32
N GLY C 175 -4.21 22.44 29.46
CA GLY C 175 -3.48 21.94 28.31
C GLY C 175 -1.98 22.09 28.45
N ILE C 176 -1.27 21.40 27.56
CA ILE C 176 0.18 21.48 27.47
C ILE C 176 0.55 21.64 26.01
N ILE C 177 1.77 22.11 25.75
CA ILE C 177 2.23 22.42 24.41
C ILE C 177 3.23 21.36 23.98
N LYS C 178 3.01 20.77 22.81
CA LYS C 178 3.87 19.74 22.26
C LYS C 178 4.78 20.33 21.19
N SER C 179 5.93 19.69 20.97
CA SER C 179 6.85 20.14 19.94
C SER C 179 6.27 19.98 18.54
N THR C 180 5.35 19.03 18.34
CA THR C 180 4.75 18.84 17.02
C THR C 180 3.95 20.05 16.56
N ILE C 181 3.41 20.83 17.49
CA ILE C 181 2.61 22.00 17.17
C ILE C 181 3.18 23.28 17.77
N VAL C 182 4.43 23.28 18.22
CA VAL C 182 4.98 24.44 18.90
C VAL C 182 5.09 25.63 17.96
N GLU C 183 5.40 25.37 16.68
CA GLU C 183 5.51 26.47 15.72
C GLU C 183 4.16 27.02 15.33
N ALA C 184 3.16 26.15 15.15
CA ALA C 184 1.81 26.61 14.81
C ALA C 184 1.14 27.31 15.99
N ALA C 185 1.39 26.82 17.21
CA ALA C 185 0.78 27.43 18.38
C ALA C 185 1.26 28.85 18.59
N LYS C 186 2.54 29.10 18.31
CA LYS C 186 3.14 30.42 18.53
C LYS C 186 2.38 31.52 17.79
N ALA C 187 2.00 31.26 16.55
CA ALA C 187 1.29 32.28 15.77
C ALA C 187 -0.10 32.53 16.34
N ILE C 188 -0.83 31.48 16.69
CA ILE C 188 -2.18 31.63 17.21
C ILE C 188 -2.15 32.23 18.61
N LEU C 189 -1.20 31.81 19.44
CA LEU C 189 -1.05 32.43 20.76
C LEU C 189 -0.70 33.91 20.63
N GLY C 190 0.09 34.27 19.63
CA GLY C 190 0.44 35.65 19.37
C GLY C 190 -0.56 36.43 18.54
N GLY C 191 -1.66 35.82 18.15
CA GLY C 191 -2.68 36.52 17.39
C GLY C 191 -2.31 36.78 15.95
N GLN C 192 -1.37 36.04 15.40
CA GLN C 192 -1.05 36.20 13.98
C GLN C 192 -2.06 35.45 13.13
N PRO C 193 -2.74 36.11 12.20
CA PRO C 193 -3.66 35.39 11.31
C PRO C 193 -2.96 34.26 10.56
N THR C 194 -3.58 33.08 10.57
CA THR C 194 -2.95 31.89 9.99
C THR C 194 -2.85 32.02 8.47
N ARG C 195 -1.88 31.31 7.90
CA ARG C 195 -1.69 31.33 6.45
C ARG C 195 -2.92 30.77 5.73
N VAL C 196 -3.65 29.85 6.36
CA VAL C 196 -4.90 29.36 5.78
C VAL C 196 -5.91 30.50 5.63
N ASP C 197 -6.04 31.33 6.67
CA ASP C 197 -6.93 32.50 6.58
C ASP C 197 -6.44 33.49 5.54
N GLN C 198 -5.12 33.74 5.52
CA GLN C 198 -4.56 34.74 4.63
C GLN C 198 -4.84 34.43 3.15
N LYS C 199 -4.61 33.17 2.75
CA LYS C 199 -4.82 32.81 1.36
C LYS C 199 -6.30 32.87 0.98
N MET C 200 -7.19 32.51 1.91
CA MET C 200 -8.63 32.54 1.66
C MET C 200 -9.31 33.69 2.38
N ARG C 201 -8.68 34.87 2.42
CA ARG C 201 -9.33 36.04 3.01
C ARG C 201 -9.86 36.95 1.91
N PRO C 207 -8.43 35.63 11.55
CA PRO C 207 -7.82 36.96 11.68
C PRO C 207 -7.29 37.23 13.08
N GLY C 208 -6.94 36.15 13.80
CA GLY C 208 -6.43 36.28 15.15
C GLY C 208 -7.55 36.32 16.19
N VAL C 209 -7.44 35.47 17.21
CA VAL C 209 -8.47 35.39 18.25
C VAL C 209 -7.79 35.41 19.62
N PRO C 210 -8.44 35.95 20.65
CA PRO C 210 -7.88 35.81 22.00
C PRO C 210 -7.89 34.37 22.45
N VAL C 211 -6.90 34.01 23.27
CA VAL C 211 -6.76 32.66 23.80
C VAL C 211 -6.59 32.76 25.31
N VAL C 212 -7.32 31.92 26.04
CA VAL C 212 -7.19 31.82 27.49
C VAL C 212 -6.77 30.39 27.82
N ILE C 213 -5.73 30.25 28.63
CA ILE C 213 -5.15 28.96 28.96
C ILE C 213 -5.15 28.77 30.47
N THR C 214 -5.60 27.61 30.91
CA THR C 214 -5.49 27.19 32.30
C THR C 214 -4.54 26.02 32.39
N SER C 215 -3.80 25.92 33.49
CA SER C 215 -2.78 24.89 33.61
C SER C 215 -2.36 24.74 35.07
N ASN C 216 -2.24 23.49 35.53
CA ASN C 216 -1.65 23.24 36.84
C ASN C 216 -0.14 23.38 36.83
N GLY C 217 0.48 23.34 35.65
CA GLY C 217 1.92 23.45 35.53
C GLY C 217 2.36 24.53 34.56
N ASP C 218 3.66 24.72 34.43
CA ASP C 218 4.22 25.74 33.54
C ASP C 218 4.14 25.23 32.11
N ILE C 219 3.44 25.98 31.24
CA ILE C 219 3.30 25.57 29.85
C ILE C 219 4.42 26.09 28.96
N THR C 220 5.29 26.96 29.47
CA THR C 220 6.45 27.37 28.69
C THR C 220 7.41 26.22 28.45
N PHE C 221 7.36 25.18 29.27
CA PHE C 221 8.11 23.97 28.99
C PHE C 221 7.40 23.19 27.89
N VAL C 222 8.13 22.92 26.81
CA VAL C 222 7.57 22.26 25.64
C VAL C 222 7.97 20.80 25.65
N VAL C 223 7.00 19.91 25.49
CA VAL C 223 7.27 18.48 25.47
C VAL C 223 7.87 18.12 24.12
N SER C 224 9.03 17.48 24.14
CA SER C 224 9.72 17.07 22.92
C SER C 224 10.23 15.65 23.15
N GLY C 225 9.57 14.67 22.54
CA GLY C 225 9.89 13.31 22.88
C GLY C 225 9.44 13.00 24.31
N ASN C 226 10.22 12.18 24.99
CA ASN C 226 9.97 11.89 26.39
C ASN C 226 10.71 12.88 27.29
N THR C 227 11.08 14.03 26.72
CA THR C 227 11.92 14.98 27.43
C THR C 227 11.29 16.37 27.36
N THR C 228 11.75 17.24 28.24
CA THR C 228 11.32 18.63 28.27
C THR C 228 12.40 19.53 27.67
N THR C 229 11.99 20.45 26.81
CA THR C 229 12.90 21.38 26.17
C THR C 229 12.50 22.81 26.51
N THR C 230 13.50 23.68 26.63
CA THR C 230 13.30 25.08 26.97
C THR C 230 13.72 26.03 25.85
N VAL C 231 13.93 25.51 24.64
CA VAL C 231 14.33 26.39 23.53
C VAL C 231 13.21 27.35 23.17
N HIS C 232 11.96 26.93 23.38
CA HIS C 232 10.80 27.79 23.14
C HIS C 232 10.32 28.50 24.40
N ALA C 233 11.02 28.34 25.53
CA ALA C 233 10.58 28.96 26.77
C ALA C 233 10.57 30.48 26.65
N LYS C 234 11.63 31.06 26.10
CA LYS C 234 11.70 32.51 25.96
C LYS C 234 10.67 33.02 24.96
N ALA C 235 10.61 32.38 23.78
CA ALA C 235 9.76 32.88 22.70
C ALA C 235 8.29 32.89 23.06
N LEU C 236 7.84 31.93 23.88
CA LEU C 236 6.43 31.90 24.27
C LEU C 236 6.10 32.98 25.30
N LYS C 237 7.10 33.42 26.05
CA LYS C 237 6.85 34.34 27.16
C LYS C 237 6.45 35.73 26.68
N GLU C 238 6.94 36.16 25.51
CA GLU C 238 6.59 37.49 25.02
C GLU C 238 5.13 37.55 24.59
N ARG C 239 4.46 36.40 24.50
CA ARG C 239 3.12 36.31 23.94
C ARG C 239 2.06 36.02 24.98
N MET C 240 2.42 35.89 26.26
CA MET C 240 1.53 35.41 27.29
C MET C 240 1.55 36.31 28.52
N VAL C 241 0.42 36.38 29.21
CA VAL C 241 0.28 37.09 30.48
C VAL C 241 -0.14 36.06 31.52
N LYS C 242 0.60 36.02 32.63
CA LYS C 242 0.46 34.96 33.63
C LYS C 242 -0.19 35.50 34.90
N LEU C 243 -1.08 34.71 35.48
CA LEU C 243 -1.65 34.97 36.79
C LEU C 243 -1.48 33.73 37.66
N ASN C 244 -1.11 33.92 38.92
CA ASN C 244 -0.83 32.82 39.83
C ASN C 244 -2.03 32.63 40.75
N PHE C 245 -2.88 31.66 40.42
CA PHE C 245 -3.99 31.27 41.28
C PHE C 245 -3.50 30.20 42.26
N THR C 246 -2.73 30.66 43.25
CA THR C 246 -2.08 29.76 44.19
C THR C 246 -2.80 29.63 45.53
N VAL C 247 -3.94 30.31 45.70
CA VAL C 247 -4.67 30.25 46.96
C VAL C 247 -5.94 29.42 46.76
N ARG C 248 -6.11 28.40 47.58
CA ARG C 248 -7.28 27.54 47.46
C ARG C 248 -8.55 28.31 47.78
N CYS C 249 -9.57 28.12 46.95
CA CYS C 249 -10.80 28.88 47.10
C CYS C 249 -11.65 28.34 48.25
N SER C 250 -12.47 29.23 48.81
CA SER C 250 -13.44 28.81 49.82
C SER C 250 -14.51 27.93 49.18
N PRO C 251 -15.01 26.92 49.89
CA PRO C 251 -15.98 26.00 49.29
C PRO C 251 -17.29 26.67 48.86
N ASP C 252 -17.62 27.84 49.38
CA ASP C 252 -18.86 28.52 49.04
C ASP C 252 -18.77 29.34 47.76
N MET C 253 -17.75 29.12 46.93
CA MET C 253 -17.62 29.89 45.69
C MET C 253 -18.73 29.55 44.71
N GLY C 254 -18.96 28.27 44.47
CA GLY C 254 -19.99 27.85 43.54
C GLY C 254 -19.64 28.08 42.08
N LEU C 255 -20.60 27.88 41.20
CA LEU C 255 -20.38 28.04 39.77
C LEU C 255 -20.60 29.48 39.35
N LEU C 256 -19.60 30.08 38.71
CA LEU C 256 -19.68 31.46 38.28
C LEU C 256 -20.56 31.59 37.04
N THR C 257 -21.27 32.71 36.96
CA THR C 257 -22.29 32.91 35.92
C THR C 257 -21.92 34.11 35.05
N GLU C 258 -22.65 34.23 33.94
CA GLU C 258 -22.43 35.35 33.03
C GLU C 258 -22.73 36.68 33.69
N ALA C 259 -23.81 36.74 34.47
CA ALA C 259 -24.19 38.00 35.13
C ALA C 259 -23.11 38.47 36.08
N ASP C 260 -22.34 37.55 36.65
CA ASP C 260 -21.23 37.92 37.51
C ASP C 260 -20.17 38.70 36.72
N VAL C 261 -19.86 38.23 35.52
CA VAL C 261 -18.86 38.91 34.69
C VAL C 261 -19.39 40.27 34.23
N GLN C 262 -20.66 40.31 33.82
CA GLN C 262 -21.23 41.53 33.28
C GLN C 262 -21.27 42.65 34.33
N GLN C 263 -21.65 42.30 35.56
CA GLN C 263 -21.60 43.28 36.64
C GLN C 263 -20.16 43.70 36.92
N TRP C 264 -19.23 42.74 36.87
CA TRP C 264 -17.83 43.05 37.10
C TRP C 264 -17.26 43.93 36.00
N LEU C 265 -17.51 43.57 34.75
CA LEU C 265 -16.87 44.28 33.63
C LEU C 265 -17.50 45.64 33.39
N THR C 266 -18.79 45.80 33.69
CA THR C 266 -19.42 47.10 33.54
C THR C 266 -18.79 48.13 34.48
N TRP C 267 -18.50 47.71 35.72
CA TRP C 267 -17.87 48.61 36.68
C TRP C 267 -16.46 49.00 36.22
N CYS C 268 -15.71 48.03 35.70
CA CYS C 268 -14.31 48.29 35.35
C CYS C 268 -14.18 49.30 34.22
N ASN C 269 -15.18 49.36 33.33
CA ASN C 269 -15.10 50.28 32.21
C ASN C 269 -15.32 51.72 32.64
N ALA C 270 -16.15 51.94 33.66
CA ALA C 270 -16.53 53.30 34.05
C ALA C 270 -15.38 54.06 34.69
N GLN C 271 -14.52 53.38 35.45
CA GLN C 271 -13.47 54.05 36.20
C GLN C 271 -12.37 54.53 35.25
N SER C 272 -11.34 55.16 35.84
CA SER C 272 -10.27 55.73 35.05
C SER C 272 -9.37 54.64 34.47
N TRP C 273 -8.58 55.02 33.47
CA TRP C 273 -7.70 54.10 32.77
C TRP C 273 -6.23 54.47 32.87
N ASP C 274 -5.90 55.61 33.49
CA ASP C 274 -4.50 56.02 33.58
C ASP C 274 -3.69 55.03 34.41
N HIS C 275 -4.26 54.53 35.49
CA HIS C 275 -3.57 53.52 36.30
C HIS C 275 -3.29 52.26 35.51
N TYR C 276 -4.03 52.02 34.43
CA TYR C 276 -3.80 50.88 33.56
C TYR C 276 -2.95 51.26 32.35
N GLU C 277 -3.29 52.37 31.69
CA GLU C 277 -2.61 52.76 30.46
C GLU C 277 -1.15 53.12 30.68
N ASN C 278 -0.75 53.39 31.93
CA ASN C 278 0.67 53.58 32.21
C ASN C 278 1.42 52.25 32.11
N TRP C 279 0.85 51.19 32.67
CA TRP C 279 1.45 49.87 32.53
C TRP C 279 1.31 49.33 31.10
N ALA C 280 0.31 49.80 30.37
CA ALA C 280 0.08 49.34 29.00
C ALA C 280 1.22 49.71 28.06
N ILE C 281 2.08 50.65 28.45
CA ILE C 281 3.22 51.00 27.61
C ILE C 281 4.18 49.82 27.51
N ASN C 282 4.46 49.15 28.63
CA ASN C 282 5.40 48.03 28.68
C ASN C 282 4.76 46.91 29.51
N TYR C 283 4.12 45.97 28.82
CA TYR C 283 3.51 44.83 29.50
C TYR C 283 4.57 43.90 30.05
N THR C 284 4.41 43.52 31.31
CA THR C 284 5.30 42.54 31.93
C THR C 284 4.77 41.13 31.69
N PHE C 285 5.65 40.15 31.89
CA PHE C 285 5.25 38.76 31.77
C PHE C 285 4.27 38.39 32.88
N ASP C 286 4.60 38.70 34.12
CA ASP C 286 3.73 38.40 35.24
C ASP C 286 2.80 39.58 35.52
N PHE C 287 1.57 39.26 35.92
CA PHE C 287 0.62 40.30 36.28
C PHE C 287 0.94 40.82 37.68
N PRO C 288 1.19 42.13 37.84
CA PRO C 288 1.52 42.65 39.16
C PRO C 288 0.36 42.50 40.14
N GLY C 289 0.71 42.27 41.41
CA GLY C 289 -0.29 42.06 42.43
C GLY C 289 -0.85 43.37 42.96
N ILE C 290 -1.65 43.24 44.03
CA ILE C 290 -2.30 44.39 44.65
C ILE C 290 -1.25 45.31 45.26
N ASN C 291 -1.20 46.55 44.76
CA ASN C 291 -0.42 47.58 45.42
C ASN C 291 -1.21 48.10 46.62
N ALA C 292 -0.63 47.98 47.82
CA ALA C 292 -1.37 48.26 49.05
C ALA C 292 -1.90 49.68 49.11
N ASP C 293 -1.30 50.61 48.36
CA ASP C 293 -1.77 51.99 48.35
C ASP C 293 -2.62 52.32 47.13
N ALA C 294 -2.66 51.44 46.13
CA ALA C 294 -3.38 51.71 44.89
C ALA C 294 -4.74 51.02 44.81
N LEU C 295 -5.18 50.37 45.88
CA LEU C 295 -6.49 49.73 45.86
C LEU C 295 -7.60 50.79 45.78
N HIS C 296 -8.63 50.49 45.01
CA HIS C 296 -9.70 51.46 44.80
C HIS C 296 -10.44 51.70 46.11
N PRO C 297 -10.89 52.93 46.37
CA PRO C 297 -11.57 53.22 47.65
C PRO C 297 -12.83 52.39 47.86
N ASP C 298 -13.53 52.02 46.80
CA ASP C 298 -14.76 51.23 46.95
C ASP C 298 -14.48 49.83 47.46
N LEU C 299 -13.23 49.36 47.41
CA LEU C 299 -12.89 48.01 47.80
C LEU C 299 -12.03 47.91 49.05
N GLN C 300 -11.46 49.02 49.52
CA GLN C 300 -10.62 48.99 50.71
C GLN C 300 -11.45 48.78 51.97
N VAL D 3 -14.83 44.17 -34.71
CA VAL D 3 -15.67 43.08 -34.22
C VAL D 3 -16.91 43.64 -33.57
N VAL D 4 -18.04 43.51 -34.27
CA VAL D 4 -19.32 44.05 -33.78
C VAL D 4 -19.77 43.24 -32.56
N PRO D 5 -20.04 43.89 -31.43
CA PRO D 5 -20.58 43.17 -30.28
C PRO D 5 -21.97 42.64 -30.56
N PHE D 6 -22.32 41.56 -29.85
CA PHE D 6 -23.64 40.97 -29.98
C PHE D 6 -24.71 41.98 -29.57
N ASN D 7 -25.76 42.09 -30.38
CA ASN D 7 -26.78 43.11 -30.17
C ASN D 7 -27.90 42.64 -29.25
N GLY D 8 -27.65 41.63 -28.43
CA GLY D 8 -28.65 41.22 -27.45
C GLY D 8 -28.67 42.15 -26.26
N LYS D 9 -29.88 42.49 -25.81
CA LYS D 9 -30.08 43.40 -24.70
C LYS D 9 -30.77 42.67 -23.56
N GLY D 10 -30.23 42.83 -22.36
CA GLY D 10 -30.74 42.10 -21.22
C GLY D 10 -31.84 42.82 -20.48
N THR D 11 -32.50 42.09 -19.59
CA THR D 11 -33.62 42.63 -18.83
C THR D 11 -33.11 43.54 -17.71
N LYS D 12 -34.05 44.01 -16.89
CA LYS D 12 -33.70 44.90 -15.78
C LYS D 12 -32.81 44.19 -14.77
N ALA D 13 -33.11 42.93 -14.48
CA ALA D 13 -32.32 42.18 -13.51
C ALA D 13 -30.88 42.00 -13.97
N SER D 14 -30.69 41.72 -15.25
CA SER D 14 -29.33 41.54 -15.76
C SER D 14 -28.59 42.86 -15.83
N ILE D 15 -29.29 43.96 -16.10
CA ILE D 15 -28.66 45.27 -16.12
C ILE D 15 -28.15 45.64 -14.74
N LYS D 16 -28.95 45.33 -13.70
CA LYS D 16 -28.54 45.63 -12.33
C LYS D 16 -27.28 44.86 -11.95
N PHE D 17 -27.17 43.61 -12.40
CA PHE D 17 -25.98 42.83 -12.12
C PHE D 17 -24.75 43.47 -12.77
N GLN D 18 -24.91 43.95 -14.01
CA GLN D 18 -23.80 44.63 -14.67
C GLN D 18 -23.40 45.89 -13.93
N THR D 19 -24.38 46.62 -13.38
CA THR D 19 -24.06 47.78 -12.57
C THR D 19 -23.29 47.39 -11.31
N MET D 20 -23.66 46.25 -10.71
CA MET D 20 -22.99 45.83 -9.48
C MET D 20 -21.56 45.40 -9.75
N VAL D 21 -21.29 44.90 -10.96
CA VAL D 21 -19.91 44.58 -11.34
C VAL D 21 -19.08 45.85 -11.42
N ASN D 22 -19.64 46.91 -11.99
CA ASN D 22 -18.92 48.18 -12.10
C ASN D 22 -18.71 48.80 -10.73
N TRP D 23 -19.57 48.46 -9.76
CA TRP D 23 -19.42 49.02 -8.42
C TRP D 23 -18.29 48.33 -7.67
N LEU D 24 -18.13 47.02 -7.86
CA LEU D 24 -17.07 46.29 -7.17
C LEU D 24 -15.69 46.72 -7.67
N CYS D 25 -15.54 46.90 -8.97
CA CYS D 25 -14.25 47.32 -9.52
C CYS D 25 -13.91 48.74 -9.13
N GLU D 26 -14.93 49.61 -9.03
CA GLU D 26 -14.69 51.00 -8.67
C GLU D 26 -14.12 51.13 -7.26
N ASN D 27 -14.65 50.35 -6.31
CA ASN D 27 -14.29 50.47 -4.91
C ASN D 27 -13.32 49.39 -4.45
N ARG D 28 -12.62 48.75 -5.39
CA ARG D 28 -11.53 47.82 -5.09
C ARG D 28 -11.98 46.64 -4.22
N VAL D 29 -13.26 46.28 -4.30
CA VAL D 29 -13.78 45.13 -3.54
C VAL D 29 -13.56 43.88 -4.41
N PHE D 30 -12.64 43.03 -3.99
CA PHE D 30 -12.28 41.84 -4.76
C PHE D 30 -12.33 40.55 -3.95
N THR D 31 -12.74 40.61 -2.69
CA THR D 31 -12.81 39.43 -1.85
C THR D 31 -14.14 39.40 -1.12
N GLU D 32 -14.51 38.22 -0.63
CA GLU D 32 -15.75 38.08 0.10
C GLU D 32 -15.77 38.91 1.38
N ASP D 33 -14.67 38.89 2.14
CA ASP D 33 -14.61 39.63 3.39
C ASP D 33 -14.69 41.13 3.14
N LYS D 34 -14.01 41.61 2.10
CA LYS D 34 -13.99 43.05 1.82
C LYS D 34 -15.39 43.58 1.55
N TRP D 35 -16.24 42.78 0.90
CA TRP D 35 -17.61 43.22 0.63
C TRP D 35 -18.38 43.41 1.92
N LYS D 36 -18.20 42.51 2.89
CA LYS D 36 -18.91 42.64 4.16
C LYS D 36 -18.54 43.91 4.89
N LEU D 37 -17.24 44.26 4.91
CA LEU D 37 -16.81 45.50 5.56
C LEU D 37 -17.37 46.71 4.84
N VAL D 38 -17.21 46.76 3.51
CA VAL D 38 -17.60 47.95 2.76
C VAL D 38 -19.11 48.11 2.69
N ASP D 39 -19.85 47.03 2.43
CA ASP D 39 -21.30 47.13 2.27
C ASP D 39 -21.93 45.85 2.80
N PHE D 40 -22.38 45.89 4.05
CA PHE D 40 -23.05 44.74 4.64
C PHE D 40 -24.53 44.70 4.28
N ASN D 41 -25.15 45.87 4.08
CA ASN D 41 -26.57 45.91 3.76
C ASN D 41 -26.86 45.22 2.44
N GLN D 42 -26.05 45.51 1.42
CA GLN D 42 -26.26 44.87 0.11
C GLN D 42 -25.88 43.39 0.17
N TYR D 43 -24.84 43.05 0.92
CA TYR D 43 -24.40 41.67 1.01
C TYR D 43 -25.47 40.79 1.65
N THR D 44 -26.14 41.30 2.69
CA THR D 44 -27.21 40.55 3.32
C THR D 44 -28.38 40.35 2.36
N LEU D 45 -28.74 41.38 1.60
CA LEU D 45 -29.87 41.28 0.69
C LEU D 45 -29.64 40.24 -0.38
N LEU D 46 -28.42 40.15 -0.91
CA LEU D 46 -28.13 39.21 -1.98
C LEU D 46 -28.26 37.77 -1.50
N SER D 47 -27.78 37.49 -0.29
CA SER D 47 -27.83 36.12 0.22
C SER D 47 -29.21 35.74 0.76
N SER D 48 -30.25 36.52 0.50
CA SER D 48 -31.60 36.17 0.95
C SER D 48 -32.15 34.97 0.20
N SER D 49 -31.57 34.62 -0.94
CA SER D 49 -32.06 33.51 -1.74
C SER D 49 -30.91 32.91 -2.53
N HIS D 50 -31.12 31.68 -2.99
CA HIS D 50 -30.09 31.02 -3.80
C HIS D 50 -29.86 31.73 -5.12
N SER D 51 -30.92 32.28 -5.73
CA SER D 51 -30.77 33.03 -6.96
C SER D 51 -29.97 34.32 -6.76
N GLY D 52 -29.81 34.76 -5.51
CA GLY D 52 -29.06 35.97 -5.22
C GLY D 52 -27.63 35.69 -4.82
N SER D 53 -27.42 34.64 -4.03
CA SER D 53 -26.06 34.32 -3.59
C SER D 53 -25.21 33.75 -4.72
N PHE D 54 -25.83 33.38 -5.84
CA PHE D 54 -25.04 33.00 -7.01
C PHE D 54 -24.48 34.24 -7.70
N GLN D 55 -25.22 35.35 -7.66
CA GLN D 55 -24.73 36.58 -8.26
C GLN D 55 -23.48 37.10 -7.56
N ILE D 56 -23.32 36.78 -6.28
CA ILE D 56 -22.15 37.24 -5.54
C ILE D 56 -20.88 36.62 -6.10
N GLN D 57 -20.91 35.30 -6.32
CA GLN D 57 -19.73 34.61 -6.85
C GLN D 57 -19.40 35.08 -8.25
N SER D 58 -20.41 35.23 -9.11
CA SER D 58 -20.16 35.66 -10.48
C SER D 58 -19.68 37.09 -10.54
N ALA D 59 -20.16 37.94 -9.63
CA ALA D 59 -19.71 39.33 -9.61
C ALA D 59 -18.23 39.43 -9.24
N LEU D 60 -17.81 38.65 -8.25
CA LEU D 60 -16.41 38.68 -7.84
C LEU D 60 -15.49 38.11 -8.91
N LYS D 61 -15.95 37.08 -9.63
CA LYS D 61 -15.16 36.51 -10.71
C LYS D 61 -14.94 37.53 -11.82
N LEU D 62 -15.99 38.29 -12.16
CA LEU D 62 -15.86 39.29 -13.21
C LEU D 62 -15.11 40.53 -12.72
N ALA D 63 -15.27 40.90 -11.45
CA ALA D 63 -14.58 42.07 -10.92
C ALA D 63 -13.08 41.84 -10.89
N ILE D 64 -12.64 40.66 -10.47
CA ILE D 64 -11.21 40.35 -10.44
C ILE D 64 -10.65 40.33 -11.86
N TYR D 65 -11.43 39.82 -12.81
CA TYR D 65 -10.95 39.75 -14.19
C TYR D 65 -10.81 41.14 -14.81
N LYS D 66 -11.81 42.01 -14.58
CA LYS D 66 -11.76 43.34 -15.18
C LYS D 66 -10.59 44.15 -14.64
N ALA D 67 -10.20 43.89 -13.39
CA ALA D 67 -9.11 44.64 -12.77
C ALA D 67 -7.74 43.98 -12.95
N THR D 68 -7.67 42.88 -13.69
CA THR D 68 -6.40 42.18 -13.89
C THR D 68 -6.06 41.94 -15.34
N ASN D 69 -7.04 41.66 -16.20
CA ASN D 69 -6.77 41.30 -17.58
C ASN D 69 -7.26 42.31 -18.59
N LEU D 70 -8.18 43.21 -18.23
CA LEU D 70 -8.71 44.19 -19.18
C LEU D 70 -8.24 45.61 -18.88
N VAL D 71 -8.20 45.99 -17.62
CA VAL D 71 -7.76 47.33 -17.21
C VAL D 71 -6.29 47.27 -16.84
N PRO D 72 -5.43 48.13 -17.40
CA PRO D 72 -4.02 48.10 -17.05
C PRO D 72 -3.80 48.34 -15.56
N THR D 73 -2.81 47.64 -15.01
CA THR D 73 -2.55 47.74 -13.57
C THR D 73 -2.08 49.13 -13.19
N SER D 74 -1.38 49.82 -14.10
CA SER D 74 -0.79 51.11 -13.77
C SER D 74 -1.84 52.13 -13.34
N THR D 75 -3.06 52.03 -13.85
CA THR D 75 -4.10 52.98 -13.48
C THR D 75 -4.43 52.93 -12.00
N PHE D 76 -4.47 51.75 -11.40
CA PHE D 76 -4.80 51.62 -9.98
C PHE D 76 -3.64 52.01 -9.07
N LEU D 77 -2.41 51.99 -9.56
CA LEU D 77 -1.29 52.52 -8.77
C LEU D 77 -1.32 54.04 -8.73
N LEU D 78 -1.79 54.67 -9.81
CA LEU D 78 -1.91 56.12 -9.83
C LEU D 78 -3.12 56.57 -9.04
N HIS D 79 -3.05 57.79 -8.51
CA HIS D 79 -4.17 58.39 -7.81
C HIS D 79 -5.06 59.13 -8.79
N ALA D 80 -6.36 59.07 -8.56
CA ALA D 80 -7.34 59.72 -9.44
C ALA D 80 -7.18 61.22 -9.44
N CYS D 87 4.76 69.07 -1.84
CA CYS D 87 6.20 68.89 -1.92
C CYS D 87 6.58 67.43 -2.05
N ILE D 88 7.50 67.12 -2.97
CA ILE D 88 7.91 65.75 -3.17
C ILE D 88 8.71 65.22 -1.99
N LYS D 89 9.52 66.07 -1.35
CA LYS D 89 10.30 65.63 -0.21
C LYS D 89 9.43 65.19 0.96
N ASP D 90 8.15 65.57 0.98
CA ASP D 90 7.24 65.13 2.03
C ASP D 90 6.94 63.65 1.96
N ASN D 91 7.22 62.99 0.82
CA ASN D 91 6.99 61.56 0.69
C ASN D 91 8.15 60.78 1.30
N LYS D 92 7.81 59.76 2.10
CA LYS D 92 8.83 58.95 2.77
C LYS D 92 9.49 57.95 1.84
N ILE D 93 8.93 57.69 0.66
CA ILE D 93 9.57 56.79 -0.29
C ILE D 93 10.82 57.42 -0.87
N VAL D 94 10.76 58.71 -1.22
CA VAL D 94 11.90 59.40 -1.79
C VAL D 94 13.07 59.42 -0.81
N LYS D 95 12.76 59.59 0.48
CA LYS D 95 13.80 59.57 1.51
C LYS D 95 14.54 58.24 1.51
N LEU D 96 13.81 57.13 1.38
CA LEU D 96 14.43 55.82 1.37
C LEU D 96 15.35 55.65 0.16
N LEU D 97 14.91 56.10 -1.01
CA LEU D 97 15.69 55.89 -2.23
C LEU D 97 16.92 56.78 -2.27
N LEU D 98 16.84 57.97 -1.65
CA LEU D 98 17.99 58.86 -1.60
C LEU D 98 19.12 58.25 -0.78
N CYS D 99 18.78 57.63 0.36
CA CYS D 99 19.80 57.04 1.22
C CYS D 99 20.54 55.92 0.51
N GLN D 100 19.82 55.09 -0.23
CA GLN D 100 20.43 54.00 -0.99
C GLN D 100 21.13 54.46 -2.25
N ASN D 101 21.32 55.77 -2.43
CA ASN D 101 22.00 56.34 -3.60
C ASN D 101 21.31 55.94 -4.91
N TYR D 102 19.99 55.91 -4.90
CA TYR D 102 19.19 55.58 -6.08
C TYR D 102 18.33 56.79 -6.45
N ASP D 103 18.35 57.14 -7.75
CA ASP D 103 17.57 58.27 -8.24
C ASP D 103 16.09 57.96 -8.08
N PRO D 104 15.38 58.69 -7.21
CA PRO D 104 13.96 58.36 -6.96
C PRO D 104 13.09 58.44 -8.20
N LEU D 105 13.39 59.35 -9.13
CA LEU D 105 12.57 59.48 -10.33
C LEU D 105 12.71 58.27 -11.24
N LEU D 106 13.94 57.77 -11.41
CA LEU D 106 14.16 56.66 -12.33
C LEU D 106 13.52 55.37 -11.83
N VAL D 107 13.54 55.16 -10.50
CA VAL D 107 12.92 53.98 -9.93
C VAL D 107 11.41 53.99 -10.20
N GLY D 108 10.76 55.13 -9.96
CA GLY D 108 9.32 55.21 -10.15
C GLY D 108 8.90 54.98 -11.59
N GLN D 109 9.64 55.56 -12.53
CA GLN D 109 9.33 55.34 -13.95
C GLN D 109 9.55 53.89 -14.35
N HIS D 110 10.39 53.16 -13.61
CA HIS D 110 10.60 51.75 -13.89
C HIS D 110 9.40 50.92 -13.44
N VAL D 111 8.84 51.25 -12.27
CA VAL D 111 7.73 50.47 -11.72
C VAL D 111 6.53 50.54 -12.65
N LEU D 112 6.25 51.71 -13.22
CA LEU D 112 5.15 51.84 -14.17
C LEU D 112 5.32 50.95 -15.38
N LYS D 113 6.56 50.61 -15.74
CA LYS D 113 6.82 49.69 -16.84
C LYS D 113 6.89 48.24 -16.36
N TRP D 114 7.41 48.03 -15.15
CA TRP D 114 7.54 46.67 -14.63
C TRP D 114 6.19 46.08 -14.24
N ILE D 115 5.30 46.91 -13.70
CA ILE D 115 3.99 46.43 -13.29
C ILE D 115 3.07 46.18 -14.47
N ASP D 116 3.43 46.67 -15.66
CA ASP D 116 2.63 46.47 -16.86
C ASP D 116 3.22 45.43 -17.79
N LYS D 117 4.20 44.66 -17.34
CA LYS D 117 4.81 43.56 -18.08
C LYS D 117 5.51 44.04 -19.35
N LYS D 118 5.82 45.33 -19.47
CA LYS D 118 6.40 45.86 -20.70
C LYS D 118 7.92 45.78 -20.74
N CYS D 119 8.54 45.22 -19.71
CA CYS D 119 10.01 45.20 -19.65
C CYS D 119 10.58 43.91 -20.23
N GLY D 120 9.85 43.29 -21.13
CA GLY D 120 10.36 42.09 -21.80
C GLY D 120 10.61 40.96 -20.82
N LYS D 121 11.76 40.30 -20.98
CA LYS D 121 12.09 39.17 -20.13
C LYS D 121 12.37 39.60 -18.70
N LYS D 122 12.94 40.79 -18.49
CA LYS D 122 13.29 41.26 -17.16
C LYS D 122 12.03 41.67 -16.42
N ASN D 123 11.39 40.67 -15.81
CA ASN D 123 10.05 40.80 -15.27
C ASN D 123 10.01 40.94 -13.75
N THR D 124 11.09 40.65 -13.05
CA THR D 124 11.09 40.59 -11.59
C THR D 124 12.03 41.62 -11.00
N LEU D 125 11.54 42.34 -9.99
CA LEU D 125 12.39 43.22 -9.19
C LEU D 125 13.02 42.44 -8.05
N TRP D 126 14.26 42.78 -7.71
CA TRP D 126 14.98 42.14 -6.62
C TRP D 126 15.49 43.21 -5.66
N PHE D 127 15.15 43.07 -4.39
CA PHE D 127 15.68 43.92 -3.33
C PHE D 127 16.64 43.11 -2.48
N TYR D 128 17.87 43.60 -2.34
CA TYR D 128 18.92 42.86 -1.65
C TYR D 128 19.65 43.79 -0.68
N GLY D 129 20.09 43.21 0.43
CA GLY D 129 20.84 43.97 1.42
C GLY D 129 20.68 43.43 2.83
N PRO D 130 21.38 44.05 3.78
CA PRO D 130 21.29 43.63 5.18
C PRO D 130 19.90 43.89 5.74
N PRO D 131 19.58 43.30 6.89
CA PRO D 131 18.23 43.46 7.45
C PRO D 131 17.94 44.90 7.86
N SER D 132 16.65 45.21 7.93
CA SER D 132 16.14 46.50 8.39
C SER D 132 16.61 47.65 7.50
N THR D 133 16.50 47.43 6.19
CA THR D 133 16.78 48.47 5.21
C THR D 133 15.54 48.86 4.42
N GLY D 134 14.37 48.37 4.80
CA GLY D 134 13.13 48.73 4.13
C GLY D 134 12.80 47.92 2.90
N LYS D 135 13.44 46.78 2.70
CA LYS D 135 13.16 45.93 1.55
C LYS D 135 11.72 45.42 1.60
N THR D 136 11.32 44.83 2.73
CA THR D 136 9.97 44.33 2.87
C THR D 136 8.95 45.46 2.89
N ASN D 137 9.29 46.56 3.57
CA ASN D 137 8.37 47.68 3.72
C ASN D 137 8.01 48.30 2.38
N LEU D 138 9.01 48.51 1.52
CA LEU D 138 8.75 49.05 0.20
C LEU D 138 8.00 48.04 -0.67
N ALA D 139 8.42 46.78 -0.62
CA ALA D 139 7.79 45.75 -1.45
C ALA D 139 6.34 45.54 -1.06
N MET D 140 6.06 45.52 0.26
CA MET D 140 4.69 45.33 0.71
C MET D 140 3.84 46.56 0.45
N ALA D 141 4.46 47.73 0.34
CA ALA D 141 3.72 48.94 0.05
C ALA D 141 3.14 48.91 -1.37
N ILE D 142 3.97 48.51 -2.34
CA ILE D 142 3.48 48.36 -3.71
C ILE D 142 2.49 47.20 -3.78
N ALA D 143 2.76 46.14 -3.02
CA ALA D 143 1.87 44.98 -3.04
C ALA D 143 0.47 45.34 -2.55
N LYS D 144 0.37 46.15 -1.50
CA LYS D 144 -0.94 46.52 -0.97
C LYS D 144 -1.68 47.49 -1.89
N SER D 145 -1.00 48.07 -2.88
CA SER D 145 -1.63 49.04 -3.76
C SER D 145 -2.29 48.42 -4.98
N VAL D 146 -1.75 47.31 -5.48
CA VAL D 146 -2.30 46.66 -6.67
C VAL D 146 -3.66 46.05 -6.31
N PRO D 147 -4.55 45.83 -7.27
CA PRO D 147 -5.88 45.28 -6.93
C PRO D 147 -5.82 43.95 -6.21
N VAL D 148 -5.23 42.93 -6.83
CA VAL D 148 -5.13 41.60 -6.23
C VAL D 148 -3.65 41.19 -6.25
N TYR D 149 -3.16 40.72 -5.10
CA TYR D 149 -1.78 40.30 -4.99
C TYR D 149 -1.69 39.01 -4.20
N GLY D 150 -0.82 38.12 -4.65
CA GLY D 150 -0.57 36.87 -3.96
C GLY D 150 0.87 36.77 -3.51
N MET D 151 1.14 35.90 -2.54
CA MET D 151 2.47 35.74 -1.98
C MET D 151 2.88 34.28 -2.05
N VAL D 152 4.18 34.04 -2.33
CA VAL D 152 4.69 32.68 -2.39
C VAL D 152 4.65 32.02 -1.02
N ASN D 153 4.83 32.81 0.04
CA ASN D 153 4.82 32.26 1.40
C ASN D 153 3.49 31.63 1.75
N TRP D 154 2.38 32.15 1.22
CA TRP D 154 1.07 31.57 1.48
C TRP D 154 0.91 30.18 0.89
N ASN D 155 1.51 29.92 -0.27
CA ASN D 155 1.34 28.65 -0.94
C ASN D 155 2.12 27.55 -0.22
N ASN D 156 1.77 26.30 -0.52
CA ASN D 156 2.44 25.16 0.09
C ASN D 156 3.89 25.07 -0.36
N GLU D 157 4.70 24.39 0.45
CA GLU D 157 6.15 24.36 0.20
C GLU D 157 6.49 23.64 -1.10
N ASN D 158 5.82 22.52 -1.37
CA ASN D 158 6.20 21.69 -2.51
C ASN D 158 5.80 22.30 -3.85
N PHE D 159 4.72 23.08 -3.91
CA PHE D 159 4.24 23.71 -5.14
C PHE D 159 4.02 25.19 -4.89
N PRO D 160 5.10 25.98 -4.88
CA PRO D 160 4.97 27.40 -4.46
C PRO D 160 4.16 28.26 -5.40
N PHE D 161 3.92 27.83 -6.64
CA PHE D 161 3.32 28.70 -7.66
C PHE D 161 1.91 28.29 -8.06
N ASN D 162 1.14 27.69 -7.15
CA ASN D 162 -0.28 27.51 -7.43
C ASN D 162 -1.02 28.84 -7.28
N ASP D 163 -2.11 28.97 -8.04
CA ASP D 163 -2.93 30.18 -8.03
C ASP D 163 -2.10 31.42 -8.37
N VAL D 164 -1.49 31.42 -9.56
CA VAL D 164 -0.74 32.59 -10.00
C VAL D 164 -1.59 33.43 -10.95
N ALA D 165 -2.29 32.79 -11.87
CA ALA D 165 -3.21 33.50 -12.75
C ALA D 165 -4.33 34.14 -11.95
N GLY D 166 -4.84 35.27 -12.45
CA GLY D 166 -5.83 36.02 -11.72
C GLY D 166 -5.25 36.90 -10.63
N LYS D 167 -3.94 36.98 -10.54
CA LYS D 167 -3.25 37.85 -9.59
C LYS D 167 -2.55 38.97 -10.37
N SER D 168 -2.60 40.18 -9.80
CA SER D 168 -1.96 41.31 -10.46
C SER D 168 -0.50 41.46 -10.06
N LEU D 169 -0.06 40.76 -9.00
CA LEU D 169 1.30 40.84 -8.53
C LEU D 169 1.59 39.67 -7.60
N VAL D 170 2.82 39.16 -7.68
CA VAL D 170 3.27 38.06 -6.85
C VAL D 170 4.46 38.53 -6.02
N VAL D 171 4.38 38.35 -4.71
CA VAL D 171 5.41 38.79 -3.77
C VAL D 171 6.14 37.56 -3.25
N TRP D 172 7.46 37.65 -3.16
CA TRP D 172 8.31 36.57 -2.67
C TRP D 172 9.24 37.16 -1.61
N ASP D 173 8.77 37.18 -0.36
CA ASP D 173 9.53 37.76 0.73
C ASP D 173 10.60 36.79 1.21
N GLU D 174 11.82 37.32 1.41
CA GLU D 174 12.99 36.56 1.91
C GLU D 174 13.03 35.15 1.33
N GLY D 175 13.00 35.07 0.01
CA GLY D 175 12.88 33.79 -0.66
C GLY D 175 14.21 33.16 -1.00
N ILE D 176 14.17 31.87 -1.29
CA ILE D 176 15.32 31.10 -1.74
C ILE D 176 14.84 30.13 -2.82
N ILE D 177 15.67 29.91 -3.83
CA ILE D 177 15.31 29.11 -4.99
C ILE D 177 15.99 27.75 -4.88
N LYS D 178 15.19 26.68 -4.79
CA LYS D 178 15.70 25.33 -4.77
C LYS D 178 15.79 24.79 -6.19
N SER D 179 16.65 23.76 -6.37
CA SER D 179 16.79 23.14 -7.67
C SER D 179 15.54 22.36 -8.08
N THR D 180 14.72 21.94 -7.12
CA THR D 180 13.51 21.20 -7.45
C THR D 180 12.50 22.06 -8.20
N ILE D 181 12.50 23.37 -7.96
CA ILE D 181 11.54 24.27 -8.60
C ILE D 181 12.20 25.28 -9.52
N VAL D 182 13.50 25.19 -9.76
CA VAL D 182 14.20 26.23 -10.51
C VAL D 182 13.68 26.33 -11.94
N GLU D 183 13.35 25.18 -12.55
CA GLU D 183 12.83 25.22 -13.91
C GLU D 183 11.46 25.87 -13.98
N ALA D 184 10.59 25.60 -13.01
CA ALA D 184 9.29 26.27 -12.98
C ALA D 184 9.44 27.75 -12.66
N ALA D 185 10.37 28.08 -11.76
CA ALA D 185 10.56 29.49 -11.38
C ALA D 185 11.08 30.31 -12.55
N LYS D 186 11.80 29.68 -13.48
CA LYS D 186 12.34 30.42 -14.62
C LYS D 186 11.24 31.02 -15.48
N ALA D 187 10.14 30.27 -15.66
CA ALA D 187 9.05 30.77 -16.49
C ALA D 187 8.36 31.97 -15.83
N ILE D 188 8.03 31.85 -14.53
CA ILE D 188 7.31 32.91 -13.86
C ILE D 188 8.19 34.15 -13.67
N LEU D 189 9.48 33.93 -13.43
CA LEU D 189 10.39 35.07 -13.30
C LEU D 189 10.64 35.74 -14.64
N GLY D 190 10.61 34.96 -15.73
CA GLY D 190 10.78 35.50 -17.06
C GLY D 190 9.51 35.98 -17.73
N GLY D 191 8.38 35.94 -17.02
CA GLY D 191 7.13 36.39 -17.60
C GLY D 191 6.46 35.41 -18.52
N GLN D 192 7.04 34.22 -18.70
CA GLN D 192 6.47 33.23 -19.58
C GLN D 192 5.28 32.54 -18.91
N PRO D 193 4.17 32.38 -19.63
CA PRO D 193 3.05 31.62 -19.08
C PRO D 193 3.40 30.15 -18.93
N THR D 194 2.80 29.53 -17.91
CA THR D 194 3.03 28.11 -17.64
C THR D 194 2.24 27.24 -18.61
N ARG D 195 2.54 25.94 -18.58
CA ARG D 195 1.91 25.01 -19.51
C ARG D 195 0.40 24.93 -19.28
N VAL D 196 -0.03 25.01 -18.01
CA VAL D 196 -1.44 24.84 -17.69
C VAL D 196 -2.27 25.96 -18.32
N ASP D 197 -1.79 27.19 -18.25
CA ASP D 197 -2.57 28.32 -18.77
C ASP D 197 -2.70 28.25 -20.29
N GLN D 198 -1.66 27.75 -20.98
CA GLN D 198 -1.71 27.68 -22.43
C GLN D 198 -2.84 26.78 -22.91
N LYS D 199 -2.97 25.60 -22.29
CA LYS D 199 -4.01 24.66 -22.70
C LYS D 199 -5.41 25.12 -22.33
N MET D 200 -5.58 25.79 -21.19
CA MET D 200 -6.88 26.25 -20.74
C MET D 200 -7.21 27.65 -21.22
N ARG D 201 -6.62 28.07 -22.33
CA ARG D 201 -6.88 29.39 -22.89
C ARG D 201 -6.65 29.41 -24.40
N GLY D 208 1.54 36.16 -17.92
CA GLY D 208 2.53 37.06 -17.37
C GLY D 208 2.08 37.76 -16.11
N VAL D 209 2.80 37.54 -15.01
CA VAL D 209 2.50 38.17 -13.73
C VAL D 209 3.77 38.80 -13.17
N PRO D 210 3.79 40.10 -12.92
CA PRO D 210 4.98 40.72 -12.32
C PRO D 210 5.28 40.13 -10.95
N VAL D 211 6.56 39.95 -10.66
CA VAL D 211 7.02 39.35 -9.41
C VAL D 211 7.99 40.32 -8.74
N VAL D 212 8.01 40.31 -7.42
CA VAL D 212 8.95 41.07 -6.62
C VAL D 212 9.57 40.15 -5.58
N ILE D 213 10.88 40.26 -5.37
CA ILE D 213 11.61 39.40 -4.46
C ILE D 213 12.45 40.27 -3.52
N THR D 214 12.44 39.93 -2.24
CA THR D 214 13.34 40.50 -1.26
C THR D 214 14.19 39.38 -0.67
N SER D 215 15.41 39.72 -0.26
CA SER D 215 16.33 38.70 0.19
C SER D 215 17.43 39.32 1.05
N ASN D 216 17.86 38.55 2.06
CA ASN D 216 19.07 38.90 2.79
C ASN D 216 20.32 38.27 2.16
N GLY D 217 20.13 37.38 1.19
CA GLY D 217 21.25 36.72 0.54
C GLY D 217 21.04 36.65 -0.96
N ASP D 218 22.05 36.10 -1.64
CA ASP D 218 22.04 35.98 -3.10
C ASP D 218 21.11 34.85 -3.50
N ILE D 219 19.99 35.18 -4.15
CA ILE D 219 19.04 34.17 -4.57
C ILE D 219 19.50 33.44 -5.83
N THR D 220 20.42 34.02 -6.60
CA THR D 220 20.92 33.33 -7.78
C THR D 220 21.71 32.07 -7.43
N PHE D 221 22.07 31.90 -6.17
CA PHE D 221 22.71 30.68 -5.70
C PHE D 221 21.65 29.61 -5.45
N VAL D 222 21.30 28.85 -6.49
CA VAL D 222 20.23 27.87 -6.38
C VAL D 222 20.65 26.75 -5.44
N VAL D 223 19.74 26.36 -4.55
CA VAL D 223 20.04 25.32 -3.58
C VAL D 223 19.81 23.95 -4.22
N SER D 224 20.75 23.04 -4.00
CA SER D 224 20.63 21.67 -4.51
C SER D 224 21.18 20.73 -3.44
N GLY D 225 20.28 20.03 -2.75
CA GLY D 225 20.69 19.19 -1.65
C GLY D 225 21.33 20.01 -0.55
N ASN D 226 22.33 19.42 0.11
CA ASN D 226 23.13 20.15 1.08
C ASN D 226 24.34 20.80 0.41
N THR D 227 24.07 21.53 -0.66
CA THR D 227 25.13 22.11 -1.49
C THR D 227 24.54 23.28 -2.26
N THR D 228 25.37 24.31 -2.45
CA THR D 228 24.99 25.50 -3.18
C THR D 228 25.68 25.52 -4.53
N THR D 229 24.92 25.76 -5.60
CA THR D 229 25.43 25.72 -6.95
C THR D 229 25.12 27.02 -7.68
N THR D 230 25.96 27.37 -8.65
CA THR D 230 25.83 28.60 -9.41
C THR D 230 25.47 28.37 -10.87
N VAL D 231 25.02 27.16 -11.23
CA VAL D 231 24.80 26.84 -12.63
C VAL D 231 23.67 27.68 -13.23
N HIS D 232 22.65 27.97 -12.44
CA HIS D 232 21.49 28.72 -12.93
C HIS D 232 21.63 30.22 -12.76
N ALA D 233 22.78 30.70 -12.25
CA ALA D 233 22.91 32.12 -11.95
C ALA D 233 22.79 32.98 -13.19
N LYS D 234 23.45 32.58 -14.29
CA LYS D 234 23.42 33.38 -15.51
C LYS D 234 22.02 33.45 -16.09
N ALA D 235 21.28 32.33 -16.07
CA ALA D 235 19.94 32.32 -16.63
C ALA D 235 18.94 33.09 -15.77
N LEU D 236 19.15 33.14 -14.45
CA LEU D 236 18.27 33.92 -13.58
C LEU D 236 18.53 35.41 -13.72
N LYS D 237 19.80 35.81 -13.88
CA LYS D 237 20.14 37.21 -14.00
C LYS D 237 19.51 37.84 -15.25
N GLU D 238 19.21 37.02 -16.26
CA GLU D 238 18.54 37.53 -17.46
C GLU D 238 17.12 38.00 -17.17
N ARG D 239 16.56 37.66 -16.00
CA ARG D 239 15.16 37.88 -15.73
C ARG D 239 14.90 38.76 -14.51
N MET D 240 15.91 39.43 -13.96
CA MET D 240 15.75 40.18 -12.73
C MET D 240 16.43 41.54 -12.81
N VAL D 241 15.94 42.48 -11.99
CA VAL D 241 16.55 43.78 -11.79
C VAL D 241 16.85 43.91 -10.31
N LYS D 242 18.10 44.27 -9.99
CA LYS D 242 18.59 44.23 -8.62
C LYS D 242 18.74 45.65 -8.07
N LEU D 243 18.29 45.85 -6.83
CA LEU D 243 18.50 47.09 -6.09
C LEU D 243 19.14 46.75 -4.76
N ASN D 244 20.31 47.35 -4.49
CA ASN D 244 21.07 47.07 -3.28
C ASN D 244 20.64 48.05 -2.18
N PHE D 245 19.91 47.56 -1.20
CA PHE D 245 19.50 48.35 -0.04
C PHE D 245 20.50 48.09 1.07
N THR D 246 21.46 48.99 1.24
CA THR D 246 22.55 48.79 2.19
C THR D 246 22.53 49.73 3.38
N VAL D 247 22.37 51.04 3.17
CA VAL D 247 22.38 51.98 4.27
C VAL D 247 21.15 51.76 5.13
N ARG D 248 21.37 51.49 6.42
CA ARG D 248 20.25 51.25 7.34
C ARG D 248 19.48 52.54 7.57
N CYS D 249 18.15 52.45 7.51
CA CYS D 249 17.31 53.63 7.65
C CYS D 249 17.24 54.08 9.10
N SER D 250 16.63 55.25 9.30
CA SER D 250 16.36 55.72 10.64
C SER D 250 15.34 54.81 11.31
N PRO D 251 15.53 54.45 12.59
CA PRO D 251 14.60 53.52 13.25
C PRO D 251 13.15 53.96 13.22
N ASP D 252 12.93 55.27 13.22
CA ASP D 252 11.57 55.82 13.15
C ASP D 252 11.12 56.01 11.70
N MET D 253 11.25 54.95 10.90
CA MET D 253 10.83 55.03 9.50
C MET D 253 9.32 54.86 9.37
N GLY D 254 8.72 54.03 10.23
CA GLY D 254 7.31 53.73 10.12
C GLY D 254 7.03 52.76 8.99
N LEU D 255 5.74 52.59 8.71
CA LEU D 255 5.29 51.72 7.64
C LEU D 255 4.86 52.55 6.45
N LEU D 256 5.29 52.15 5.26
CA LEU D 256 4.88 52.82 4.04
C LEU D 256 3.43 52.46 3.71
N THR D 257 2.69 53.46 3.23
CA THR D 257 1.27 53.32 2.94
C THR D 257 1.02 53.40 1.44
N GLU D 258 -0.19 53.03 1.04
CA GLU D 258 -0.57 53.11 -0.37
C GLU D 258 -0.64 54.56 -0.83
N ALA D 259 -0.92 55.49 0.09
CA ALA D 259 -0.96 56.90 -0.27
C ALA D 259 0.40 57.39 -0.73
N ASP D 260 1.47 56.96 -0.05
CA ASP D 260 2.81 57.33 -0.48
C ASP D 260 3.13 56.75 -1.85
N VAL D 261 2.76 55.49 -2.08
CA VAL D 261 3.03 54.86 -3.37
C VAL D 261 2.27 55.58 -4.48
N GLN D 262 1.00 55.91 -4.23
CA GLN D 262 0.21 56.61 -5.23
C GLN D 262 0.79 58.00 -5.52
N GLN D 263 1.23 58.71 -4.48
CA GLN D 263 1.77 60.05 -4.67
C GLN D 263 3.12 60.00 -5.37
N TRP D 264 4.01 59.11 -4.91
CA TRP D 264 5.34 59.03 -5.50
C TRP D 264 5.26 58.58 -6.96
N LEU D 265 4.42 57.59 -7.25
CA LEU D 265 4.34 57.07 -8.62
C LEU D 265 3.67 58.06 -9.55
N THR D 266 2.65 58.77 -9.07
CA THR D 266 1.99 59.78 -9.89
C THR D 266 2.96 60.92 -10.23
N TRP D 267 3.78 61.32 -9.26
CA TRP D 267 4.77 62.37 -9.51
C TRP D 267 5.75 61.94 -10.60
N CYS D 268 6.23 60.70 -10.52
CA CYS D 268 7.22 60.21 -11.48
C CYS D 268 6.64 60.13 -12.89
N ASN D 269 5.33 59.93 -13.01
CA ASN D 269 4.72 59.86 -14.34
C ASN D 269 4.76 61.21 -15.05
N ALA D 270 4.57 62.30 -14.29
CA ALA D 270 4.50 63.63 -14.88
C ALA D 270 5.82 64.11 -15.45
N GLN D 271 6.95 63.63 -14.93
CA GLN D 271 8.25 64.11 -15.36
C GLN D 271 8.62 63.53 -16.72
N SER D 272 9.81 63.91 -17.20
CA SER D 272 10.29 63.42 -18.48
C SER D 272 10.74 61.97 -18.37
N TRP D 273 10.72 61.27 -19.51
CA TRP D 273 11.11 59.89 -19.58
C TRP D 273 12.40 59.64 -20.35
N ASP D 274 13.02 60.69 -20.91
CA ASP D 274 14.20 60.50 -21.74
C ASP D 274 15.34 59.88 -20.97
N HIS D 275 15.45 60.17 -19.68
CA HIS D 275 16.47 59.51 -18.85
C HIS D 275 16.19 58.02 -18.74
N TYR D 276 14.93 57.65 -18.52
CA TYR D 276 14.58 56.24 -18.41
C TYR D 276 14.55 55.56 -19.76
N GLU D 277 14.04 56.25 -20.79
CA GLU D 277 13.97 55.65 -22.12
C GLU D 277 15.35 55.34 -22.66
N ASN D 278 16.38 56.06 -22.22
CA ASN D 278 17.74 55.75 -22.63
C ASN D 278 18.28 54.54 -21.89
N TRP D 279 17.90 54.37 -20.61
CA TRP D 279 18.35 53.20 -19.86
C TRP D 279 17.71 51.92 -20.39
N ALA D 280 16.50 52.02 -20.93
CA ALA D 280 15.81 50.86 -21.48
C ALA D 280 16.48 50.32 -22.74
N ILE D 281 17.42 51.07 -23.32
CA ILE D 281 18.14 50.58 -24.49
C ILE D 281 18.90 49.29 -24.16
N ASN D 282 19.47 49.23 -22.96
CA ASN D 282 20.19 48.03 -22.48
C ASN D 282 19.79 47.79 -21.02
N TYR D 283 18.92 46.80 -20.82
CA TYR D 283 18.43 46.48 -19.48
C TYR D 283 19.50 45.73 -18.69
N THR D 284 20.28 46.47 -17.89
CA THR D 284 21.35 45.86 -17.11
C THR D 284 20.78 45.13 -15.91
N PHE D 285 21.62 44.27 -15.31
CA PHE D 285 21.21 43.54 -14.12
C PHE D 285 21.09 44.47 -12.92
N ASP D 286 22.07 45.35 -12.72
CA ASP D 286 22.04 46.29 -11.61
C ASP D 286 21.41 47.61 -12.02
N PHE D 287 20.77 48.26 -11.07
CA PHE D 287 20.11 49.53 -11.33
C PHE D 287 21.09 50.68 -11.08
N PRO D 288 21.18 51.65 -11.99
CA PRO D 288 22.21 52.68 -11.86
C PRO D 288 21.98 53.60 -10.68
N GLY D 289 23.09 54.19 -10.19
CA GLY D 289 23.04 55.06 -9.04
C GLY D 289 22.79 56.52 -9.39
N ILE D 290 22.79 57.36 -8.35
CA ILE D 290 22.47 58.77 -8.52
C ILE D 290 23.61 59.46 -9.27
N ASN D 291 23.24 60.23 -10.29
CA ASN D 291 24.15 61.20 -10.88
C ASN D 291 23.94 62.53 -10.17
N ALA D 292 25.03 63.13 -9.68
CA ALA D 292 24.92 64.30 -8.82
C ALA D 292 24.24 65.47 -9.50
N ASP D 293 24.36 65.60 -10.82
CA ASP D 293 23.80 66.74 -11.53
C ASP D 293 22.59 66.39 -12.39
N ALA D 294 22.33 65.10 -12.63
CA ALA D 294 21.19 64.69 -13.43
C ALA D 294 19.91 64.53 -12.62
N LEU D 295 19.99 64.65 -11.30
CA LEU D 295 18.82 64.52 -10.45
C LEU D 295 17.87 65.69 -10.68
N HIS D 296 16.57 65.42 -10.62
CA HIS D 296 15.57 66.40 -11.01
C HIS D 296 15.58 67.59 -10.04
N PRO D 297 15.39 68.81 -10.53
CA PRO D 297 15.53 69.99 -9.67
C PRO D 297 14.64 70.00 -8.44
N ASP D 298 13.43 69.43 -8.54
CA ASP D 298 12.51 69.46 -7.40
C ASP D 298 13.05 68.66 -6.23
N LEU D 299 13.91 67.67 -6.47
CA LEU D 299 14.47 66.85 -5.41
C LEU D 299 15.71 67.46 -4.77
N GLN D 300 16.22 68.55 -5.33
CA GLN D 300 17.43 69.18 -4.80
C GLN D 300 17.15 69.88 -3.48
N VAL E 3 -32.59 12.77 -45.22
CA VAL E 3 -33.28 12.81 -43.94
C VAL E 3 -33.91 14.19 -43.70
N VAL E 4 -35.18 14.19 -43.33
CA VAL E 4 -35.90 15.46 -43.15
C VAL E 4 -35.64 16.00 -41.75
N PRO E 5 -35.32 17.28 -41.60
CA PRO E 5 -35.19 17.85 -40.24
C PRO E 5 -36.53 17.81 -39.51
N PHE E 6 -36.44 17.77 -38.19
CA PHE E 6 -37.64 17.63 -37.37
C PHE E 6 -38.56 18.84 -37.52
N ASN E 7 -39.86 18.59 -37.41
CA ASN E 7 -40.86 19.60 -37.70
C ASN E 7 -40.97 20.65 -36.58
N GLY E 8 -40.33 20.43 -35.44
CA GLY E 8 -40.49 21.33 -34.32
C GLY E 8 -39.88 22.70 -34.57
N LYS E 9 -40.41 23.69 -33.84
CA LYS E 9 -39.93 25.06 -33.91
C LYS E 9 -39.72 25.59 -32.51
N GLY E 10 -38.74 26.48 -32.36
CA GLY E 10 -38.39 26.97 -31.05
C GLY E 10 -39.06 28.29 -30.70
N THR E 11 -38.86 28.71 -29.46
CA THR E 11 -39.43 29.96 -28.98
C THR E 11 -38.47 31.12 -29.27
N LYS E 12 -38.81 32.29 -28.73
CA LYS E 12 -37.96 33.46 -28.89
C LYS E 12 -36.61 33.27 -28.23
N ALA E 13 -36.61 32.69 -27.01
CA ALA E 13 -35.37 32.50 -26.29
C ALA E 13 -34.45 31.51 -27.01
N SER E 14 -35.04 30.44 -27.57
CA SER E 14 -34.22 29.44 -28.25
C SER E 14 -33.63 29.97 -29.55
N ILE E 15 -34.35 30.85 -30.25
CA ILE E 15 -33.84 31.41 -31.49
C ILE E 15 -32.68 32.36 -31.21
N LYS E 16 -32.78 33.15 -30.14
CA LYS E 16 -31.69 34.06 -29.79
C LYS E 16 -30.43 33.31 -29.41
N PHE E 17 -30.56 32.16 -28.75
CA PHE E 17 -29.40 31.33 -28.45
C PHE E 17 -28.74 30.83 -29.74
N GLN E 18 -29.56 30.44 -30.72
CA GLN E 18 -29.02 29.98 -31.99
C GLN E 18 -28.22 31.07 -32.69
N THR E 19 -28.73 32.31 -32.66
CA THR E 19 -28.00 33.43 -33.23
C THR E 19 -26.70 33.67 -32.49
N MET E 20 -26.66 33.40 -31.18
CA MET E 20 -25.43 33.55 -30.42
C MET E 20 -24.40 32.51 -30.85
N VAL E 21 -24.84 31.28 -31.14
CA VAL E 21 -23.91 30.25 -31.60
C VAL E 21 -23.32 30.61 -32.94
N ASN E 22 -24.14 31.14 -33.85
CA ASN E 22 -23.62 31.57 -35.15
C ASN E 22 -22.65 32.73 -34.99
N TRP E 23 -22.90 33.62 -34.02
CA TRP E 23 -22.01 34.76 -33.81
C TRP E 23 -20.62 34.32 -33.38
N LEU E 24 -20.54 33.25 -32.57
CA LEU E 24 -19.24 32.77 -32.12
C LEU E 24 -18.40 32.25 -33.28
N CYS E 25 -19.04 31.54 -34.22
CA CYS E 25 -18.29 30.97 -35.33
C CYS E 25 -17.70 32.06 -36.23
N GLU E 26 -18.48 33.10 -36.53
CA GLU E 26 -18.02 34.14 -37.43
C GLU E 26 -16.81 34.88 -36.84
N ASN E 27 -16.84 35.17 -35.54
CA ASN E 27 -15.79 35.91 -34.89
C ASN E 27 -14.72 35.02 -34.27
N ARG E 28 -14.80 33.71 -34.49
CA ARG E 28 -13.80 32.75 -34.03
C ARG E 28 -13.62 32.79 -32.51
N VAL E 29 -14.70 32.99 -31.78
CA VAL E 29 -14.66 33.00 -30.31
C VAL E 29 -14.98 31.58 -29.87
N PHE E 30 -13.92 30.80 -29.63
CA PHE E 30 -14.05 29.41 -29.23
C PHE E 30 -13.58 29.16 -27.81
N THR E 31 -13.38 30.22 -27.02
CA THR E 31 -12.92 30.07 -25.65
C THR E 31 -13.48 31.24 -24.83
N GLU E 32 -13.67 31.00 -23.53
CA GLU E 32 -14.18 32.04 -22.65
C GLU E 32 -13.21 33.22 -22.58
N ASP E 33 -11.90 32.94 -22.51
CA ASP E 33 -10.93 34.02 -22.45
C ASP E 33 -10.99 34.89 -23.71
N LYS E 34 -11.28 34.28 -24.86
CA LYS E 34 -11.48 35.07 -26.07
C LYS E 34 -12.78 35.87 -26.00
N TRP E 35 -13.82 35.28 -25.40
CA TRP E 35 -15.09 35.99 -25.25
C TRP E 35 -14.95 37.20 -24.34
N LYS E 36 -14.18 37.06 -23.26
CA LYS E 36 -14.01 38.16 -22.32
C LYS E 36 -13.28 39.33 -22.97
N LEU E 37 -12.23 39.04 -23.75
CA LEU E 37 -11.52 40.11 -24.45
C LEU E 37 -12.42 40.81 -25.45
N VAL E 38 -13.21 40.05 -26.20
CA VAL E 38 -13.93 40.62 -27.33
C VAL E 38 -15.24 41.27 -26.87
N ASP E 39 -16.13 40.48 -26.25
CA ASP E 39 -17.46 40.95 -25.87
C ASP E 39 -17.66 40.76 -24.37
N PHE E 40 -17.22 41.75 -23.59
CA PHE E 40 -17.42 41.68 -22.15
C PHE E 40 -18.85 42.01 -21.75
N ASN E 41 -19.52 42.88 -22.51
CA ASN E 41 -20.89 43.27 -22.17
C ASN E 41 -21.82 42.07 -22.23
N GLN E 42 -21.81 41.33 -23.34
CA GLN E 42 -22.68 40.17 -23.45
C GLN E 42 -22.29 39.08 -22.47
N TYR E 43 -21.00 38.96 -22.17
CA TYR E 43 -20.57 37.98 -21.18
C TYR E 43 -21.06 38.35 -19.78
N THR E 44 -21.11 39.64 -19.47
CA THR E 44 -21.61 40.07 -18.17
C THR E 44 -23.12 39.87 -18.07
N LEU E 45 -23.86 40.16 -19.15
CA LEU E 45 -25.30 39.97 -19.14
C LEU E 45 -25.66 38.51 -19.02
N LEU E 46 -24.93 37.63 -19.71
CA LEU E 46 -25.26 36.21 -19.69
C LEU E 46 -25.00 35.59 -18.33
N SER E 47 -23.87 35.92 -17.71
CA SER E 47 -23.51 35.34 -16.42
C SER E 47 -24.25 36.00 -15.26
N SER E 48 -25.27 36.82 -15.54
CA SER E 48 -26.04 37.46 -14.47
C SER E 48 -26.94 36.47 -13.74
N SER E 49 -27.15 35.28 -14.29
CA SER E 49 -28.03 34.30 -13.68
C SER E 49 -27.43 32.91 -13.89
N HIS E 50 -27.98 31.94 -13.17
CA HIS E 50 -27.54 30.57 -13.33
C HIS E 50 -28.02 29.98 -14.65
N SER E 51 -29.23 30.34 -15.08
CA SER E 51 -29.71 29.89 -16.38
C SER E 51 -28.88 30.44 -17.52
N GLY E 52 -28.52 31.72 -17.45
CA GLY E 52 -27.71 32.34 -18.49
C GLY E 52 -26.30 31.79 -18.54
N SER E 53 -25.73 31.47 -17.38
CA SER E 53 -24.37 30.94 -17.35
C SER E 53 -24.30 29.55 -17.97
N PHE E 54 -25.42 28.81 -17.98
CA PHE E 54 -25.43 27.51 -18.64
C PHE E 54 -25.28 27.67 -20.15
N GLN E 55 -25.88 28.71 -20.72
CA GLN E 55 -25.80 28.92 -22.16
C GLN E 55 -24.39 29.26 -22.62
N ILE E 56 -23.59 29.88 -21.74
CA ILE E 56 -22.21 30.20 -22.09
C ILE E 56 -21.41 28.92 -22.33
N GLN E 57 -21.58 27.94 -21.45
CA GLN E 57 -20.85 26.68 -21.58
C GLN E 57 -21.39 25.87 -22.76
N SER E 58 -22.70 25.90 -22.97
CA SER E 58 -23.31 25.08 -24.02
C SER E 58 -23.08 25.67 -25.41
N ALA E 59 -23.05 26.99 -25.54
CA ALA E 59 -22.86 27.60 -26.84
C ALA E 59 -21.45 27.34 -27.37
N LEU E 60 -20.46 27.30 -26.49
CA LEU E 60 -19.09 27.06 -26.93
C LEU E 60 -18.91 25.63 -27.43
N LYS E 61 -19.65 24.69 -26.86
CA LYS E 61 -19.58 23.31 -27.34
C LYS E 61 -20.07 23.21 -28.78
N LEU E 62 -21.17 23.90 -29.09
CA LEU E 62 -21.70 23.86 -30.46
C LEU E 62 -20.89 24.71 -31.40
N ALA E 63 -20.37 25.85 -30.92
CA ALA E 63 -19.55 26.72 -31.77
C ALA E 63 -18.27 26.02 -32.19
N ILE E 64 -17.63 25.32 -31.25
CA ILE E 64 -16.41 24.59 -31.58
C ILE E 64 -16.72 23.42 -32.51
N TYR E 65 -17.82 22.72 -32.25
CA TYR E 65 -18.17 21.56 -33.06
C TYR E 65 -18.47 21.96 -34.50
N LYS E 66 -19.16 23.09 -34.69
CA LYS E 66 -19.50 23.54 -36.03
C LYS E 66 -18.24 23.86 -36.84
N ALA E 67 -17.23 24.45 -36.19
CA ALA E 67 -16.01 24.82 -36.89
C ALA E 67 -15.04 23.65 -37.07
N THR E 68 -15.34 22.50 -36.49
CA THR E 68 -14.46 21.35 -36.59
C THR E 68 -15.03 20.21 -37.44
N ASN E 69 -16.35 20.04 -37.44
CA ASN E 69 -16.99 18.93 -38.14
C ASN E 69 -17.95 19.36 -39.23
N LEU E 70 -18.74 20.41 -39.00
CA LEU E 70 -19.77 20.83 -39.94
C LEU E 70 -19.25 21.78 -41.01
N VAL E 71 -18.01 22.23 -40.90
CA VAL E 71 -17.43 23.17 -41.87
C VAL E 71 -16.01 22.70 -42.23
N PRO E 72 -15.68 22.62 -43.52
CA PRO E 72 -14.30 22.29 -43.90
C PRO E 72 -13.32 23.31 -43.36
N THR E 73 -12.16 22.82 -42.91
CA THR E 73 -11.17 23.72 -42.29
C THR E 73 -10.55 24.65 -43.32
N SER E 74 -10.57 24.28 -44.60
CA SER E 74 -9.97 25.13 -45.63
C SER E 74 -10.70 26.45 -45.78
N THR E 75 -11.99 26.50 -45.46
CA THR E 75 -12.74 27.73 -45.59
C THR E 75 -12.23 28.81 -44.62
N PHE E 76 -11.76 28.42 -43.44
CA PHE E 76 -11.18 29.38 -42.52
C PHE E 76 -9.76 29.78 -42.91
N LEU E 77 -9.11 29.00 -43.78
CA LEU E 77 -7.82 29.39 -44.35
C LEU E 77 -7.99 30.35 -45.52
N LEU E 78 -9.02 30.14 -46.33
CA LEU E 78 -9.29 31.02 -47.46
C LEU E 78 -9.98 32.30 -46.98
N HIS E 79 -10.20 33.21 -47.92
CA HIS E 79 -10.89 34.47 -47.63
C HIS E 79 -11.91 34.78 -48.71
N CYS E 87 1.08 42.13 -54.48
CA CYS E 87 1.99 41.29 -55.26
C CYS E 87 2.32 40.00 -54.51
N ILE E 88 2.20 38.87 -55.19
CA ILE E 88 2.45 37.58 -54.55
C ILE E 88 3.94 37.41 -54.27
N LYS E 89 4.80 38.04 -55.07
CA LYS E 89 6.25 37.91 -54.85
C LYS E 89 6.67 38.51 -53.51
N ASP E 90 5.96 39.53 -53.04
CA ASP E 90 6.32 40.21 -51.80
C ASP E 90 5.84 39.48 -50.55
N ASN E 91 5.04 38.42 -50.71
CA ASN E 91 4.57 37.67 -49.55
C ASN E 91 5.72 36.95 -48.88
N LYS E 92 5.79 37.06 -47.55
CA LYS E 92 6.93 36.53 -46.81
C LYS E 92 7.00 35.01 -46.90
N ILE E 93 5.86 34.33 -46.89
CA ILE E 93 5.86 32.87 -47.02
C ILE E 93 6.36 32.47 -48.40
N VAL E 94 6.00 33.24 -49.43
CA VAL E 94 6.53 32.98 -50.76
C VAL E 94 8.05 33.14 -50.78
N LYS E 95 8.55 34.16 -50.07
CA LYS E 95 10.00 34.32 -49.95
C LYS E 95 10.63 33.13 -49.23
N LEU E 96 9.99 32.67 -48.15
CA LEU E 96 10.54 31.56 -47.38
C LEU E 96 10.60 30.28 -48.21
N LEU E 97 9.55 29.99 -48.96
CA LEU E 97 9.53 28.76 -49.74
C LEU E 97 10.50 28.82 -50.91
N LEU E 98 10.79 30.02 -51.41
CA LEU E 98 11.76 30.15 -52.49
C LEU E 98 13.19 29.99 -51.97
N CYS E 99 13.48 30.51 -50.78
CA CYS E 99 14.81 30.35 -50.20
C CYS E 99 15.12 28.88 -49.94
N GLN E 100 14.13 28.13 -49.44
CA GLN E 100 14.29 26.70 -49.17
C GLN E 100 14.15 25.86 -50.44
N ASN E 101 13.97 26.49 -51.60
CA ASN E 101 13.89 25.80 -52.89
C ASN E 101 12.68 24.87 -52.94
N TYR E 102 11.51 25.41 -52.63
CA TYR E 102 10.25 24.69 -52.74
C TYR E 102 9.23 25.57 -53.47
N ASP E 103 8.39 24.94 -54.28
CA ASP E 103 7.45 25.69 -55.10
C ASP E 103 6.30 26.21 -54.24
N PRO E 104 6.10 27.52 -54.14
CA PRO E 104 4.97 28.03 -53.34
C PRO E 104 3.62 27.55 -53.83
N LEU E 105 3.44 27.39 -55.13
CA LEU E 105 2.15 26.94 -55.66
C LEU E 105 1.85 25.51 -55.22
N LEU E 106 2.86 24.63 -55.23
CA LEU E 106 2.63 23.24 -54.89
C LEU E 106 2.46 23.05 -53.38
N VAL E 107 3.22 23.81 -52.58
CA VAL E 107 3.10 23.70 -51.13
C VAL E 107 1.71 24.11 -50.68
N GLY E 108 1.21 25.24 -51.19
CA GLY E 108 -0.12 25.69 -50.82
C GLY E 108 -1.21 24.73 -51.23
N GLN E 109 -1.10 24.16 -52.43
CA GLN E 109 -2.11 23.24 -52.90
C GLN E 109 -2.13 21.94 -52.10
N HIS E 110 -0.98 21.53 -51.57
CA HIS E 110 -0.95 20.35 -50.73
C HIS E 110 -1.51 20.63 -49.34
N VAL E 111 -1.30 21.85 -48.84
CA VAL E 111 -1.81 22.21 -47.52
C VAL E 111 -3.33 22.19 -47.51
N LEU E 112 -3.95 22.70 -48.57
CA LEU E 112 -5.40 22.75 -48.62
C LEU E 112 -6.02 21.36 -48.56
N LYS E 113 -5.44 20.41 -49.30
CA LYS E 113 -5.95 19.03 -49.24
C LYS E 113 -5.58 18.37 -47.93
N TRP E 114 -4.40 18.69 -47.38
CA TRP E 114 -3.98 18.08 -46.13
C TRP E 114 -4.81 18.59 -44.95
N ILE E 115 -5.12 19.89 -44.95
CA ILE E 115 -5.93 20.45 -43.87
C ILE E 115 -7.37 19.96 -43.93
N ASP E 116 -7.80 19.43 -45.07
CA ASP E 116 -9.14 18.89 -45.22
C ASP E 116 -9.18 17.37 -45.13
N LYS E 117 -8.07 16.75 -44.73
CA LYS E 117 -7.95 15.30 -44.59
C LYS E 117 -8.25 14.55 -45.88
N LYS E 118 -7.90 15.13 -47.03
CA LYS E 118 -8.15 14.49 -48.32
C LYS E 118 -6.94 13.73 -48.84
N CYS E 119 -5.85 13.66 -48.09
CA CYS E 119 -4.63 12.98 -48.54
C CYS E 119 -4.60 11.51 -48.16
N GLY E 120 -5.65 10.98 -47.55
CA GLY E 120 -5.67 9.58 -47.20
C GLY E 120 -4.75 9.28 -46.03
N LYS E 121 -3.77 8.40 -46.27
CA LYS E 121 -2.86 8.00 -45.20
C LYS E 121 -1.95 9.15 -44.77
N LYS E 122 -1.41 9.90 -45.72
CA LYS E 122 -0.41 10.93 -45.41
C LYS E 122 -1.08 12.16 -44.80
N ASN E 123 -1.40 12.03 -43.51
CA ASN E 123 -2.06 13.07 -42.74
C ASN E 123 -1.08 13.98 -42.02
N THR E 124 0.22 13.74 -42.14
CA THR E 124 1.24 14.43 -41.35
C THR E 124 2.15 15.25 -42.26
N LEU E 125 2.42 16.49 -41.85
CA LEU E 125 3.47 17.30 -42.46
C LEU E 125 4.65 17.42 -41.50
N TRP E 126 5.85 17.21 -42.02
CA TRP E 126 7.06 17.23 -41.22
C TRP E 126 8.01 18.28 -41.76
N PHE E 127 8.43 19.20 -40.89
CA PHE E 127 9.41 20.22 -41.22
C PHE E 127 10.74 19.82 -40.58
N TYR E 128 11.80 19.80 -41.37
CA TYR E 128 13.11 19.36 -40.92
C TYR E 128 14.17 20.32 -41.42
N GLY E 129 15.21 20.53 -40.60
CA GLY E 129 16.31 21.38 -40.97
C GLY E 129 17.10 21.89 -39.79
N PRO E 130 18.20 22.58 -40.06
CA PRO E 130 19.02 23.17 -38.99
C PRO E 130 18.25 24.24 -38.25
N PRO E 131 18.71 24.60 -37.05
CA PRO E 131 17.97 25.59 -36.24
C PRO E 131 17.89 26.95 -36.92
N SER E 132 16.84 27.68 -36.58
CA SER E 132 16.58 29.03 -37.09
C SER E 132 16.48 29.04 -38.61
N THR E 133 15.46 28.33 -39.11
CA THR E 133 15.19 28.28 -40.54
C THR E 133 13.71 28.50 -40.86
N GLY E 134 12.92 28.97 -39.90
CA GLY E 134 11.52 29.24 -40.13
C GLY E 134 10.60 28.06 -39.94
N LYS E 135 11.08 26.97 -39.36
CA LYS E 135 10.25 25.78 -39.16
C LYS E 135 9.08 26.06 -38.23
N THR E 136 9.36 26.62 -37.06
CA THR E 136 8.30 26.93 -36.11
C THR E 136 7.44 28.09 -36.62
N ASN E 137 8.08 29.07 -37.26
CA ASN E 137 7.36 30.24 -37.74
C ASN E 137 6.23 29.88 -38.71
N LEU E 138 6.55 29.08 -39.72
CA LEU E 138 5.53 28.67 -40.68
C LEU E 138 4.48 27.78 -40.03
N ALA E 139 4.92 26.88 -39.13
CA ALA E 139 3.98 26.00 -38.44
C ALA E 139 3.05 26.81 -37.53
N MET E 140 3.60 27.79 -36.82
CA MET E 140 2.79 28.60 -35.91
C MET E 140 1.79 29.44 -36.69
N ALA E 141 2.21 29.99 -37.83
CA ALA E 141 1.31 30.80 -38.65
C ALA E 141 0.14 29.97 -39.17
N ILE E 142 0.42 28.75 -39.62
CA ILE E 142 -0.65 27.85 -40.04
C ILE E 142 -1.52 27.46 -38.85
N ALA E 143 -0.88 27.17 -37.71
CA ALA E 143 -1.63 26.73 -36.53
C ALA E 143 -2.56 27.80 -36.01
N LYS E 144 -2.13 29.07 -36.02
CA LYS E 144 -2.96 30.13 -35.49
C LYS E 144 -4.01 30.63 -36.48
N SER E 145 -4.00 30.13 -37.70
CA SER E 145 -5.01 30.51 -38.69
C SER E 145 -6.23 29.62 -38.67
N VAL E 146 -6.07 28.35 -38.30
CA VAL E 146 -7.20 27.42 -38.20
C VAL E 146 -8.03 27.80 -36.98
N PRO E 147 -9.30 27.38 -36.90
CA PRO E 147 -10.14 27.78 -35.76
C PRO E 147 -9.57 27.40 -34.40
N VAL E 148 -9.35 26.12 -34.17
CA VAL E 148 -8.87 25.62 -32.89
C VAL E 148 -7.67 24.71 -33.12
N TYR E 149 -6.58 24.97 -32.40
CA TYR E 149 -5.38 24.15 -32.49
C TYR E 149 -4.87 23.83 -31.09
N GLY E 150 -4.27 22.65 -30.96
CA GLY E 150 -3.62 22.25 -29.73
C GLY E 150 -2.27 21.62 -30.00
N MET E 151 -1.34 21.75 -29.07
CA MET E 151 0.00 21.20 -29.26
C MET E 151 0.25 20.05 -28.29
N VAL E 152 1.09 19.11 -28.72
CA VAL E 152 1.51 18.01 -27.85
C VAL E 152 2.30 18.55 -26.67
N ASN E 153 2.94 19.71 -26.82
CA ASN E 153 3.76 20.25 -25.75
C ASN E 153 2.96 20.67 -24.53
N TRP E 154 1.64 20.82 -24.65
CA TRP E 154 0.79 21.12 -23.51
C TRP E 154 0.35 19.89 -22.75
N ASN E 155 0.19 18.75 -23.43
CA ASN E 155 -0.38 17.57 -22.81
C ASN E 155 0.60 16.96 -21.82
N ASN E 156 0.11 15.97 -21.07
CA ASN E 156 0.93 15.29 -20.09
C ASN E 156 2.04 14.51 -20.78
N GLU E 157 3.16 14.32 -20.07
CA GLU E 157 4.32 13.67 -20.67
C GLU E 157 4.01 12.24 -21.08
N ASN E 158 3.32 11.48 -20.22
CA ASN E 158 3.00 10.09 -20.54
C ASN E 158 1.72 9.96 -21.35
N PHE E 159 0.94 11.03 -21.47
CA PHE E 159 -0.28 11.05 -22.28
C PHE E 159 -0.21 12.22 -23.26
N PRO E 160 0.67 12.15 -24.25
CA PRO E 160 0.88 13.30 -25.14
C PRO E 160 -0.30 13.60 -26.04
N PHE E 161 -1.20 12.64 -26.25
CA PHE E 161 -2.25 12.77 -27.24
C PHE E 161 -3.64 12.88 -26.62
N ASN E 162 -3.75 13.49 -25.44
CA ASN E 162 -5.06 13.80 -24.91
C ASN E 162 -5.57 15.11 -25.51
N ASP E 163 -6.89 15.25 -25.52
CA ASP E 163 -7.58 16.43 -26.05
C ASP E 163 -7.33 16.63 -27.55
N VAL E 164 -6.99 15.57 -28.26
CA VAL E 164 -6.81 15.67 -29.71
C VAL E 164 -8.13 15.90 -30.42
N ALA E 165 -9.19 15.22 -29.99
CA ALA E 165 -10.49 15.41 -30.62
C ALA E 165 -11.00 16.83 -30.37
N GLY E 166 -11.73 17.37 -31.34
CA GLY E 166 -12.23 18.72 -31.24
C GLY E 166 -11.24 19.79 -31.63
N LYS E 167 -10.20 19.45 -32.38
CA LYS E 167 -9.20 20.40 -32.83
C LYS E 167 -9.11 20.37 -34.34
N SER E 168 -8.66 21.49 -34.92
CA SER E 168 -8.46 21.55 -36.36
C SER E 168 -7.05 21.17 -36.77
N LEU E 169 -6.12 21.15 -35.83
CA LEU E 169 -4.72 20.86 -36.12
C LEU E 169 -4.01 20.51 -34.83
N VAL E 170 -3.01 19.63 -34.94
CA VAL E 170 -2.14 19.27 -33.83
C VAL E 170 -0.71 19.59 -34.23
N VAL E 171 -0.02 20.36 -33.40
CA VAL E 171 1.35 20.78 -33.65
C VAL E 171 2.26 20.06 -32.66
N TRP E 172 3.38 19.54 -33.14
CA TRP E 172 4.33 18.80 -32.32
C TRP E 172 5.70 19.43 -32.55
N ASP E 173 6.00 20.47 -31.78
CA ASP E 173 7.20 21.26 -32.00
C ASP E 173 8.41 20.62 -31.33
N GLU E 174 9.50 20.47 -32.09
CA GLU E 174 10.73 19.86 -31.61
C GLU E 174 10.47 18.49 -31.02
N GLY E 175 9.64 17.71 -31.69
CA GLY E 175 9.17 16.47 -31.13
C GLY E 175 10.03 15.28 -31.50
N ILE E 176 9.97 14.26 -30.65
CA ILE E 176 10.66 13.00 -30.87
C ILE E 176 9.75 11.89 -30.39
N ILE E 177 9.82 10.74 -31.06
CA ILE E 177 8.90 9.63 -30.83
C ILE E 177 9.59 8.60 -29.95
N LYS E 178 8.94 8.21 -28.86
CA LYS E 178 9.45 7.17 -27.97
C LYS E 178 8.73 5.85 -28.21
N SER E 179 9.39 4.75 -27.86
CA SER E 179 8.83 3.43 -28.06
C SER E 179 7.60 3.17 -27.20
N THR E 180 7.38 3.93 -26.14
CA THR E 180 6.20 3.74 -25.31
C THR E 180 4.94 4.24 -26.01
N ILE E 181 5.04 5.35 -26.73
CA ILE E 181 3.89 5.93 -27.43
C ILE E 181 3.95 5.71 -28.93
N VAL E 182 4.91 4.92 -29.43
CA VAL E 182 5.08 4.78 -30.87
C VAL E 182 3.85 4.16 -31.53
N GLU E 183 3.12 3.31 -30.80
CA GLU E 183 1.91 2.72 -31.37
C GLU E 183 0.77 3.73 -31.41
N ALA E 184 0.63 4.54 -30.36
CA ALA E 184 -0.40 5.57 -30.37
C ALA E 184 -0.09 6.65 -31.41
N ALA E 185 1.20 6.94 -31.61
CA ALA E 185 1.58 7.97 -32.57
C ALA E 185 1.20 7.57 -33.99
N LYS E 186 1.42 6.31 -34.35
CA LYS E 186 1.17 5.87 -35.72
C LYS E 186 -0.30 6.02 -36.10
N ALA E 187 -1.20 5.72 -35.16
CA ALA E 187 -2.62 5.85 -35.44
C ALA E 187 -3.01 7.29 -35.73
N ILE E 188 -2.53 8.22 -34.92
CA ILE E 188 -2.89 9.63 -35.10
C ILE E 188 -2.21 10.20 -36.35
N LEU E 189 -0.92 9.87 -36.54
CA LEU E 189 -0.22 10.34 -37.72
C LEU E 189 -0.89 9.84 -39.00
N GLY E 190 -1.37 8.61 -38.99
CA GLY E 190 -2.08 8.05 -40.11
C GLY E 190 -3.54 8.43 -40.22
N GLY E 191 -4.04 9.23 -39.28
CA GLY E 191 -5.42 9.66 -39.34
C GLY E 191 -6.43 8.64 -38.88
N GLN E 192 -5.99 7.51 -38.35
CA GLN E 192 -6.90 6.47 -37.88
C GLN E 192 -7.52 6.89 -36.55
N PRO E 193 -8.85 6.91 -36.42
CA PRO E 193 -9.46 7.36 -35.16
C PRO E 193 -9.06 6.51 -33.96
N THR E 194 -8.97 7.14 -32.81
CA THR E 194 -8.59 6.46 -31.58
C THR E 194 -9.70 5.51 -31.14
N ARG E 195 -9.30 4.42 -30.45
CA ARG E 195 -10.24 3.40 -30.01
C ARG E 195 -11.38 4.01 -29.19
N VAL E 196 -11.04 4.91 -28.27
CA VAL E 196 -12.06 5.50 -27.40
C VAL E 196 -13.05 6.34 -28.21
N ASP E 197 -12.57 6.93 -29.32
CA ASP E 197 -13.47 7.71 -30.17
C ASP E 197 -14.49 6.82 -30.85
N GLN E 198 -14.10 5.60 -31.21
CA GLN E 198 -15.02 4.69 -31.89
C GLN E 198 -16.21 4.34 -31.00
N LYS E 199 -15.95 4.02 -29.73
CA LYS E 199 -17.01 3.59 -28.82
C LYS E 199 -17.67 4.75 -28.09
N MET E 200 -17.24 5.99 -28.34
CA MET E 200 -17.87 7.17 -27.77
C MET E 200 -18.73 7.91 -28.79
N ARG E 201 -18.52 7.62 -30.07
CA ARG E 201 -19.29 8.26 -31.14
C ARG E 201 -20.40 7.33 -31.63
N PRO E 207 -12.91 10.32 -38.06
CA PRO E 207 -12.04 11.34 -38.65
C PRO E 207 -10.92 11.77 -37.70
N GLY E 208 -9.69 11.81 -38.21
CA GLY E 208 -8.54 12.20 -37.42
C GLY E 208 -8.30 13.71 -37.47
N VAL E 209 -7.12 14.10 -37.01
CA VAL E 209 -6.73 15.50 -36.99
C VAL E 209 -5.39 15.67 -37.72
N PRO E 210 -5.27 16.63 -38.63
CA PRO E 210 -3.98 16.86 -39.29
C PRO E 210 -2.91 17.23 -38.28
N VAL E 211 -1.68 16.76 -38.54
CA VAL E 211 -0.56 16.93 -37.64
C VAL E 211 0.59 17.59 -38.41
N VAL E 212 1.20 18.60 -37.80
CA VAL E 212 2.39 19.24 -38.35
C VAL E 212 3.50 19.13 -37.32
N ILE E 213 4.66 18.62 -37.75
CA ILE E 213 5.79 18.36 -36.85
C ILE E 213 7.00 19.11 -37.35
N THR E 214 7.68 19.80 -36.44
CA THR E 214 8.94 20.46 -36.72
C THR E 214 10.02 19.85 -35.83
N SER E 215 11.17 19.53 -36.42
CA SER E 215 12.21 18.84 -35.67
C SER E 215 13.58 19.19 -36.25
N ASN E 216 14.57 19.27 -35.37
CA ASN E 216 15.95 19.44 -35.79
C ASN E 216 16.62 18.11 -36.12
N GLY E 217 15.99 16.99 -35.77
CA GLY E 217 16.55 15.69 -36.04
C GLY E 217 15.55 14.80 -36.75
N ASP E 218 16.02 13.62 -37.12
CA ASP E 218 15.20 12.65 -37.86
C ASP E 218 14.27 11.95 -36.87
N ILE E 219 12.96 12.17 -37.03
CA ILE E 219 11.98 11.57 -36.11
C ILE E 219 11.61 10.15 -36.48
N THR E 220 12.00 9.68 -37.67
CA THR E 220 11.75 8.28 -38.01
C THR E 220 12.48 7.34 -37.05
N PHE E 221 13.66 7.75 -36.57
CA PHE E 221 14.31 7.03 -35.49
C PHE E 221 13.45 7.11 -34.23
N VAL E 222 13.27 5.98 -33.56
CA VAL E 222 12.38 5.88 -32.41
C VAL E 222 13.21 5.60 -31.17
N VAL E 223 12.99 6.39 -30.12
CA VAL E 223 13.72 6.21 -28.87
C VAL E 223 13.18 5.01 -28.12
N SER E 224 14.09 4.16 -27.64
CA SER E 224 13.73 3.01 -26.82
C SER E 224 14.82 2.82 -25.78
N GLY E 225 14.47 3.02 -24.51
CA GLY E 225 15.50 3.03 -23.49
C GLY E 225 16.49 4.14 -23.74
N ASN E 226 17.77 3.77 -23.78
CA ASN E 226 18.84 4.71 -24.11
C ASN E 226 19.40 4.45 -25.50
N THR E 227 18.58 3.94 -26.41
CA THR E 227 19.06 3.48 -27.71
C THR E 227 18.17 4.02 -28.81
N THR E 228 18.53 3.66 -30.04
CA THR E 228 17.78 4.05 -31.24
C THR E 228 17.38 2.80 -32.00
N THR E 229 16.19 2.83 -32.59
CA THR E 229 15.70 1.70 -33.38
C THR E 229 15.00 2.22 -34.63
N THR E 230 14.96 1.37 -35.66
CA THR E 230 14.35 1.70 -36.93
C THR E 230 13.25 0.74 -37.34
N VAL E 231 12.71 -0.04 -36.40
CA VAL E 231 11.67 -1.01 -36.75
C VAL E 231 10.39 -0.30 -37.20
N HIS E 232 10.20 0.94 -36.77
CA HIS E 232 9.06 1.75 -37.19
C HIS E 232 9.44 2.76 -38.27
N ALA E 233 10.65 2.70 -38.82
CA ALA E 233 11.07 3.70 -39.79
C ALA E 233 10.25 3.64 -41.07
N LYS E 234 9.95 2.43 -41.56
CA LYS E 234 9.20 2.31 -42.80
C LYS E 234 7.73 2.67 -42.61
N ALA E 235 7.16 2.28 -41.47
CA ALA E 235 5.75 2.55 -41.23
C ALA E 235 5.48 4.05 -41.12
N LEU E 236 6.38 4.79 -40.46
CA LEU E 236 6.18 6.22 -40.29
C LEU E 236 6.25 6.96 -41.63
N LYS E 237 7.11 6.49 -42.54
CA LYS E 237 7.25 7.15 -43.84
C LYS E 237 5.99 7.05 -44.68
N GLU E 238 5.10 6.10 -44.37
CA GLU E 238 3.87 5.97 -45.15
C GLU E 238 2.86 7.06 -44.80
N ARG E 239 3.09 7.80 -43.72
CA ARG E 239 2.12 8.76 -43.21
C ARG E 239 2.60 10.21 -43.26
N MET E 240 3.86 10.44 -43.59
CA MET E 240 4.47 11.77 -43.44
C MET E 240 4.98 12.28 -44.77
N VAL E 241 4.93 13.61 -44.93
CA VAL E 241 5.53 14.32 -46.04
C VAL E 241 6.58 15.26 -45.47
N LYS E 242 7.82 15.16 -45.97
CA LYS E 242 8.96 15.82 -45.38
C LYS E 242 9.39 17.03 -46.21
N LEU E 243 9.69 18.14 -45.53
CA LEU E 243 10.24 19.33 -46.16
C LEU E 243 11.57 19.65 -45.50
N ASN E 244 12.55 20.04 -46.30
CA ASN E 244 13.91 20.31 -45.83
C ASN E 244 14.10 21.82 -45.72
N PHE E 245 14.16 22.32 -44.49
CA PHE E 245 14.36 23.74 -44.22
C PHE E 245 15.83 23.98 -43.87
N THR E 246 16.67 23.98 -44.91
CA THR E 246 18.11 24.02 -44.71
C THR E 246 18.72 25.41 -44.86
N VAL E 247 18.19 26.24 -45.75
CA VAL E 247 18.79 27.52 -46.09
C VAL E 247 18.48 28.51 -44.97
N ARG E 248 19.52 29.17 -44.47
CA ARG E 248 19.34 30.16 -43.41
C ARG E 248 18.53 31.34 -43.92
N CYS E 249 17.62 31.82 -43.07
CA CYS E 249 16.80 32.98 -43.42
C CYS E 249 17.44 34.26 -42.88
N SER E 250 17.00 35.38 -43.45
CA SER E 250 17.44 36.68 -42.95
C SER E 250 16.86 36.91 -41.55
N PRO E 251 17.67 37.37 -40.59
CA PRO E 251 17.15 37.55 -39.22
C PRO E 251 16.00 38.52 -39.11
N ASP E 252 15.84 39.43 -40.08
CA ASP E 252 14.75 40.41 -40.05
C ASP E 252 13.52 39.95 -40.82
N MET E 253 13.37 38.64 -41.04
CA MET E 253 12.16 38.15 -41.69
C MET E 253 10.93 38.39 -40.83
N GLY E 254 11.07 38.24 -39.51
CA GLY E 254 10.00 38.56 -38.60
C GLY E 254 8.93 37.47 -38.51
N LEU E 255 7.90 37.79 -37.73
CA LEU E 255 6.81 36.85 -37.50
C LEU E 255 5.96 36.69 -38.75
N LEU E 256 5.68 35.45 -39.12
CA LEU E 256 4.66 35.19 -40.13
C LEU E 256 3.28 35.35 -39.51
N THR E 257 2.39 36.00 -40.25
CA THR E 257 1.08 36.37 -39.74
C THR E 257 -0.01 35.63 -40.50
N GLU E 258 -1.23 35.76 -39.99
CA GLU E 258 -2.38 35.14 -40.65
C GLU E 258 -2.61 35.72 -42.04
N ALA E 259 -2.44 37.04 -42.19
CA ALA E 259 -2.61 37.66 -43.49
C ALA E 259 -1.64 37.08 -44.51
N ASP E 260 -0.42 36.71 -44.07
CA ASP E 260 0.51 36.04 -44.95
C ASP E 260 -0.01 34.67 -45.36
N VAL E 261 -0.59 33.93 -44.42
CA VAL E 261 -1.08 32.59 -44.72
C VAL E 261 -2.31 32.66 -45.62
N GLN E 262 -3.25 33.55 -45.28
CA GLN E 262 -4.50 33.64 -46.04
C GLN E 262 -4.24 34.09 -47.47
N GLN E 263 -3.37 35.10 -47.65
CA GLN E 263 -3.04 35.58 -48.98
C GLN E 263 -2.36 34.48 -49.79
N TRP E 264 -1.43 33.75 -49.17
CA TRP E 264 -0.69 32.72 -49.89
C TRP E 264 -1.61 31.58 -50.32
N LEU E 265 -2.46 31.10 -49.41
CA LEU E 265 -3.34 29.99 -49.75
C LEU E 265 -4.42 30.39 -50.73
N THR E 266 -4.97 31.61 -50.60
CA THR E 266 -5.98 32.07 -51.55
C THR E 266 -5.40 32.16 -52.96
N TRP E 267 -4.17 32.67 -53.08
CA TRP E 267 -3.53 32.75 -54.38
C TRP E 267 -3.30 31.36 -54.97
N CYS E 268 -2.85 30.41 -54.14
CA CYS E 268 -2.64 29.04 -54.63
C CYS E 268 -3.96 28.39 -55.03
N ASN E 269 -5.02 28.64 -54.28
CA ASN E 269 -6.32 28.08 -54.62
C ASN E 269 -6.85 28.62 -55.94
N ALA E 270 -6.51 29.86 -56.28
CA ALA E 270 -7.02 30.46 -57.51
C ALA E 270 -6.35 29.86 -58.75
N GLN E 271 -5.07 29.52 -58.67
CA GLN E 271 -4.36 29.01 -59.84
C GLN E 271 -4.82 27.59 -60.16
N SER E 272 -4.32 27.08 -61.29
CA SER E 272 -4.65 25.73 -61.71
C SER E 272 -3.91 24.70 -60.86
N TRP E 273 -4.49 23.50 -60.79
CA TRP E 273 -3.93 22.39 -60.02
C TRP E 273 -3.15 21.41 -60.87
N ASP E 274 -2.88 21.75 -62.14
CA ASP E 274 -2.56 20.75 -63.17
C ASP E 274 -1.47 19.78 -62.72
N HIS E 275 -0.41 20.30 -62.08
CA HIS E 275 0.67 19.43 -61.66
C HIS E 275 0.29 18.61 -60.43
N TYR E 276 -0.64 19.13 -59.60
CA TYR E 276 -0.92 18.49 -58.33
C TYR E 276 -1.56 17.12 -58.50
N GLU E 277 -2.48 16.98 -59.47
CA GLU E 277 -3.09 15.67 -59.70
C GLU E 277 -2.05 14.68 -60.21
N ASN E 278 -1.02 15.17 -60.92
CA ASN E 278 0.02 14.28 -61.39
C ASN E 278 0.75 13.63 -60.23
N TRP E 279 1.18 14.44 -59.25
CA TRP E 279 1.84 13.89 -58.07
C TRP E 279 0.85 13.07 -57.25
N ALA E 280 -0.35 13.61 -57.02
CA ALA E 280 -1.31 13.00 -56.09
C ALA E 280 -1.74 11.61 -56.51
N ILE E 281 -1.36 11.13 -57.69
CA ILE E 281 -1.60 9.74 -58.05
C ILE E 281 -0.86 8.81 -57.08
N ASN E 282 0.38 9.16 -56.75
CA ASN E 282 1.15 8.40 -55.76
C ASN E 282 1.98 9.41 -54.97
N TYR E 283 1.60 9.63 -53.72
CA TYR E 283 2.33 10.57 -52.87
C TYR E 283 3.70 10.02 -52.52
N THR E 284 4.71 10.88 -52.59
CA THR E 284 6.06 10.52 -52.18
C THR E 284 6.34 11.01 -50.77
N PHE E 285 7.35 10.42 -50.15
CA PHE E 285 7.76 10.83 -48.81
C PHE E 285 8.37 12.23 -48.83
N ASP E 286 9.46 12.40 -49.57
CA ASP E 286 10.10 13.71 -49.68
C ASP E 286 9.27 14.62 -50.58
N PHE E 287 9.23 15.90 -50.23
CA PHE E 287 8.52 16.87 -51.06
C PHE E 287 9.36 17.21 -52.28
N PRO E 288 8.81 17.12 -53.49
CA PRO E 288 9.60 17.38 -54.68
C PRO E 288 10.08 18.83 -54.76
N GLY E 289 11.22 19.02 -55.42
CA GLY E 289 11.82 20.33 -55.53
C GLY E 289 11.27 21.15 -56.68
N ILE E 290 11.77 22.38 -56.78
CA ILE E 290 11.30 23.31 -57.81
C ILE E 290 11.79 22.87 -59.18
N ASN E 291 10.88 22.89 -60.14
CA ASN E 291 11.24 22.85 -61.56
C ASN E 291 11.20 24.28 -62.08
N ALA E 292 12.33 24.77 -62.58
CA ALA E 292 12.44 26.18 -62.95
C ALA E 292 11.49 26.54 -64.07
N ASP E 293 11.17 25.59 -64.95
CA ASP E 293 10.28 25.87 -66.07
C ASP E 293 8.81 25.79 -65.67
N ALA E 294 8.48 24.97 -64.67
CA ALA E 294 7.10 24.80 -64.25
C ALA E 294 6.65 25.88 -63.27
N LEU E 295 7.53 26.79 -62.88
CA LEU E 295 7.15 27.86 -61.97
C LEU E 295 6.15 28.80 -62.61
N HIS E 296 5.23 29.32 -61.81
CA HIS E 296 4.22 30.23 -62.33
C HIS E 296 4.85 31.58 -62.67
N PRO E 297 4.47 32.19 -63.79
CA PRO E 297 5.09 33.46 -64.19
C PRO E 297 4.94 34.57 -63.16
N ASP E 298 3.88 34.53 -62.35
CA ASP E 298 3.72 35.54 -61.31
C ASP E 298 4.77 35.37 -60.21
N LEU E 299 5.45 34.24 -60.17
CA LEU E 299 6.49 34.00 -59.18
C LEU E 299 7.90 34.15 -59.75
N GLN E 300 8.04 34.17 -61.07
CA GLN E 300 9.34 34.29 -61.71
C GLN E 300 10.07 35.56 -61.30
N VAL F 3 57.32 3.62 -0.22
CA VAL F 3 56.81 2.79 0.87
C VAL F 3 57.32 1.36 0.72
N VAL F 4 57.97 0.86 1.76
CA VAL F 4 58.54 -0.48 1.78
C VAL F 4 57.40 -1.49 1.86
N PRO F 5 57.44 -2.58 1.08
CA PRO F 5 56.43 -3.63 1.22
C PRO F 5 56.55 -4.33 2.56
N PHE F 6 55.44 -4.95 2.97
CA PHE F 6 55.41 -5.64 4.26
C PHE F 6 56.41 -6.79 4.26
N ASN F 7 57.10 -6.96 5.39
CA ASN F 7 58.26 -7.85 5.44
C ASN F 7 57.85 -9.32 5.38
N GLY F 8 56.72 -9.68 6.00
CA GLY F 8 56.37 -11.07 6.19
C GLY F 8 56.24 -11.83 4.88
N LYS F 9 57.00 -12.91 4.72
CA LYS F 9 56.87 -13.76 3.56
C LYS F 9 55.70 -14.74 3.76
N GLY F 10 55.26 -15.33 2.66
CA GLY F 10 54.13 -16.25 2.67
C GLY F 10 54.56 -17.71 2.61
N THR F 11 53.55 -18.56 2.56
CA THR F 11 53.75 -20.01 2.49
C THR F 11 53.66 -20.48 1.04
N LYS F 12 53.82 -21.80 0.85
CA LYS F 12 53.73 -22.37 -0.48
C LYS F 12 52.34 -22.23 -1.07
N ALA F 13 51.31 -22.41 -0.25
CA ALA F 13 49.94 -22.31 -0.74
C ALA F 13 49.62 -20.91 -1.24
N SER F 14 50.06 -19.89 -0.50
CA SER F 14 49.79 -18.52 -0.91
C SER F 14 50.60 -18.12 -2.14
N ILE F 15 51.83 -18.62 -2.26
CA ILE F 15 52.66 -18.30 -3.43
C ILE F 15 52.03 -18.87 -4.69
N LYS F 16 51.51 -20.10 -4.62
CA LYS F 16 50.85 -20.70 -5.77
C LYS F 16 49.62 -19.89 -6.18
N PHE F 17 48.89 -19.36 -5.20
CA PHE F 17 47.76 -18.49 -5.52
C PHE F 17 48.22 -17.23 -6.24
N GLN F 18 49.35 -16.66 -5.79
CA GLN F 18 49.88 -15.46 -6.44
C GLN F 18 50.27 -15.75 -7.88
N THR F 19 50.88 -16.92 -8.13
CA THR F 19 51.21 -17.32 -9.49
C THR F 19 49.96 -17.44 -10.35
N MET F 20 48.88 -18.00 -9.79
CA MET F 20 47.63 -18.13 -10.52
C MET F 20 47.06 -16.76 -10.88
N VAL F 21 47.19 -15.78 -9.99
CA VAL F 21 46.72 -14.43 -10.27
C VAL F 21 47.50 -13.82 -11.43
N ASN F 22 48.82 -13.97 -11.41
CA ASN F 22 49.64 -13.45 -12.50
C ASN F 22 49.37 -14.21 -13.80
N TRP F 23 48.92 -15.47 -13.70
CA TRP F 23 48.58 -16.22 -14.90
C TRP F 23 47.28 -15.73 -15.52
N LEU F 24 46.32 -15.32 -14.70
CA LEU F 24 45.05 -14.83 -15.24
C LEU F 24 45.25 -13.54 -16.04
N CYS F 25 46.10 -12.64 -15.54
CA CYS F 25 46.33 -11.38 -16.24
C CYS F 25 47.02 -11.61 -17.58
N GLU F 26 47.95 -12.56 -17.64
CA GLU F 26 48.69 -12.82 -18.87
C GLU F 26 47.77 -13.28 -19.99
N ASN F 27 46.83 -14.17 -19.69
CA ASN F 27 45.99 -14.79 -20.69
C ASN F 27 44.62 -14.13 -20.82
N ARG F 28 44.44 -12.95 -20.21
CA ARG F 28 43.23 -12.14 -20.38
C ARG F 28 41.97 -12.90 -19.98
N VAL F 29 42.06 -13.69 -18.91
CA VAL F 29 40.92 -14.41 -18.37
C VAL F 29 40.41 -13.60 -17.17
N PHE F 30 39.22 -13.05 -17.29
CA PHE F 30 38.67 -12.18 -16.26
C PHE F 30 37.27 -12.60 -15.80
N THR F 31 36.72 -13.68 -16.37
CA THR F 31 35.41 -14.19 -15.98
C THR F 31 35.48 -15.69 -15.83
N GLU F 32 34.55 -16.24 -15.05
CA GLU F 32 34.51 -17.68 -14.83
C GLU F 32 34.25 -18.43 -16.13
N ASP F 33 33.34 -17.91 -16.97
CA ASP F 33 33.06 -18.54 -18.24
C ASP F 33 34.29 -18.56 -19.14
N LYS F 34 35.04 -17.45 -19.15
CA LYS F 34 36.29 -17.42 -19.91
C LYS F 34 37.30 -18.41 -19.36
N TRP F 35 37.25 -18.66 -18.05
CA TRP F 35 38.18 -19.61 -17.44
C TRP F 35 37.82 -21.05 -17.83
N LYS F 36 36.53 -21.38 -17.84
CA LYS F 36 36.12 -22.73 -18.20
C LYS F 36 36.46 -23.04 -19.66
N LEU F 37 36.20 -22.10 -20.55
CA LEU F 37 36.49 -22.32 -21.97
C LEU F 37 37.98 -22.45 -22.22
N VAL F 38 38.79 -21.64 -21.55
CA VAL F 38 40.23 -21.67 -21.77
C VAL F 38 40.87 -22.86 -21.05
N ASP F 39 40.64 -22.96 -19.74
CA ASP F 39 41.28 -24.00 -18.91
C ASP F 39 40.20 -24.64 -18.02
N PHE F 40 39.57 -25.69 -18.55
CA PHE F 40 38.58 -26.41 -17.75
C PHE F 40 39.24 -27.28 -16.70
N ASN F 41 40.45 -27.76 -16.98
CA ASN F 41 41.12 -28.68 -16.05
C ASN F 41 41.43 -28.02 -14.71
N GLN F 42 42.08 -26.85 -14.74
CA GLN F 42 42.43 -26.19 -13.50
C GLN F 42 41.18 -25.68 -12.77
N TYR F 43 40.16 -25.31 -13.53
CA TYR F 43 38.90 -24.88 -12.91
C TYR F 43 38.24 -26.03 -12.17
N THR F 44 38.26 -27.23 -12.74
CA THR F 44 37.63 -28.38 -12.10
C THR F 44 38.34 -28.75 -10.80
N LEU F 45 39.68 -28.75 -10.82
CA LEU F 45 40.44 -29.13 -9.64
C LEU F 45 40.23 -28.14 -8.49
N LEU F 46 40.17 -26.84 -8.82
CA LEU F 46 39.97 -25.83 -7.78
C LEU F 46 38.61 -25.99 -7.13
N SER F 47 37.58 -26.29 -7.91
CA SER F 47 36.22 -26.40 -7.38
C SER F 47 35.96 -27.72 -6.67
N SER F 48 37.01 -28.47 -6.31
CA SER F 48 36.84 -29.73 -5.61
C SER F 48 36.58 -29.56 -4.11
N SER F 49 36.67 -28.33 -3.60
CA SER F 49 36.52 -28.10 -2.17
C SER F 49 36.05 -26.67 -1.95
N HIS F 50 35.56 -26.42 -0.74
CA HIS F 50 35.09 -25.08 -0.39
C HIS F 50 36.25 -24.10 -0.33
N SER F 51 37.41 -24.53 0.16
CA SER F 51 38.57 -23.65 0.24
C SER F 51 39.19 -23.43 -1.13
N GLY F 52 38.80 -24.23 -2.12
CA GLY F 52 39.30 -24.06 -3.46
C GLY F 52 38.43 -23.15 -4.29
N SER F 53 37.11 -23.35 -4.23
CA SER F 53 36.19 -22.48 -4.96
C SER F 53 36.18 -21.07 -4.42
N PHE F 54 36.72 -20.86 -3.21
CA PHE F 54 36.90 -19.50 -2.72
C PHE F 54 38.02 -18.79 -3.48
N GLN F 55 39.06 -19.53 -3.85
CA GLN F 55 40.18 -18.93 -4.57
C GLN F 55 39.78 -18.50 -5.99
N ILE F 56 38.77 -19.14 -6.56
CA ILE F 56 38.31 -18.76 -7.89
C ILE F 56 37.72 -17.35 -7.87
N GLN F 57 36.89 -17.08 -6.87
CA GLN F 57 36.32 -15.73 -6.73
C GLN F 57 37.38 -14.72 -6.33
N SER F 58 38.29 -15.10 -5.44
CA SER F 58 39.28 -14.16 -4.94
C SER F 58 40.32 -13.82 -6.00
N ALA F 59 40.67 -14.77 -6.85
CA ALA F 59 41.70 -14.52 -7.86
C ALA F 59 41.18 -13.61 -8.97
N LEU F 60 39.95 -13.85 -9.43
CA LEU F 60 39.41 -13.07 -10.53
C LEU F 60 39.23 -11.60 -10.14
N LYS F 61 38.86 -11.34 -8.89
CA LYS F 61 38.73 -9.95 -8.45
C LYS F 61 40.07 -9.24 -8.45
N LEU F 62 41.14 -9.94 -8.05
CA LEU F 62 42.46 -9.34 -8.08
C LEU F 62 42.99 -9.26 -9.51
N ALA F 63 42.66 -10.24 -10.35
CA ALA F 63 43.11 -10.23 -11.73
C ALA F 63 42.47 -9.06 -12.50
N ILE F 64 41.19 -8.81 -12.27
CA ILE F 64 40.52 -7.67 -12.91
C ILE F 64 41.14 -6.37 -12.44
N TYR F 65 41.40 -6.25 -11.13
CA TYR F 65 41.94 -5.02 -10.58
C TYR F 65 43.34 -4.74 -11.12
N LYS F 66 44.16 -5.78 -11.25
CA LYS F 66 45.52 -5.59 -11.75
C LYS F 66 45.52 -5.06 -13.19
N ALA F 67 44.65 -5.58 -14.03
CA ALA F 67 44.63 -5.20 -15.43
C ALA F 67 43.97 -3.86 -15.68
N THR F 68 43.34 -3.29 -14.67
CA THR F 68 42.61 -2.02 -14.82
C THR F 68 43.25 -0.85 -14.10
N ASN F 69 43.63 -1.03 -12.84
CA ASN F 69 44.13 0.07 -12.01
C ASN F 69 45.64 0.14 -11.91
N LEU F 70 46.33 -0.99 -11.84
CA LEU F 70 47.77 -0.99 -11.66
C LEU F 70 48.54 -0.84 -12.96
N VAL F 71 47.98 -1.31 -14.07
CA VAL F 71 48.67 -1.37 -15.35
C VAL F 71 47.95 -0.44 -16.33
N PRO F 72 48.66 0.41 -17.06
CA PRO F 72 47.99 1.25 -18.07
C PRO F 72 47.33 0.38 -19.13
N THR F 73 46.18 0.86 -19.62
CA THR F 73 45.41 0.09 -20.58
C THR F 73 46.13 -0.02 -21.92
N SER F 74 46.95 0.98 -22.26
CA SER F 74 47.63 0.99 -23.55
C SER F 74 48.58 -0.20 -23.69
N THR F 75 49.13 -0.72 -22.59
CA THR F 75 50.02 -1.85 -22.67
C THR F 75 49.32 -3.11 -23.15
N PHE F 76 48.01 -3.23 -22.93
CA PHE F 76 47.24 -4.33 -23.49
C PHE F 76 46.79 -4.06 -24.92
N LEU F 77 46.89 -2.80 -25.37
CA LEU F 77 46.55 -2.47 -26.75
C LEU F 77 47.71 -2.69 -27.70
N LEU F 78 48.94 -2.59 -27.22
CA LEU F 78 50.12 -2.73 -28.06
C LEU F 78 50.50 -4.20 -28.25
N CYS F 87 52.42 -4.70 -44.37
CA CYS F 87 52.27 -3.39 -44.98
C CYS F 87 51.33 -2.51 -44.15
N ILE F 88 51.75 -1.28 -43.88
CA ILE F 88 50.92 -0.36 -43.11
C ILE F 88 49.66 0.00 -43.89
N LYS F 89 49.79 0.24 -45.20
CA LYS F 89 48.62 0.58 -46.01
C LYS F 89 47.61 -0.55 -46.07
N ASP F 90 48.09 -1.79 -46.00
CA ASP F 90 47.24 -2.96 -46.18
C ASP F 90 46.17 -3.05 -45.09
N ASN F 91 46.45 -2.54 -43.89
CA ASN F 91 45.55 -2.71 -42.75
C ASN F 91 44.15 -2.20 -43.06
N LYS F 92 43.15 -2.95 -42.60
CA LYS F 92 41.76 -2.57 -42.86
C LYS F 92 41.41 -1.25 -42.18
N ILE F 93 41.87 -1.05 -40.95
CA ILE F 93 41.49 0.13 -40.19
C ILE F 93 42.03 1.40 -40.86
N VAL F 94 43.28 1.38 -41.31
CA VAL F 94 43.86 2.56 -41.93
C VAL F 94 43.15 2.87 -43.25
N LYS F 95 42.67 1.83 -43.94
CA LYS F 95 41.81 2.07 -45.10
C LYS F 95 40.50 2.70 -44.68
N LEU F 96 39.94 2.24 -43.56
CA LEU F 96 38.69 2.81 -43.05
C LEU F 96 38.86 4.28 -42.69
N LEU F 97 39.95 4.61 -41.99
CA LEU F 97 40.17 6.00 -41.58
C LEU F 97 40.46 6.89 -42.77
N LEU F 98 41.24 6.40 -43.73
CA LEU F 98 41.56 7.21 -44.92
C LEU F 98 40.32 7.43 -45.77
N CYS F 99 39.47 6.41 -45.89
CA CYS F 99 38.24 6.57 -46.66
C CYS F 99 37.32 7.63 -46.07
N GLN F 100 37.34 7.79 -44.75
CA GLN F 100 36.58 8.84 -44.09
C GLN F 100 37.31 10.18 -44.07
N ASN F 101 38.50 10.25 -44.67
CA ASN F 101 39.30 11.48 -44.75
C ASN F 101 39.70 11.96 -43.35
N TYR F 102 40.28 11.05 -42.58
CA TYR F 102 40.83 11.37 -41.26
C TYR F 102 42.25 10.85 -41.18
N ASP F 103 43.13 11.64 -40.58
CA ASP F 103 44.55 11.29 -40.51
C ASP F 103 44.74 10.07 -39.62
N PRO F 104 45.15 8.92 -40.17
CA PRO F 104 45.28 7.72 -39.33
C PRO F 104 46.29 7.87 -38.21
N LEU F 105 47.39 8.59 -38.43
CA LEU F 105 48.38 8.78 -37.38
C LEU F 105 47.81 9.62 -36.25
N LEU F 106 47.06 10.68 -36.58
CA LEU F 106 46.48 11.52 -35.56
C LEU F 106 45.42 10.77 -34.74
N VAL F 107 44.60 9.96 -35.41
CA VAL F 107 43.56 9.21 -34.71
C VAL F 107 44.19 8.19 -33.78
N GLY F 108 45.16 7.41 -34.28
CA GLY F 108 45.81 6.41 -33.46
C GLY F 108 46.55 7.00 -32.27
N GLN F 109 47.16 8.17 -32.46
CA GLN F 109 47.86 8.81 -31.34
C GLN F 109 46.88 9.37 -30.33
N HIS F 110 45.68 9.74 -30.76
CA HIS F 110 44.66 10.21 -29.84
C HIS F 110 44.12 9.07 -28.99
N VAL F 111 43.91 7.91 -29.61
CA VAL F 111 43.32 6.77 -28.91
C VAL F 111 44.21 6.32 -27.76
N LEU F 112 45.53 6.26 -28.00
CA LEU F 112 46.45 5.83 -26.95
C LEU F 112 46.40 6.77 -25.75
N LYS F 113 46.37 8.08 -26.02
CA LYS F 113 46.23 9.05 -24.94
C LYS F 113 44.83 9.05 -24.34
N TRP F 114 43.80 8.78 -25.14
CA TRP F 114 42.44 8.77 -24.64
C TRP F 114 42.18 7.54 -23.77
N ILE F 115 42.65 6.38 -24.21
CA ILE F 115 42.41 5.15 -23.45
C ILE F 115 43.16 5.15 -22.13
N ASP F 116 44.15 6.02 -21.97
CA ASP F 116 44.91 6.14 -20.74
C ASP F 116 44.38 7.22 -19.82
N LYS F 117 43.20 7.77 -20.12
CA LYS F 117 42.55 8.80 -19.31
C LYS F 117 43.42 10.04 -19.12
N LYS F 118 44.17 10.42 -20.16
CA LYS F 118 45.07 11.56 -20.08
C LYS F 118 44.62 12.74 -20.93
N CYS F 119 43.42 12.69 -21.51
CA CYS F 119 42.92 13.82 -22.30
C CYS F 119 42.23 14.88 -21.46
N GLY F 120 42.42 14.87 -20.14
CA GLY F 120 41.80 15.88 -19.31
C GLY F 120 40.30 15.66 -19.22
N LYS F 121 39.53 16.65 -19.67
CA LYS F 121 38.08 16.57 -19.58
C LYS F 121 37.47 15.79 -20.73
N LYS F 122 38.14 15.72 -21.87
CA LYS F 122 37.59 15.07 -23.06
C LYS F 122 37.84 13.56 -23.01
N ASN F 123 37.14 12.91 -22.10
CA ASN F 123 37.27 11.48 -21.89
C ASN F 123 36.49 10.65 -22.90
N THR F 124 35.60 11.27 -23.68
CA THR F 124 34.64 10.55 -24.50
C THR F 124 34.93 10.75 -25.98
N LEU F 125 34.99 9.65 -26.72
CA LEU F 125 34.99 9.70 -28.18
C LEU F 125 33.56 9.58 -28.70
N TRP F 126 33.36 10.02 -29.94
CA TRP F 126 32.03 9.99 -30.54
C TRP F 126 32.16 9.68 -32.04
N PHE F 127 31.43 8.68 -32.49
CA PHE F 127 31.36 8.31 -33.90
C PHE F 127 29.97 8.66 -34.42
N TYR F 128 29.92 9.46 -35.49
CA TYR F 128 28.68 9.95 -36.04
C TYR F 128 28.68 9.77 -37.55
N GLY F 129 27.48 9.57 -38.11
CA GLY F 129 27.34 9.44 -39.54
C GLY F 129 26.20 8.54 -39.94
N PRO F 130 26.01 8.36 -41.25
CA PRO F 130 24.91 7.53 -41.76
C PRO F 130 25.10 6.07 -41.36
N PRO F 131 24.04 5.26 -41.45
CA PRO F 131 24.17 3.85 -41.09
C PRO F 131 25.08 3.09 -42.05
N SER F 132 25.62 1.98 -41.55
CA SER F 132 26.46 1.06 -42.34
C SER F 132 27.74 1.75 -42.83
N THR F 133 28.31 2.63 -42.02
CA THR F 133 29.58 3.26 -42.34
C THR F 133 30.71 2.79 -41.43
N GLY F 134 30.51 1.71 -40.68
CA GLY F 134 31.55 1.16 -39.84
C GLY F 134 31.72 1.80 -38.48
N LYS F 135 30.70 2.49 -37.97
CA LYS F 135 30.81 3.13 -36.67
C LYS F 135 30.94 2.10 -35.55
N THR F 136 30.05 1.12 -35.53
CA THR F 136 30.11 0.11 -34.48
C THR F 136 31.24 -0.88 -34.73
N ASN F 137 31.59 -1.13 -35.99
CA ASN F 137 32.65 -2.09 -36.30
C ASN F 137 33.98 -1.64 -35.71
N LEU F 138 34.30 -0.35 -35.81
CA LEU F 138 35.54 0.14 -35.23
C LEU F 138 35.45 0.20 -33.71
N ALA F 139 34.28 0.53 -33.17
CA ALA F 139 34.12 0.60 -31.72
C ALA F 139 34.35 -0.75 -31.08
N MET F 140 33.78 -1.81 -31.66
CA MET F 140 33.97 -3.16 -31.11
C MET F 140 35.41 -3.62 -31.23
N ALA F 141 36.10 -3.22 -32.30
CA ALA F 141 37.49 -3.63 -32.47
C ALA F 141 38.37 -3.10 -31.34
N ILE F 142 38.20 -1.82 -30.99
CA ILE F 142 38.92 -1.27 -29.84
C ILE F 142 38.39 -1.86 -28.55
N ALA F 143 37.07 -2.05 -28.46
CA ALA F 143 36.48 -2.58 -27.23
C ALA F 143 36.90 -4.01 -26.96
N LYS F 144 37.18 -4.77 -28.02
CA LYS F 144 37.58 -6.16 -27.83
C LYS F 144 39.05 -6.30 -27.46
N SER F 145 39.85 -5.26 -27.65
CA SER F 145 41.28 -5.34 -27.34
C SER F 145 41.61 -4.97 -25.91
N VAL F 146 40.77 -4.16 -25.26
CA VAL F 146 41.01 -3.76 -23.88
C VAL F 146 40.77 -4.97 -22.97
N PRO F 147 41.29 -4.98 -21.75
CA PRO F 147 41.05 -6.14 -20.87
C PRO F 147 39.58 -6.40 -20.61
N VAL F 148 38.86 -5.44 -20.04
CA VAL F 148 37.45 -5.58 -19.72
C VAL F 148 36.70 -4.38 -20.27
N TYR F 149 35.57 -4.64 -20.92
CA TYR F 149 34.74 -3.58 -21.46
C TYR F 149 33.29 -3.84 -21.09
N GLY F 150 32.57 -2.75 -20.81
CA GLY F 150 31.15 -2.80 -20.53
C GLY F 150 30.36 -1.98 -21.54
N MET F 151 29.06 -2.21 -21.55
CA MET F 151 28.18 -1.54 -22.50
C MET F 151 26.98 -0.95 -21.77
N VAL F 152 26.58 0.25 -22.17
CA VAL F 152 25.42 0.89 -21.57
C VAL F 152 24.15 0.11 -21.92
N ASN F 153 24.15 -0.58 -23.05
CA ASN F 153 23.00 -1.38 -23.45
C ASN F 153 22.71 -2.50 -22.46
N TRP F 154 23.75 -3.15 -21.94
CA TRP F 154 23.57 -4.26 -21.01
C TRP F 154 22.91 -3.83 -19.71
N ASN F 155 23.25 -2.63 -19.21
CA ASN F 155 22.78 -2.19 -17.91
C ASN F 155 21.27 -1.91 -17.94
N ASN F 156 20.72 -1.70 -16.74
CA ASN F 156 19.29 -1.47 -16.60
C ASN F 156 18.87 -0.19 -17.30
N GLU F 157 17.63 -0.18 -17.81
CA GLU F 157 17.15 0.95 -18.60
C GLU F 157 17.13 2.24 -17.79
N ASN F 158 16.63 2.19 -16.56
CA ASN F 158 16.53 3.38 -15.72
C ASN F 158 17.78 3.63 -14.88
N PHE F 159 18.71 2.68 -14.85
CA PHE F 159 19.99 2.85 -14.15
C PHE F 159 21.10 2.40 -15.07
N PRO F 160 21.45 3.23 -16.07
CA PRO F 160 22.36 2.75 -17.12
C PRO F 160 23.83 2.75 -16.74
N PHE F 161 24.23 3.50 -15.72
CA PHE F 161 25.65 3.68 -15.41
C PHE F 161 26.10 2.89 -14.18
N ASN F 162 25.34 1.89 -13.75
CA ASN F 162 25.85 0.99 -12.72
C ASN F 162 26.86 0.03 -13.34
N ASP F 163 27.67 -0.60 -12.48
CA ASP F 163 28.71 -1.52 -12.91
C ASP F 163 29.69 -0.86 -13.87
N VAL F 164 29.99 0.41 -13.64
CA VAL F 164 30.92 1.10 -14.52
C VAL F 164 32.35 1.01 -13.98
N ALA F 165 32.51 0.77 -12.68
CA ALA F 165 33.83 0.54 -12.13
C ALA F 165 34.34 -0.83 -12.55
N GLY F 166 35.67 -0.96 -12.59
CA GLY F 166 36.30 -2.19 -13.01
C GLY F 166 36.36 -2.41 -14.51
N LYS F 167 35.85 -1.46 -15.30
CA LYS F 167 35.90 -1.56 -16.74
C LYS F 167 37.02 -0.69 -17.30
N SER F 168 37.64 -1.18 -18.38
CA SER F 168 38.63 -0.38 -19.09
C SER F 168 38.02 0.50 -20.17
N LEU F 169 36.75 0.30 -20.50
CA LEU F 169 36.08 1.07 -21.54
C LEU F 169 34.58 0.78 -21.47
N VAL F 170 33.79 1.81 -21.71
CA VAL F 170 32.33 1.71 -21.72
C VAL F 170 31.82 2.13 -23.09
N VAL F 171 31.01 1.28 -23.70
CA VAL F 171 30.49 1.52 -25.05
C VAL F 171 29.02 1.88 -24.94
N TRP F 172 28.61 2.92 -25.69
CA TRP F 172 27.23 3.39 -25.72
C TRP F 172 26.79 3.41 -27.19
N ASP F 173 26.28 2.28 -27.66
CA ASP F 173 25.91 2.13 -29.06
C ASP F 173 24.51 2.68 -29.30
N GLU F 174 24.36 3.45 -30.38
CA GLU F 174 23.08 4.05 -30.75
C GLU F 174 22.52 4.89 -29.61
N GLY F 175 23.40 5.56 -28.87
CA GLY F 175 22.99 6.16 -27.61
C GLY F 175 22.20 7.44 -27.82
N ILE F 176 21.29 7.69 -26.87
CA ILE F 176 20.57 8.96 -26.76
C ILE F 176 20.57 9.36 -25.29
N ILE F 177 20.81 10.65 -25.03
CA ILE F 177 20.89 11.16 -23.67
C ILE F 177 19.53 11.69 -23.25
N LYS F 178 18.95 11.10 -22.21
CA LYS F 178 17.68 11.56 -21.67
C LYS F 178 17.90 12.57 -20.54
N SER F 179 16.90 13.42 -20.34
CA SER F 179 17.00 14.42 -19.28
C SER F 179 17.00 13.80 -17.89
N THR F 180 16.48 12.58 -17.74
CA THR F 180 16.49 11.92 -16.45
C THR F 180 17.89 11.43 -16.06
N ILE F 181 18.76 11.21 -17.04
CA ILE F 181 20.12 10.76 -16.78
C ILE F 181 21.17 11.73 -17.30
N VAL F 182 20.77 12.93 -17.75
CA VAL F 182 21.74 13.85 -18.35
C VAL F 182 22.74 14.33 -17.32
N GLU F 183 22.31 14.52 -16.07
CA GLU F 183 23.22 14.94 -15.02
C GLU F 183 24.15 13.82 -14.57
N ALA F 184 23.71 12.57 -14.65
CA ALA F 184 24.60 11.44 -14.36
C ALA F 184 25.55 11.19 -15.51
N ALA F 185 25.08 11.42 -16.76
CA ALA F 185 25.92 11.19 -17.92
C ALA F 185 27.09 12.15 -17.96
N LYS F 186 26.87 13.41 -17.57
CA LYS F 186 27.92 14.41 -17.67
C LYS F 186 29.14 14.04 -16.83
N ALA F 187 28.90 13.39 -15.68
CA ALA F 187 30.02 12.98 -14.84
C ALA F 187 30.87 11.90 -15.51
N ILE F 188 30.21 10.85 -16.02
CA ILE F 188 30.96 9.74 -16.60
C ILE F 188 31.58 10.14 -17.93
N LEU F 189 30.91 11.03 -18.67
CA LEU F 189 31.48 11.49 -19.94
C LEU F 189 32.75 12.30 -19.74
N GLY F 190 32.79 13.11 -18.68
CA GLY F 190 33.96 13.91 -18.38
C GLY F 190 35.06 13.19 -17.64
N GLY F 191 34.86 11.91 -17.31
CA GLY F 191 35.85 11.17 -16.56
C GLY F 191 35.83 11.39 -15.07
N GLN F 192 34.87 12.15 -14.56
CA GLN F 192 34.78 12.40 -13.13
C GLN F 192 34.33 11.14 -12.40
N PRO F 193 35.05 10.74 -11.35
CA PRO F 193 34.64 9.58 -10.56
C PRO F 193 33.27 9.79 -9.92
N THR F 194 32.51 8.71 -9.85
CA THR F 194 31.16 8.76 -9.34
C THR F 194 31.16 8.95 -7.82
N ARG F 195 30.05 9.51 -7.32
CA ARG F 195 29.98 9.89 -5.91
C ARG F 195 30.12 8.67 -5.00
N VAL F 196 29.50 7.55 -5.38
CA VAL F 196 29.64 6.32 -4.61
C VAL F 196 31.08 5.84 -4.63
N ASP F 197 31.74 5.94 -5.79
CA ASP F 197 33.14 5.52 -5.88
C ASP F 197 34.03 6.31 -4.94
N GLN F 198 33.66 7.57 -4.67
CA GLN F 198 34.44 8.39 -3.74
C GLN F 198 34.34 7.84 -2.32
N LYS F 199 33.13 7.58 -1.84
CA LYS F 199 32.93 7.19 -0.45
C LYS F 199 33.34 5.75 -0.17
N MET F 200 33.43 4.90 -1.20
CA MET F 200 33.94 3.54 -1.04
C MET F 200 35.40 3.43 -1.47
N ARG F 201 36.18 4.49 -1.29
CA ARG F 201 37.60 4.48 -1.63
C ARG F 201 38.39 5.41 -0.72
N PRO F 207 36.87 5.35 -10.83
CA PRO F 207 37.83 6.45 -10.85
C PRO F 207 38.02 7.06 -12.24
N GLY F 208 36.99 6.95 -13.08
CA GLY F 208 37.07 7.45 -14.43
C GLY F 208 37.36 6.36 -15.44
N VAL F 209 36.51 6.26 -16.47
CA VAL F 209 36.67 5.25 -17.51
C VAL F 209 36.43 5.89 -18.86
N PRO F 210 37.21 5.54 -19.90
CA PRO F 210 36.91 6.05 -21.23
C PRO F 210 35.57 5.57 -21.73
N VAL F 211 34.91 6.42 -22.52
CA VAL F 211 33.60 6.12 -23.08
C VAL F 211 33.65 6.37 -24.58
N VAL F 212 33.01 5.50 -25.35
CA VAL F 212 32.88 5.67 -26.79
C VAL F 212 31.40 5.57 -27.16
N ILE F 213 30.90 6.55 -27.90
CA ILE F 213 29.50 6.62 -28.28
C ILE F 213 29.39 6.60 -29.80
N THR F 214 28.56 5.69 -30.32
CA THR F 214 28.27 5.61 -31.74
C THR F 214 26.77 5.82 -31.93
N SER F 215 26.39 6.76 -32.79
CA SER F 215 24.98 7.07 -32.98
C SER F 215 24.76 7.64 -34.38
N ASN F 216 23.59 7.34 -34.93
CA ASN F 216 23.21 7.90 -36.22
C ASN F 216 22.72 9.34 -36.11
N GLY F 217 22.48 9.82 -34.89
CA GLY F 217 21.97 11.16 -34.70
C GLY F 217 22.85 12.03 -33.82
N ASP F 218 22.56 13.32 -33.79
CA ASP F 218 23.32 14.27 -32.98
C ASP F 218 22.94 14.09 -31.52
N ILE F 219 23.78 13.40 -30.76
CA ILE F 219 23.51 13.14 -29.35
C ILE F 219 23.58 14.40 -28.49
N THR F 220 24.09 15.50 -29.05
CA THR F 220 24.07 16.77 -28.32
C THR F 220 22.65 17.24 -28.04
N PHE F 221 21.67 16.73 -28.78
CA PHE F 221 20.26 17.04 -28.54
C PHE F 221 19.74 16.12 -27.45
N VAL F 222 19.38 16.68 -26.30
CA VAL F 222 18.95 15.90 -25.15
C VAL F 222 17.44 15.76 -25.16
N VAL F 223 16.96 14.53 -25.00
CA VAL F 223 15.52 14.28 -24.98
C VAL F 223 14.96 14.62 -23.61
N SER F 224 13.83 15.33 -23.58
CA SER F 224 13.13 15.65 -22.34
C SER F 224 11.64 15.53 -22.62
N GLY F 225 11.06 14.40 -22.19
CA GLY F 225 9.66 14.14 -22.54
C GLY F 225 9.52 13.90 -24.03
N ASN F 226 8.43 14.41 -24.59
CA ASN F 226 8.24 14.38 -26.04
C ASN F 226 8.78 15.64 -26.72
N THR F 227 10.03 16.00 -26.43
CA THR F 227 10.59 17.27 -26.89
C THR F 227 12.09 17.24 -26.65
N THR F 228 12.83 17.84 -27.58
CA THR F 228 14.27 17.96 -27.50
C THR F 228 14.67 19.33 -26.97
N THR F 229 15.64 19.34 -26.06
CA THR F 229 16.14 20.57 -25.47
C THR F 229 17.65 20.68 -25.67
N THR F 230 18.12 21.91 -25.88
CA THR F 230 19.53 22.16 -26.15
C THR F 230 20.25 22.87 -25.01
N VAL F 231 19.64 22.93 -23.81
CA VAL F 231 20.25 23.65 -22.70
C VAL F 231 21.55 22.99 -22.28
N HIS F 232 21.69 21.67 -22.51
CA HIS F 232 22.89 20.94 -22.13
C HIS F 232 23.92 20.86 -23.24
N ALA F 233 23.70 21.53 -24.37
CA ALA F 233 24.57 21.36 -25.52
C ALA F 233 26.00 21.79 -25.24
N LYS F 234 26.18 22.95 -24.60
CA LYS F 234 27.53 23.48 -24.42
C LYS F 234 28.36 22.62 -23.49
N ALA F 235 27.74 22.13 -22.40
CA ALA F 235 28.48 21.31 -21.45
C ALA F 235 28.95 19.99 -22.06
N LEU F 236 28.09 19.35 -22.87
CA LEU F 236 28.46 18.08 -23.48
C LEU F 236 29.59 18.25 -24.50
N LYS F 237 29.63 19.39 -25.17
CA LYS F 237 30.67 19.61 -26.17
C LYS F 237 32.05 19.75 -25.53
N GLU F 238 32.11 20.11 -24.26
CA GLU F 238 33.40 20.26 -23.58
C GLU F 238 34.07 18.90 -23.36
N ARG F 239 33.31 17.81 -23.39
CA ARG F 239 33.82 16.51 -23.02
C ARG F 239 33.94 15.54 -24.18
N MET F 240 33.49 15.90 -25.37
CA MET F 240 33.41 14.96 -26.48
C MET F 240 34.48 15.26 -27.53
N VAL F 241 34.78 14.24 -28.33
CA VAL F 241 35.58 14.37 -29.54
C VAL F 241 34.83 13.65 -30.65
N LYS F 242 34.59 14.35 -31.76
CA LYS F 242 33.65 13.89 -32.78
C LYS F 242 34.39 13.47 -34.04
N LEU F 243 33.96 12.34 -34.61
CA LEU F 243 34.47 11.84 -35.87
C LEU F 243 33.30 11.56 -36.80
N ASN F 244 33.35 12.12 -38.01
CA ASN F 244 32.27 11.98 -38.98
C ASN F 244 32.58 10.79 -39.90
N PHE F 245 31.76 9.75 -39.80
CA PHE F 245 31.87 8.59 -40.70
C PHE F 245 30.83 8.72 -41.81
N THR F 246 31.13 9.61 -42.74
CA THR F 246 30.14 9.99 -43.75
C THR F 246 30.13 9.06 -44.95
N VAL F 247 31.29 8.56 -45.37
CA VAL F 247 31.42 7.79 -46.60
C VAL F 247 31.13 6.33 -46.31
N ARG F 248 30.26 5.72 -47.11
CA ARG F 248 29.99 4.30 -46.98
C ARG F 248 31.20 3.50 -47.40
N CYS F 249 31.46 2.40 -46.71
CA CYS F 249 32.64 1.59 -46.96
C CYS F 249 32.33 0.46 -47.93
N SER F 250 33.34 -0.39 -48.14
CA SER F 250 33.16 -1.54 -49.02
C SER F 250 32.16 -2.52 -48.39
N PRO F 251 31.32 -3.17 -49.20
CA PRO F 251 30.38 -4.15 -48.65
C PRO F 251 31.04 -5.35 -47.99
N ASP F 252 32.31 -5.63 -48.33
CA ASP F 252 33.03 -6.78 -47.78
C ASP F 252 34.12 -6.38 -46.81
N MET F 253 33.94 -5.28 -46.06
CA MET F 253 34.94 -4.85 -45.11
C MET F 253 35.19 -5.92 -44.04
N GLY F 254 34.13 -6.57 -43.57
CA GLY F 254 34.31 -7.64 -42.62
C GLY F 254 34.49 -7.16 -41.20
N LEU F 255 34.62 -8.15 -40.31
CA LEU F 255 34.79 -7.86 -38.88
C LEU F 255 36.22 -7.44 -38.61
N LEU F 256 36.39 -6.23 -38.06
CA LEU F 256 37.70 -5.81 -37.60
C LEU F 256 38.05 -6.52 -36.30
N THR F 257 39.30 -6.98 -36.21
CA THR F 257 39.70 -7.88 -35.15
C THR F 257 40.72 -7.20 -34.24
N GLU F 258 41.08 -7.93 -33.18
CA GLU F 258 42.08 -7.43 -32.23
C GLU F 258 43.44 -7.24 -32.89
N ALA F 259 43.76 -8.08 -33.87
CA ALA F 259 45.06 -7.99 -34.53
C ALA F 259 45.22 -6.66 -35.27
N ASP F 260 44.16 -6.22 -35.95
CA ASP F 260 44.24 -4.97 -36.70
C ASP F 260 44.46 -3.78 -35.78
N VAL F 261 43.78 -3.76 -34.63
CA VAL F 261 43.96 -2.67 -33.68
C VAL F 261 45.38 -2.68 -33.12
N GLN F 262 45.88 -3.87 -32.77
CA GLN F 262 47.23 -3.97 -32.23
C GLN F 262 48.27 -3.53 -33.25
N GLN F 263 48.08 -3.92 -34.52
CA GLN F 263 48.99 -3.48 -35.57
C GLN F 263 48.92 -1.97 -35.77
N TRP F 264 47.71 -1.42 -35.78
CA TRP F 264 47.53 -0.01 -36.14
C TRP F 264 48.06 0.91 -35.05
N LEU F 265 47.72 0.63 -33.79
CA LEU F 265 48.18 1.50 -32.70
C LEU F 265 49.68 1.40 -32.50
N THR F 266 50.25 0.20 -32.68
CA THR F 266 51.70 0.04 -32.51
C THR F 266 52.46 0.89 -33.52
N TRP F 267 52.01 0.91 -34.78
CA TRP F 267 52.64 1.76 -35.77
C TRP F 267 52.47 3.22 -35.43
N CYS F 268 51.28 3.61 -34.96
CA CYS F 268 51.05 5.02 -34.60
C CYS F 268 51.91 5.43 -33.42
N ASN F 269 52.12 4.51 -32.47
CA ASN F 269 52.97 4.82 -31.32
C ASN F 269 54.41 5.06 -31.74
N ALA F 270 54.90 4.28 -32.71
CA ALA F 270 56.30 4.35 -33.10
C ALA F 270 56.66 5.68 -33.76
N GLN F 271 55.79 6.23 -34.59
CA GLN F 271 56.10 7.44 -35.33
C GLN F 271 56.18 8.65 -34.40
N SER F 272 56.49 9.80 -34.99
CA SER F 272 56.70 11.01 -34.20
C SER F 272 55.43 11.45 -33.50
N TRP F 273 55.59 12.03 -32.31
CA TRP F 273 54.48 12.52 -31.52
C TRP F 273 54.39 14.04 -31.50
N ASP F 274 55.29 14.74 -32.20
CA ASP F 274 55.29 16.20 -32.16
C ASP F 274 54.03 16.78 -32.79
N HIS F 275 53.54 16.15 -33.85
CA HIS F 275 52.34 16.65 -34.53
C HIS F 275 51.14 16.64 -33.62
N TYR F 276 50.98 15.57 -32.83
CA TYR F 276 49.80 15.43 -31.97
C TYR F 276 49.81 16.48 -30.85
N GLU F 277 50.98 16.71 -30.24
CA GLU F 277 51.04 17.61 -29.09
C GLU F 277 50.70 19.06 -29.45
N ASN F 278 50.86 19.44 -30.71
CA ASN F 278 50.37 20.75 -31.15
C ASN F 278 48.86 20.84 -31.00
N TRP F 279 48.16 19.78 -31.41
CA TRP F 279 46.71 19.73 -31.26
C TRP F 279 46.31 19.50 -29.81
N ALA F 280 47.16 18.81 -29.04
CA ALA F 280 46.86 18.55 -27.64
C ALA F 280 46.87 19.81 -26.78
N ILE F 281 47.49 20.90 -27.23
CA ILE F 281 47.53 22.12 -26.43
C ILE F 281 46.13 22.66 -26.21
N ASN F 282 45.32 22.71 -27.27
CA ASN F 282 43.92 23.10 -27.14
C ASN F 282 43.06 22.08 -27.90
N TYR F 283 42.26 21.35 -27.15
CA TYR F 283 41.41 20.32 -27.76
C TYR F 283 40.24 20.97 -28.48
N THR F 284 39.92 20.45 -29.66
CA THR F 284 38.82 20.96 -30.47
C THR F 284 37.69 19.94 -30.53
N PHE F 285 36.46 20.43 -30.52
CA PHE F 285 35.30 19.55 -30.50
C PHE F 285 35.25 18.70 -31.77
N ASP F 286 35.61 19.28 -32.91
CA ASP F 286 35.63 18.55 -34.17
C ASP F 286 37.06 18.09 -34.46
N PHE F 287 37.20 16.83 -34.85
CA PHE F 287 38.53 16.27 -35.11
C PHE F 287 39.00 16.68 -36.50
N PRO F 288 40.20 17.24 -36.63
CA PRO F 288 40.67 17.71 -37.94
C PRO F 288 40.90 16.57 -38.91
N GLY F 289 40.75 16.88 -40.19
CA GLY F 289 40.96 15.91 -41.26
C GLY F 289 42.42 15.84 -41.71
N ILE F 290 42.61 15.15 -42.83
CA ILE F 290 43.96 14.96 -43.37
C ILE F 290 44.43 16.23 -44.05
N ASN F 291 45.73 16.48 -43.99
CA ASN F 291 46.41 17.43 -44.85
C ASN F 291 47.33 16.63 -45.77
N ALA F 292 47.23 16.87 -47.07
CA ALA F 292 47.92 16.04 -48.05
C ALA F 292 49.43 16.10 -47.89
N ASP F 293 49.97 17.16 -47.28
CA ASP F 293 51.40 17.25 -47.04
C ASP F 293 51.79 16.88 -45.62
N ALA F 294 50.89 17.05 -44.65
CA ALA F 294 51.18 16.66 -43.28
C ALA F 294 51.08 15.14 -43.09
N LEU F 295 50.48 14.44 -44.06
CA LEU F 295 50.40 12.99 -43.98
C LEU F 295 51.78 12.36 -43.98
N HIS F 296 51.97 11.36 -43.13
CA HIS F 296 53.29 10.77 -42.98
C HIS F 296 53.62 9.94 -44.22
N PRO F 297 54.90 9.88 -44.63
CA PRO F 297 55.22 9.31 -45.95
C PRO F 297 54.80 7.87 -46.16
N ASP F 298 54.56 7.10 -45.09
CA ASP F 298 54.12 5.71 -45.29
C ASP F 298 52.73 5.63 -45.91
N LEU F 299 51.97 6.72 -45.89
CA LEU F 299 50.61 6.73 -46.40
C LEU F 299 50.38 7.69 -47.56
N GLN F 300 51.36 8.51 -47.92
CA GLN F 300 51.21 9.42 -49.04
C GLN F 300 51.26 8.68 -50.37
N VAL G 3 45.43 0.85 35.01
CA VAL G 3 44.89 -0.48 34.83
C VAL G 3 45.90 -1.38 34.12
N VAL G 4 46.21 -2.51 34.74
CA VAL G 4 47.26 -3.41 34.23
C VAL G 4 46.75 -4.12 32.99
N PRO G 5 47.58 -4.32 31.97
CA PRO G 5 47.17 -5.13 30.82
C PRO G 5 47.04 -6.60 31.21
N PHE G 6 46.38 -7.36 30.34
CA PHE G 6 46.10 -8.76 30.62
C PHE G 6 47.39 -9.58 30.64
N ASN G 7 47.37 -10.63 31.45
CA ASN G 7 48.57 -11.46 31.65
C ASN G 7 48.96 -12.19 30.37
N GLY G 8 47.98 -12.73 29.65
CA GLY G 8 48.26 -13.66 28.57
C GLY G 8 49.07 -13.08 27.43
N LYS G 9 49.69 -13.97 26.67
CA LYS G 9 50.51 -13.62 25.53
C LYS G 9 50.05 -14.41 24.32
N GLY G 10 50.34 -13.87 23.13
CA GLY G 10 49.90 -14.47 21.89
C GLY G 10 50.98 -15.28 21.19
N THR G 11 50.57 -16.01 20.16
CA THR G 11 51.48 -16.84 19.41
C THR G 11 52.17 -16.03 18.31
N LYS G 12 52.93 -16.74 17.47
CA LYS G 12 53.64 -16.08 16.38
C LYS G 12 52.67 -15.49 15.36
N ALA G 13 51.61 -16.22 15.03
CA ALA G 13 50.65 -15.74 14.03
C ALA G 13 49.94 -14.48 14.51
N SER G 14 49.58 -14.44 15.79
CA SER G 14 48.88 -13.27 16.32
C SER G 14 49.78 -12.05 16.42
N ILE G 15 51.05 -12.24 16.82
CA ILE G 15 51.99 -11.13 16.84
C ILE G 15 52.24 -10.62 15.43
N LYS G 16 52.37 -11.54 14.47
CA LYS G 16 52.56 -11.15 13.07
C LYS G 16 51.40 -10.28 12.60
N PHE G 17 50.18 -10.59 13.03
CA PHE G 17 49.05 -9.73 12.73
C PHE G 17 49.21 -8.36 13.37
N GLN G 18 49.71 -8.34 14.61
CA GLN G 18 49.87 -7.06 15.30
C GLN G 18 50.89 -6.17 14.60
N THR G 19 51.95 -6.77 14.05
CA THR G 19 52.90 -5.99 13.26
C THR G 19 52.24 -5.38 12.04
N MET G 20 51.33 -6.12 11.41
CA MET G 20 50.61 -5.60 10.25
C MET G 20 49.75 -4.39 10.60
N VAL G 21 49.16 -4.40 11.80
CA VAL G 21 48.35 -3.27 12.23
C VAL G 21 49.23 -2.03 12.41
N ASN G 22 50.44 -2.22 12.95
CA ASN G 22 51.37 -1.10 13.08
C ASN G 22 51.82 -0.61 11.71
N TRP G 23 52.02 -1.52 10.76
CA TRP G 23 52.46 -1.12 9.43
C TRP G 23 51.44 -0.23 8.74
N LEU G 24 50.15 -0.57 8.88
CA LEU G 24 49.10 0.23 8.24
C LEU G 24 49.06 1.64 8.79
N CYS G 25 49.30 1.80 10.10
CA CYS G 25 49.21 3.13 10.70
C CYS G 25 50.38 4.01 10.27
N GLU G 26 51.58 3.43 10.20
CA GLU G 26 52.75 4.23 9.83
C GLU G 26 52.64 4.74 8.40
N ASN G 27 52.20 3.90 7.47
CA ASN G 27 52.11 4.26 6.07
C ASN G 27 50.75 4.84 5.70
N ARG G 28 49.89 5.08 6.68
CA ARG G 28 48.59 5.71 6.47
C ARG G 28 47.72 4.93 5.48
N VAL G 29 47.79 3.60 5.53
CA VAL G 29 46.92 2.75 4.72
C VAL G 29 45.69 2.45 5.57
N PHE G 30 44.57 3.08 5.23
CA PHE G 30 43.33 2.93 6.00
C PHE G 30 42.19 2.39 5.16
N THR G 31 42.43 2.05 3.89
CA THR G 31 41.41 1.50 3.02
C THR G 31 42.01 0.39 2.18
N GLU G 32 41.13 -0.48 1.67
CA GLU G 32 41.58 -1.56 0.80
C GLU G 32 42.15 -1.02 -0.50
N ASP G 33 41.52 0.01 -1.06
CA ASP G 33 42.01 0.59 -2.32
C ASP G 33 43.41 1.15 -2.15
N LYS G 34 43.66 1.85 -1.04
CA LYS G 34 45.00 2.34 -0.76
C LYS G 34 45.98 1.19 -0.58
N TRP G 35 45.53 0.11 0.07
CA TRP G 35 46.41 -1.04 0.32
C TRP G 35 46.82 -1.69 -1.00
N LYS G 36 45.89 -1.82 -1.94
CA LYS G 36 46.20 -2.45 -3.22
C LYS G 36 47.27 -1.69 -3.98
N LEU G 37 47.19 -0.35 -3.98
CA LEU G 37 48.17 0.45 -4.69
C LEU G 37 49.52 0.42 -3.99
N VAL G 38 49.53 0.60 -2.67
CA VAL G 38 50.78 0.73 -1.94
C VAL G 38 51.54 -0.59 -1.89
N ASP G 39 50.84 -1.70 -1.62
CA ASP G 39 51.51 -2.99 -1.43
C ASP G 39 50.57 -4.07 -1.99
N PHE G 40 50.82 -4.48 -3.23
CA PHE G 40 50.01 -5.50 -3.86
C PHE G 40 50.53 -6.90 -3.55
N ASN G 41 51.80 -7.02 -3.16
CA ASN G 41 52.34 -8.34 -2.81
C ASN G 41 51.67 -8.90 -1.58
N GLN G 42 51.50 -8.07 -0.54
CA GLN G 42 50.92 -8.56 0.70
C GLN G 42 49.41 -8.74 0.58
N TYR G 43 48.75 -7.85 -0.16
CA TYR G 43 47.30 -7.97 -0.33
C TYR G 43 46.95 -9.24 -1.09
N THR G 44 47.74 -9.60 -2.10
CA THR G 44 47.52 -10.86 -2.81
C THR G 44 47.79 -12.06 -1.91
N LEU G 45 48.83 -11.98 -1.07
CA LEU G 45 49.15 -13.09 -0.17
C LEU G 45 48.05 -13.29 0.86
N LEU G 46 47.55 -12.20 1.45
CA LEU G 46 46.54 -12.31 2.48
C LEU G 46 45.23 -12.87 1.93
N SER G 47 44.84 -12.43 0.74
CA SER G 47 43.55 -12.80 0.16
C SER G 47 43.55 -14.20 -0.46
N SER G 48 44.56 -15.02 -0.17
CA SER G 48 44.61 -16.36 -0.70
C SER G 48 43.71 -17.33 0.07
N SER G 49 43.20 -16.93 1.23
CA SER G 49 42.39 -17.81 2.04
C SER G 49 41.43 -16.98 2.88
N HIS G 50 40.39 -17.65 3.39
CA HIS G 50 39.44 -16.97 4.27
C HIS G 50 40.10 -16.51 5.55
N SER G 51 40.99 -17.34 6.12
CA SER G 51 41.69 -16.97 7.34
C SER G 51 42.65 -15.81 7.12
N GLY G 52 42.97 -15.49 5.87
CA GLY G 52 43.81 -14.34 5.58
C GLY G 52 42.98 -13.14 5.19
N SER G 53 41.97 -13.35 4.35
CA SER G 53 41.08 -12.26 3.97
C SER G 53 40.30 -11.71 5.15
N PHE G 54 40.09 -12.51 6.19
CA PHE G 54 39.50 -12.00 7.41
C PHE G 54 40.42 -11.00 8.09
N GLN G 55 41.73 -11.28 8.09
CA GLN G 55 42.69 -10.38 8.74
C GLN G 55 42.75 -9.03 8.03
N ILE G 56 42.42 -8.98 6.74
CA ILE G 56 42.45 -7.72 6.02
C ILE G 56 41.44 -6.74 6.59
N GLN G 57 40.22 -7.21 6.86
CA GLN G 57 39.19 -6.33 7.39
C GLN G 57 39.49 -5.95 8.84
N SER G 58 39.93 -6.91 9.64
CA SER G 58 40.24 -6.61 11.05
C SER G 58 41.39 -5.62 11.17
N ALA G 59 42.42 -5.77 10.34
CA ALA G 59 43.57 -4.88 10.42
C ALA G 59 43.20 -3.45 10.09
N LEU G 60 42.33 -3.26 9.10
CA LEU G 60 41.93 -1.91 8.71
C LEU G 60 41.02 -1.28 9.77
N LYS G 61 40.18 -2.10 10.43
CA LYS G 61 39.33 -1.59 11.49
C LYS G 61 40.15 -1.05 12.65
N LEU G 62 41.20 -1.79 13.04
CA LEU G 62 42.02 -1.36 14.16
C LEU G 62 42.93 -0.19 13.78
N ALA G 63 43.42 -0.18 12.54
CA ALA G 63 44.28 0.90 12.09
C ALA G 63 43.52 2.23 12.07
N ILE G 64 42.26 2.20 11.62
CA ILE G 64 41.46 3.42 11.59
C ILE G 64 41.21 3.94 13.00
N TYR G 65 40.86 3.04 13.92
CA TYR G 65 40.58 3.46 15.29
C TYR G 65 41.84 3.96 15.97
N LYS G 66 42.97 3.27 15.76
CA LYS G 66 44.21 3.67 16.41
C LYS G 66 44.63 5.07 15.98
N ALA G 67 44.49 5.37 14.69
CA ALA G 67 44.89 6.68 14.18
C ALA G 67 43.92 7.79 14.51
N THR G 68 42.76 7.47 15.08
CA THR G 68 41.74 8.48 15.36
C THR G 68 41.51 8.70 16.85
N ASN G 69 41.32 7.65 17.63
CA ASN G 69 41.01 7.80 19.06
C ASN G 69 42.24 7.70 19.94
N LEU G 70 43.09 6.70 19.75
CA LEU G 70 44.25 6.52 20.60
C LEU G 70 45.35 7.54 20.31
N VAL G 71 45.58 7.86 19.05
CA VAL G 71 46.64 8.78 18.64
C VAL G 71 46.02 10.15 18.38
N PRO G 72 46.48 11.21 19.03
CA PRO G 72 45.95 12.54 18.72
C PRO G 72 46.22 12.93 17.28
N THR G 73 45.28 13.67 16.69
CA THR G 73 45.40 14.05 15.29
C THR G 73 46.58 14.98 15.06
N SER G 74 46.97 15.73 16.10
CA SER G 74 48.06 16.70 15.94
C SER G 74 49.39 16.04 15.58
N THR G 75 49.58 14.78 15.99
CA THR G 75 50.84 14.11 15.69
C THR G 75 51.06 13.91 14.20
N PHE G 76 50.00 13.60 13.44
CA PHE G 76 50.12 13.45 12.00
C PHE G 76 50.34 14.78 11.30
N LEU G 77 49.84 15.88 11.85
CA LEU G 77 49.99 17.20 11.23
C LEU G 77 51.38 17.78 11.45
N LEU G 78 52.02 17.47 12.56
CA LEU G 78 53.38 17.93 12.82
C LEU G 78 54.36 17.13 11.97
N HIS G 79 55.28 17.83 11.32
CA HIS G 79 56.26 17.19 10.44
C HIS G 79 57.36 16.49 11.24
N MET G 86 63.52 25.31 5.15
CA MET G 86 62.75 26.03 4.14
C MET G 86 62.33 27.41 4.66
N CYS G 87 62.30 28.39 3.76
CA CYS G 87 61.99 29.75 4.17
C CYS G 87 60.51 29.89 4.48
N ILE G 88 60.21 30.47 5.65
CA ILE G 88 58.82 30.68 6.05
C ILE G 88 58.14 31.69 5.15
N LYS G 89 58.90 32.67 4.63
CA LYS G 89 58.33 33.65 3.71
C LYS G 89 57.78 33.00 2.45
N ASP G 90 58.31 31.84 2.06
CA ASP G 90 57.97 31.20 0.80
C ASP G 90 56.86 30.17 0.95
N ASN G 91 56.30 30.00 2.14
CA ASN G 91 55.19 29.08 2.35
C ASN G 91 53.91 29.71 1.81
N LYS G 92 53.19 28.97 0.96
CA LYS G 92 52.02 29.52 0.29
C LYS G 92 50.91 29.85 1.28
N ILE G 93 50.70 29.02 2.30
CA ILE G 93 49.63 29.26 3.26
C ILE G 93 49.88 30.56 4.01
N VAL G 94 51.13 30.81 4.42
CA VAL G 94 51.45 32.07 5.08
C VAL G 94 51.19 33.24 4.14
N LYS G 95 51.59 33.09 2.87
CA LYS G 95 51.32 34.13 1.89
C LYS G 95 49.83 34.35 1.72
N LEU G 96 49.06 33.26 1.68
CA LEU G 96 47.61 33.37 1.51
C LEU G 96 46.98 34.14 2.66
N LEU G 97 47.34 33.80 3.90
CA LEU G 97 46.73 34.45 5.06
C LEU G 97 47.10 35.92 5.12
N LEU G 98 48.36 36.25 4.80
CA LEU G 98 48.77 37.65 4.76
C LEU G 98 47.99 38.42 3.69
N CYS G 99 47.80 37.81 2.52
CA CYS G 99 46.99 38.43 1.49
C CYS G 99 45.54 38.58 1.95
N GLN G 100 45.02 37.58 2.64
CA GLN G 100 43.66 37.65 3.19
C GLN G 100 43.60 38.37 4.54
N ASN G 101 44.72 38.97 4.97
CA ASN G 101 44.75 39.84 6.14
C ASN G 101 44.49 39.09 7.45
N TYR G 102 45.12 37.92 7.62
CA TYR G 102 45.01 37.16 8.85
C TYR G 102 46.40 36.79 9.35
N ASP G 103 46.51 36.58 10.66
CA ASP G 103 47.78 36.30 11.31
C ASP G 103 48.19 34.85 11.06
N PRO G 104 49.28 34.58 10.36
CA PRO G 104 49.68 33.18 10.10
C PRO G 104 49.93 32.37 11.36
N LEU G 105 50.51 32.98 12.40
CA LEU G 105 50.76 32.25 13.64
C LEU G 105 49.47 31.97 14.38
N LEU G 106 48.61 32.98 14.51
CA LEU G 106 47.38 32.82 15.28
C LEU G 106 46.44 31.84 14.61
N VAL G 107 46.34 31.88 13.28
CA VAL G 107 45.52 30.92 12.54
C VAL G 107 46.06 29.51 12.74
N GLY G 108 47.37 29.34 12.58
CA GLY G 108 47.95 28.02 12.68
C GLY G 108 47.80 27.39 14.05
N GLN G 109 47.97 28.19 15.11
CA GLN G 109 47.86 27.64 16.46
C GLN G 109 46.41 27.35 16.83
N HIS G 110 45.45 27.95 16.11
CA HIS G 110 44.05 27.61 16.31
C HIS G 110 43.72 26.26 15.69
N VAL G 111 44.28 25.99 14.51
CA VAL G 111 44.02 24.73 13.82
C VAL G 111 44.53 23.55 14.64
N LEU G 112 45.70 23.70 15.24
CA LEU G 112 46.25 22.62 16.05
C LEU G 112 45.39 22.32 17.26
N LYS G 113 44.84 23.35 17.90
CA LYS G 113 43.95 23.14 19.04
C LYS G 113 42.59 22.62 18.59
N TRP G 114 42.10 23.08 17.43
CA TRP G 114 40.75 22.73 16.99
C TRP G 114 40.69 21.30 16.47
N ILE G 115 41.76 20.83 15.82
CA ILE G 115 41.76 19.48 15.28
C ILE G 115 41.81 18.43 16.39
N ASP G 116 42.13 18.83 17.61
CA ASP G 116 42.15 17.93 18.75
C ASP G 116 40.95 18.10 19.66
N LYS G 117 39.93 18.83 19.22
CA LYS G 117 38.70 19.10 19.96
C LYS G 117 38.95 19.84 21.27
N LYS G 118 40.15 20.42 21.46
CA LYS G 118 40.46 21.12 22.69
C LYS G 118 39.68 22.43 22.83
N CYS G 119 39.17 22.98 21.73
CA CYS G 119 38.44 24.23 21.80
C CYS G 119 37.10 24.10 22.49
N GLY G 120 36.60 22.88 22.68
CA GLY G 120 35.35 22.68 23.39
C GLY G 120 34.12 22.80 22.51
N LYS G 121 33.32 23.85 22.74
CA LYS G 121 32.08 24.00 21.99
C LYS G 121 32.32 24.38 20.54
N LYS G 122 33.32 25.22 20.26
CA LYS G 122 33.57 25.70 18.91
C LYS G 122 34.37 24.65 18.13
N ASN G 123 33.62 23.72 17.54
CA ASN G 123 34.21 22.65 16.74
C ASN G 123 34.09 22.89 15.24
N THR G 124 33.52 24.01 14.82
CA THR G 124 33.29 24.29 13.41
C THR G 124 34.19 25.43 12.94
N LEU G 125 34.89 25.21 11.84
CA LEU G 125 35.73 26.24 11.21
C LEU G 125 35.08 26.65 9.91
N TRP G 126 34.86 27.95 9.73
CA TRP G 126 34.12 28.48 8.59
C TRP G 126 35.07 29.28 7.70
N PHE G 127 35.05 29.00 6.41
CA PHE G 127 35.81 29.76 5.41
C PHE G 127 34.80 30.48 4.50
N TYR G 128 34.53 31.74 4.83
CA TYR G 128 33.58 32.56 4.08
C TYR G 128 34.33 33.54 3.17
N GLY G 129 33.69 33.88 2.07
CA GLY G 129 34.21 34.89 1.18
C GLY G 129 33.74 34.75 -0.25
N PRO G 130 34.11 35.71 -1.09
CA PRO G 130 33.74 35.66 -2.52
C PRO G 130 34.33 34.42 -3.19
N PRO G 131 33.84 34.07 -4.38
CA PRO G 131 34.34 32.87 -5.05
C PRO G 131 35.79 33.01 -5.49
N SER G 132 36.44 31.86 -5.61
CA SER G 132 37.83 31.76 -6.07
C SER G 132 38.77 32.57 -5.20
N THR G 133 38.60 32.45 -3.88
CA THR G 133 39.49 33.10 -2.92
C THR G 133 40.29 32.09 -2.11
N GLY G 134 40.58 30.92 -2.68
CA GLY G 134 41.37 29.91 -1.99
C GLY G 134 40.71 29.33 -0.76
N LYS G 135 39.42 28.99 -0.86
CA LYS G 135 38.68 28.45 0.29
C LYS G 135 38.73 26.92 0.30
N THR G 136 38.30 26.30 -0.80
CA THR G 136 38.32 24.85 -0.90
C THR G 136 39.74 24.32 -0.89
N ASN G 137 40.66 25.02 -1.57
CA ASN G 137 42.04 24.55 -1.68
C ASN G 137 42.69 24.46 -0.31
N LEU G 138 42.44 25.46 0.54
CA LEU G 138 42.93 25.42 1.92
C LEU G 138 42.24 24.33 2.73
N ALA G 139 40.93 24.18 2.53
CA ALA G 139 40.16 23.22 3.32
C ALA G 139 40.59 21.79 3.02
N MET G 140 40.78 21.47 1.74
CA MET G 140 41.16 20.11 1.37
C MET G 140 42.62 19.84 1.72
N ALA G 141 43.45 20.90 1.73
CA ALA G 141 44.85 20.73 2.10
C ALA G 141 44.99 20.19 3.52
N ILE G 142 44.22 20.75 4.46
CA ILE G 142 44.17 20.21 5.81
C ILE G 142 43.55 18.83 5.80
N ALA G 143 42.48 18.65 5.02
CA ALA G 143 41.78 17.36 4.98
C ALA G 143 42.66 16.26 4.41
N LYS G 144 43.52 16.59 3.45
CA LYS G 144 44.41 15.57 2.90
C LYS G 144 45.47 15.14 3.89
N SER G 145 45.77 15.95 4.90
CA SER G 145 46.86 15.66 5.83
C SER G 145 46.38 14.96 7.10
N VAL G 146 45.08 14.98 7.40
CA VAL G 146 44.56 14.24 8.55
C VAL G 146 44.50 12.77 8.18
N PRO G 147 44.49 11.84 9.15
CA PRO G 147 44.54 10.41 8.80
C PRO G 147 43.40 9.95 7.91
N VAL G 148 42.17 10.13 8.37
CA VAL G 148 40.98 9.78 7.60
C VAL G 148 39.98 10.92 7.73
N TYR G 149 39.33 11.28 6.63
CA TYR G 149 38.35 12.34 6.62
C TYR G 149 37.15 11.92 5.78
N GLY G 150 36.00 12.50 6.12
CA GLY G 150 34.78 12.28 5.38
C GLY G 150 34.25 13.59 4.81
N MET G 151 33.24 13.48 3.96
CA MET G 151 32.67 14.64 3.29
C MET G 151 31.15 14.59 3.39
N VAL G 152 30.56 15.73 3.73
CA VAL G 152 29.10 15.83 3.78
C VAL G 152 28.50 15.62 2.40
N ASN G 153 29.18 16.11 1.35
CA ASN G 153 28.65 15.97 0.00
C ASN G 153 28.54 14.52 -0.44
N TRP G 154 29.53 13.69 -0.10
CA TRP G 154 29.47 12.28 -0.45
C TRP G 154 28.34 11.54 0.25
N ASN G 155 27.89 12.02 1.40
CA ASN G 155 26.78 11.37 2.09
C ASN G 155 25.48 11.60 1.34
N ASN G 156 24.49 10.77 1.66
CA ASN G 156 23.20 10.85 0.98
C ASN G 156 22.52 12.18 1.29
N GLU G 157 21.72 12.66 0.33
CA GLU G 157 21.07 13.96 0.49
C GLU G 157 20.10 13.97 1.66
N ASN G 158 19.64 12.80 2.10
CA ASN G 158 18.71 12.75 3.23
C ASN G 158 19.47 12.67 4.55
N PHE G 159 20.58 11.93 4.59
CA PHE G 159 21.37 11.74 5.81
C PHE G 159 22.76 12.31 5.59
N PRO G 160 22.91 13.63 5.68
CA PRO G 160 24.23 14.24 5.42
C PRO G 160 25.28 13.90 6.46
N PHE G 161 24.88 13.59 7.69
CA PHE G 161 25.83 13.34 8.78
C PHE G 161 25.99 11.86 9.06
N ASN G 162 25.75 11.00 8.07
CA ASN G 162 25.99 9.58 8.21
C ASN G 162 27.48 9.28 7.98
N ASP G 163 27.94 8.19 8.60
CA ASP G 163 29.32 7.73 8.53
C ASP G 163 30.31 8.75 9.12
N VAL G 164 29.83 9.62 10.00
CA VAL G 164 30.72 10.59 10.63
C VAL G 164 31.64 9.89 11.63
N ALA G 165 31.17 8.81 12.25
CA ALA G 165 32.00 8.09 13.21
C ALA G 165 33.20 7.46 12.52
N GLY G 166 34.32 7.38 13.25
CA GLY G 166 35.54 6.85 12.71
C GLY G 166 36.35 7.81 11.86
N LYS G 167 35.89 9.05 11.69
CA LYS G 167 36.60 10.03 10.90
C LYS G 167 37.31 11.04 11.81
N SER G 168 38.52 11.40 11.41
CA SER G 168 39.27 12.42 12.15
C SER G 168 38.84 13.83 11.77
N LEU G 169 38.12 13.97 10.66
CA LEU G 169 37.70 15.28 10.19
C LEU G 169 36.54 15.12 9.22
N VAL G 170 35.70 16.13 9.14
CA VAL G 170 34.56 16.17 8.23
C VAL G 170 34.56 17.50 7.50
N VAL G 171 34.49 17.45 6.18
CA VAL G 171 34.51 18.64 5.33
C VAL G 171 33.11 18.85 4.77
N TRP G 172 32.66 20.10 4.77
CA TRP G 172 31.34 20.47 4.25
C TRP G 172 31.53 21.62 3.27
N ASP G 173 31.75 21.29 2.00
CA ASP G 173 32.03 22.29 0.98
C ASP G 173 30.72 22.79 0.36
N GLU G 174 30.65 24.11 0.17
CA GLU G 174 29.44 24.77 -0.33
C GLU G 174 28.23 24.41 0.51
N GLY G 175 28.42 24.38 1.83
CA GLY G 175 27.39 23.87 2.71
C GLY G 175 26.26 24.86 2.93
N ILE G 176 25.06 24.32 3.06
CA ILE G 176 23.89 25.09 3.46
C ILE G 176 23.06 24.21 4.39
N ILE G 177 22.40 24.84 5.35
CA ILE G 177 21.73 24.13 6.44
C ILE G 177 20.23 24.28 6.26
N LYS G 178 19.55 23.16 6.03
CA LYS G 178 18.10 23.12 5.96
C LYS G 178 17.51 22.89 7.34
N SER G 179 16.29 23.40 7.54
CA SER G 179 15.65 23.27 8.85
C SER G 179 15.31 21.82 9.18
N THR G 180 15.16 20.95 8.19
CA THR G 180 14.89 19.54 8.47
C THR G 180 16.07 18.85 9.11
N ILE G 181 17.27 19.40 8.99
CA ILE G 181 18.48 18.81 9.57
C ILE G 181 19.19 19.76 10.52
N VAL G 182 18.61 20.92 10.84
CA VAL G 182 19.33 21.92 11.64
C VAL G 182 19.56 21.41 13.06
N GLU G 183 18.60 20.65 13.60
CA GLU G 183 18.75 20.12 14.96
C GLU G 183 19.85 19.07 15.02
N ALA G 184 19.94 18.21 14.01
CA ALA G 184 21.06 17.27 13.94
C ALA G 184 22.35 17.98 13.59
N ALA G 185 22.25 19.12 12.89
CA ALA G 185 23.45 19.89 12.54
C ALA G 185 24.11 20.47 13.79
N LYS G 186 23.30 21.03 14.70
CA LYS G 186 23.87 21.66 15.89
C LYS G 186 24.63 20.66 16.74
N ALA G 187 24.17 19.41 16.76
CA ALA G 187 24.87 18.37 17.53
C ALA G 187 26.27 18.14 16.98
N ILE G 188 26.36 17.92 15.66
CA ILE G 188 27.66 17.60 15.06
C ILE G 188 28.55 18.84 14.99
N LEU G 189 27.96 20.01 14.70
CA LEU G 189 28.77 21.23 14.58
C LEU G 189 29.38 21.63 15.91
N GLY G 190 28.65 21.48 17.00
CA GLY G 190 29.13 21.86 18.32
C GLY G 190 30.02 20.84 19.00
N GLY G 191 30.30 19.73 18.35
CA GLY G 191 31.14 18.72 18.97
C GLY G 191 30.42 17.81 19.93
N GLN G 192 29.12 17.99 20.11
CA GLN G 192 28.36 17.12 20.99
C GLN G 192 28.17 15.76 20.33
N PRO G 193 28.48 14.66 21.03
CA PRO G 193 28.37 13.34 20.41
C PRO G 193 26.94 13.01 20.01
N THR G 194 26.81 12.23 18.94
CA THR G 194 25.51 11.83 18.44
C THR G 194 24.88 10.79 19.36
N ARG G 195 23.55 10.68 19.28
CA ARG G 195 22.82 9.77 20.16
C ARG G 195 23.18 8.32 19.92
N VAL G 196 23.37 7.95 18.64
CA VAL G 196 23.61 6.53 18.31
C VAL G 196 24.91 6.05 18.92
N ASP G 197 25.93 6.92 18.98
CA ASP G 197 27.19 6.53 19.59
C ASP G 197 27.07 6.42 21.10
N GLN G 198 26.15 7.19 21.70
CA GLN G 198 25.96 7.12 23.14
C GLN G 198 25.47 5.74 23.57
N LYS G 199 24.54 5.17 22.82
CA LYS G 199 24.03 3.84 23.14
C LYS G 199 24.91 2.73 22.58
N MET G 200 25.87 3.05 21.73
CA MET G 200 26.83 2.09 21.22
C MET G 200 28.16 2.16 21.96
N ARG G 201 28.19 2.86 23.09
CA ARG G 201 29.41 2.99 23.87
C ARG G 201 29.09 3.26 25.34
N GLY G 208 32.75 13.31 19.11
CA GLY G 208 32.86 14.56 18.38
C GLY G 208 33.92 14.52 17.29
N VAL G 209 33.63 15.15 16.16
CA VAL G 209 34.56 15.21 15.03
C VAL G 209 34.67 16.66 14.56
N PRO G 210 35.87 17.16 14.32
CA PRO G 210 36.00 18.53 13.79
C PRO G 210 35.30 18.66 12.45
N VAL G 211 34.70 19.83 12.23
CA VAL G 211 33.96 20.13 11.01
C VAL G 211 34.50 21.43 10.43
N VAL G 212 34.74 21.43 9.13
CA VAL G 212 35.17 22.63 8.40
C VAL G 212 34.14 22.91 7.31
N ILE G 213 33.71 24.17 7.20
CA ILE G 213 32.68 24.57 6.26
C ILE G 213 33.23 25.69 5.39
N THR G 214 33.08 25.54 4.08
CA THR G 214 33.40 26.58 3.12
C THR G 214 32.14 26.89 2.32
N SER G 215 31.78 28.17 2.24
CA SER G 215 30.56 28.54 1.54
C SER G 215 30.62 30.02 1.17
N ASN G 216 30.06 30.34 0.00
CA ASN G 216 29.95 31.72 -0.43
C ASN G 216 28.85 32.48 0.30
N GLY G 217 27.79 31.79 0.72
CA GLY G 217 26.72 32.43 1.44
C GLY G 217 26.89 32.37 2.95
N ASP G 218 25.95 33.00 3.64
CA ASP G 218 25.97 33.05 5.11
C ASP G 218 25.14 31.88 5.61
N ILE G 219 25.82 30.85 6.13
CA ILE G 219 25.16 29.62 6.55
C ILE G 219 24.25 29.81 7.76
N THR G 220 24.42 30.90 8.52
CA THR G 220 23.58 31.12 9.69
C THR G 220 22.12 31.37 9.31
N PHE G 221 21.85 31.72 8.07
CA PHE G 221 20.48 31.77 7.57
C PHE G 221 20.06 30.37 7.15
N VAL G 222 19.00 29.87 7.75
CA VAL G 222 18.56 28.50 7.55
C VAL G 222 17.45 28.48 6.50
N VAL G 223 17.55 27.54 5.57
CA VAL G 223 16.56 27.39 4.50
C VAL G 223 15.41 26.56 5.04
N SER G 224 14.23 27.18 5.15
CA SER G 224 13.02 26.51 5.61
C SER G 224 11.95 26.67 4.55
N GLY G 225 11.60 25.58 3.88
CA GLY G 225 10.66 25.67 2.79
C GLY G 225 11.21 26.56 1.69
N ASN G 226 10.38 27.50 1.23
CA ASN G 226 10.77 28.47 0.20
C ASN G 226 11.14 29.82 0.81
N THR G 227 11.64 29.83 2.04
CA THR G 227 11.99 31.08 2.70
C THR G 227 13.18 30.84 3.61
N THR G 228 13.88 31.93 3.95
CA THR G 228 15.02 31.84 4.84
C THR G 228 14.64 32.32 6.23
N THR G 229 15.10 31.60 7.26
CA THR G 229 14.78 31.91 8.64
C THR G 229 16.07 32.16 9.42
N THR G 230 15.99 33.12 10.35
CA THR G 230 17.14 33.51 11.17
C THR G 230 17.01 33.00 12.61
N VAL G 231 16.07 32.10 12.87
CA VAL G 231 15.80 31.66 14.24
C VAL G 231 17.04 30.99 14.84
N HIS G 232 17.68 30.11 14.07
CA HIS G 232 18.79 29.33 14.58
C HIS G 232 20.12 30.07 14.49
N ALA G 233 20.12 31.38 14.28
CA ALA G 233 21.36 32.11 14.06
C ALA G 233 22.25 32.09 15.29
N LYS G 234 21.67 32.33 16.48
CA LYS G 234 22.49 32.47 17.67
C LYS G 234 23.12 31.15 18.10
N ALA G 235 22.39 30.05 17.96
CA ALA G 235 22.93 28.76 18.35
C ALA G 235 24.12 28.36 17.49
N LEU G 236 24.06 28.66 16.19
CA LEU G 236 25.17 28.33 15.30
C LEU G 236 26.40 29.18 15.61
N LYS G 237 26.19 30.43 16.02
CA LYS G 237 27.32 31.32 16.27
C LYS G 237 28.14 30.87 17.47
N GLU G 238 27.51 30.26 18.47
CA GLU G 238 28.24 29.82 19.66
C GLU G 238 29.20 28.68 19.35
N ARG G 239 29.03 28.01 18.20
CA ARG G 239 29.78 26.83 17.87
C ARG G 239 30.71 27.02 16.67
N MET G 240 30.92 28.25 16.23
CA MET G 240 31.54 28.51 14.94
C MET G 240 32.56 29.63 15.03
N VAL G 241 33.56 29.56 14.15
CA VAL G 241 34.57 30.59 13.98
C VAL G 241 34.61 30.97 12.51
N LYS G 242 34.60 32.27 12.23
CA LYS G 242 34.39 32.79 10.89
C LYS G 242 35.65 33.45 10.36
N LEU G 243 36.07 33.04 9.16
CA LEU G 243 37.21 33.64 8.47
C LEU G 243 36.73 34.19 7.13
N ASN G 244 37.16 35.41 6.80
CA ASN G 244 36.72 36.11 5.60
C ASN G 244 37.83 36.05 4.56
N PHE G 245 37.66 35.20 3.55
CA PHE G 245 38.59 35.14 2.42
C PHE G 245 38.04 36.03 1.32
N THR G 246 38.47 37.29 1.32
CA THR G 246 37.93 38.30 0.41
C THR G 246 38.77 38.52 -0.83
N VAL G 247 40.10 38.63 -0.68
CA VAL G 247 40.96 38.96 -1.82
C VAL G 247 41.07 37.75 -2.73
N ARG G 248 40.73 37.96 -4.00
CA ARG G 248 40.84 36.89 -5.00
C ARG G 248 42.31 36.74 -5.37
N CYS G 249 42.87 35.55 -5.11
CA CYS G 249 44.28 35.33 -5.34
C CYS G 249 44.53 34.91 -6.79
N SER G 250 45.75 35.17 -7.26
CA SER G 250 46.13 34.76 -8.60
C SER G 250 46.27 33.24 -8.67
N PRO G 251 46.11 32.64 -9.86
CA PRO G 251 46.25 31.19 -9.98
C PRO G 251 47.62 30.64 -9.60
N ASP G 252 48.56 31.54 -9.27
CA ASP G 252 49.89 31.10 -8.86
C ASP G 252 49.87 30.43 -7.49
N MET G 253 48.74 30.49 -6.76
CA MET G 253 48.54 29.58 -5.65
C MET G 253 48.66 28.12 -6.10
N GLY G 254 48.13 27.79 -7.27
CA GLY G 254 48.12 26.41 -7.71
C GLY G 254 47.32 25.55 -6.77
N LEU G 255 47.87 24.38 -6.43
CA LEU G 255 47.28 23.46 -5.48
C LEU G 255 48.15 23.39 -4.24
N LEU G 256 47.57 23.71 -3.08
CA LEU G 256 48.28 23.52 -1.83
C LEU G 256 48.52 22.05 -1.55
N THR G 257 49.68 21.74 -0.97
CA THR G 257 50.11 20.37 -0.76
C THR G 257 50.10 20.02 0.71
N GLU G 258 50.23 18.73 0.99
CA GLU G 258 50.35 18.25 2.36
C GLU G 258 51.62 18.75 3.02
N ALA G 259 52.71 18.82 2.24
CA ALA G 259 53.98 19.30 2.77
C ALA G 259 53.86 20.75 3.27
N ASP G 260 53.10 21.57 2.55
CA ASP G 260 52.89 22.95 2.98
C ASP G 260 52.23 23.01 4.35
N VAL G 261 51.23 22.15 4.58
CA VAL G 261 50.57 22.09 5.89
C VAL G 261 51.55 21.63 6.96
N GLN G 262 52.31 20.57 6.66
CA GLN G 262 53.23 20.03 7.65
C GLN G 262 54.33 21.03 7.99
N GLN G 263 54.85 21.73 7.00
CA GLN G 263 55.85 22.77 7.26
C GLN G 263 55.24 23.92 8.06
N TRP G 264 54.02 24.31 7.71
CA TRP G 264 53.39 25.47 8.34
C TRP G 264 53.01 25.19 9.79
N LEU G 265 52.39 24.04 10.04
CA LEU G 265 51.93 23.74 11.39
C LEU G 265 53.07 23.41 12.33
N THR G 266 54.13 22.78 11.84
CA THR G 266 55.32 22.58 12.66
C THR G 266 55.96 23.92 13.02
N TRP G 267 55.97 24.85 12.07
CA TRP G 267 56.50 26.19 12.34
C TRP G 267 55.67 26.89 13.41
N CYS G 268 54.34 26.76 13.33
CA CYS G 268 53.47 27.42 14.30
C CYS G 268 53.61 26.81 15.69
N ASN G 269 53.99 25.53 15.76
CA ASN G 269 54.12 24.89 17.07
C ASN G 269 55.34 25.38 17.83
N ALA G 270 56.45 25.63 17.13
CA ALA G 270 57.69 26.03 17.79
C ALA G 270 57.63 27.44 18.34
N GLN G 271 56.73 28.29 17.85
CA GLN G 271 56.65 29.66 18.33
C GLN G 271 55.89 29.72 19.65
N SER G 272 55.60 30.94 20.09
CA SER G 272 54.99 31.14 21.40
C SER G 272 53.51 30.77 21.39
N TRP G 273 53.10 29.98 22.37
CA TRP G 273 51.69 29.67 22.60
C TRP G 273 50.99 30.73 23.45
N ASP G 274 51.72 31.74 23.92
CA ASP G 274 51.12 32.72 24.83
C ASP G 274 50.23 33.71 24.09
N HIS G 275 50.60 34.08 22.86
CA HIS G 275 49.81 35.03 22.09
C HIS G 275 48.41 34.50 21.79
N TYR G 276 48.31 33.21 21.45
CA TYR G 276 47.00 32.61 21.19
C TYR G 276 46.15 32.53 22.44
N GLU G 277 46.78 32.21 23.58
CA GLU G 277 46.02 31.94 24.80
C GLU G 277 45.22 33.15 25.28
N ASN G 278 45.66 34.37 24.93
CA ASN G 278 44.90 35.56 25.32
C ASN G 278 43.50 35.53 24.73
N TRP G 279 43.40 35.23 23.43
CA TRP G 279 42.09 35.13 22.79
C TRP G 279 41.37 33.85 23.19
N ALA G 280 42.14 32.80 23.50
CA ALA G 280 41.57 31.49 23.80
C ALA G 280 40.74 31.46 25.07
N ILE G 281 40.91 32.42 25.97
CA ILE G 281 40.14 32.42 27.21
C ILE G 281 38.66 32.65 26.92
N ASN G 282 38.35 33.46 25.90
CA ASN G 282 36.96 33.72 25.50
C ASN G 282 36.98 33.94 23.98
N TYR G 283 36.56 32.91 23.25
CA TYR G 283 36.59 32.98 21.79
C TYR G 283 35.56 33.96 21.27
N THR G 284 36.00 34.86 20.40
CA THR G 284 35.07 35.73 19.68
C THR G 284 34.49 34.99 18.48
N PHE G 285 33.37 35.51 17.98
CA PHE G 285 32.74 34.91 16.82
C PHE G 285 33.62 35.06 15.58
N ASP G 286 34.18 36.25 15.38
CA ASP G 286 35.04 36.49 14.22
C ASP G 286 36.51 36.34 14.61
N PHE G 287 37.30 35.83 13.68
CA PHE G 287 38.73 35.70 13.93
C PHE G 287 39.38 37.08 13.91
N PRO G 288 40.24 37.38 14.89
CA PRO G 288 40.86 38.70 14.96
C PRO G 288 41.70 39.00 13.73
N GLY G 289 41.72 40.27 13.33
CA GLY G 289 42.44 40.69 12.15
C GLY G 289 43.94 40.79 12.39
N ILE G 290 44.67 41.04 11.30
CA ILE G 290 46.11 41.13 11.37
C ILE G 290 46.51 42.34 12.21
N ASN G 291 47.69 42.25 12.83
CA ASN G 291 48.24 43.32 13.64
C ASN G 291 49.55 43.78 13.01
N ALA G 292 49.74 45.10 12.92
CA ALA G 292 50.96 45.63 12.33
C ALA G 292 52.15 45.55 13.28
N ASP G 293 51.93 45.68 14.59
CA ASP G 293 53.03 45.75 15.53
C ASP G 293 53.30 44.43 16.23
N ALA G 294 52.25 43.74 16.69
CA ALA G 294 52.43 42.49 17.41
C ALA G 294 52.77 41.31 16.50
N LEU G 295 52.71 41.52 15.18
CA LEU G 295 52.98 40.46 14.22
C LEU G 295 54.43 39.98 14.37
N HIS G 296 54.61 38.67 14.24
CA HIS G 296 55.89 38.05 14.54
C HIS G 296 56.96 38.53 13.55
N PRO G 297 58.19 38.77 13.99
CA PRO G 297 59.22 39.30 13.08
C PRO G 297 59.46 38.45 11.84
N ASP G 298 59.45 37.12 11.98
CA ASP G 298 59.71 36.25 10.83
C ASP G 298 58.59 36.30 9.79
N LEU G 299 57.42 36.82 10.13
CA LEU G 299 56.34 36.99 9.17
C LEU G 299 56.13 38.43 8.76
N GLN G 300 56.99 39.35 9.18
CA GLN G 300 56.79 40.76 8.89
C GLN G 300 56.97 41.06 7.41
N THR G 301 56.33 42.14 6.96
CA THR G 301 56.45 42.58 5.58
C THR G 301 57.65 43.51 5.40
N VAL H 3 22.84 -29.13 44.97
CA VAL H 3 23.17 -28.73 43.59
C VAL H 3 24.69 -28.63 43.43
N VAL H 4 25.26 -29.59 42.73
CA VAL H 4 26.71 -29.69 42.59
C VAL H 4 27.11 -29.30 41.16
N PRO H 5 28.21 -28.57 40.97
CA PRO H 5 28.66 -28.25 39.62
C PRO H 5 29.07 -29.50 38.85
N PHE H 6 29.16 -29.34 37.53
CA PHE H 6 29.47 -30.46 36.65
C PHE H 6 30.90 -30.95 36.88
N ASN H 7 31.12 -32.24 36.61
CA ASN H 7 32.39 -32.87 36.92
C ASN H 7 33.50 -32.40 35.97
N GLY H 8 33.18 -32.33 34.68
CA GLY H 8 34.19 -32.07 33.66
C GLY H 8 34.92 -30.75 33.78
N LYS H 9 36.25 -30.80 33.77
CA LYS H 9 37.07 -29.60 33.75
C LYS H 9 37.48 -29.25 32.33
N GLY H 10 38.01 -28.04 32.16
CA GLY H 10 38.37 -27.55 30.85
C GLY H 10 39.84 -27.72 30.52
N THR H 11 40.18 -27.33 29.29
CA THR H 11 41.56 -27.43 28.81
C THR H 11 42.34 -26.19 29.21
N LYS H 12 43.57 -26.12 28.70
CA LYS H 12 44.44 -24.97 28.99
C LYS H 12 43.87 -23.69 28.40
N ALA H 13 43.36 -23.76 27.17
CA ALA H 13 42.83 -22.56 26.52
C ALA H 13 41.57 -22.07 27.22
N SER H 14 40.67 -23.00 27.59
CA SER H 14 39.40 -22.60 28.19
C SER H 14 39.60 -21.92 29.54
N ILE H 15 40.65 -22.28 30.27
CA ILE H 15 40.90 -21.63 31.56
C ILE H 15 41.31 -20.19 31.34
N LYS H 16 42.09 -19.91 30.29
CA LYS H 16 42.47 -18.53 29.99
C LYS H 16 41.25 -17.68 29.67
N PHE H 17 40.28 -18.25 28.95
CA PHE H 17 39.02 -17.55 28.73
C PHE H 17 38.32 -17.29 30.06
N GLN H 18 38.33 -18.28 30.96
CA GLN H 18 37.74 -18.08 32.28
C GLN H 18 38.46 -16.99 33.04
N THR H 19 39.79 -16.97 32.96
CA THR H 19 40.56 -15.91 33.61
C THR H 19 40.29 -14.55 32.98
N MET H 20 40.18 -14.51 31.64
CA MET H 20 39.97 -13.24 30.95
C MET H 20 38.61 -12.62 31.30
N VAL H 21 37.63 -13.45 31.65
CA VAL H 21 36.36 -12.90 32.13
C VAL H 21 36.55 -12.25 33.50
N ASN H 22 37.40 -12.83 34.35
CA ASN H 22 37.67 -12.24 35.66
C ASN H 22 38.32 -10.86 35.51
N TRP H 23 39.28 -10.74 34.58
CA TRP H 23 39.94 -9.45 34.38
C TRP H 23 38.96 -8.41 33.85
N LEU H 24 38.05 -8.81 32.96
CA LEU H 24 37.06 -7.88 32.43
C LEU H 24 36.13 -7.39 33.54
N CYS H 25 35.71 -8.29 34.42
CA CYS H 25 34.78 -7.91 35.49
C CYS H 25 35.49 -7.11 36.57
N GLU H 26 36.73 -7.49 36.91
CA GLU H 26 37.44 -6.81 37.98
C GLU H 26 37.76 -5.36 37.62
N ASN H 27 38.13 -5.11 36.36
CA ASN H 27 38.49 -3.76 35.92
C ASN H 27 37.30 -3.00 35.34
N ARG H 28 36.10 -3.57 35.41
CA ARG H 28 34.87 -2.91 34.96
C ARG H 28 34.96 -2.47 33.50
N VAL H 29 35.47 -3.36 32.65
CA VAL H 29 35.49 -3.14 31.21
C VAL H 29 34.32 -3.92 30.64
N PHE H 30 33.35 -3.20 30.05
CA PHE H 30 32.12 -3.83 29.59
C PHE H 30 31.73 -3.42 28.17
N THR H 31 32.55 -2.62 27.49
CA THR H 31 32.32 -2.31 26.09
C THR H 31 33.64 -2.44 25.33
N GLU H 32 33.53 -2.69 24.03
CA GLU H 32 34.73 -2.80 23.20
C GLU H 32 35.51 -1.49 23.16
N ASP H 33 34.80 -0.37 23.08
CA ASP H 33 35.47 0.94 23.12
C ASP H 33 36.24 1.11 24.41
N LYS H 34 35.65 0.69 25.54
CA LYS H 34 36.36 0.73 26.81
C LYS H 34 37.55 -0.22 26.79
N TRP H 35 37.39 -1.39 26.18
CA TRP H 35 38.49 -2.35 26.13
C TRP H 35 39.64 -1.83 25.28
N LYS H 36 39.34 -1.21 24.14
CA LYS H 36 40.38 -0.69 23.26
C LYS H 36 41.21 0.37 23.97
N LEU H 37 40.55 1.28 24.70
CA LEU H 37 41.28 2.33 25.40
C LEU H 37 42.16 1.75 26.51
N VAL H 38 41.60 0.87 27.33
CA VAL H 38 42.32 0.35 28.48
C VAL H 38 43.44 -0.59 28.05
N ASP H 39 43.15 -1.51 27.13
CA ASP H 39 44.14 -2.53 26.75
C ASP H 39 43.97 -2.81 25.25
N PHE H 40 44.79 -2.12 24.45
CA PHE H 40 44.76 -2.36 23.02
C PHE H 40 45.54 -3.61 22.63
N ASN H 41 46.50 -4.02 23.46
CA ASN H 41 47.31 -5.19 23.14
C ASN H 41 46.47 -6.45 23.05
N GLN H 42 45.69 -6.74 24.10
CA GLN H 42 44.92 -7.98 24.12
C GLN H 42 43.81 -7.94 23.08
N TYR H 43 43.21 -6.77 22.85
CA TYR H 43 42.18 -6.65 21.84
C TYR H 43 42.73 -6.94 20.45
N THR H 44 43.93 -6.43 20.16
CA THR H 44 44.53 -6.64 18.84
C THR H 44 44.91 -8.11 18.64
N LEU H 45 45.55 -8.72 19.64
CA LEU H 45 45.94 -10.11 19.52
C LEU H 45 44.73 -11.03 19.40
N LEU H 46 43.68 -10.75 20.18
CA LEU H 46 42.49 -11.60 20.12
C LEU H 46 41.82 -11.50 18.77
N SER H 47 41.69 -10.30 18.22
CA SER H 47 40.93 -10.11 16.99
C SER H 47 41.70 -10.46 15.74
N SER H 48 42.83 -11.19 15.84
CA SER H 48 43.57 -11.57 14.64
C SER H 48 42.84 -12.65 13.85
N SER H 49 42.07 -13.50 14.52
CA SER H 49 41.42 -14.62 13.86
C SER H 49 39.96 -14.67 14.29
N HIS H 50 39.13 -15.32 13.45
CA HIS H 50 37.72 -15.44 13.76
C HIS H 50 37.48 -16.21 15.04
N SER H 51 38.38 -17.13 15.39
CA SER H 51 38.26 -17.86 16.65
C SER H 51 38.61 -17.01 17.86
N GLY H 52 39.16 -15.82 17.65
CA GLY H 52 39.47 -14.92 18.74
C GLY H 52 38.47 -13.80 18.85
N SER H 53 38.01 -13.28 17.71
CA SER H 53 36.96 -12.28 17.72
C SER H 53 35.66 -12.83 18.28
N PHE H 54 35.46 -14.15 18.18
CA PHE H 54 34.32 -14.78 18.84
C PHE H 54 34.45 -14.66 20.35
N GLN H 55 35.67 -14.84 20.88
CA GLN H 55 35.87 -14.78 22.33
C GLN H 55 35.68 -13.37 22.86
N ILE H 56 35.85 -12.34 22.01
CA ILE H 56 35.65 -10.97 22.46
C ILE H 56 34.18 -10.71 22.77
N GLN H 57 33.29 -11.13 21.85
CA GLN H 57 31.87 -10.94 22.08
C GLN H 57 31.36 -11.83 23.21
N SER H 58 31.82 -13.09 23.26
CA SER H 58 31.36 -14.01 24.28
C SER H 58 31.77 -13.57 25.68
N ALA H 59 33.02 -13.13 25.84
CA ALA H 59 33.52 -12.78 27.16
C ALA H 59 32.79 -11.58 27.74
N LEU H 60 32.50 -10.57 26.91
CA LEU H 60 31.87 -9.35 27.40
C LEU H 60 30.45 -9.62 27.91
N LYS H 61 29.69 -10.46 27.21
CA LYS H 61 28.35 -10.77 27.65
C LYS H 61 28.35 -11.47 29.01
N LEU H 62 29.30 -12.39 29.21
CA LEU H 62 29.42 -13.04 30.51
C LEU H 62 29.86 -12.06 31.58
N ALA H 63 30.76 -11.14 31.23
CA ALA H 63 31.20 -10.13 32.20
C ALA H 63 30.05 -9.22 32.60
N ILE H 64 29.21 -8.83 31.64
CA ILE H 64 28.06 -7.99 31.96
C ILE H 64 27.10 -8.73 32.87
N TYR H 65 26.83 -10.00 32.57
CA TYR H 65 25.90 -10.77 33.38
C TYR H 65 26.42 -10.96 34.79
N LYS H 66 27.72 -11.26 34.93
CA LYS H 66 28.30 -11.48 36.25
C LYS H 66 28.23 -10.22 37.10
N ALA H 67 28.56 -9.06 36.51
CA ALA H 67 28.60 -7.83 37.27
C ALA H 67 27.23 -7.23 37.54
N THR H 68 26.17 -7.80 36.98
CA THR H 68 24.84 -7.24 37.12
C THR H 68 23.84 -8.19 37.76
N ASN H 69 23.84 -9.48 37.41
CA ASN H 69 22.86 -10.42 37.90
C ASN H 69 23.41 -11.44 38.89
N LEU H 70 24.72 -11.50 39.09
CA LEU H 70 25.30 -12.43 40.05
C LEU H 70 25.96 -11.75 41.23
N VAL H 71 26.27 -10.45 41.12
CA VAL H 71 26.96 -9.70 42.16
C VAL H 71 26.12 -8.48 42.49
N PRO H 72 25.83 -8.20 43.75
CA PRO H 72 25.04 -7.00 44.08
C PRO H 72 25.72 -5.73 43.61
N THR H 73 24.92 -4.77 43.15
CA THR H 73 25.46 -3.54 42.63
C THR H 73 26.14 -2.72 43.72
N SER H 74 25.59 -2.75 44.94
CA SER H 74 26.15 -1.96 46.03
C SER H 74 27.57 -2.41 46.37
N THR H 75 27.91 -3.68 46.13
CA THR H 75 29.26 -4.14 46.38
C THR H 75 30.28 -3.45 45.47
N PHE H 76 29.85 -3.00 44.29
CA PHE H 76 30.74 -2.21 43.44
C PHE H 76 30.84 -0.76 43.90
N LEU H 77 29.92 -0.32 44.75
CA LEU H 77 29.92 1.05 45.25
C LEU H 77 30.76 1.22 46.52
N LEU H 78 31.28 0.13 47.06
CA LEU H 78 32.07 0.18 48.29
C LEU H 78 33.55 -0.01 48.00
N CYS H 87 37.77 15.18 54.89
CA CYS H 87 36.89 14.47 55.82
C CYS H 87 35.53 14.20 55.18
N ILE H 88 34.66 13.53 55.95
CA ILE H 88 33.30 13.27 55.46
C ILE H 88 32.55 14.59 55.28
N LYS H 89 32.76 15.54 56.20
CA LYS H 89 32.17 16.86 56.06
C LYS H 89 32.73 17.59 54.83
N ASP H 90 33.90 17.19 54.37
CA ASP H 90 34.52 17.79 53.19
C ASP H 90 34.02 17.20 51.88
N ASN H 91 33.20 16.15 51.94
CA ASN H 91 32.69 15.54 50.72
C ASN H 91 31.70 16.47 50.02
N LYS H 92 31.83 16.55 48.69
CA LYS H 92 31.04 17.49 47.92
C LYS H 92 29.56 17.14 47.92
N ILE H 93 29.22 15.86 47.86
CA ILE H 93 27.82 15.45 47.87
C ILE H 93 27.17 15.84 49.19
N VAL H 94 27.88 15.65 50.31
CA VAL H 94 27.36 16.03 51.61
C VAL H 94 27.04 17.52 51.64
N LYS H 95 27.93 18.34 51.08
CA LYS H 95 27.67 19.77 50.98
C LYS H 95 26.42 20.05 50.16
N LEU H 96 26.27 19.36 49.03
CA LEU H 96 25.11 19.55 48.18
C LEU H 96 23.82 19.16 48.90
N LEU H 97 23.81 17.98 49.54
CA LEU H 97 22.61 17.52 50.23
C LEU H 97 22.29 18.40 51.43
N LEU H 98 23.30 18.93 52.10
CA LEU H 98 23.06 19.82 53.24
C LEU H 98 22.32 21.08 52.80
N CYS H 99 22.71 21.64 51.66
CA CYS H 99 22.04 22.83 51.15
C CYS H 99 20.57 22.54 50.85
N GLN H 100 20.29 21.38 50.25
CA GLN H 100 18.92 20.99 49.93
C GLN H 100 18.11 20.60 51.15
N ASN H 101 18.64 20.81 52.36
CA ASN H 101 17.94 20.48 53.61
C ASN H 101 17.62 18.99 53.66
N TYR H 102 18.57 18.16 53.25
CA TYR H 102 18.45 16.71 53.30
C TYR H 102 19.67 16.12 53.99
N ASP H 103 19.43 15.22 54.94
CA ASP H 103 20.51 14.65 55.73
C ASP H 103 21.27 13.60 54.92
N PRO H 104 22.57 13.76 54.69
CA PRO H 104 23.30 12.79 53.87
C PRO H 104 23.30 11.38 54.43
N LEU H 105 23.29 11.23 55.75
CA LEU H 105 23.33 9.89 56.35
C LEU H 105 22.09 9.09 55.99
N LEU H 106 20.92 9.72 56.03
CA LEU H 106 19.69 9.00 55.71
C LEU H 106 19.58 8.74 54.21
N VAL H 107 19.92 9.73 53.39
CA VAL H 107 19.78 9.58 51.94
C VAL H 107 20.71 8.49 51.42
N GLY H 108 21.96 8.49 51.89
CA GLY H 108 22.93 7.53 51.38
C GLY H 108 22.55 6.09 51.65
N GLN H 109 22.03 5.82 52.84
CA GLN H 109 21.63 4.45 53.18
C GLN H 109 20.47 3.99 52.31
N HIS H 110 19.55 4.89 51.98
CA HIS H 110 18.43 4.53 51.11
C HIS H 110 18.91 4.16 49.71
N VAL H 111 19.93 4.87 49.21
CA VAL H 111 20.44 4.60 47.87
C VAL H 111 20.97 3.17 47.79
N LEU H 112 21.67 2.71 48.83
CA LEU H 112 22.22 1.36 48.81
C LEU H 112 21.10 0.32 48.74
N LYS H 113 20.04 0.50 49.52
CA LYS H 113 18.90 -0.42 49.45
C LYS H 113 18.18 -0.31 48.11
N TRP H 114 18.03 0.92 47.61
CA TRP H 114 17.32 1.12 46.34
C TRP H 114 18.07 0.50 45.17
N ILE H 115 19.40 0.67 45.14
CA ILE H 115 20.19 0.15 44.03
C ILE H 115 20.24 -1.37 44.02
N ASP H 116 19.85 -2.02 45.11
CA ASP H 116 19.84 -3.47 45.21
C ASP H 116 18.45 -4.07 45.07
N LYS H 117 17.46 -3.27 44.64
CA LYS H 117 16.08 -3.71 44.45
C LYS H 117 15.44 -4.23 45.74
N LYS H 118 15.89 -3.76 46.90
CA LYS H 118 15.39 -4.25 48.18
C LYS H 118 14.22 -3.44 48.71
N CYS H 119 13.81 -2.37 48.02
CA CYS H 119 12.75 -1.49 48.51
C CYS H 119 11.37 -1.92 48.03
N GLY H 120 11.24 -3.06 47.35
CA GLY H 120 9.93 -3.51 46.93
C GLY H 120 9.34 -2.64 45.83
N LYS H 121 8.12 -2.14 46.07
CA LYS H 121 7.39 -1.42 45.04
C LYS H 121 7.99 -0.06 44.73
N LYS H 122 8.61 0.61 45.72
CA LYS H 122 9.19 1.93 45.50
C LYS H 122 10.59 1.79 44.89
N ASN H 123 10.59 1.51 43.59
CA ASN H 123 11.81 1.20 42.86
C ASN H 123 12.43 2.41 42.16
N THR H 124 11.75 3.56 42.16
CA THR H 124 12.16 4.70 41.36
C THR H 124 12.46 5.90 42.25
N LEU H 125 13.56 6.59 41.97
CA LEU H 125 13.89 7.85 42.63
C LEU H 125 13.54 9.03 41.74
N TRP H 126 12.86 10.02 42.30
CA TRP H 126 12.42 11.20 41.57
C TRP H 126 13.07 12.44 42.21
N PHE H 127 13.83 13.18 41.42
CA PHE H 127 14.45 14.43 41.86
C PHE H 127 13.72 15.60 41.22
N TYR H 128 13.17 16.48 42.05
CA TYR H 128 12.36 17.60 41.59
C TYR H 128 12.90 18.91 42.16
N GLY H 129 12.82 19.97 41.36
CA GLY H 129 13.23 21.27 41.80
C GLY H 129 13.48 22.25 40.67
N PRO H 130 13.85 23.47 41.01
CA PRO H 130 14.16 24.49 40.00
C PRO H 130 15.40 24.13 39.21
N PRO H 131 15.61 24.72 38.05
CA PRO H 131 16.80 24.41 37.25
C PRO H 131 18.07 24.90 37.90
N SER H 132 19.20 24.43 37.36
CA SER H 132 20.54 24.78 37.85
C SER H 132 20.70 24.48 39.33
N THR H 133 20.16 23.34 39.77
CA THR H 133 20.27 22.90 41.16
C THR H 133 21.15 21.67 41.30
N GLY H 134 21.51 21.03 40.19
CA GLY H 134 22.32 19.84 40.24
C GLY H 134 21.54 18.55 40.32
N LYS H 135 20.27 18.55 39.90
CA LYS H 135 19.50 17.31 39.84
C LYS H 135 20.11 16.33 38.86
N THR H 136 20.45 16.82 37.67
CA THR H 136 21.11 15.96 36.68
C THR H 136 22.53 15.61 37.13
N ASN H 137 23.23 16.55 37.76
CA ASN H 137 24.61 16.32 38.16
C ASN H 137 24.73 15.16 39.13
N LEU H 138 23.85 15.12 40.14
CA LEU H 138 23.92 14.04 41.13
C LEU H 138 23.50 12.71 40.52
N ALA H 139 22.46 12.71 39.69
CA ALA H 139 21.96 11.47 39.12
C ALA H 139 22.99 10.80 38.22
N MET H 140 23.60 11.58 37.32
CA MET H 140 24.60 11.01 36.42
C MET H 140 25.87 10.61 37.15
N ALA H 141 26.13 11.21 38.32
CA ALA H 141 27.28 10.80 39.11
C ALA H 141 27.08 9.42 39.71
N ILE H 142 25.89 9.14 40.22
CA ILE H 142 25.58 7.81 40.73
C ILE H 142 25.59 6.80 39.60
N ALA H 143 25.09 7.20 38.42
CA ALA H 143 25.07 6.30 37.27
C ALA H 143 26.47 5.91 36.83
N LYS H 144 27.43 6.84 36.91
CA LYS H 144 28.79 6.53 36.50
C LYS H 144 29.42 5.46 37.40
N SER H 145 28.99 5.38 38.66
CA SER H 145 29.62 4.45 39.59
C SER H 145 29.17 3.01 39.36
N VAL H 146 27.92 2.79 38.95
CA VAL H 146 27.43 1.44 38.69
C VAL H 146 28.06 0.94 37.40
N PRO H 147 28.20 -0.38 37.23
CA PRO H 147 28.90 -0.90 36.04
C PRO H 147 28.28 -0.47 34.71
N VAL H 148 27.02 -0.83 34.46
CA VAL H 148 26.37 -0.59 33.18
C VAL H 148 25.05 0.14 33.43
N TYR H 149 24.79 1.17 32.64
CA TYR H 149 23.56 1.93 32.77
C TYR H 149 23.02 2.28 31.38
N GLY H 150 21.71 2.50 31.32
CA GLY H 150 21.05 2.96 30.12
C GLY H 150 20.21 4.20 30.42
N MET H 151 19.80 4.88 29.36
CA MET H 151 19.01 6.09 29.48
C MET H 151 17.79 6.01 28.58
N VAL H 152 16.66 6.50 29.08
CA VAL H 152 15.45 6.59 28.27
C VAL H 152 15.66 7.57 27.13
N ASN H 153 16.51 8.59 27.35
CA ASN H 153 16.80 9.57 26.30
C ASN H 153 17.45 8.92 25.09
N TRP H 154 18.27 7.89 25.28
CA TRP H 154 18.94 7.23 24.17
C TRP H 154 17.96 6.47 23.30
N ASN H 155 16.94 5.85 23.90
CA ASN H 155 16.04 4.99 23.18
C ASN H 155 15.10 5.79 22.28
N ASN H 156 14.50 5.10 21.32
CA ASN H 156 13.56 5.73 20.41
C ASN H 156 12.35 6.28 21.17
N GLU H 157 11.85 7.41 20.71
CA GLU H 157 10.76 8.09 21.42
C GLU H 157 9.49 7.26 21.43
N ASN H 158 9.36 6.31 20.49
CA ASN H 158 8.19 5.44 20.48
C ASN H 158 8.36 4.21 21.35
N PHE H 159 9.59 3.78 21.58
CA PHE H 159 9.88 2.61 22.43
C PHE H 159 10.91 2.99 23.48
N PRO H 160 10.49 3.74 24.51
CA PRO H 160 11.46 4.29 25.47
C PRO H 160 12.21 3.25 26.27
N PHE H 161 11.63 2.07 26.51
CA PHE H 161 12.18 1.11 27.45
C PHE H 161 12.83 -0.09 26.76
N ASN H 162 13.50 0.15 25.63
CA ASN H 162 14.23 -0.92 24.96
C ASN H 162 15.56 -1.19 25.64
N ASP H 163 16.04 -2.42 25.48
CA ASP H 163 17.37 -2.85 25.93
C ASP H 163 17.56 -2.63 27.43
N VAL H 164 16.46 -2.63 28.19
CA VAL H 164 16.53 -2.46 29.64
C VAL H 164 17.21 -3.63 30.32
N ALA H 165 16.99 -4.85 29.84
CA ALA H 165 17.60 -6.03 30.46
C ALA H 165 19.12 -5.96 30.33
N GLY H 166 19.80 -6.42 31.38
CA GLY H 166 21.24 -6.37 31.44
C GLY H 166 21.82 -5.10 32.05
N LYS H 167 21.02 -4.03 32.17
CA LYS H 167 21.48 -2.79 32.78
C LYS H 167 21.39 -2.87 34.29
N SER H 168 22.24 -2.09 34.96
CA SER H 168 22.16 -1.97 36.41
C SER H 168 21.31 -0.78 36.82
N LEU H 169 21.18 0.22 35.95
CA LEU H 169 20.40 1.41 36.26
C LEU H 169 19.88 2.02 34.96
N VAL H 170 18.71 2.65 35.04
CA VAL H 170 18.13 3.39 33.94
C VAL H 170 17.93 4.83 34.38
N VAL H 171 18.55 5.76 33.67
CA VAL H 171 18.50 7.18 33.99
C VAL H 171 17.50 7.87 33.07
N TRP H 172 16.61 8.66 33.65
CA TRP H 172 15.59 9.38 32.91
C TRP H 172 15.71 10.86 33.24
N ASP H 173 16.45 11.60 32.41
CA ASP H 173 16.70 13.00 32.64
C ASP H 173 15.62 13.84 31.96
N GLU H 174 15.06 14.80 32.71
CA GLU H 174 14.01 15.69 32.20
C GLU H 174 12.85 14.89 31.63
N GLY H 175 12.49 13.81 32.32
CA GLY H 175 11.51 12.89 31.78
C GLY H 175 10.09 13.40 31.93
N ILE H 176 9.22 12.92 31.04
CA ILE H 176 7.79 13.17 31.09
C ILE H 176 7.08 11.91 30.64
N ILE H 177 5.94 11.61 31.27
CA ILE H 177 5.21 10.39 31.00
C ILE H 177 4.00 10.70 30.13
N LYS H 178 3.84 9.95 29.05
CA LYS H 178 2.73 10.12 28.13
C LYS H 178 1.73 8.98 28.31
N SER H 179 0.49 9.23 27.89
CA SER H 179 -0.56 8.23 28.00
C SER H 179 -0.34 7.04 27.08
N THR H 180 0.43 7.19 26.00
CA THR H 180 0.71 6.08 25.11
C THR H 180 1.70 5.09 25.72
N ILE H 181 2.45 5.50 26.73
CA ILE H 181 3.43 4.62 27.37
C ILE H 181 3.26 4.57 28.88
N VAL H 182 2.15 5.05 29.43
CA VAL H 182 1.99 5.12 30.88
C VAL H 182 1.89 3.74 31.50
N GLU H 183 1.25 2.78 30.81
CA GLU H 183 1.07 1.45 31.39
C GLU H 183 2.37 0.65 31.38
N ALA H 184 3.19 0.79 30.34
CA ALA H 184 4.48 0.13 30.34
C ALA H 184 5.43 0.77 31.34
N ALA H 185 5.29 2.08 31.57
CA ALA H 185 6.13 2.77 32.54
C ALA H 185 5.86 2.25 33.95
N LYS H 186 4.59 2.00 34.27
CA LYS H 186 4.24 1.51 35.60
C LYS H 186 4.95 0.21 35.92
N ALA H 187 5.10 -0.67 34.93
CA ALA H 187 5.81 -1.92 35.14
C ALA H 187 7.30 -1.67 35.44
N ILE H 188 7.91 -0.74 34.72
CA ILE H 188 9.34 -0.52 34.89
C ILE H 188 9.62 0.41 36.08
N LEU H 189 8.72 1.37 36.33
CA LEU H 189 8.90 2.24 37.49
C LEU H 189 8.72 1.48 38.79
N GLY H 190 7.78 0.53 38.83
CA GLY H 190 7.54 -0.27 40.01
C GLY H 190 8.41 -1.49 40.16
N GLY H 191 9.36 -1.71 39.24
CA GLY H 191 10.21 -2.87 39.31
C GLY H 191 9.58 -4.14 38.79
N GLN H 192 8.39 -4.08 38.21
CA GLN H 192 7.72 -5.25 37.67
C GLN H 192 8.44 -5.72 36.40
N PRO H 193 8.80 -7.01 36.31
CA PRO H 193 9.46 -7.50 35.10
C PRO H 193 8.58 -7.41 33.88
N THR H 194 9.17 -7.16 32.72
CA THR H 194 8.45 -7.11 31.45
C THR H 194 8.03 -8.51 31.03
N ARG H 195 6.96 -8.58 30.24
CA ARG H 195 6.42 -9.87 29.81
C ARG H 195 7.43 -10.64 28.97
N VAL H 196 8.27 -9.92 28.21
CA VAL H 196 9.28 -10.58 27.39
C VAL H 196 10.30 -11.28 28.27
N ASP H 197 10.71 -10.62 29.36
CA ASP H 197 11.69 -11.24 30.26
C ASP H 197 11.14 -12.51 30.89
N GLN H 198 9.85 -12.52 31.23
CA GLN H 198 9.24 -13.72 31.81
C GLN H 198 9.26 -14.88 30.80
N LYS H 199 8.94 -14.58 29.54
CA LYS H 199 8.91 -15.62 28.53
C LYS H 199 10.30 -16.04 28.06
N MET H 200 11.26 -15.12 28.02
CA MET H 200 12.61 -15.41 27.56
C MET H 200 13.52 -15.91 28.68
N ARG H 201 12.94 -16.41 29.76
CA ARG H 201 13.71 -16.93 30.89
C ARG H 201 13.09 -18.22 31.41
N GLY H 208 14.06 -6.34 37.38
CA GLY H 208 13.55 -5.05 37.79
C GLY H 208 14.66 -4.07 38.11
N VAL H 209 15.16 -3.39 37.08
CA VAL H 209 16.28 -2.46 37.27
C VAL H 209 15.79 -1.22 37.99
N PRO H 210 16.62 -0.59 38.82
CA PRO H 210 16.23 0.69 39.43
C PRO H 210 16.13 1.79 38.39
N VAL H 211 15.28 2.77 38.67
CA VAL H 211 15.05 3.91 37.79
C VAL H 211 15.25 5.19 38.58
N VAL H 212 15.94 6.15 37.96
CA VAL H 212 16.13 7.48 38.55
C VAL H 212 15.61 8.51 37.56
N ILE H 213 14.81 9.45 38.07
CA ILE H 213 14.16 10.46 37.24
C ILE H 213 14.48 11.84 37.80
N THR H 214 14.87 12.75 36.93
CA THR H 214 15.04 14.16 37.26
C THR H 214 14.13 14.96 36.34
N SER H 215 13.44 15.96 36.89
CA SER H 215 12.46 16.71 36.12
C SER H 215 12.26 18.10 36.71
N ASN H 216 12.11 19.09 35.82
CA ASN H 216 11.80 20.44 36.26
C ASN H 216 10.36 20.57 36.73
N GLY H 217 9.45 19.74 36.23
CA GLY H 217 8.05 19.82 36.60
C GLY H 217 7.51 18.52 37.17
N ASP H 218 6.22 18.53 37.51
CA ASP H 218 5.58 17.35 38.10
C ASP H 218 5.35 16.31 37.03
N ILE H 219 5.80 15.07 37.28
CA ILE H 219 5.60 13.99 36.32
C ILE H 219 4.37 13.16 36.60
N THR H 220 3.71 13.35 37.74
CA THR H 220 2.47 12.64 38.02
C THR H 220 1.32 13.10 37.14
N PHE H 221 1.49 14.23 36.44
CA PHE H 221 0.49 14.70 35.49
C PHE H 221 0.79 14.08 34.13
N VAL H 222 0.15 12.95 33.84
CA VAL H 222 0.41 12.22 32.60
C VAL H 222 -0.19 12.97 31.43
N VAL H 223 0.63 13.19 30.41
CA VAL H 223 0.20 13.92 29.22
C VAL H 223 -0.76 13.04 28.43
N SER H 224 -1.91 13.61 28.07
CA SER H 224 -2.92 12.89 27.30
C SER H 224 -3.43 13.80 26.20
N GLY H 225 -2.86 13.68 25.00
CA GLY H 225 -3.19 14.61 23.96
C GLY H 225 -2.73 16.00 24.33
N ASN H 226 -3.46 17.01 23.87
CA ASN H 226 -3.18 18.39 24.25
C ASN H 226 -3.75 18.74 25.61
N THR H 227 -3.45 17.92 26.63
CA THR H 227 -4.02 18.07 27.96
C THR H 227 -3.27 17.11 28.89
N THR H 228 -3.02 17.59 30.11
CA THR H 228 -2.41 16.78 31.15
C THR H 228 -3.51 16.23 32.06
N THR H 229 -3.49 14.92 32.29
CA THR H 229 -4.49 14.26 33.11
C THR H 229 -3.84 13.70 34.36
N THR H 230 -4.62 13.62 35.44
CA THR H 230 -4.13 13.17 36.74
C THR H 230 -4.76 11.86 37.20
N VAL H 231 -5.20 11.02 36.25
CA VAL H 231 -5.83 9.75 36.62
C VAL H 231 -4.83 8.84 37.32
N HIS H 232 -3.62 8.75 36.76
CA HIS H 232 -2.61 7.84 37.28
C HIS H 232 -1.74 8.45 38.37
N ALA H 233 -2.17 9.56 38.96
CA ALA H 233 -1.34 10.26 39.94
C ALA H 233 -1.07 9.38 41.17
N LYS H 234 -2.10 8.72 41.69
CA LYS H 234 -1.94 7.92 42.89
C LYS H 234 -1.06 6.71 42.64
N ALA H 235 -1.24 6.06 41.49
CA ALA H 235 -0.46 4.86 41.18
C ALA H 235 1.02 5.17 41.03
N LEU H 236 1.35 6.27 40.36
CA LEU H 236 2.76 6.64 40.19
C LEU H 236 3.40 7.03 41.51
N LYS H 237 2.63 7.69 42.39
CA LYS H 237 3.17 8.11 43.68
C LYS H 237 3.56 6.90 44.52
N GLU H 238 2.88 5.77 44.32
CA GLU H 238 3.18 4.57 45.11
C GLU H 238 4.56 4.00 44.77
N ARG H 239 5.11 4.36 43.62
CA ARG H 239 6.32 3.74 43.12
C ARG H 239 7.56 4.62 43.20
N MET H 240 7.43 5.86 43.65
CA MET H 240 8.53 6.82 43.56
C MET H 240 8.75 7.51 44.91
N VAL H 241 9.93 8.12 45.03
CA VAL H 241 10.30 8.94 46.19
C VAL H 241 10.72 10.30 45.66
N LYS H 242 10.17 11.37 46.25
CA LYS H 242 10.34 12.73 45.76
C LYS H 242 11.33 13.47 46.64
N LEU H 243 12.40 13.98 46.03
CA LEU H 243 13.38 14.82 46.71
C LEU H 243 13.33 16.21 46.10
N ASN H 244 13.22 17.22 46.95
CA ASN H 244 13.01 18.61 46.51
C ASN H 244 14.35 19.34 46.53
N PHE H 245 15.06 19.28 45.41
CA PHE H 245 16.32 20.02 45.24
C PHE H 245 15.95 21.45 44.83
N THR H 246 15.85 22.32 45.83
CA THR H 246 15.33 23.66 45.61
C THR H 246 16.32 24.78 45.93
N VAL H 247 17.53 24.44 46.37
CA VAL H 247 18.54 25.44 46.72
C VAL H 247 19.60 25.46 45.63
N ARG H 248 19.76 26.62 44.99
CA ARG H 248 20.73 26.75 43.91
C ARG H 248 22.14 26.59 44.44
N CYS H 249 23.01 25.99 43.62
CA CYS H 249 24.39 25.76 44.01
C CYS H 249 25.30 26.85 43.46
N SER H 250 26.27 27.27 44.28
CA SER H 250 27.29 28.18 43.82
C SER H 250 28.13 27.48 42.75
N PRO H 251 28.40 28.12 41.61
CA PRO H 251 28.99 27.40 40.47
C PRO H 251 30.36 26.78 40.73
N ASP H 252 30.93 26.92 41.93
CA ASP H 252 32.24 26.34 42.19
C ASP H 252 32.17 24.86 42.58
N MET H 253 30.98 24.29 42.70
CA MET H 253 30.88 22.85 42.95
C MET H 253 31.44 22.04 41.78
N GLY H 254 31.16 22.48 40.55
CA GLY H 254 31.73 21.82 39.39
C GLY H 254 31.15 20.43 39.16
N LEU H 255 31.86 19.69 38.31
CA LEU H 255 31.44 18.34 37.97
C LEU H 255 31.50 17.43 39.19
N LEU H 256 30.48 16.60 39.36
CA LEU H 256 30.46 15.60 40.40
C LEU H 256 30.83 14.24 39.80
N THR H 257 31.86 13.62 40.38
CA THR H 257 32.49 12.46 39.76
C THR H 257 32.18 11.21 40.56
N GLU H 258 32.65 10.07 40.02
CA GLU H 258 32.41 8.78 40.66
C GLU H 258 33.18 8.66 41.98
N ALA H 259 34.22 9.47 42.16
CA ALA H 259 35.01 9.40 43.39
C ALA H 259 34.20 9.82 44.60
N ASP H 260 33.44 10.92 44.48
CA ASP H 260 32.68 11.43 45.61
C ASP H 260 31.58 10.46 46.02
N VAL H 261 30.94 9.80 45.05
CA VAL H 261 29.85 8.88 45.36
C VAL H 261 30.34 7.73 46.21
N GLN H 262 31.50 7.16 45.85
CA GLN H 262 32.04 6.03 46.60
C GLN H 262 32.42 6.44 48.02
N GLN H 263 32.94 7.66 48.19
CA GLN H 263 33.26 8.15 49.52
C GLN H 263 31.99 8.35 50.34
N TRP H 264 30.98 8.99 49.75
CA TRP H 264 29.75 9.30 50.48
C TRP H 264 29.01 8.03 50.87
N LEU H 265 28.94 7.05 49.96
CA LEU H 265 28.20 5.84 50.25
C LEU H 265 28.93 4.95 51.25
N THR H 266 30.26 4.96 51.26
CA THR H 266 31.01 4.14 52.20
C THR H 266 30.74 4.58 53.64
N TRP H 267 30.74 5.88 53.89
CA TRP H 267 30.45 6.38 55.23
C TRP H 267 29.03 6.06 55.66
N CYS H 268 28.06 6.25 54.75
CA CYS H 268 26.66 6.01 55.10
C CYS H 268 26.42 4.54 55.46
N ASN H 269 27.09 3.63 54.75
CA ASN H 269 26.94 2.21 55.04
C ASN H 269 27.48 1.87 56.43
N ALA H 270 28.61 2.47 56.80
CA ALA H 270 29.30 2.09 58.03
C ALA H 270 28.55 2.52 59.29
N GLN H 271 27.69 3.53 59.20
CA GLN H 271 27.00 4.01 60.38
C GLN H 271 25.84 3.09 60.75
N SER H 272 25.08 3.48 61.77
CA SER H 272 23.96 2.68 62.22
C SER H 272 22.83 2.69 61.18
N TRP H 273 22.24 1.51 60.95
CA TRP H 273 21.13 1.39 60.01
C TRP H 273 19.77 1.60 60.66
N ASP H 274 19.73 1.82 61.98
CA ASP H 274 18.45 1.96 62.67
C ASP H 274 17.72 3.24 62.25
N HIS H 275 18.48 4.29 61.93
CA HIS H 275 17.85 5.55 61.52
C HIS H 275 17.02 5.37 60.26
N TYR H 276 17.57 4.65 59.27
CA TYR H 276 16.81 4.37 58.05
C TYR H 276 15.63 3.44 58.34
N GLU H 277 15.86 2.41 59.17
CA GLU H 277 14.83 1.43 59.43
C GLU H 277 13.64 2.04 60.16
N ASN H 278 13.84 3.16 60.86
CA ASN H 278 12.70 3.86 61.46
C ASN H 278 11.74 4.36 60.40
N TRP H 279 12.27 4.93 59.31
CA TRP H 279 11.43 5.39 58.22
C TRP H 279 10.93 4.23 57.37
N ALA H 280 11.63 3.10 57.43
CA ALA H 280 11.29 1.94 56.61
C ALA H 280 10.01 1.24 57.04
N ILE H 281 9.43 1.60 58.18
CA ILE H 281 8.18 0.98 58.61
C ILE H 281 7.08 1.21 57.59
N ASN H 282 6.94 2.46 57.14
CA ASN H 282 6.07 2.77 56.01
C ASN H 282 6.76 3.83 55.16
N TYR H 283 6.72 3.64 53.84
CA TYR H 283 7.44 4.54 52.95
C TYR H 283 6.64 5.82 52.72
N THR H 284 7.17 6.93 53.21
CA THR H 284 6.57 8.23 52.96
C THR H 284 7.05 8.76 51.61
N PHE H 285 6.11 9.15 50.76
CA PHE H 285 6.46 9.59 49.41
C PHE H 285 7.41 10.79 49.45
N ASP H 286 7.09 11.79 50.25
CA ASP H 286 8.00 12.91 50.44
C ASP H 286 9.09 12.52 51.44
N PHE H 287 10.34 12.50 50.96
CA PHE H 287 11.43 12.04 51.80
C PHE H 287 11.71 13.06 52.91
N PRO H 288 11.92 12.59 54.14
CA PRO H 288 12.22 13.52 55.24
C PRO H 288 13.56 14.23 55.02
N GLY H 289 13.63 15.46 55.51
CA GLY H 289 14.82 16.27 55.33
C GLY H 289 15.85 16.10 56.42
N ILE H 290 16.41 17.21 56.90
CA ILE H 290 17.43 17.16 57.94
C ILE H 290 16.71 17.13 59.30
N ASN H 291 16.96 16.08 60.07
CA ASN H 291 16.51 16.03 61.46
C ASN H 291 17.68 16.49 62.33
N ALA H 292 17.71 17.78 62.65
CA ALA H 292 18.83 18.36 63.38
C ALA H 292 19.02 17.76 64.76
N ASP H 293 17.97 17.15 65.33
CA ASP H 293 18.12 16.45 66.60
C ASP H 293 18.84 15.12 66.46
N ALA H 294 18.89 14.57 65.25
CA ALA H 294 19.55 13.30 64.99
C ALA H 294 20.76 13.41 64.06
N LEU H 295 21.13 14.62 63.66
CA LEU H 295 22.26 14.80 62.75
C LEU H 295 23.55 14.28 63.39
N HIS H 296 24.35 13.59 62.59
CA HIS H 296 25.58 13.00 63.11
C HIS H 296 26.56 14.10 63.49
N PRO H 297 27.35 13.91 64.55
CA PRO H 297 28.29 14.96 64.97
C PRO H 297 29.34 15.31 63.93
N ASP H 298 29.61 14.43 62.97
CA ASP H 298 30.59 14.76 61.93
C ASP H 298 30.16 15.96 61.11
N LEU H 299 28.85 16.14 60.92
CA LEU H 299 28.35 17.28 60.17
C LEU H 299 27.89 18.43 61.05
N GLN H 300 27.68 18.19 62.34
CA GLN H 300 27.30 19.26 63.25
C GLN H 300 28.42 20.29 63.39
N THR H 301 28.04 21.56 63.43
CA THR H 301 29.00 22.64 63.55
C THR H 301 28.79 23.41 64.86
N VAL I 3 12.80 -52.90 19.30
CA VAL I 3 13.71 -52.27 18.34
C VAL I 3 15.13 -52.23 18.89
N VAL I 4 16.01 -52.98 18.26
CA VAL I 4 17.41 -53.04 18.71
C VAL I 4 18.07 -51.68 18.48
N PRO I 5 18.73 -51.10 19.48
CA PRO I 5 19.38 -49.80 19.28
C PRO I 5 20.51 -49.83 18.26
N PHE I 6 20.84 -48.68 17.70
CA PHE I 6 21.95 -48.59 16.76
C PHE I 6 23.27 -48.91 17.46
N ASN I 7 24.19 -49.54 16.73
CA ASN I 7 25.42 -50.04 17.30
C ASN I 7 26.53 -48.99 17.38
N GLY I 8 26.26 -47.75 16.99
CA GLY I 8 27.28 -46.72 17.01
C GLY I 8 27.80 -46.46 18.41
N LYS I 9 29.10 -46.20 18.49
CA LYS I 9 29.77 -45.87 19.75
C LYS I 9 30.39 -44.49 19.64
N GLY I 10 30.26 -43.71 20.70
CA GLY I 10 30.66 -42.32 20.64
C GLY I 10 32.02 -42.06 21.27
N THR I 11 32.61 -40.93 20.87
CA THR I 11 33.86 -40.46 21.43
C THR I 11 33.62 -39.93 22.85
N LYS I 12 34.69 -39.82 23.63
CA LYS I 12 34.57 -39.30 24.99
C LYS I 12 33.98 -37.89 24.98
N ALA I 13 34.16 -37.14 23.90
CA ALA I 13 33.52 -35.85 23.77
C ALA I 13 32.00 -36.00 23.74
N SER I 14 31.51 -37.08 23.14
CA SER I 14 30.08 -37.33 23.09
C SER I 14 29.55 -37.83 24.44
N ILE I 15 30.34 -38.65 25.13
CA ILE I 15 29.91 -39.14 26.45
C ILE I 15 29.85 -37.99 27.44
N LYS I 16 30.77 -37.02 27.33
CA LYS I 16 30.70 -35.82 28.13
C LYS I 16 29.39 -35.07 27.88
N PHE I 17 29.01 -34.96 26.61
CA PHE I 17 27.75 -34.30 26.27
C PHE I 17 26.56 -35.07 26.83
N GLN I 18 26.57 -36.40 26.70
CA GLN I 18 25.46 -37.20 27.20
C GLN I 18 25.34 -37.09 28.72
N THR I 19 26.47 -37.14 29.43
CA THR I 19 26.45 -36.94 30.88
C THR I 19 25.97 -35.53 31.21
N MET I 20 26.38 -34.54 30.42
CA MET I 20 25.94 -33.16 30.67
C MET I 20 24.45 -32.99 30.45
N VAL I 21 23.87 -33.75 29.51
CA VAL I 21 22.43 -33.68 29.29
C VAL I 21 21.69 -34.28 30.47
N ASN I 22 22.17 -35.41 30.98
CA ASN I 22 21.53 -36.03 32.14
C ASN I 22 21.65 -35.15 33.38
N TRP I 23 22.74 -34.39 33.49
CA TRP I 23 22.90 -33.49 34.63
C TRP I 23 21.87 -32.38 34.62
N LEU I 24 21.42 -31.96 33.44
CA LEU I 24 20.45 -30.88 33.35
C LEU I 24 19.08 -31.32 33.85
N CYS I 25 18.66 -32.54 33.50
CA CYS I 25 17.35 -33.03 33.93
C CYS I 25 17.31 -33.24 35.45
N GLU I 26 18.40 -33.74 36.02
CA GLU I 26 18.44 -34.01 37.45
C GLU I 26 18.25 -32.76 38.29
N ASN I 27 18.72 -31.62 37.80
CA ASN I 27 18.67 -30.36 38.55
C ASN I 27 17.63 -29.40 38.00
N ARG I 28 16.77 -29.85 37.09
CA ARG I 28 15.67 -29.04 36.55
C ARG I 28 16.16 -27.74 35.93
N VAL I 29 17.28 -27.82 35.21
CA VAL I 29 17.84 -26.64 34.53
C VAL I 29 17.45 -26.75 33.07
N PHE I 30 16.53 -25.88 32.64
CA PHE I 30 15.98 -25.94 31.29
C PHE I 30 16.15 -24.64 30.52
N THR I 31 16.86 -23.65 31.07
CA THR I 31 17.08 -22.39 30.36
C THR I 31 18.44 -21.84 30.75
N GLU I 32 18.94 -20.94 29.91
CA GLU I 32 20.28 -20.38 30.11
C GLU I 32 20.37 -19.57 31.40
N ASP I 33 19.32 -18.79 31.70
CA ASP I 33 19.34 -17.98 32.92
C ASP I 33 19.41 -18.87 34.16
N LYS I 34 18.69 -19.99 34.16
CA LYS I 34 18.79 -20.94 35.26
C LYS I 34 20.18 -21.57 35.30
N TRP I 35 20.75 -21.86 34.13
CA TRP I 35 22.08 -22.47 34.07
C TRP I 35 23.15 -21.53 34.63
N LYS I 36 23.08 -20.25 34.29
CA LYS I 36 24.08 -19.30 34.79
C LYS I 36 23.99 -19.16 36.29
N LEU I 37 22.77 -19.13 36.84
CA LEU I 37 22.60 -19.06 38.28
C LEU I 37 23.16 -20.30 38.98
N VAL I 38 22.90 -21.48 38.40
CA VAL I 38 23.28 -22.73 39.06
C VAL I 38 24.77 -22.99 38.89
N ASP I 39 25.25 -23.03 37.64
CA ASP I 39 26.64 -23.37 37.34
C ASP I 39 27.19 -22.35 36.33
N PHE I 40 27.74 -21.26 36.86
CA PHE I 40 28.33 -20.25 35.99
C PHE I 40 29.68 -20.70 35.45
N ASN I 41 30.41 -21.52 36.20
CA ASN I 41 31.74 -21.95 35.76
C ASN I 41 31.64 -22.83 34.52
N GLN I 42 30.80 -23.86 34.56
CA GLN I 42 30.68 -24.74 33.41
C GLN I 42 30.10 -24.01 32.21
N TYR I 43 29.21 -23.05 32.46
CA TYR I 43 28.70 -22.21 31.38
C TYR I 43 29.81 -21.36 30.77
N THR I 44 30.71 -20.84 31.62
CA THR I 44 31.81 -20.02 31.12
C THR I 44 32.76 -20.82 30.25
N LEU I 45 33.12 -22.03 30.69
CA LEU I 45 34.05 -22.87 29.92
C LEU I 45 33.45 -23.25 28.57
N LEU I 46 32.17 -23.62 28.55
CA LEU I 46 31.56 -24.08 27.30
C LEU I 46 31.50 -22.95 26.27
N SER I 47 31.22 -21.73 26.70
CA SER I 47 31.10 -20.61 25.77
C SER I 47 32.44 -20.06 25.33
N SER I 48 33.55 -20.66 25.76
CA SER I 48 34.87 -20.18 25.35
C SER I 48 35.12 -20.40 23.87
N SER I 49 34.46 -21.39 23.27
CA SER I 49 34.72 -21.73 21.88
C SER I 49 33.39 -21.95 21.16
N HIS I 50 33.41 -21.74 19.83
CA HIS I 50 32.20 -21.91 19.04
C HIS I 50 31.72 -23.36 19.08
N SER I 51 32.65 -24.32 19.09
CA SER I 51 32.26 -25.73 19.18
C SER I 51 31.67 -26.08 20.53
N GLY I 52 31.82 -25.21 21.52
CA GLY I 52 31.27 -25.46 22.84
C GLY I 52 29.97 -24.75 23.07
N SER I 53 29.83 -23.54 22.53
CA SER I 53 28.58 -22.81 22.67
C SER I 53 27.44 -23.49 21.91
N PHE I 54 27.76 -24.26 20.88
CA PHE I 54 26.75 -25.06 20.20
C PHE I 54 26.18 -26.12 21.14
N GLN I 55 27.04 -26.73 21.96
CA GLN I 55 26.59 -27.76 22.90
C GLN I 55 25.64 -27.19 23.94
N ILE I 56 25.80 -25.91 24.30
CA ILE I 56 24.89 -25.29 25.26
C ILE I 56 23.47 -25.26 24.69
N GLN I 57 23.33 -24.87 23.44
CA GLN I 57 22.02 -24.83 22.80
C GLN I 57 21.47 -26.24 22.58
N SER I 58 22.32 -27.16 22.14
CA SER I 58 21.86 -28.51 21.83
C SER I 58 21.44 -29.26 23.09
N ALA I 59 22.18 -29.09 24.19
CA ALA I 59 21.89 -29.85 25.40
C ALA I 59 20.52 -29.50 25.96
N LEU I 60 20.19 -28.20 26.00
CA LEU I 60 18.92 -27.78 26.58
C LEU I 60 17.74 -28.30 25.79
N LYS I 61 17.84 -28.32 24.46
CA LYS I 61 16.73 -28.77 23.63
C LYS I 61 16.40 -30.23 23.90
N LEU I 62 17.41 -31.07 24.08
CA LEU I 62 17.16 -32.47 24.41
C LEU I 62 16.69 -32.63 25.84
N ALA I 63 17.18 -31.78 26.74
CA ALA I 63 16.76 -31.85 28.14
C ALA I 63 15.28 -31.50 28.27
N ILE I 64 14.83 -30.47 27.56
CA ILE I 64 13.42 -30.10 27.60
C ILE I 64 12.56 -31.21 27.02
N TYR I 65 13.01 -31.82 25.93
CA TYR I 65 12.26 -32.91 25.32
C TYR I 65 12.19 -34.12 26.26
N LYS I 66 13.30 -34.42 26.94
CA LYS I 66 13.32 -35.59 27.81
C LYS I 66 12.38 -35.41 29.00
N ALA I 67 12.43 -34.26 29.66
CA ALA I 67 11.60 -34.03 30.83
C ALA I 67 10.13 -33.87 30.47
N THR I 68 9.81 -33.62 29.20
CA THR I 68 8.41 -33.41 28.82
C THR I 68 7.77 -34.68 28.29
N ASN I 69 8.51 -35.49 27.54
CA ASN I 69 7.93 -36.63 26.84
C ASN I 69 8.42 -37.97 27.34
N LEU I 70 9.74 -38.18 27.43
CA LEU I 70 10.28 -39.49 27.74
C LEU I 70 9.97 -39.95 29.16
N VAL I 71 9.71 -39.03 30.08
CA VAL I 71 9.39 -39.35 31.46
C VAL I 71 8.03 -38.75 31.80
N PRO I 72 7.15 -39.47 32.50
CA PRO I 72 5.87 -38.88 32.90
C PRO I 72 6.07 -37.67 33.80
N THR I 73 5.19 -36.68 33.64
CA THR I 73 5.32 -35.45 34.40
C THR I 73 5.10 -35.68 35.90
N SER I 74 4.33 -36.72 36.26
CA SER I 74 4.06 -36.99 37.66
C SER I 74 5.33 -37.38 38.41
N THR I 75 6.32 -37.94 37.72
CA THR I 75 7.57 -38.32 38.38
C THR I 75 8.32 -37.13 38.95
N PHE I 76 8.09 -35.93 38.41
CA PHE I 76 8.74 -34.74 38.95
C PHE I 76 8.04 -34.20 40.19
N LEU I 77 6.83 -34.67 40.46
CA LEU I 77 6.04 -34.18 41.60
C LEU I 77 6.15 -35.06 42.82
N LEU I 78 6.18 -36.38 42.65
CA LEU I 78 6.27 -37.30 43.77
C LEU I 78 7.66 -37.22 44.39
N HIS I 79 7.72 -36.71 45.62
CA HIS I 79 8.99 -36.60 46.33
C HIS I 79 9.59 -37.98 46.62
N CYS I 87 2.85 -34.08 60.01
CA CYS I 87 1.39 -34.11 60.04
C CYS I 87 0.81 -33.74 58.68
N ILE I 88 -0.09 -34.57 58.17
CA ILE I 88 -0.74 -34.28 56.89
C ILE I 88 -1.62 -33.05 57.00
N LYS I 89 -2.26 -32.87 58.15
CA LYS I 89 -3.14 -31.72 58.34
C LYS I 89 -2.37 -30.40 58.36
N ASP I 90 -1.05 -30.45 58.54
CA ASP I 90 -0.24 -29.24 58.62
C ASP I 90 0.12 -28.68 57.24
N ASN I 91 -0.22 -29.37 56.16
CA ASN I 91 0.00 -28.83 54.83
C ASN I 91 -1.01 -27.75 54.53
N LYS I 92 -0.54 -26.62 53.99
CA LYS I 92 -1.44 -25.51 53.70
C LYS I 92 -2.49 -25.88 52.68
N ILE I 93 -2.11 -26.67 51.66
CA ILE I 93 -3.08 -27.09 50.65
C ILE I 93 -4.15 -27.98 51.26
N VAL I 94 -3.78 -28.81 52.23
CA VAL I 94 -4.78 -29.63 52.93
C VAL I 94 -5.76 -28.74 53.67
N LYS I 95 -5.27 -27.71 54.35
CA LYS I 95 -6.15 -26.77 55.02
C LYS I 95 -7.02 -26.01 54.01
N LEU I 96 -6.43 -25.63 52.87
CA LEU I 96 -7.15 -24.89 51.85
C LEU I 96 -8.32 -25.71 51.29
N LEU I 97 -8.03 -26.95 50.87
CA LEU I 97 -9.06 -27.77 50.24
C LEU I 97 -10.17 -28.12 51.22
N LEU I 98 -9.87 -28.19 52.51
CA LEU I 98 -10.92 -28.42 53.50
C LEU I 98 -11.77 -27.16 53.69
N CYS I 99 -11.14 -25.99 53.68
CA CYS I 99 -11.90 -24.74 53.79
C CYS I 99 -12.87 -24.57 52.63
N GLN I 100 -12.42 -24.89 51.42
CA GLN I 100 -13.26 -24.83 50.24
C GLN I 100 -14.24 -25.99 50.12
N ASN I 101 -14.28 -26.87 51.13
CA ASN I 101 -15.20 -28.00 51.17
C ASN I 101 -14.94 -28.99 50.04
N TYR I 102 -13.68 -29.35 49.83
CA TYR I 102 -13.28 -30.31 48.82
C TYR I 102 -12.40 -31.39 49.44
N ASP I 103 -12.60 -32.63 49.01
CA ASP I 103 -11.87 -33.77 49.54
C ASP I 103 -10.40 -33.69 49.11
N PRO I 104 -9.48 -33.41 50.04
CA PRO I 104 -8.08 -33.25 49.65
C PRO I 104 -7.47 -34.48 49.00
N LEU I 105 -7.92 -35.68 49.39
CA LEU I 105 -7.41 -36.89 48.77
C LEU I 105 -7.89 -37.00 47.32
N LEU I 106 -9.14 -36.64 47.06
CA LEU I 106 -9.67 -36.76 45.71
C LEU I 106 -9.11 -35.69 44.79
N VAL I 107 -8.89 -34.48 45.31
CA VAL I 107 -8.31 -33.41 44.50
C VAL I 107 -6.90 -33.79 44.07
N GLY I 108 -6.10 -34.30 45.02
CA GLY I 108 -4.73 -34.66 44.69
C GLY I 108 -4.64 -35.76 43.66
N GLN I 109 -5.48 -36.79 43.79
CA GLN I 109 -5.43 -37.90 42.86
C GLN I 109 -5.91 -37.49 41.46
N HIS I 110 -6.66 -36.40 41.37
CA HIS I 110 -7.07 -35.91 40.06
C HIS I 110 -5.91 -35.21 39.36
N VAL I 111 -5.11 -34.45 40.12
CA VAL I 111 -3.95 -33.76 39.54
C VAL I 111 -2.96 -34.76 38.98
N LEU I 112 -2.77 -35.90 39.67
CA LEU I 112 -1.83 -36.91 39.20
C LEU I 112 -2.24 -37.46 37.84
N LYS I 113 -3.53 -37.73 37.66
CA LYS I 113 -4.00 -38.20 36.35
C LYS I 113 -4.04 -37.06 35.34
N TRP I 114 -4.48 -35.87 35.77
CA TRP I 114 -4.63 -34.75 34.86
C TRP I 114 -3.28 -34.28 34.33
N ILE I 115 -2.26 -34.25 35.19
CA ILE I 115 -0.94 -33.79 34.75
C ILE I 115 -0.26 -34.81 33.85
N ASP I 116 -0.77 -36.05 33.80
CA ASP I 116 -0.22 -37.08 32.93
C ASP I 116 -1.04 -37.29 31.67
N LYS I 117 -2.03 -36.43 31.40
CA LYS I 117 -2.88 -36.47 30.23
C LYS I 117 -3.67 -37.77 30.12
N LYS I 118 -3.86 -38.49 31.24
CA LYS I 118 -4.57 -39.76 31.20
C LYS I 118 -6.09 -39.62 31.31
N CYS I 119 -6.58 -38.42 31.63
CA CYS I 119 -8.01 -38.22 31.82
C CYS I 119 -8.79 -38.27 30.50
N GLY I 120 -8.12 -38.21 29.37
CA GLY I 120 -8.84 -38.29 28.11
C GLY I 120 -9.27 -36.92 27.61
N LYS I 121 -10.56 -36.78 27.34
CA LYS I 121 -11.07 -35.53 26.78
C LYS I 121 -10.95 -34.37 27.77
N LYS I 122 -11.20 -34.62 29.05
CA LYS I 122 -11.17 -33.56 30.06
C LYS I 122 -9.72 -33.25 30.45
N ASN I 123 -9.10 -32.41 29.63
CA ASN I 123 -7.71 -32.02 29.81
C ASN I 123 -7.55 -30.73 30.63
N THR I 124 -8.64 -30.10 31.05
CA THR I 124 -8.58 -28.79 31.66
C THR I 124 -8.95 -28.86 33.13
N LEU I 125 -8.28 -28.04 33.94
CA LEU I 125 -8.64 -27.82 35.33
C LEU I 125 -8.98 -26.34 35.51
N TRP I 126 -10.15 -26.07 36.08
CA TRP I 126 -10.66 -24.71 36.19
C TRP I 126 -10.89 -24.37 37.66
N PHE I 127 -10.33 -23.25 38.11
CA PHE I 127 -10.55 -22.73 39.44
C PHE I 127 -11.45 -21.49 39.34
N TYR I 128 -12.47 -21.44 40.19
CA TYR I 128 -13.47 -20.39 40.14
C TYR I 128 -13.76 -19.86 41.54
N GLY I 129 -14.16 -18.60 41.62
CA GLY I 129 -14.56 -18.02 42.87
C GLY I 129 -14.30 -16.52 42.99
N PRO I 130 -14.77 -15.92 44.08
CA PRO I 130 -14.55 -14.48 44.30
C PRO I 130 -13.07 -14.18 44.47
N PRO I 131 -12.68 -12.90 44.37
CA PRO I 131 -11.26 -12.56 44.49
C PRO I 131 -10.71 -12.85 45.88
N SER I 132 -9.39 -13.07 45.92
CA SER I 132 -8.66 -13.35 47.16
C SER I 132 -9.19 -14.60 47.85
N THR I 133 -9.05 -15.74 47.16
CA THR I 133 -9.46 -17.02 47.70
C THR I 133 -8.46 -18.13 47.40
N GLY I 134 -7.29 -17.80 46.85
CA GLY I 134 -6.23 -18.77 46.64
C GLY I 134 -6.26 -19.50 45.31
N LYS I 135 -7.02 -19.01 44.33
CA LYS I 135 -7.05 -19.65 43.02
C LYS I 135 -5.69 -19.57 42.34
N THR I 136 -5.14 -18.36 42.25
CA THR I 136 -3.83 -18.19 41.64
C THR I 136 -2.73 -18.83 42.48
N ASN I 137 -2.86 -18.71 43.81
CA ASN I 137 -1.83 -19.23 44.71
C ASN I 137 -1.63 -20.73 44.57
N LEU I 138 -2.74 -21.47 44.47
CA LEU I 138 -2.64 -22.91 44.28
C LEU I 138 -2.15 -23.25 42.87
N ALA I 139 -2.69 -22.56 41.87
CA ALA I 139 -2.31 -22.84 40.49
C ALA I 139 -0.84 -22.55 40.24
N MET I 140 -0.34 -21.42 40.74
CA MET I 140 1.06 -21.08 40.54
C MET I 140 1.97 -21.98 41.36
N ALA I 141 1.47 -22.55 42.45
CA ALA I 141 2.25 -23.49 43.25
C ALA I 141 2.53 -24.76 42.45
N ILE I 142 1.49 -25.31 41.81
CA ILE I 142 1.66 -26.51 41.00
C ILE I 142 2.55 -26.21 39.80
N ALA I 143 2.35 -25.05 39.16
CA ALA I 143 3.12 -24.69 37.99
C ALA I 143 4.60 -24.53 38.31
N LYS I 144 4.93 -24.24 39.57
CA LYS I 144 6.34 -24.12 39.95
C LYS I 144 6.97 -25.48 40.22
N SER I 145 6.19 -26.56 40.23
CA SER I 145 6.71 -27.89 40.48
C SER I 145 6.85 -28.72 39.21
N VAL I 146 6.15 -28.37 38.13
CA VAL I 146 6.29 -29.07 36.86
C VAL I 146 7.61 -28.63 36.23
N PRO I 147 8.21 -29.43 35.34
CA PRO I 147 9.50 -29.06 34.74
C PRO I 147 9.46 -27.72 34.02
N VAL I 148 8.63 -27.60 33.00
CA VAL I 148 8.51 -26.39 32.20
C VAL I 148 7.04 -26.04 32.05
N TYR I 149 6.71 -24.76 32.22
CA TYR I 149 5.35 -24.30 32.10
C TYR I 149 5.33 -22.98 31.33
N GLY I 150 4.18 -22.69 30.71
CA GLY I 150 3.96 -21.43 30.04
C GLY I 150 2.62 -20.84 30.46
N MET I 151 2.45 -19.55 30.13
CA MET I 151 1.23 -18.83 30.47
C MET I 151 0.65 -18.18 29.24
N VAL I 152 -0.69 -18.25 29.13
CA VAL I 152 -1.39 -17.57 28.04
C VAL I 152 -1.24 -16.06 28.16
N ASN I 153 -1.10 -15.55 29.39
CA ASN I 153 -0.98 -14.12 29.60
C ASN I 153 0.24 -13.54 28.90
N TRP I 154 1.34 -14.30 28.82
CA TRP I 154 2.55 -13.81 28.18
C TRP I 154 2.39 -13.61 26.68
N ASN I 155 1.66 -14.51 26.02
CA ASN I 155 1.64 -14.54 24.56
C ASN I 155 0.85 -13.37 23.99
N ASN I 156 0.92 -13.23 22.67
CA ASN I 156 0.31 -12.11 21.98
C ASN I 156 -1.21 -12.12 22.16
N GLU I 157 -1.80 -10.92 22.18
CA GLU I 157 -3.24 -10.78 22.38
C GLU I 157 -4.05 -11.52 21.33
N ASN I 158 -3.58 -11.59 20.10
CA ASN I 158 -4.25 -12.32 19.03
C ASN I 158 -3.58 -13.65 18.72
N PHE I 159 -2.46 -13.96 19.37
CA PHE I 159 -1.76 -15.24 19.18
C PHE I 159 -1.44 -15.83 20.56
N PRO I 160 -2.47 -16.32 21.27
CA PRO I 160 -2.25 -16.73 22.66
C PRO I 160 -1.60 -18.09 22.81
N PHE I 161 -1.73 -18.97 21.81
CA PHE I 161 -1.32 -20.37 21.96
C PHE I 161 -0.02 -20.68 21.24
N ASN I 162 0.93 -19.75 21.25
CA ASN I 162 2.25 -20.03 20.70
C ASN I 162 3.14 -20.70 21.75
N ASP I 163 3.98 -21.61 21.27
CA ASP I 163 4.97 -22.31 22.11
C ASP I 163 4.29 -23.14 23.20
N VAL I 164 3.10 -23.66 22.93
CA VAL I 164 2.47 -24.57 23.89
C VAL I 164 3.21 -25.89 23.93
N ALA I 165 3.84 -26.28 22.82
CA ALA I 165 4.66 -27.48 22.80
C ALA I 165 5.92 -27.27 23.62
N GLY I 166 6.43 -28.37 24.19
CA GLY I 166 7.58 -28.29 25.06
C GLY I 166 7.28 -27.87 26.47
N LYS I 167 6.01 -27.69 26.82
CA LYS I 167 5.60 -27.28 28.16
C LYS I 167 4.85 -28.42 28.83
N SER I 168 5.07 -28.57 30.14
CA SER I 168 4.34 -29.56 30.91
C SER I 168 2.99 -29.02 31.38
N LEU I 169 2.76 -27.72 31.25
CA LEU I 169 1.54 -27.10 31.75
C LEU I 169 1.37 -25.74 31.09
N VAL I 170 0.11 -25.35 30.88
CA VAL I 170 -0.25 -24.02 30.41
C VAL I 170 -1.18 -23.40 31.43
N VAL I 171 -0.82 -22.21 31.91
CA VAL I 171 -1.57 -21.53 32.96
C VAL I 171 -2.26 -20.32 32.36
N TRP I 172 -3.58 -20.23 32.57
CA TRP I 172 -4.39 -19.12 32.04
C TRP I 172 -5.03 -18.43 33.25
N ASP I 173 -4.43 -17.32 33.68
CA ASP I 173 -4.88 -16.61 34.87
C ASP I 173 -5.87 -15.53 34.48
N GLU I 174 -7.01 -15.49 35.17
CA GLU I 174 -8.08 -14.53 34.90
C GLU I 174 -8.50 -14.59 33.42
N GLY I 175 -8.63 -15.81 32.91
CA GLY I 175 -8.85 -15.98 31.49
C GLY I 175 -10.29 -15.72 31.08
N ILE I 176 -10.45 -15.14 29.90
CA ILE I 176 -11.74 -14.94 29.26
C ILE I 176 -11.60 -15.33 27.80
N ILE I 177 -12.59 -16.05 27.28
CA ILE I 177 -12.53 -16.62 25.94
C ILE I 177 -13.32 -15.73 24.99
N LYS I 178 -12.69 -15.33 23.90
CA LYS I 178 -13.35 -14.57 22.85
C LYS I 178 -13.74 -15.48 21.70
N SER I 179 -14.60 -14.95 20.81
CA SER I 179 -15.01 -15.70 19.64
C SER I 179 -13.92 -15.79 18.59
N THR I 180 -12.96 -14.87 18.62
CA THR I 180 -11.85 -14.92 17.66
C THR I 180 -10.90 -16.07 17.92
N ILE I 181 -10.87 -16.59 19.16
CA ILE I 181 -9.97 -17.67 19.52
C ILE I 181 -10.71 -18.86 20.13
N VAL I 182 -12.03 -18.91 20.03
CA VAL I 182 -12.77 -20.00 20.68
C VAL I 182 -12.51 -21.33 19.99
N GLU I 183 -12.15 -21.31 18.71
CA GLU I 183 -11.84 -22.56 18.01
C GLU I 183 -10.46 -23.09 18.41
N ALA I 184 -9.47 -22.20 18.53
CA ALA I 184 -8.16 -22.62 19.01
C ALA I 184 -8.21 -23.07 20.46
N ALA I 185 -9.05 -22.41 21.27
CA ALA I 185 -9.18 -22.79 22.68
C ALA I 185 -9.74 -24.20 22.81
N LYS I 186 -10.73 -24.55 21.99
CA LYS I 186 -11.32 -25.88 22.06
C LYS I 186 -10.30 -26.96 21.75
N ALA I 187 -9.39 -26.69 20.81
CA ALA I 187 -8.39 -27.69 20.45
C ALA I 187 -7.45 -27.99 21.61
N ILE I 188 -7.04 -26.95 22.34
CA ILE I 188 -6.04 -27.14 23.38
C ILE I 188 -6.69 -27.56 24.71
N LEU I 189 -7.85 -27.00 25.03
CA LEU I 189 -8.53 -27.38 26.26
C LEU I 189 -8.97 -28.84 26.23
N GLY I 190 -9.28 -29.37 25.06
CA GLY I 190 -9.67 -30.74 24.91
C GLY I 190 -8.53 -31.72 24.78
N GLY I 191 -7.28 -31.25 24.78
CA GLY I 191 -6.14 -32.13 24.64
C GLY I 191 -5.83 -32.56 23.23
N GLN I 192 -6.53 -32.00 22.26
CA GLN I 192 -6.29 -32.36 20.86
C GLN I 192 -5.01 -31.70 20.37
N PRO I 193 -4.05 -32.48 19.83
CA PRO I 193 -2.82 -31.86 19.31
C PRO I 193 -3.08 -30.89 18.17
N THR I 194 -2.30 -29.82 18.12
CA THR I 194 -2.48 -28.81 17.07
C THR I 194 -2.06 -29.37 15.72
N ARG I 195 -2.56 -28.75 14.65
CA ARG I 195 -2.24 -29.21 13.30
C ARG I 195 -0.77 -29.00 12.97
N VAL I 196 -0.17 -27.95 13.55
CA VAL I 196 1.25 -27.70 13.31
C VAL I 196 2.10 -28.84 13.85
N ASP I 197 1.78 -29.33 15.05
CA ASP I 197 2.47 -30.48 15.60
C ASP I 197 2.24 -31.72 14.75
N GLN I 198 1.02 -31.86 14.21
CA GLN I 198 0.71 -32.98 13.33
C GLN I 198 1.57 -32.94 12.07
N LYS I 199 1.65 -31.76 11.44
CA LYS I 199 2.47 -31.62 10.25
C LYS I 199 3.96 -31.73 10.57
N MET I 200 4.41 -31.15 11.68
CA MET I 200 5.81 -31.15 12.08
C MET I 200 6.13 -32.33 13.00
N ARG I 201 5.37 -33.42 12.90
CA ARG I 201 5.60 -34.59 13.73
C ARG I 201 6.92 -35.27 13.37
N VAL I 209 -1.43 -31.13 26.02
CA VAL I 209 -0.82 -30.39 27.12
C VAL I 209 -1.88 -29.95 28.12
N PRO I 210 -1.70 -30.33 29.38
CA PRO I 210 -2.66 -29.93 30.41
C PRO I 210 -2.77 -28.41 30.52
N VAL I 211 -3.99 -27.93 30.74
CA VAL I 211 -4.27 -26.51 30.87
C VAL I 211 -4.99 -26.28 32.20
N VAL I 212 -4.48 -25.34 32.99
CA VAL I 212 -5.09 -24.93 34.24
C VAL I 212 -5.54 -23.48 34.12
N ILE I 213 -6.77 -23.20 34.52
CA ILE I 213 -7.38 -21.88 34.36
C ILE I 213 -7.89 -21.40 35.71
N THR I 214 -7.73 -20.10 35.95
CA THR I 214 -8.34 -19.42 37.09
C THR I 214 -9.11 -18.22 36.57
N SER I 215 -10.27 -17.95 37.16
CA SER I 215 -11.12 -16.87 36.69
C SER I 215 -12.10 -16.46 37.77
N ASN I 216 -12.56 -15.21 37.69
CA ASN I 216 -13.59 -14.72 38.60
C ASN I 216 -14.99 -14.86 38.02
N GLY I 217 -15.13 -14.86 36.70
CA GLY I 217 -16.42 -15.04 36.07
C GLY I 217 -16.54 -16.37 35.37
N ASP I 218 -17.70 -16.64 34.76
CA ASP I 218 -17.93 -17.89 34.06
C ASP I 218 -17.26 -17.82 32.69
N ILE I 219 -16.32 -18.72 32.42
CA ILE I 219 -15.62 -18.72 31.15
C ILE I 219 -16.36 -19.52 30.08
N THR I 220 -17.41 -20.24 30.43
CA THR I 220 -18.24 -20.87 29.41
C THR I 220 -18.93 -19.84 28.52
N PHE I 221 -19.20 -18.65 29.05
CA PHE I 221 -19.68 -17.56 28.22
C PHE I 221 -18.54 -17.06 27.34
N VAL I 222 -18.81 -16.92 26.05
CA VAL I 222 -17.81 -16.54 25.07
C VAL I 222 -18.14 -15.16 24.52
N VAL I 223 -17.15 -14.26 24.54
CA VAL I 223 -17.35 -12.89 24.08
C VAL I 223 -17.40 -12.88 22.56
N SER I 224 -18.47 -12.28 22.01
CA SER I 224 -18.63 -12.13 20.57
C SER I 224 -18.96 -10.66 20.32
N GLY I 225 -17.93 -9.86 20.05
CA GLY I 225 -18.12 -8.42 20.00
C GLY I 225 -18.40 -7.88 21.38
N ASN I 226 -19.42 -7.02 21.48
CA ASN I 226 -19.84 -6.52 22.79
C ASN I 226 -20.96 -7.35 23.40
N THR I 227 -20.81 -8.67 23.44
CA THR I 227 -21.87 -9.56 23.91
C THR I 227 -21.29 -10.94 24.19
N THR I 228 -21.75 -11.55 25.29
CA THR I 228 -21.44 -12.94 25.58
C THR I 228 -22.50 -13.86 24.99
N THR I 229 -22.07 -14.99 24.44
CA THR I 229 -22.96 -16.00 23.90
C THR I 229 -22.78 -17.31 24.66
N THR I 230 -23.81 -18.16 24.59
CA THR I 230 -23.80 -19.46 25.26
C THR I 230 -23.71 -20.63 24.31
N VAL I 231 -23.40 -20.40 23.04
CA VAL I 231 -23.36 -21.48 22.05
C VAL I 231 -22.29 -22.50 22.41
N HIS I 232 -21.10 -22.03 22.79
CA HIS I 232 -19.99 -22.93 23.08
C HIS I 232 -20.01 -23.46 24.52
N ALA I 233 -21.05 -23.17 25.29
CA ALA I 233 -21.08 -23.61 26.68
C ALA I 233 -21.10 -25.12 26.79
N LYS I 234 -21.86 -25.80 25.93
CA LYS I 234 -21.97 -27.25 26.02
C LYS I 234 -20.64 -27.93 25.69
N ALA I 235 -19.95 -27.46 24.65
CA ALA I 235 -18.70 -28.09 24.25
C ALA I 235 -17.58 -27.82 25.26
N LEU I 236 -17.54 -26.61 25.82
CA LEU I 236 -16.49 -26.28 26.79
C LEU I 236 -16.65 -27.10 28.07
N LYS I 237 -17.89 -27.32 28.50
CA LYS I 237 -18.12 -28.09 29.73
C LYS I 237 -17.62 -29.52 29.59
N GLU I 238 -17.67 -30.07 28.38
CA GLU I 238 -17.23 -31.44 28.16
C GLU I 238 -15.72 -31.60 28.30
N ARG I 239 -14.98 -30.50 28.37
CA ARG I 239 -13.52 -30.55 28.40
C ARG I 239 -12.93 -30.12 29.74
N MET I 240 -13.73 -29.55 30.63
CA MET I 240 -13.20 -28.95 31.85
C MET I 240 -13.76 -29.66 33.09
N VAL I 241 -13.06 -29.45 34.20
CA VAL I 241 -13.54 -29.82 35.53
C VAL I 241 -13.44 -28.58 36.41
N LYS I 242 -14.54 -28.23 37.06
CA LYS I 242 -14.66 -26.96 37.77
C LYS I 242 -14.53 -27.16 39.27
N LEU I 243 -13.71 -26.33 39.90
CA LEU I 243 -13.56 -26.29 41.34
C LEU I 243 -14.02 -24.94 41.86
N ASN I 244 -14.85 -24.95 42.91
CA ASN I 244 -15.43 -23.73 43.46
C ASN I 244 -14.63 -23.30 44.67
N PHE I 245 -13.78 -22.29 44.48
CA PHE I 245 -13.01 -21.69 45.57
C PHE I 245 -13.78 -20.48 46.07
N THR I 246 -14.69 -20.71 47.01
CA THR I 246 -15.60 -19.68 47.47
C THR I 246 -15.28 -19.13 48.86
N VAL I 247 -14.97 -19.99 49.83
CA VAL I 247 -14.68 -19.53 51.17
C VAL I 247 -13.38 -18.73 51.17
N ARG I 248 -13.44 -17.52 51.71
CA ARG I 248 -12.30 -16.62 51.66
C ARG I 248 -11.17 -17.15 52.52
N CYS I 249 -9.94 -17.02 52.01
CA CYS I 249 -8.76 -17.50 52.73
C CYS I 249 -8.26 -16.45 53.70
N SER I 250 -7.95 -16.87 54.92
CA SER I 250 -7.46 -15.95 55.93
C SER I 250 -6.11 -15.37 55.48
N PRO I 251 -5.80 -14.12 55.87
CA PRO I 251 -4.58 -13.49 55.36
C PRO I 251 -3.29 -14.19 55.74
N ASP I 252 -3.31 -15.09 56.73
CA ASP I 252 -2.11 -15.80 57.14
C ASP I 252 -1.84 -17.04 56.30
N MET I 253 -2.42 -17.12 55.09
CA MET I 253 -2.19 -18.27 54.23
C MET I 253 -0.74 -18.38 53.80
N GLY I 254 -0.14 -17.26 53.40
CA GLY I 254 1.25 -17.30 52.99
C GLY I 254 1.42 -17.95 51.61
N LEU I 255 2.66 -17.88 51.13
CA LEU I 255 3.00 -18.47 49.85
C LEU I 255 2.90 -19.99 49.90
N LEU I 256 2.46 -20.58 48.80
CA LEU I 256 2.53 -22.02 48.64
C LEU I 256 3.81 -22.39 47.89
N THR I 257 4.47 -23.44 48.34
CA THR I 257 5.78 -23.81 47.85
C THR I 257 5.74 -25.19 47.20
N GLU I 258 6.81 -25.51 46.48
CA GLU I 258 6.92 -26.83 45.86
C GLU I 258 6.98 -27.93 46.91
N ALA I 259 7.54 -27.62 48.09
CA ALA I 259 7.55 -28.59 49.17
C ALA I 259 6.13 -28.94 49.62
N ASP I 260 5.26 -27.93 49.69
CA ASP I 260 3.86 -28.16 50.05
C ASP I 260 3.18 -29.05 49.01
N VAL I 261 3.43 -28.78 47.73
CA VAL I 261 2.80 -29.55 46.66
C VAL I 261 3.35 -30.97 46.63
N GLN I 262 4.68 -31.11 46.79
CA GLN I 262 5.29 -32.44 46.77
C GLN I 262 4.80 -33.28 47.94
N GLN I 263 4.71 -32.68 49.13
CA GLN I 263 4.20 -33.40 50.29
C GLN I 263 2.75 -33.80 50.10
N TRP I 264 1.93 -32.90 49.56
CA TRP I 264 0.51 -33.18 49.38
C TRP I 264 0.29 -34.25 48.33
N LEU I 265 0.95 -34.12 47.18
CA LEU I 265 0.72 -35.06 46.08
C LEU I 265 1.28 -36.44 46.38
N THR I 266 2.42 -36.51 47.08
CA THR I 266 2.96 -37.81 47.46
C THR I 266 2.02 -38.55 48.41
N TRP I 267 1.44 -37.82 49.36
CA TRP I 267 0.53 -38.42 50.32
C TRP I 267 -0.70 -39.01 49.63
N CYS I 268 -1.25 -38.30 48.65
CA CYS I 268 -2.41 -38.80 47.92
C CYS I 268 -2.06 -40.01 47.06
N ASN I 269 -0.77 -40.18 46.72
CA ASN I 269 -0.38 -41.29 45.86
C ASN I 269 -0.39 -42.62 46.61
N ALA I 270 -0.23 -42.58 47.93
CA ALA I 270 -0.11 -43.81 48.71
C ALA I 270 -1.46 -44.40 49.11
N GLN I 271 -2.56 -43.70 48.84
CA GLN I 271 -3.87 -44.16 49.27
C GLN I 271 -4.52 -45.03 48.20
N SER I 272 -5.77 -45.43 48.44
CA SER I 272 -6.49 -46.29 47.50
C SER I 272 -6.88 -45.51 46.25
N TRP I 273 -7.16 -46.25 45.19
CA TRP I 273 -7.53 -45.66 43.91
C TRP I 273 -8.87 -46.11 43.38
N ASP I 274 -9.53 -47.07 44.02
CA ASP I 274 -10.84 -47.53 43.55
C ASP I 274 -11.91 -46.47 43.76
N HIS I 275 -11.83 -45.71 44.84
CA HIS I 275 -12.79 -44.63 45.06
C HIS I 275 -12.69 -43.59 43.96
N TYR I 276 -11.46 -43.22 43.58
CA TYR I 276 -11.28 -42.32 42.45
C TYR I 276 -11.77 -42.94 41.16
N GLU I 277 -11.48 -44.23 40.95
CA GLU I 277 -11.89 -44.89 39.72
C GLU I 277 -13.40 -44.99 39.62
N ASN I 278 -14.08 -45.12 40.76
CA ASN I 278 -15.54 -45.15 40.75
C ASN I 278 -16.17 -43.86 40.25
N TRP I 279 -15.43 -42.75 40.31
CA TRP I 279 -15.87 -41.50 39.69
C TRP I 279 -15.30 -41.36 38.28
N ALA I 280 -14.09 -41.88 38.06
CA ALA I 280 -13.41 -41.75 36.78
C ALA I 280 -14.09 -42.50 35.64
N ILE I 281 -15.05 -43.39 35.95
CA ILE I 281 -15.79 -44.07 34.89
C ILE I 281 -16.59 -43.06 34.09
N ASN I 282 -17.27 -42.12 34.78
CA ASN I 282 -18.01 -41.04 34.13
C ASN I 282 -17.56 -39.74 34.80
N TYR I 283 -16.69 -38.99 34.12
CA TYR I 283 -16.20 -37.74 34.67
C TYR I 283 -17.33 -36.70 34.68
N THR I 284 -17.55 -36.08 35.84
CA THR I 284 -18.55 -35.04 35.96
C THR I 284 -17.94 -33.67 35.71
N PHE I 285 -18.75 -32.76 35.17
CA PHE I 285 -18.28 -31.40 34.92
C PHE I 285 -17.92 -30.70 36.22
N ASP I 286 -18.71 -30.90 37.27
CA ASP I 286 -18.40 -30.29 38.55
C ASP I 286 -17.72 -31.30 39.46
N PHE I 287 -16.70 -30.85 40.18
CA PHE I 287 -15.95 -31.73 41.06
C PHE I 287 -16.73 -31.96 42.35
N PRO I 288 -16.94 -33.21 42.76
CA PRO I 288 -17.75 -33.48 43.96
C PRO I 288 -17.09 -32.96 45.23
N GLY I 289 -17.93 -32.64 46.21
CA GLY I 289 -17.45 -32.06 47.46
C GLY I 289 -17.10 -33.10 48.51
N ILE I 290 -16.94 -32.61 49.73
CA ILE I 290 -16.55 -33.47 50.85
C ILE I 290 -17.69 -34.40 51.22
N ASN I 291 -17.35 -35.66 51.50
CA ASN I 291 -18.27 -36.63 52.07
C ASN I 291 -17.65 -37.15 53.36
N ALA I 292 -18.29 -36.85 54.49
CA ALA I 292 -17.73 -37.24 55.79
C ALA I 292 -17.73 -38.74 56.00
N ASP I 293 -18.65 -39.47 55.36
CA ASP I 293 -18.69 -40.92 55.47
C ASP I 293 -17.63 -41.59 54.61
N ALA I 294 -17.05 -40.87 53.64
CA ALA I 294 -15.96 -41.40 52.82
C ALA I 294 -14.63 -40.67 53.04
N LEU I 295 -14.60 -39.66 53.90
CA LEU I 295 -13.35 -38.95 54.17
C LEU I 295 -12.36 -39.90 54.84
N HIS I 296 -11.09 -39.75 54.48
CA HIS I 296 -10.06 -40.63 55.02
C HIS I 296 -9.96 -40.43 56.53
N PRO I 297 -9.80 -41.52 57.30
CA PRO I 297 -9.71 -41.39 58.76
C PRO I 297 -8.57 -40.50 59.24
N ASP I 298 -7.47 -40.44 58.49
CA ASP I 298 -6.37 -39.56 58.87
C ASP I 298 -6.77 -38.09 58.76
N LEU I 299 -7.62 -37.75 57.80
CA LEU I 299 -8.07 -36.38 57.63
C LEU I 299 -9.31 -36.04 58.43
N GLN I 300 -9.93 -37.04 59.08
CA GLN I 300 -11.12 -36.77 59.87
C GLN I 300 -10.77 -36.00 61.13
N THR I 301 -11.57 -34.99 61.44
CA THR I 301 -11.41 -34.24 62.67
C THR I 301 -12.14 -34.93 63.81
N THR I 302 -11.76 -34.57 65.04
CA THR I 302 -12.35 -35.17 66.23
C THR I 302 -13.77 -34.66 66.43
N VAL J 3 25.14 -49.79 -16.50
CA VAL J 3 25.65 -48.60 -15.84
C VAL J 3 26.43 -48.99 -14.59
N VAL J 4 27.75 -48.95 -14.70
CA VAL J 4 28.60 -49.35 -13.57
C VAL J 4 28.59 -48.26 -12.52
N PRO J 5 28.33 -48.57 -11.24
CA PRO J 5 28.43 -47.55 -10.20
C PRO J 5 29.87 -47.06 -10.04
N PHE J 6 30.01 -45.88 -9.47
CA PHE J 6 31.32 -45.25 -9.34
C PHE J 6 32.23 -46.08 -8.44
N ASN J 7 33.51 -46.12 -8.79
CA ASN J 7 34.50 -46.91 -8.06
C ASN J 7 34.92 -46.25 -6.76
N GLY J 8 34.64 -44.97 -6.58
CA GLY J 8 35.05 -44.30 -5.36
C GLY J 8 34.38 -44.91 -4.14
N LYS J 9 35.16 -45.12 -3.09
CA LYS J 9 34.65 -45.67 -1.84
C LYS J 9 35.12 -44.80 -0.69
N GLY J 10 34.31 -44.79 0.38
CA GLY J 10 34.56 -43.87 1.47
C GLY J 10 35.26 -44.49 2.66
N THR J 11 35.53 -43.64 3.64
CA THR J 11 36.21 -44.08 4.86
C THR J 11 35.24 -44.80 5.79
N LYS J 12 35.73 -45.09 7.00
CA LYS J 12 34.91 -45.79 7.98
C LYS J 12 33.73 -44.93 8.42
N ALA J 13 33.91 -43.62 8.52
CA ALA J 13 32.83 -42.74 8.95
C ALA J 13 31.71 -42.69 7.91
N SER J 14 32.05 -42.81 6.63
CA SER J 14 31.03 -42.78 5.59
C SER J 14 30.27 -44.10 5.53
N ILE J 15 30.95 -45.22 5.75
CA ILE J 15 30.27 -46.51 5.77
C ILE J 15 29.35 -46.60 6.99
N LYS J 16 29.78 -46.04 8.12
CA LYS J 16 28.93 -46.01 9.31
C LYS J 16 27.66 -45.19 9.05
N PHE J 17 27.81 -44.08 8.33
CA PHE J 17 26.63 -43.28 7.98
C PHE J 17 25.66 -44.06 7.11
N GLN J 18 26.19 -44.82 6.15
CA GLN J 18 25.33 -45.61 5.28
C GLN J 18 24.55 -46.66 6.07
N THR J 19 25.20 -47.28 7.06
CA THR J 19 24.52 -48.27 7.89
C THR J 19 23.38 -47.65 8.68
N MET J 20 23.52 -46.39 9.09
CA MET J 20 22.46 -45.73 9.83
C MET J 20 21.27 -45.43 8.93
N VAL J 21 21.53 -45.10 7.66
CA VAL J 21 20.44 -44.91 6.71
C VAL J 21 19.68 -46.21 6.50
N ASN J 22 20.40 -47.34 6.41
CA ASN J 22 19.74 -48.63 6.30
C ASN J 22 18.95 -48.95 7.56
N TRP J 23 19.44 -48.51 8.72
CA TRP J 23 18.74 -48.78 9.97
C TRP J 23 17.37 -48.11 10.00
N LEU J 24 17.28 -46.89 9.49
CA LEU J 24 16.02 -46.14 9.54
C LEU J 24 14.93 -46.83 8.73
N CYS J 25 15.27 -47.36 7.56
CA CYS J 25 14.28 -47.98 6.70
C CYS J 25 13.71 -49.25 7.33
N GLU J 26 14.57 -50.08 7.93
CA GLU J 26 14.10 -51.31 8.55
C GLU J 26 13.18 -51.04 9.72
N ASN J 27 13.49 -50.04 10.54
CA ASN J 27 12.71 -49.73 11.74
C ASN J 27 11.67 -48.65 11.50
N ARG J 28 11.51 -48.20 10.25
CA ARG J 28 10.46 -47.26 9.88
C ARG J 28 10.53 -45.97 10.68
N VAL J 29 11.74 -45.45 10.89
CA VAL J 29 11.94 -44.17 11.56
C VAL J 29 12.23 -43.14 10.48
N PHE J 30 11.26 -42.27 10.22
CA PHE J 30 11.36 -41.29 9.14
C PHE J 30 11.22 -39.85 9.61
N THR J 31 11.12 -39.62 10.92
CA THR J 31 11.01 -38.27 11.46
C THR J 31 11.90 -38.14 12.68
N GLU J 32 12.23 -36.90 13.03
CA GLU J 32 13.05 -36.66 14.23
C GLU J 32 12.31 -37.05 15.49
N ASP J 33 11.01 -36.79 15.54
CA ASP J 33 10.22 -37.17 16.72
C ASP J 33 10.20 -38.67 16.90
N LYS J 34 10.05 -39.42 15.80
CA LYS J 34 10.09 -40.87 15.89
C LYS J 34 11.46 -41.36 16.35
N TRP J 35 12.52 -40.72 15.87
CA TRP J 35 13.88 -41.14 16.24
C TRP J 35 14.12 -40.95 17.72
N LYS J 36 13.62 -39.86 18.30
CA LYS J 36 13.83 -39.61 19.73
C LYS J 36 13.15 -40.68 20.58
N LEU J 37 11.94 -41.09 20.21
CA LEU J 37 11.22 -42.09 21.01
C LEU J 37 11.92 -43.44 20.97
N VAL J 38 12.47 -43.82 19.81
CA VAL J 38 13.01 -45.16 19.65
C VAL J 38 14.45 -45.23 20.12
N ASP J 39 15.30 -44.29 19.70
CA ASP J 39 16.73 -44.38 19.93
C ASP J 39 17.26 -43.04 20.45
N PHE J 40 16.64 -42.54 21.52
CA PHE J 40 17.05 -41.25 22.09
C PHE J 40 18.53 -41.23 22.43
N ASN J 41 19.10 -42.38 22.77
CA ASN J 41 20.54 -42.44 23.06
C ASN J 41 21.35 -42.01 21.85
N GLN J 42 21.09 -42.63 20.69
CA GLN J 42 21.85 -42.31 19.49
C GLN J 42 21.58 -40.88 19.02
N TYR J 43 20.34 -40.42 19.17
CA TYR J 43 20.01 -39.05 18.80
C TYR J 43 20.79 -38.04 19.64
N THR J 44 21.17 -38.44 20.86
CA THR J 44 21.92 -37.54 21.72
C THR J 44 23.41 -37.54 21.37
N LEU J 45 23.98 -38.72 21.10
CA LEU J 45 25.39 -38.79 20.72
C LEU J 45 25.65 -38.02 19.43
N LEU J 46 24.77 -38.18 18.44
CA LEU J 46 24.97 -37.49 17.17
C LEU J 46 24.89 -35.98 17.34
N SER J 47 23.96 -35.50 18.15
CA SER J 47 23.75 -34.06 18.29
C SER J 47 24.74 -33.43 19.27
N SER J 48 25.80 -34.14 19.60
CA SER J 48 26.83 -33.57 20.47
C SER J 48 27.74 -32.61 19.72
N SER J 49 27.73 -32.65 18.38
CA SER J 49 28.58 -31.78 17.58
C SER J 49 27.82 -31.35 16.33
N HIS J 50 28.28 -30.26 15.73
CA HIS J 50 27.66 -29.78 14.51
C HIS J 50 27.85 -30.75 13.36
N SER J 51 28.96 -31.50 13.36
CA SER J 51 29.17 -32.51 12.33
C SER J 51 28.13 -33.62 12.43
N GLY J 52 27.84 -34.07 13.65
CA GLY J 52 26.86 -35.13 13.83
C GLY J 52 25.43 -34.70 13.64
N SER J 53 25.12 -33.43 13.95
CA SER J 53 23.77 -32.94 13.75
C SER J 53 23.47 -32.72 12.27
N PHE J 54 24.49 -32.70 11.42
CA PHE J 54 24.25 -32.64 9.97
C PHE J 54 23.83 -34.00 9.44
N GLN J 55 24.40 -35.08 10.00
CA GLN J 55 24.07 -36.42 9.53
C GLN J 55 22.64 -36.80 9.88
N ILE J 56 22.03 -36.13 10.87
CA ILE J 56 20.64 -36.40 11.21
C ILE J 56 19.72 -35.96 10.08
N GLN J 57 19.93 -34.74 9.57
CA GLN J 57 19.10 -34.23 8.48
C GLN J 57 19.35 -35.02 7.19
N SER J 58 20.62 -35.34 6.91
CA SER J 58 20.94 -36.05 5.68
C SER J 58 20.35 -37.45 5.67
N ALA J 59 20.45 -38.16 6.79
CA ALA J 59 19.94 -39.53 6.84
C ALA J 59 18.44 -39.57 6.65
N LEU J 60 17.71 -38.65 7.30
CA LEU J 60 16.25 -38.67 7.20
C LEU J 60 15.79 -38.36 5.79
N LYS J 61 16.44 -37.42 5.11
CA LYS J 61 16.12 -37.15 3.71
C LYS J 61 16.40 -38.35 2.83
N LEU J 62 17.53 -39.03 3.07
CA LEU J 62 17.86 -40.21 2.29
C LEU J 62 16.95 -41.39 2.62
N ALA J 63 16.66 -41.58 3.91
CA ALA J 63 15.80 -42.70 4.31
C ALA J 63 14.40 -42.55 3.74
N ILE J 64 13.87 -41.33 3.74
CA ILE J 64 12.55 -41.09 3.18
C ILE J 64 12.53 -41.42 1.69
N TYR J 65 13.57 -41.00 0.97
CA TYR J 65 13.64 -41.27 -0.46
C TYR J 65 13.74 -42.77 -0.73
N LYS J 66 14.55 -43.48 0.05
CA LYS J 66 14.73 -44.91 -0.17
C LYS J 66 13.43 -45.68 0.04
N ALA J 67 12.66 -45.30 1.06
CA ALA J 67 11.43 -46.01 1.36
C ALA J 67 10.26 -45.58 0.49
N THR J 68 10.43 -44.54 -0.32
CA THR J 68 9.36 -44.01 -1.16
C THR J 68 9.59 -44.22 -2.65
N ASN J 69 10.82 -43.99 -3.14
CA ASN J 69 11.11 -44.07 -4.56
C ASN J 69 11.85 -45.33 -4.97
N LEU J 70 12.87 -45.74 -4.24
CA LEU J 70 13.68 -46.88 -4.61
C LEU J 70 13.06 -48.22 -4.23
N VAL J 71 12.02 -48.22 -3.40
CA VAL J 71 11.43 -49.46 -2.90
C VAL J 71 9.92 -49.40 -3.10
N PRO J 72 9.31 -50.42 -3.69
CA PRO J 72 7.84 -50.43 -3.82
C PRO J 72 7.17 -50.37 -2.45
N THR J 73 6.08 -49.60 -2.37
CA THR J 73 5.39 -49.44 -1.09
C THR J 73 4.77 -50.75 -0.63
N SER J 74 4.26 -51.56 -1.56
CA SER J 74 3.60 -52.81 -1.17
C SER J 74 4.54 -53.75 -0.42
N THR J 75 5.85 -53.59 -0.60
CA THR J 75 6.79 -54.40 0.18
C THR J 75 6.77 -54.05 1.65
N PHE J 76 6.34 -52.84 2.00
CA PHE J 76 6.13 -52.48 3.40
C PHE J 76 4.79 -52.96 3.94
N LEU J 77 3.89 -53.40 3.06
CA LEU J 77 2.60 -53.94 3.45
C LEU J 77 2.62 -55.44 3.69
N LEU J 78 3.23 -56.19 2.77
CA LEU J 78 3.30 -57.64 2.89
C LEU J 78 4.30 -58.02 3.97
N HIS J 79 3.83 -58.72 5.00
CA HIS J 79 4.68 -59.12 6.11
C HIS J 79 5.60 -60.26 5.70
N MET J 86 -3.13 -68.28 11.03
CA MET J 86 -4.38 -67.88 11.68
C MET J 86 -5.37 -67.63 10.55
N CYS J 87 -6.58 -68.16 10.68
CA CYS J 87 -7.53 -68.14 9.58
C CYS J 87 -7.96 -66.70 9.25
N ILE J 88 -8.44 -66.51 8.02
CA ILE J 88 -8.77 -65.17 7.56
C ILE J 88 -10.12 -64.72 8.13
N LYS J 89 -10.89 -65.65 8.69
CA LYS J 89 -12.25 -65.32 9.15
C LYS J 89 -12.25 -64.29 10.26
N ASP J 90 -11.32 -64.39 11.22
CA ASP J 90 -11.35 -63.53 12.39
C ASP J 90 -10.76 -62.14 12.12
N ASN J 91 -10.25 -61.89 10.93
CA ASN J 91 -9.65 -60.59 10.62
C ASN J 91 -10.74 -59.54 10.51
N LYS J 92 -10.52 -58.39 11.15
CA LYS J 92 -11.54 -57.35 11.20
C LYS J 92 -11.84 -56.78 9.82
N ILE J 93 -10.82 -56.61 8.99
CA ILE J 93 -11.02 -56.00 7.68
C ILE J 93 -11.93 -56.87 6.81
N VAL J 94 -11.75 -58.19 6.87
CA VAL J 94 -12.58 -59.10 6.08
C VAL J 94 -14.03 -59.01 6.55
N LYS J 95 -14.24 -58.96 7.86
CA LYS J 95 -15.59 -58.83 8.40
C LYS J 95 -16.24 -57.53 7.95
N LEU J 96 -15.47 -56.44 7.95
CA LEU J 96 -16.01 -55.14 7.53
C LEU J 96 -16.47 -55.17 6.08
N LEU J 97 -15.61 -55.67 5.18
CA LEU J 97 -15.95 -55.64 3.76
C LEU J 97 -17.09 -56.59 3.44
N LEU J 98 -17.19 -57.70 4.16
CA LEU J 98 -18.31 -58.62 3.95
C LEU J 98 -19.63 -57.97 4.35
N CYS J 99 -19.63 -57.20 5.44
CA CYS J 99 -20.83 -56.48 5.84
C CYS J 99 -21.24 -55.45 4.77
N GLN J 100 -20.27 -54.90 4.06
CA GLN J 100 -20.52 -53.96 2.98
C GLN J 100 -20.75 -54.65 1.64
N ASN J 101 -20.81 -55.98 1.63
CA ASN J 101 -21.04 -56.76 0.41
C ASN J 101 -19.94 -56.52 -0.63
N TYR J 102 -18.69 -56.54 -0.18
CA TYR J 102 -17.53 -56.44 -1.06
C TYR J 102 -16.57 -57.58 -0.76
N ASP J 103 -15.99 -58.15 -1.82
CA ASP J 103 -15.12 -59.31 -1.71
C ASP J 103 -13.77 -58.89 -1.13
N PRO J 104 -13.38 -59.40 0.03
CA PRO J 104 -12.06 -59.02 0.58
C PRO J 104 -10.91 -59.44 -0.31
N LEU J 105 -11.03 -60.55 -1.03
CA LEU J 105 -9.96 -60.98 -1.93
C LEU J 105 -9.77 -59.98 -3.07
N LEU J 106 -10.87 -59.51 -3.65
CA LEU J 106 -10.78 -58.61 -4.79
C LEU J 106 -10.33 -57.21 -4.36
N VAL J 107 -10.83 -56.75 -3.21
CA VAL J 107 -10.46 -55.42 -2.73
C VAL J 107 -8.97 -55.35 -2.42
N GLY J 108 -8.46 -56.38 -1.74
CA GLY J 108 -7.05 -56.36 -1.35
C GLY J 108 -6.11 -56.35 -2.53
N GLN J 109 -6.42 -57.12 -3.57
CA GLN J 109 -5.58 -57.15 -4.75
C GLN J 109 -5.66 -55.84 -5.52
N HIS J 110 -6.76 -55.10 -5.38
CA HIS J 110 -6.82 -53.76 -5.96
C HIS J 110 -6.02 -52.76 -5.13
N VAL J 111 -6.02 -52.93 -3.81
CA VAL J 111 -5.25 -52.04 -2.95
C VAL J 111 -3.76 -52.16 -3.24
N LEU J 112 -3.26 -53.38 -3.42
CA LEU J 112 -1.85 -53.58 -3.69
C LEU J 112 -1.43 -52.91 -4.99
N LYS J 113 -2.24 -53.05 -6.04
CA LYS J 113 -1.93 -52.39 -7.31
C LYS J 113 -2.03 -50.88 -7.18
N TRP J 114 -3.04 -50.39 -6.44
CA TRP J 114 -3.25 -48.96 -6.31
C TRP J 114 -2.14 -48.31 -5.50
N ILE J 115 -1.67 -48.99 -4.46
CA ILE J 115 -0.60 -48.43 -3.63
C ILE J 115 0.74 -48.48 -4.37
N ASP J 116 0.84 -49.30 -5.40
CA ASP J 116 2.06 -49.39 -6.21
C ASP J 116 2.04 -48.50 -7.43
N LYS J 117 1.00 -47.67 -7.59
CA LYS J 117 0.84 -46.80 -8.76
C LYS J 117 0.79 -47.58 -10.06
N LYS J 118 0.14 -48.75 -10.05
CA LYS J 118 0.10 -49.61 -11.22
C LYS J 118 -1.34 -49.82 -11.69
N CYS J 119 -2.15 -48.74 -11.68
CA CYS J 119 -3.52 -48.81 -12.15
C CYS J 119 -3.80 -47.80 -13.27
N GLY J 120 -2.77 -47.10 -13.74
CA GLY J 120 -3.00 -46.15 -14.82
C GLY J 120 -3.54 -44.83 -14.29
N LYS J 121 -4.57 -44.31 -14.97
CA LYS J 121 -5.15 -43.04 -14.58
C LYS J 121 -5.83 -43.12 -13.23
N LYS J 122 -6.50 -44.22 -12.93
CA LYS J 122 -7.32 -44.35 -11.73
C LYS J 122 -6.41 -44.49 -10.50
N ASN J 123 -5.99 -43.34 -9.99
CA ASN J 123 -5.06 -43.27 -8.87
C ASN J 123 -5.75 -43.04 -7.53
N THR J 124 -7.03 -42.67 -7.52
CA THR J 124 -7.72 -42.29 -6.30
C THR J 124 -8.70 -43.38 -5.88
N LEU J 125 -8.64 -43.75 -4.60
CA LEU J 125 -9.63 -44.66 -4.03
C LEU J 125 -10.60 -43.88 -3.16
N TRP J 126 -11.90 -44.03 -3.42
CA TRP J 126 -12.93 -43.22 -2.80
C TRP J 126 -13.81 -44.09 -1.92
N PHE J 127 -13.97 -43.69 -0.66
CA PHE J 127 -14.90 -44.32 0.27
C PHE J 127 -16.11 -43.40 0.45
N TYR J 128 -17.31 -43.94 0.24
CA TYR J 128 -18.54 -43.19 0.34
C TYR J 128 -19.56 -43.95 1.18
N GLY J 129 -20.33 -43.22 1.97
CA GLY J 129 -21.37 -43.83 2.78
C GLY J 129 -21.88 -42.93 3.89
N PRO J 130 -22.90 -43.39 4.59
CA PRO J 130 -23.44 -42.62 5.73
C PRO J 130 -22.42 -42.54 6.85
N PRO J 131 -22.66 -41.69 7.85
CA PRO J 131 -21.71 -41.60 8.97
C PRO J 131 -21.63 -42.89 9.76
N SER J 132 -20.48 -43.08 10.42
CA SER J 132 -20.23 -44.22 11.29
C SER J 132 -20.32 -45.56 10.55
N THR J 133 -19.78 -45.61 9.33
CA THR J 133 -19.68 -46.87 8.59
C THR J 133 -18.24 -47.35 8.45
N GLY J 134 -17.29 -46.68 9.09
CA GLY J 134 -15.91 -47.13 9.08
C GLY J 134 -15.06 -46.65 7.93
N LYS J 135 -15.48 -45.60 7.22
CA LYS J 135 -14.71 -45.11 6.08
C LYS J 135 -13.35 -44.57 6.52
N THR J 136 -13.35 -43.73 7.56
CA THR J 136 -12.08 -43.20 8.06
C THR J 136 -11.26 -44.28 8.76
N ASN J 137 -11.92 -45.22 9.44
CA ASN J 137 -11.20 -46.27 10.15
C ASN J 137 -10.39 -47.14 9.19
N LEU J 138 -10.98 -47.46 8.03
CA LEU J 138 -10.26 -48.27 7.04
C LEU J 138 -9.18 -47.44 6.35
N ALA J 139 -9.47 -46.20 6.01
CA ALA J 139 -8.48 -45.35 5.34
C ALA J 139 -7.29 -45.07 6.25
N MET J 140 -7.55 -44.77 7.52
CA MET J 140 -6.46 -44.49 8.45
C MET J 140 -5.68 -45.74 8.80
N ALA J 141 -6.31 -46.91 8.72
CA ALA J 141 -5.60 -48.15 9.00
C ALA J 141 -4.50 -48.40 7.97
N ILE J 142 -4.83 -48.22 6.69
CA ILE J 142 -3.82 -48.36 5.64
C ILE J 142 -2.77 -47.26 5.74
N ALA J 143 -3.20 -46.05 6.10
CA ALA J 143 -2.29 -44.92 6.15
C ALA J 143 -1.18 -45.12 7.19
N LYS J 144 -1.43 -45.93 8.22
CA LYS J 144 -0.40 -46.20 9.21
C LYS J 144 0.49 -47.38 8.84
N SER J 145 0.21 -48.06 7.72
CA SER J 145 1.05 -49.17 7.27
C SER J 145 2.07 -48.75 6.22
N VAL J 146 1.82 -47.66 5.50
CA VAL J 146 2.77 -47.14 4.52
C VAL J 146 3.90 -46.44 5.26
N PRO J 147 5.08 -46.27 4.64
CA PRO J 147 6.16 -45.57 5.35
C PRO J 147 5.80 -44.16 5.79
N VAL J 148 5.43 -43.30 4.85
CA VAL J 148 5.09 -41.90 5.15
C VAL J 148 3.77 -41.57 4.48
N TYR J 149 2.89 -40.87 5.21
CA TYR J 149 1.60 -40.48 4.68
C TYR J 149 1.32 -39.03 5.05
N GLY J 150 0.54 -38.36 4.22
CA GLY J 150 0.18 -36.98 4.45
C GLY J 150 -1.32 -36.78 4.33
N MET J 151 -1.81 -35.79 5.06
CA MET J 151 -3.23 -35.47 5.08
C MET J 151 -3.45 -34.09 4.47
N VAL J 152 -4.42 -33.99 3.57
CA VAL J 152 -4.77 -32.71 2.98
C VAL J 152 -5.30 -31.76 4.03
N ASN J 153 -5.97 -32.29 5.07
CA ASN J 153 -6.51 -31.44 6.12
C ASN J 153 -5.44 -30.69 6.89
N TRP J 154 -4.20 -31.18 6.89
CA TRP J 154 -3.12 -30.49 7.57
C TRP J 154 -2.63 -29.27 6.80
N ASN J 155 -2.64 -29.33 5.47
CA ASN J 155 -2.08 -28.25 4.66
C ASN J 155 -2.97 -27.00 4.74
N ASN J 156 -2.46 -25.92 4.16
CA ASN J 156 -3.21 -24.67 4.12
C ASN J 156 -4.43 -24.81 3.24
N GLU J 157 -5.49 -24.06 3.58
CA GLU J 157 -6.74 -24.17 2.85
C GLU J 157 -6.58 -23.75 1.39
N ASN J 158 -5.82 -22.67 1.15
CA ASN J 158 -5.60 -22.18 -0.21
C ASN J 158 -4.61 -23.03 -0.99
N PHE J 159 -3.78 -23.83 -0.31
CA PHE J 159 -2.80 -24.69 -0.96
C PHE J 159 -2.89 -26.11 -0.42
N PRO J 160 -3.96 -26.83 -0.76
CA PRO J 160 -4.16 -28.17 -0.17
C PRO J 160 -3.09 -29.18 -0.53
N PHE J 161 -2.44 -29.04 -1.69
CA PHE J 161 -1.50 -30.04 -2.17
C PHE J 161 -0.05 -29.59 -2.04
N ASN J 162 0.27 -28.84 -0.99
CA ASN J 162 1.67 -28.58 -0.66
C ASN J 162 2.28 -29.80 0.00
N ASP J 163 3.58 -30.00 -0.24
CA ASP J 163 4.35 -31.10 0.34
C ASP J 163 3.77 -32.47 -0.01
N VAL J 164 3.08 -32.56 -1.15
CA VAL J 164 2.53 -33.84 -1.57
C VAL J 164 3.65 -34.80 -1.98
N ALA J 165 4.71 -34.27 -2.58
CA ALA J 165 5.81 -35.11 -3.01
C ALA J 165 6.58 -35.66 -1.80
N GLY J 166 7.09 -36.88 -1.95
CA GLY J 166 7.78 -37.55 -0.87
C GLY J 166 6.91 -38.41 0.01
N LYS J 167 5.59 -38.37 -0.17
CA LYS J 167 4.67 -39.19 0.60
C LYS J 167 4.41 -40.50 -0.12
N SER J 168 4.10 -41.54 0.65
CA SER J 168 3.68 -42.80 0.07
C SER J 168 2.16 -42.90 -0.07
N LEU J 169 1.42 -41.94 0.50
CA LEU J 169 -0.02 -41.95 0.47
C LEU J 169 -0.54 -40.60 0.95
N VAL J 170 -1.62 -40.13 0.33
CA VAL J 170 -2.27 -38.88 0.71
C VAL J 170 -3.70 -39.19 1.11
N VAL J 171 -4.08 -38.77 2.31
CA VAL J 171 -5.41 -39.01 2.86
C VAL J 171 -6.19 -37.70 2.85
N TRP J 172 -7.42 -37.75 2.37
CA TRP J 172 -8.30 -36.59 2.27
C TRP J 172 -9.64 -36.98 2.89
N ASP J 173 -9.79 -36.75 4.19
CA ASP J 173 -10.95 -37.21 4.94
C ASP J 173 -12.07 -36.19 4.88
N GLU J 174 -13.31 -36.69 4.69
CA GLU J 174 -14.53 -35.88 4.64
C GLU J 174 -14.35 -34.62 3.79
N GLY J 175 -13.55 -34.73 2.74
CA GLY J 175 -13.20 -33.56 1.95
C GLY J 175 -14.14 -33.35 0.78
N ILE J 176 -14.23 -32.09 0.35
CA ILE J 176 -15.02 -31.71 -0.81
C ILE J 176 -14.14 -30.84 -1.70
N ILE J 177 -14.47 -30.80 -2.99
CA ILE J 177 -13.66 -30.14 -4.00
C ILE J 177 -14.31 -28.82 -4.38
N LYS J 178 -13.49 -27.77 -4.44
CA LYS J 178 -13.94 -26.43 -4.83
C LYS J 178 -13.41 -26.09 -6.21
N SER J 179 -14.08 -25.16 -6.88
CA SER J 179 -13.70 -24.77 -8.24
C SER J 179 -12.40 -23.98 -8.28
N THR J 180 -11.95 -23.42 -7.15
CA THR J 180 -10.68 -22.69 -7.15
C THR J 180 -9.49 -23.64 -7.15
N ILE J 181 -9.69 -24.89 -6.76
CA ILE J 181 -8.62 -25.88 -6.73
C ILE J 181 -8.93 -27.11 -7.57
N VAL J 182 -9.97 -27.07 -8.39
CA VAL J 182 -10.38 -28.27 -9.12
C VAL J 182 -9.34 -28.69 -10.15
N GLU J 183 -8.70 -27.72 -10.82
CA GLU J 183 -7.71 -28.07 -11.84
C GLU J 183 -6.47 -28.70 -11.21
N ALA J 184 -5.99 -28.14 -10.10
CA ALA J 184 -4.88 -28.75 -9.39
C ALA J 184 -5.23 -30.13 -8.88
N ALA J 185 -6.47 -30.30 -8.40
CA ALA J 185 -6.91 -31.58 -7.88
C ALA J 185 -6.95 -32.64 -8.97
N LYS J 186 -7.29 -32.22 -10.19
CA LYS J 186 -7.38 -33.18 -11.30
C LYS J 186 -6.04 -33.87 -11.54
N ALA J 187 -4.94 -33.13 -11.44
CA ALA J 187 -3.63 -33.71 -11.64
C ALA J 187 -3.26 -34.67 -10.51
N ILE J 188 -3.50 -34.25 -9.27
CA ILE J 188 -3.13 -35.07 -8.12
C ILE J 188 -3.96 -36.34 -8.06
N LEU J 189 -5.26 -36.24 -8.28
CA LEU J 189 -6.12 -37.42 -8.23
C LEU J 189 -5.82 -38.39 -9.37
N GLY J 190 -5.31 -37.88 -10.49
CA GLY J 190 -4.99 -38.71 -11.63
C GLY J 190 -3.57 -39.22 -11.69
N GLY J 191 -2.74 -38.89 -10.69
CA GLY J 191 -1.37 -39.34 -10.69
C GLY J 191 -0.43 -38.55 -11.57
N GLN J 192 -0.91 -37.50 -12.23
CA GLN J 192 -0.06 -36.70 -13.09
C GLN J 192 0.86 -35.84 -12.23
N PRO J 193 2.18 -35.88 -12.46
CA PRO J 193 3.10 -35.08 -11.65
C PRO J 193 2.84 -33.59 -11.83
N THR J 194 3.05 -32.86 -10.74
CA THR J 194 2.87 -31.42 -10.74
C THR J 194 3.97 -30.73 -11.54
N ARG J 195 3.67 -29.50 -11.97
CA ARG J 195 4.60 -28.77 -12.83
C ARG J 195 5.91 -28.48 -12.10
N VAL J 196 5.84 -28.15 -10.81
CA VAL J 196 7.05 -27.84 -10.04
C VAL J 196 7.96 -29.06 -9.99
N ASP J 197 7.38 -30.25 -9.86
CA ASP J 197 8.18 -31.47 -9.81
C ASP J 197 8.93 -31.68 -11.12
N GLN J 198 8.28 -31.41 -12.25
CA GLN J 198 8.92 -31.60 -13.55
C GLN J 198 10.11 -30.66 -13.72
N LYS J 199 9.94 -29.40 -13.29
CA LYS J 199 11.01 -28.42 -13.43
C LYS J 199 12.14 -28.64 -12.42
N MET J 200 11.83 -29.12 -11.22
CA MET J 200 12.82 -29.32 -10.17
C MET J 200 13.44 -30.71 -10.22
N ARG J 201 13.07 -31.51 -11.21
CA ARG J 201 13.63 -32.85 -11.36
C ARG J 201 13.85 -33.19 -12.83
N GLY J 208 4.02 -39.09 -8.82
CA GLY J 208 2.66 -39.53 -8.55
C GLY J 208 2.52 -40.18 -7.18
N VAL J 209 1.45 -39.83 -6.48
CA VAL J 209 1.18 -40.38 -5.14
C VAL J 209 -0.26 -40.88 -5.09
N PRO J 210 -0.51 -42.08 -4.61
CA PRO J 210 -1.89 -42.55 -4.47
C PRO J 210 -2.68 -41.68 -3.49
N VAL J 211 -3.96 -41.54 -3.76
CA VAL J 211 -4.85 -40.70 -2.97
C VAL J 211 -6.02 -41.55 -2.49
N VAL J 212 -6.44 -41.34 -1.25
CA VAL J 212 -7.61 -41.97 -0.67
C VAL J 212 -8.51 -40.88 -0.12
N ILE J 213 -9.80 -40.95 -0.46
CA ILE J 213 -10.78 -39.95 -0.04
C ILE J 213 -11.96 -40.67 0.61
N THR J 214 -12.35 -40.20 1.78
CA THR J 214 -13.57 -40.62 2.45
C THR J 214 -14.52 -39.43 2.51
N SER J 215 -15.81 -39.68 2.26
CA SER J 215 -16.77 -38.57 2.21
C SER J 215 -18.15 -39.07 2.60
N ASN J 216 -18.88 -38.22 3.34
CA ASN J 216 -20.28 -38.49 3.62
C ASN J 216 -21.16 -38.21 2.40
N GLY J 217 -20.84 -37.17 1.64
CA GLY J 217 -21.60 -36.80 0.46
C GLY J 217 -20.76 -36.96 -0.81
N ASP J 218 -21.43 -36.76 -1.94
CA ASP J 218 -20.78 -36.89 -3.24
C ASP J 218 -19.73 -35.80 -3.42
N ILE J 219 -18.60 -36.15 -4.02
CA ILE J 219 -17.55 -35.17 -4.27
C ILE J 219 -17.43 -34.82 -5.75
N THR J 220 -17.99 -35.63 -6.65
CA THR J 220 -17.95 -35.32 -8.07
C THR J 220 -18.63 -33.99 -8.40
N PHE J 221 -19.58 -33.57 -7.59
CA PHE J 221 -20.16 -32.24 -7.73
C PHE J 221 -19.22 -31.22 -7.10
N VAL J 222 -18.78 -30.24 -7.90
CA VAL J 222 -17.76 -29.29 -7.48
C VAL J 222 -18.43 -28.03 -6.97
N VAL J 223 -18.00 -27.56 -5.80
CA VAL J 223 -18.52 -26.32 -5.23
C VAL J 223 -18.01 -25.14 -6.04
N SER J 224 -18.93 -24.27 -6.46
CA SER J 224 -18.57 -23.08 -7.23
C SER J 224 -19.33 -21.90 -6.63
N GLY J 225 -18.66 -21.12 -5.79
CA GLY J 225 -19.36 -20.06 -5.08
C GLY J 225 -20.41 -20.64 -4.16
N ASN J 226 -21.54 -19.92 -4.04
CA ASN J 226 -22.66 -20.44 -3.26
C ASN J 226 -23.56 -21.26 -4.16
N THR J 227 -22.97 -22.19 -4.90
CA THR J 227 -23.69 -23.01 -5.87
C THR J 227 -22.79 -24.19 -6.20
N THR J 228 -23.40 -25.29 -6.64
CA THR J 228 -22.65 -26.49 -6.99
C THR J 228 -22.89 -26.81 -8.46
N THR J 229 -21.83 -27.19 -9.17
CA THR J 229 -21.88 -27.42 -10.60
C THR J 229 -21.44 -28.85 -10.91
N THR J 230 -21.88 -29.35 -12.06
CA THR J 230 -21.58 -30.72 -12.48
C THR J 230 -20.72 -30.79 -13.74
N VAL J 231 -20.05 -29.70 -14.11
CA VAL J 231 -19.28 -29.71 -15.36
C VAL J 231 -18.09 -30.65 -15.28
N HIS J 232 -17.44 -30.72 -14.12
CA HIS J 232 -16.27 -31.57 -13.94
C HIS J 232 -16.59 -32.97 -13.48
N ALA J 233 -17.86 -33.40 -13.59
CA ALA J 233 -18.24 -34.71 -13.06
C ALA J 233 -17.58 -35.84 -13.83
N LYS J 234 -17.68 -35.82 -15.16
CA LYS J 234 -17.21 -36.95 -15.96
C LYS J 234 -15.70 -37.13 -15.83
N ALA J 235 -14.94 -36.03 -15.83
CA ALA J 235 -13.49 -36.14 -15.75
C ALA J 235 -13.04 -36.75 -14.42
N LEU J 236 -13.71 -36.39 -13.32
CA LEU J 236 -13.31 -36.93 -12.02
C LEU J 236 -13.63 -38.41 -11.92
N LYS J 237 -14.68 -38.87 -12.61
CA LYS J 237 -15.03 -40.29 -12.57
C LYS J 237 -13.96 -41.14 -13.23
N GLU J 238 -13.16 -40.55 -14.12
CA GLU J 238 -12.14 -41.32 -14.83
C GLU J 238 -10.95 -41.61 -13.92
N ARG J 239 -10.81 -40.90 -12.80
CA ARG J 239 -9.65 -41.03 -11.93
C ARG J 239 -9.97 -41.67 -10.58
N MET J 240 -11.18 -42.18 -10.38
CA MET J 240 -11.56 -42.72 -9.08
C MET J 240 -12.22 -44.08 -9.22
N VAL J 241 -12.07 -44.90 -8.17
CA VAL J 241 -12.79 -46.15 -7.99
C VAL J 241 -13.56 -46.03 -6.69
N LYS J 242 -14.87 -46.23 -6.74
CA LYS J 242 -15.76 -45.90 -5.64
C LYS J 242 -16.20 -47.16 -4.90
N LEU J 243 -16.09 -47.15 -3.58
CA LEU J 243 -16.63 -48.18 -2.72
C LEU J 243 -17.74 -47.57 -1.87
N ASN J 244 -18.85 -48.29 -1.76
CA ASN J 244 -20.05 -47.79 -1.06
C ASN J 244 -20.13 -48.45 0.31
N PHE J 245 -19.90 -47.67 1.36
CA PHE J 245 -19.98 -48.16 2.73
C PHE J 245 -21.34 -47.76 3.32
N THR J 246 -22.36 -48.53 2.94
CA THR J 246 -23.75 -48.19 3.27
C THR J 246 -24.21 -48.75 4.60
N VAL J 247 -23.88 -50.00 4.91
CA VAL J 247 -24.37 -50.68 6.11
C VAL J 247 -23.53 -50.24 7.30
N ARG J 248 -24.19 -49.77 8.35
CA ARG J 248 -23.49 -49.37 9.57
C ARG J 248 -22.86 -50.58 10.23
N CYS J 249 -21.65 -50.39 10.75
CA CYS J 249 -20.91 -51.48 11.37
C CYS J 249 -21.31 -51.64 12.84
N SER J 250 -21.11 -52.85 13.35
CA SER J 250 -21.42 -53.13 14.74
C SER J 250 -20.44 -52.39 15.65
N PRO J 251 -20.85 -52.01 16.87
CA PRO J 251 -19.95 -51.27 17.76
C PRO J 251 -18.70 -52.05 18.16
N ASP J 252 -18.71 -53.37 17.94
CA ASP J 252 -17.55 -54.19 18.29
C ASP J 252 -16.35 -53.90 17.40
N MET J 253 -16.54 -53.11 16.34
CA MET J 253 -15.48 -52.76 15.40
C MET J 253 -14.28 -52.15 16.13
N GLY J 254 -14.54 -51.21 17.03
CA GLY J 254 -13.46 -50.59 17.76
C GLY J 254 -12.51 -49.83 16.84
N LEU J 255 -11.22 -50.03 17.04
CA LEU J 255 -10.19 -49.36 16.28
C LEU J 255 -9.39 -50.38 15.48
N LEU J 256 -9.17 -50.07 14.20
CA LEU J 256 -8.39 -50.95 13.34
C LEU J 256 -6.90 -50.71 13.54
N THR J 257 -6.11 -51.74 13.27
CA THR J 257 -4.69 -51.73 13.58
C THR J 257 -3.87 -52.09 12.35
N GLU J 258 -2.57 -51.82 12.44
CA GLU J 258 -1.65 -52.15 11.36
C GLU J 258 -1.62 -53.65 11.08
N ALA J 259 -1.62 -54.45 12.15
CA ALA J 259 -1.55 -55.90 11.98
C ALA J 259 -2.74 -56.43 11.18
N ASP J 260 -3.89 -55.78 11.30
CA ASP J 260 -5.06 -56.18 10.51
C ASP J 260 -4.80 -55.99 9.03
N VAL J 261 -4.15 -54.89 8.66
CA VAL J 261 -3.91 -54.59 7.25
C VAL J 261 -2.95 -55.61 6.64
N GLN J 262 -1.84 -55.88 7.33
CA GLN J 262 -0.83 -56.78 6.78
C GLN J 262 -1.35 -58.20 6.63
N GLN J 263 -2.09 -58.69 7.62
CA GLN J 263 -2.64 -60.04 7.53
C GLN J 263 -3.63 -60.14 6.38
N TRP J 264 -4.48 -59.12 6.20
CA TRP J 264 -5.46 -59.14 5.13
C TRP J 264 -4.80 -59.09 3.77
N LEU J 265 -3.84 -58.17 3.59
CA LEU J 265 -3.20 -58.01 2.29
C LEU J 265 -2.31 -59.19 1.94
N THR J 266 -1.62 -59.77 2.93
CA THR J 266 -0.80 -60.94 2.68
C THR J 266 -1.64 -62.11 2.19
N TRP J 267 -2.82 -62.31 2.79
CA TRP J 267 -3.71 -63.37 2.36
C TRP J 267 -4.18 -63.14 0.92
N CYS J 268 -4.52 -61.90 0.58
CA CYS J 268 -4.95 -61.60 -0.78
C CYS J 268 -3.83 -61.86 -1.78
N ASN J 269 -2.60 -61.48 -1.43
CA ASN J 269 -1.47 -61.71 -2.33
C ASN J 269 -1.16 -63.19 -2.49
N ALA J 270 -1.58 -64.02 -1.54
CA ALA J 270 -1.28 -65.44 -1.58
C ALA J 270 -2.24 -66.22 -2.48
N GLN J 271 -3.32 -65.60 -2.96
CA GLN J 271 -4.27 -66.28 -3.82
C GLN J 271 -3.95 -66.01 -5.29
N SER J 272 -4.85 -66.43 -6.17
CA SER J 272 -4.67 -66.22 -7.60
C SER J 272 -5.05 -64.81 -8.00
N TRP J 273 -4.73 -64.46 -9.24
CA TRP J 273 -4.96 -63.12 -9.77
C TRP J 273 -5.81 -63.09 -11.02
N ASP J 274 -6.12 -64.24 -11.62
CA ASP J 274 -6.87 -64.24 -12.87
C ASP J 274 -8.26 -63.65 -12.70
N HIS J 275 -8.94 -63.98 -11.61
CA HIS J 275 -10.27 -63.42 -11.37
C HIS J 275 -10.23 -61.91 -11.21
N TYR J 276 -9.21 -61.39 -10.52
CA TYR J 276 -9.01 -59.95 -10.45
C TYR J 276 -8.72 -59.36 -11.83
N GLU J 277 -7.84 -60.00 -12.58
CA GLU J 277 -7.43 -59.46 -13.87
C GLU J 277 -8.58 -59.43 -14.87
N ASN J 278 -9.57 -60.30 -14.69
CA ASN J 278 -10.73 -60.31 -15.58
C ASN J 278 -11.54 -59.02 -15.50
N TRP J 279 -11.35 -58.24 -14.44
CA TRP J 279 -12.02 -56.95 -14.30
C TRP J 279 -11.10 -55.77 -14.59
N ALA J 280 -9.79 -55.98 -14.53
CA ALA J 280 -8.83 -54.89 -14.62
C ALA J 280 -8.57 -54.42 -16.04
N ILE J 281 -9.12 -55.09 -17.06
CA ILE J 281 -8.88 -54.66 -18.43
C ILE J 281 -9.48 -53.27 -18.66
N ASN J 282 -10.71 -53.07 -18.21
CA ASN J 282 -11.39 -51.77 -18.32
C ASN J 282 -12.03 -51.48 -16.97
N TYR J 283 -11.35 -50.70 -16.14
CA TYR J 283 -11.85 -50.40 -14.81
C TYR J 283 -13.17 -49.63 -14.90
N THR J 284 -14.14 -50.04 -14.08
CA THR J 284 -15.37 -49.30 -13.95
C THR J 284 -15.28 -48.32 -12.79
N PHE J 285 -16.19 -47.34 -12.79
CA PHE J 285 -16.20 -46.35 -11.71
C PHE J 285 -16.57 -47.01 -10.38
N ASP J 286 -17.78 -47.57 -10.31
CA ASP J 286 -18.18 -48.30 -9.12
C ASP J 286 -17.40 -49.59 -9.00
N PHE J 287 -16.89 -49.87 -7.80
CA PHE J 287 -16.18 -51.12 -7.58
C PHE J 287 -17.17 -52.29 -7.59
N PRO J 288 -16.90 -53.34 -8.34
CA PRO J 288 -17.82 -54.49 -8.37
C PRO J 288 -17.97 -55.12 -7.00
N GLY J 289 -19.20 -55.55 -6.70
CA GLY J 289 -19.51 -56.13 -5.42
C GLY J 289 -19.23 -57.62 -5.37
N ILE J 290 -19.84 -58.27 -4.38
CA ILE J 290 -19.65 -59.72 -4.20
C ILE J 290 -20.45 -60.47 -5.24
N ASN J 291 -19.77 -61.28 -6.03
CA ASN J 291 -20.42 -62.25 -6.91
C ASN J 291 -20.48 -63.58 -6.16
N ALA J 292 -21.67 -63.94 -5.69
CA ALA J 292 -21.81 -65.12 -4.84
C ALA J 292 -21.48 -66.41 -5.59
N ASP J 293 -21.52 -66.41 -6.92
CA ASP J 293 -21.23 -67.61 -7.69
C ASP J 293 -19.76 -67.76 -8.03
N ALA J 294 -18.93 -66.75 -7.75
CA ALA J 294 -17.50 -66.84 -7.99
C ALA J 294 -16.67 -66.50 -6.76
N LEU J 295 -17.22 -66.66 -5.56
CA LEU J 295 -16.54 -66.21 -4.36
C LEU J 295 -15.58 -67.28 -3.85
N HIS J 296 -14.46 -66.84 -3.27
CA HIS J 296 -13.40 -67.75 -2.86
C HIS J 296 -13.88 -68.63 -1.70
N PRO J 297 -13.66 -69.95 -1.76
CA PRO J 297 -14.25 -70.83 -0.75
C PRO J 297 -13.66 -70.68 0.64
N ASP J 298 -12.48 -70.07 0.78
CA ASP J 298 -12.02 -69.68 2.10
C ASP J 298 -12.88 -68.59 2.72
N LEU J 299 -13.64 -67.86 1.89
CA LEU J 299 -14.59 -66.87 2.38
C LEU J 299 -16.04 -67.34 2.29
N GLN J 300 -16.31 -68.45 1.62
CA GLN J 300 -17.67 -68.98 1.58
C GLN J 300 -18.06 -69.56 2.94
N THR J 301 -19.32 -69.37 3.30
CA THR J 301 -19.84 -69.97 4.53
C THR J 301 -20.32 -71.39 4.25
N THR J 302 -20.52 -72.14 5.34
CA THR J 302 -20.98 -73.52 5.23
C THR J 302 -22.42 -73.59 4.73
N VAL K 3 46.50 -21.09 -25.30
CA VAL K 3 46.79 -20.80 -23.89
C VAL K 3 47.42 -22.02 -23.23
N VAL K 4 48.44 -21.78 -22.43
CA VAL K 4 49.18 -22.84 -21.73
C VAL K 4 48.41 -23.23 -20.49
N PRO K 5 48.13 -24.52 -20.27
CA PRO K 5 47.47 -24.95 -19.04
C PRO K 5 48.32 -24.59 -17.82
N PHE K 6 47.64 -24.35 -16.70
CA PHE K 6 48.32 -23.92 -15.49
C PHE K 6 49.16 -25.05 -14.90
N ASN K 7 50.21 -24.66 -14.18
CA ASN K 7 51.17 -25.62 -13.64
C ASN K 7 50.68 -26.33 -12.39
N GLY K 8 49.51 -25.95 -11.87
CA GLY K 8 49.05 -26.51 -10.61
C GLY K 8 48.82 -28.01 -10.69
N LYS K 9 49.06 -28.67 -9.56
CA LYS K 9 48.87 -30.11 -9.43
C LYS K 9 47.86 -30.38 -8.32
N GLY K 10 46.92 -31.27 -8.61
CA GLY K 10 45.86 -31.56 -7.64
C GLY K 10 46.19 -32.77 -6.77
N THR K 11 45.63 -32.78 -5.57
CA THR K 11 45.81 -33.89 -4.66
C THR K 11 44.90 -35.05 -5.05
N LYS K 12 45.01 -36.15 -4.29
CA LYS K 12 44.21 -37.33 -4.57
C LYS K 12 42.72 -37.04 -4.41
N ALA K 13 42.36 -36.21 -3.42
CA ALA K 13 40.96 -35.84 -3.25
C ALA K 13 40.46 -35.02 -4.43
N SER K 14 41.28 -34.08 -4.91
CA SER K 14 40.89 -33.27 -6.06
C SER K 14 40.82 -34.11 -7.33
N ILE K 15 41.75 -35.04 -7.51
CA ILE K 15 41.75 -35.87 -8.71
C ILE K 15 40.54 -36.80 -8.73
N LYS K 16 40.21 -37.39 -7.57
CA LYS K 16 39.06 -38.29 -7.52
C LYS K 16 37.77 -37.54 -7.80
N PHE K 17 37.71 -36.26 -7.44
CA PHE K 17 36.56 -35.43 -7.80
C PHE K 17 36.50 -35.25 -9.32
N GLN K 18 37.65 -35.05 -9.95
CA GLN K 18 37.69 -34.87 -11.40
C GLN K 18 37.15 -36.10 -12.12
N THR K 19 37.55 -37.29 -11.66
CA THR K 19 37.05 -38.52 -12.27
C THR K 19 35.55 -38.67 -12.07
N MET K 20 35.02 -38.19 -10.95
CA MET K 20 33.59 -38.26 -10.70
C MET K 20 32.82 -37.36 -11.66
N VAL K 21 33.39 -36.20 -12.01
CA VAL K 21 32.76 -35.32 -12.99
C VAL K 21 32.72 -36.00 -14.35
N ASN K 22 33.81 -36.68 -14.72
CA ASN K 22 33.83 -37.40 -15.99
C ASN K 22 32.87 -38.58 -15.98
N TRP K 23 32.70 -39.22 -14.82
CA TRP K 23 31.75 -40.33 -14.72
C TRP K 23 30.32 -39.85 -14.93
N LEU K 24 29.99 -38.67 -14.42
CA LEU K 24 28.63 -38.16 -14.55
C LEU K 24 28.26 -37.94 -16.02
N CYS K 25 29.16 -37.33 -16.78
CA CYS K 25 28.88 -37.05 -18.19
C CYS K 25 28.76 -38.35 -18.98
N GLU K 26 29.60 -39.34 -18.68
CA GLU K 26 29.61 -40.58 -19.44
C GLU K 26 28.38 -41.44 -19.20
N ASN K 27 27.55 -41.11 -18.21
CA ASN K 27 26.32 -41.84 -17.94
C ASN K 27 25.08 -40.96 -18.04
N ARG K 28 25.24 -39.71 -18.50
CA ARG K 28 24.14 -38.77 -18.69
C ARG K 28 23.39 -38.49 -17.39
N VAL K 29 24.09 -38.51 -16.26
CA VAL K 29 23.50 -38.19 -14.97
C VAL K 29 23.72 -36.70 -14.73
N PHE K 30 22.64 -35.91 -14.84
CA PHE K 30 22.75 -34.46 -14.72
C PHE K 30 21.85 -33.87 -13.65
N THR K 31 21.16 -34.70 -12.86
CA THR K 31 20.31 -34.22 -11.79
C THR K 31 20.52 -35.09 -10.56
N GLU K 32 20.18 -34.53 -9.39
CA GLU K 32 20.30 -35.28 -8.15
C GLU K 32 19.38 -36.49 -8.14
N ASP K 33 18.14 -36.31 -8.61
CA ASP K 33 17.19 -37.41 -8.63
C ASP K 33 17.66 -38.54 -9.54
N LYS K 34 18.25 -38.19 -10.69
CA LYS K 34 18.80 -39.20 -11.58
C LYS K 34 19.98 -39.92 -10.93
N TRP K 35 20.78 -39.19 -10.14
CA TRP K 35 21.93 -39.79 -9.48
C TRP K 35 21.48 -40.84 -8.46
N LYS K 36 20.44 -40.55 -7.69
CA LYS K 36 19.98 -41.49 -6.67
C LYS K 36 19.49 -42.79 -7.30
N LEU K 37 18.78 -42.69 -8.43
CA LEU K 37 18.32 -43.89 -9.11
C LEU K 37 19.47 -44.67 -9.71
N VAL K 38 20.39 -43.98 -10.38
CA VAL K 38 21.49 -44.65 -11.06
C VAL K 38 22.49 -45.22 -10.07
N ASP K 39 22.87 -44.43 -9.05
CA ASP K 39 23.91 -44.86 -8.11
C ASP K 39 23.57 -44.25 -6.74
N PHE K 40 22.97 -45.07 -5.87
CA PHE K 40 22.62 -44.59 -4.54
C PHE K 40 23.77 -44.78 -3.56
N ASN K 41 24.62 -45.78 -3.77
CA ASN K 41 25.74 -46.02 -2.85
C ASN K 41 26.69 -44.84 -2.82
N GLN K 42 27.02 -44.29 -4.00
CA GLN K 42 27.93 -43.15 -4.05
C GLN K 42 27.25 -41.88 -3.53
N TYR K 43 25.95 -41.73 -3.80
CA TYR K 43 25.22 -40.57 -3.28
C TYR K 43 25.16 -40.61 -1.76
N THR K 44 24.92 -41.79 -1.18
CA THR K 44 24.90 -41.92 0.27
C THR K 44 26.26 -41.62 0.87
N LEU K 45 27.32 -42.13 0.24
CA LEU K 45 28.67 -41.92 0.76
C LEU K 45 29.05 -40.44 0.70
N LEU K 46 28.72 -39.76 -0.40
CA LEU K 46 29.08 -38.36 -0.54
C LEU K 46 28.34 -37.50 0.46
N SER K 47 27.05 -37.76 0.67
CA SER K 47 26.22 -36.95 1.55
C SER K 47 26.44 -37.25 3.03
N SER K 48 27.49 -38.01 3.36
CA SER K 48 27.78 -38.32 4.76
C SER K 48 28.33 -37.13 5.52
N SER K 49 28.78 -36.10 4.83
CA SER K 49 29.42 -34.97 5.49
C SER K 49 29.21 -33.71 4.67
N HIS K 50 29.40 -32.56 5.32
CA HIS K 50 29.22 -31.28 4.64
C HIS K 50 30.30 -31.08 3.59
N SER K 51 31.50 -31.64 3.81
CA SER K 51 32.57 -31.55 2.83
C SER K 51 32.32 -32.45 1.63
N GLY K 52 31.36 -33.36 1.71
CA GLY K 52 31.04 -34.24 0.62
C GLY K 52 29.77 -33.84 -0.10
N SER K 53 28.79 -33.35 0.66
CA SER K 53 27.56 -32.87 0.04
C SER K 53 27.80 -31.63 -0.80
N PHE K 54 28.90 -30.91 -0.54
CA PHE K 54 29.26 -29.79 -1.39
C PHE K 54 29.69 -30.27 -2.76
N GLN K 55 30.42 -31.38 -2.83
CA GLN K 55 30.90 -31.88 -4.11
C GLN K 55 29.77 -32.39 -4.98
N ILE K 56 28.64 -32.76 -4.37
CA ILE K 56 27.48 -33.20 -5.16
C ILE K 56 26.96 -32.05 -6.02
N GLN K 57 26.85 -30.86 -5.43
CA GLN K 57 26.38 -29.71 -6.18
C GLN K 57 27.39 -29.29 -7.24
N SER K 58 28.66 -29.18 -6.85
CA SER K 58 29.69 -28.71 -7.77
C SER K 58 29.87 -29.65 -8.95
N ALA K 59 29.88 -30.97 -8.68
CA ALA K 59 30.09 -31.93 -9.76
C ALA K 59 28.96 -31.87 -10.79
N LEU K 60 27.74 -31.58 -10.35
CA LEU K 60 26.63 -31.51 -11.28
C LEU K 60 26.68 -30.25 -12.13
N LYS K 61 27.11 -29.13 -11.53
CA LYS K 61 27.23 -27.89 -12.29
C LYS K 61 28.33 -27.98 -13.32
N LEU K 62 29.42 -28.68 -13.00
CA LEU K 62 30.50 -28.86 -13.97
C LEU K 62 30.13 -29.90 -15.03
N ALA K 63 29.42 -30.95 -14.62
CA ALA K 63 29.00 -31.97 -15.59
C ALA K 63 28.03 -31.39 -16.60
N ILE K 64 27.12 -30.52 -16.16
CA ILE K 64 26.19 -29.87 -17.09
C ILE K 64 26.96 -29.00 -18.07
N TYR K 65 27.93 -28.23 -17.57
CA TYR K 65 28.70 -27.34 -18.44
C TYR K 65 29.49 -28.12 -19.48
N LYS K 66 30.08 -29.25 -19.07
CA LYS K 66 30.88 -30.03 -20.00
C LYS K 66 30.05 -30.56 -21.15
N ALA K 67 28.83 -31.03 -20.85
CA ALA K 67 27.98 -31.59 -21.88
C ALA K 67 27.26 -30.51 -22.70
N THR K 68 27.33 -29.25 -22.29
CA THR K 68 26.61 -28.19 -22.96
C THR K 68 27.50 -27.23 -23.75
N ASN K 69 28.66 -26.84 -23.20
CA ASN K 69 29.49 -25.82 -23.82
C ASN K 69 30.84 -26.33 -24.32
N LEU K 70 31.21 -27.58 -24.03
CA LEU K 70 32.48 -28.12 -24.49
C LEU K 70 32.34 -29.31 -25.41
N VAL K 71 31.35 -30.17 -25.19
CA VAL K 71 31.09 -31.33 -26.04
C VAL K 71 29.88 -31.03 -26.90
N PRO K 72 30.02 -31.01 -28.22
CA PRO K 72 28.86 -30.72 -29.09
C PRO K 72 27.74 -31.73 -28.88
N THR K 73 26.50 -31.25 -28.98
CA THR K 73 25.35 -32.08 -28.68
C THR K 73 25.23 -33.27 -29.62
N SER K 74 25.62 -33.09 -30.89
CA SER K 74 25.49 -34.16 -31.86
C SER K 74 26.27 -35.41 -31.45
N THR K 75 27.39 -35.23 -30.74
CA THR K 75 28.16 -36.37 -30.27
C THR K 75 27.37 -37.28 -29.34
N PHE K 76 26.32 -36.77 -28.70
CA PHE K 76 25.42 -37.60 -27.90
C PHE K 76 24.45 -38.38 -28.77
N LEU K 77 24.02 -37.80 -29.89
CA LEU K 77 23.07 -38.45 -30.79
C LEU K 77 23.71 -39.56 -31.62
N LEU K 78 24.99 -39.43 -31.95
CA LEU K 78 25.68 -40.46 -32.73
C LEU K 78 25.97 -41.67 -31.86
N HIS K 79 25.37 -42.80 -32.19
CA HIS K 79 25.55 -44.02 -31.41
C HIS K 79 26.95 -44.59 -31.59
N CYS K 87 18.28 -52.67 -40.99
CA CYS K 87 17.37 -52.18 -42.02
C CYS K 87 16.82 -50.82 -41.64
N ILE K 88 17.09 -49.82 -42.48
CA ILE K 88 16.62 -48.46 -42.19
C ILE K 88 15.11 -48.37 -42.36
N LYS K 89 14.53 -49.16 -43.26
CA LYS K 89 13.10 -49.09 -43.51
C LYS K 89 12.28 -49.55 -42.31
N ASP K 90 12.84 -50.37 -41.44
CA ASP K 90 12.13 -50.85 -40.26
C ASP K 90 12.07 -49.81 -39.15
N ASN K 91 12.92 -48.78 -39.21
CA ASN K 91 12.92 -47.76 -38.17
C ASN K 91 11.64 -46.95 -38.23
N LYS K 92 11.02 -46.75 -37.06
CA LYS K 92 9.72 -46.09 -37.02
C LYS K 92 9.79 -44.63 -37.47
N ILE K 93 10.88 -43.93 -37.14
CA ILE K 93 11.01 -42.53 -37.54
C ILE K 93 11.06 -42.41 -39.05
N VAL K 94 11.82 -43.30 -39.71
CA VAL K 94 11.93 -43.25 -41.16
C VAL K 94 10.57 -43.49 -41.81
N LYS K 95 9.80 -44.43 -41.28
CA LYS K 95 8.45 -44.64 -41.77
C LYS K 95 7.58 -43.42 -41.55
N LEU K 96 7.71 -42.78 -40.38
CA LEU K 96 6.87 -41.63 -40.04
C LEU K 96 7.10 -40.48 -41.01
N LEU K 97 8.36 -40.17 -41.33
CA LEU K 97 8.64 -39.06 -42.23
C LEU K 97 8.21 -39.37 -43.65
N LEU K 98 8.21 -40.64 -44.04
CA LEU K 98 7.69 -41.01 -45.36
C LEU K 98 6.18 -40.89 -45.40
N CYS K 99 5.50 -41.23 -44.30
CA CYS K 99 4.06 -41.06 -44.23
C CYS K 99 3.65 -39.60 -44.30
N GLN K 100 4.52 -38.69 -43.85
CA GLN K 100 4.27 -37.26 -43.92
C GLN K 100 4.78 -36.64 -45.22
N ASN K 101 5.24 -37.48 -46.16
CA ASN K 101 5.76 -37.01 -47.45
C ASN K 101 6.95 -36.06 -47.26
N TYR K 102 7.94 -36.51 -46.50
CA TYR K 102 9.17 -35.76 -46.29
C TYR K 102 10.36 -36.71 -46.39
N ASP K 103 11.47 -36.19 -46.89
CA ASP K 103 12.65 -37.02 -47.11
C ASP K 103 13.31 -37.34 -45.77
N PRO K 104 13.39 -38.61 -45.37
CA PRO K 104 14.01 -38.93 -44.06
C PRO K 104 15.47 -38.54 -43.98
N LEU K 105 16.22 -38.59 -45.09
CA LEU K 105 17.63 -38.25 -45.03
C LEU K 105 17.84 -36.75 -44.86
N LEU K 106 17.10 -35.94 -45.62
CA LEU K 106 17.29 -34.49 -45.57
C LEU K 106 16.83 -33.93 -44.23
N VAL K 107 15.76 -34.47 -43.66
CA VAL K 107 15.32 -34.03 -42.33
C VAL K 107 16.37 -34.37 -41.28
N GLY K 108 16.90 -35.60 -41.33
CA GLY K 108 17.88 -36.01 -40.34
C GLY K 108 19.15 -35.19 -40.40
N GLN K 109 19.61 -34.84 -41.60
CA GLN K 109 20.81 -34.04 -41.73
C GLN K 109 20.61 -32.63 -41.19
N HIS K 110 19.38 -32.09 -41.30
CA HIS K 110 19.11 -30.78 -40.73
C HIS K 110 19.14 -30.81 -39.21
N VAL K 111 18.63 -31.90 -38.62
CA VAL K 111 18.60 -32.01 -37.16
C VAL K 111 20.01 -31.97 -36.60
N LEU K 112 20.95 -32.65 -37.25
CA LEU K 112 22.34 -32.62 -36.80
C LEU K 112 22.91 -31.21 -36.87
N LYS K 113 22.57 -30.47 -37.93
CA LYS K 113 23.04 -29.09 -38.06
C LYS K 113 22.29 -28.15 -37.13
N TRP K 114 20.99 -28.40 -36.94
CA TRP K 114 20.17 -27.51 -36.11
C TRP K 114 20.48 -27.66 -34.63
N ILE K 115 20.76 -28.89 -34.20
CA ILE K 115 21.03 -29.12 -32.78
C ILE K 115 22.43 -28.62 -32.42
N ASP K 116 23.29 -28.40 -33.41
CA ASP K 116 24.63 -27.89 -33.18
C ASP K 116 24.73 -26.39 -33.34
N LYS K 117 23.61 -25.69 -33.52
CA LYS K 117 23.55 -24.24 -33.66
C LYS K 117 24.38 -23.74 -34.84
N LYS K 118 24.47 -24.54 -35.91
CA LYS K 118 25.23 -24.18 -37.09
C LYS K 118 24.36 -23.58 -38.19
N CYS K 119 23.07 -23.41 -37.96
CA CYS K 119 22.15 -22.89 -38.97
C CYS K 119 22.06 -21.36 -38.95
N GLY K 120 22.79 -20.69 -38.06
CA GLY K 120 22.77 -19.25 -38.00
C GLY K 120 21.53 -18.69 -37.35
N LYS K 121 20.75 -17.91 -38.10
CA LYS K 121 19.55 -17.29 -37.55
C LYS K 121 18.43 -18.30 -37.38
N LYS K 122 18.27 -19.23 -38.32
CA LYS K 122 17.17 -20.19 -38.30
C LYS K 122 17.43 -21.25 -37.23
N ASN K 123 17.15 -20.86 -35.98
CA ASN K 123 17.38 -21.72 -34.83
C ASN K 123 16.13 -22.47 -34.38
N THR K 124 15.00 -22.28 -35.06
CA THR K 124 13.72 -22.80 -34.61
C THR K 124 13.17 -23.82 -35.60
N LEU K 125 12.75 -24.97 -35.08
CA LEU K 125 11.96 -25.92 -35.85
C LEU K 125 10.49 -25.77 -35.49
N TRP K 126 9.61 -26.30 -36.34
CA TRP K 126 8.18 -26.16 -36.14
C TRP K 126 7.47 -27.35 -36.78
N PHE K 127 6.84 -28.17 -35.95
CA PHE K 127 6.02 -29.29 -36.41
C PHE K 127 4.56 -28.86 -36.38
N TYR K 128 3.94 -28.73 -37.54
CA TYR K 128 2.60 -28.19 -37.68
C TYR K 128 1.69 -29.24 -38.31
N GLY K 129 0.48 -29.36 -37.77
CA GLY K 129 -0.50 -30.26 -38.33
C GLY K 129 -1.70 -30.47 -37.43
N PRO K 130 -2.67 -31.26 -37.90
CA PRO K 130 -3.84 -31.58 -37.08
C PRO K 130 -3.46 -32.45 -35.90
N PRO K 131 -4.36 -32.61 -34.93
CA PRO K 131 -4.04 -33.45 -33.76
C PRO K 131 -3.82 -34.90 -34.15
N SER K 132 -3.02 -35.58 -33.34
CA SER K 132 -2.70 -37.00 -33.50
C SER K 132 -2.03 -37.26 -34.85
N THR K 133 -0.86 -36.65 -35.01
CA THR K 133 -0.04 -36.87 -36.20
C THR K 133 1.43 -37.14 -35.86
N GLY K 134 1.77 -37.28 -34.59
CA GLY K 134 3.13 -37.60 -34.19
C GLY K 134 4.00 -36.41 -33.85
N LYS K 135 3.45 -35.20 -33.82
CA LYS K 135 4.25 -34.01 -33.57
C LYS K 135 4.91 -34.02 -32.18
N THR K 136 4.12 -34.28 -31.14
CA THR K 136 4.67 -34.29 -29.79
C THR K 136 5.61 -35.46 -29.60
N ASN K 137 5.28 -36.62 -30.17
CA ASN K 137 6.11 -37.81 -30.02
C ASN K 137 7.50 -37.61 -30.59
N LEU K 138 7.58 -37.08 -31.82
CA LEU K 138 8.88 -36.83 -32.44
C LEU K 138 9.68 -35.80 -31.65
N ALA K 139 9.01 -34.72 -31.22
CA ALA K 139 9.70 -33.67 -30.49
C ALA K 139 10.23 -34.18 -29.15
N MET K 140 9.41 -34.97 -28.44
CA MET K 140 9.84 -35.49 -27.16
C MET K 140 10.92 -36.55 -27.31
N ALA K 141 10.87 -37.33 -28.40
CA ALA K 141 11.89 -38.35 -28.62
C ALA K 141 13.28 -37.73 -28.79
N ILE K 142 13.35 -36.63 -29.55
CA ILE K 142 14.63 -35.92 -29.69
C ILE K 142 15.05 -35.33 -28.35
N ALA K 143 14.09 -34.76 -27.60
CA ALA K 143 14.41 -34.16 -26.32
C ALA K 143 14.94 -35.18 -25.34
N LYS K 144 14.49 -36.44 -25.44
CA LYS K 144 15.00 -37.48 -24.56
C LYS K 144 16.44 -37.87 -24.88
N SER K 145 16.90 -37.59 -26.10
CA SER K 145 18.23 -38.01 -26.53
C SER K 145 19.29 -36.93 -26.38
N VAL K 146 18.94 -35.78 -25.82
CA VAL K 146 19.90 -34.71 -25.59
C VAL K 146 20.25 -34.69 -24.09
N PRO K 147 21.40 -34.12 -23.69
CA PRO K 147 21.78 -34.17 -22.27
C PRO K 147 20.75 -33.53 -21.35
N VAL K 148 20.45 -32.25 -21.57
CA VAL K 148 19.48 -31.52 -20.76
C VAL K 148 18.57 -30.75 -21.70
N TYR K 149 17.27 -30.78 -21.41
CA TYR K 149 16.29 -30.06 -22.22
C TYR K 149 15.30 -29.35 -21.31
N GLY K 150 15.05 -28.07 -21.63
CA GLY K 150 14.03 -27.31 -20.94
C GLY K 150 12.67 -27.43 -21.60
N MET K 151 11.71 -26.69 -21.07
CA MET K 151 10.37 -26.66 -21.62
C MET K 151 9.68 -25.36 -21.20
N VAL K 152 9.03 -24.71 -22.16
CA VAL K 152 8.33 -23.45 -21.86
C VAL K 152 7.13 -23.70 -20.96
N ASN K 153 6.44 -24.84 -21.14
CA ASN K 153 5.27 -25.13 -20.34
C ASN K 153 5.58 -25.23 -18.85
N TRP K 154 6.78 -25.68 -18.48
CA TRP K 154 7.16 -25.76 -17.08
C TRP K 154 7.42 -24.39 -16.46
N ASN K 155 7.93 -23.44 -17.26
CA ASN K 155 8.36 -22.16 -16.71
C ASN K 155 7.16 -21.32 -16.27
N ASN K 156 7.46 -20.16 -15.70
CA ASN K 156 6.42 -19.24 -15.25
C ASN K 156 5.65 -18.70 -16.44
N GLU K 157 4.33 -18.57 -16.28
CA GLU K 157 3.51 -18.01 -17.34
C GLU K 157 3.89 -16.57 -17.65
N ASN K 158 4.45 -15.85 -16.68
CA ASN K 158 4.85 -14.47 -16.90
C ASN K 158 6.25 -14.34 -17.47
N PHE K 159 7.14 -15.30 -17.19
CA PHE K 159 8.50 -15.30 -17.71
C PHE K 159 8.79 -16.67 -18.32
N PRO K 160 8.21 -16.96 -19.48
CA PRO K 160 8.39 -18.29 -20.08
C PRO K 160 9.82 -18.58 -20.52
N PHE K 161 10.65 -17.56 -20.72
CA PHE K 161 11.98 -17.74 -21.29
C PHE K 161 13.08 -17.63 -20.24
N ASN K 162 12.81 -18.04 -19.00
CA ASN K 162 13.86 -18.15 -18.00
C ASN K 162 14.39 -19.57 -17.95
N ASP K 163 15.58 -19.71 -17.35
CA ASP K 163 16.26 -20.99 -17.22
C ASP K 163 16.53 -21.61 -18.60
N VAL K 164 17.03 -20.80 -19.54
CA VAL K 164 17.42 -21.32 -20.84
C VAL K 164 18.90 -21.73 -20.86
N ALA K 165 19.71 -21.16 -19.97
CA ALA K 165 21.11 -21.54 -19.89
C ALA K 165 21.25 -22.95 -19.31
N GLY K 166 22.27 -23.67 -19.79
CA GLY K 166 22.45 -25.05 -19.37
C GLY K 166 21.56 -26.05 -20.07
N LYS K 167 20.75 -25.59 -21.03
CA LYS K 167 19.88 -26.47 -21.80
C LYS K 167 20.44 -26.65 -23.20
N SER K 168 20.56 -27.90 -23.63
CA SER K 168 20.97 -28.18 -25.00
C SER K 168 19.80 -28.13 -25.96
N LEU K 169 18.58 -28.00 -25.46
CA LEU K 169 17.38 -27.94 -26.30
C LEU K 169 16.25 -27.37 -25.45
N VAL K 170 15.32 -26.67 -26.12
CA VAL K 170 14.14 -26.12 -25.48
C VAL K 170 12.92 -26.56 -26.29
N VAL K 171 11.96 -27.19 -25.62
CA VAL K 171 10.76 -27.69 -26.27
C VAL K 171 9.59 -26.81 -25.87
N TRP K 172 8.83 -26.34 -26.87
CA TRP K 172 7.67 -25.49 -26.66
C TRP K 172 6.48 -26.22 -27.30
N ASP K 173 5.82 -27.07 -26.51
CA ASP K 173 4.80 -27.95 -27.04
C ASP K 173 3.45 -27.26 -27.08
N GLU K 174 2.83 -27.25 -28.26
CA GLU K 174 1.47 -26.76 -28.46
C GLU K 174 1.36 -25.32 -27.97
N GLY K 175 2.34 -24.50 -28.35
CA GLY K 175 2.44 -23.17 -27.79
C GLY K 175 1.86 -22.10 -28.69
N ILE K 176 1.64 -20.92 -28.11
CA ILE K 176 1.12 -19.75 -28.81
C ILE K 176 1.91 -18.54 -28.34
N ILE K 177 2.17 -17.61 -29.26
CA ILE K 177 3.01 -16.45 -28.99
C ILE K 177 2.11 -15.25 -28.68
N LYS K 178 2.17 -14.77 -27.44
CA LYS K 178 1.46 -13.56 -27.07
C LYS K 178 2.30 -12.32 -27.37
N SER K 179 1.62 -11.18 -27.47
CA SER K 179 2.31 -9.93 -27.71
C SER K 179 3.16 -9.51 -26.53
N THR K 180 2.75 -9.88 -25.30
CA THR K 180 3.52 -9.49 -24.12
C THR K 180 4.90 -10.12 -24.10
N ILE K 181 5.09 -11.25 -24.78
CA ILE K 181 6.37 -11.93 -24.83
C ILE K 181 6.92 -12.04 -26.24
N VAL K 182 6.35 -11.31 -27.21
CA VAL K 182 6.75 -11.48 -28.60
C VAL K 182 8.17 -10.98 -28.83
N GLU K 183 8.61 -9.98 -28.07
CA GLU K 183 9.97 -9.46 -28.24
C GLU K 183 11.01 -10.40 -27.63
N ALA K 184 10.71 -10.98 -26.47
CA ALA K 184 11.62 -11.97 -25.89
C ALA K 184 11.63 -13.25 -26.71
N ALA K 185 10.52 -13.55 -27.37
CA ALA K 185 10.45 -14.75 -28.20
C ALA K 185 11.42 -14.67 -29.38
N LYS K 186 11.46 -13.52 -30.05
CA LYS K 186 12.30 -13.37 -31.22
C LYS K 186 13.78 -13.55 -30.88
N ALA K 187 14.19 -13.13 -29.69
CA ALA K 187 15.57 -13.34 -29.26
C ALA K 187 15.88 -14.82 -29.09
N ILE K 188 15.03 -15.53 -28.35
CA ILE K 188 15.26 -16.95 -28.13
C ILE K 188 15.13 -17.73 -29.42
N LEU K 189 14.09 -17.42 -30.22
CA LEU K 189 13.88 -18.15 -31.47
C LEU K 189 15.00 -17.90 -32.47
N GLY K 190 15.63 -16.73 -32.41
CA GLY K 190 16.71 -16.38 -33.31
C GLY K 190 18.09 -16.79 -32.85
N GLY K 191 18.22 -17.41 -31.69
CA GLY K 191 19.51 -17.88 -31.21
C GLY K 191 20.37 -16.78 -30.63
N GLN K 192 19.82 -15.57 -30.52
CA GLN K 192 20.58 -14.46 -29.98
C GLN K 192 20.67 -14.55 -28.46
N PRO K 193 21.88 -14.46 -27.91
CA PRO K 193 22.03 -14.53 -26.45
C PRO K 193 21.29 -13.41 -25.74
N THR K 194 20.80 -13.73 -24.54
CA THR K 194 20.01 -12.80 -23.75
C THR K 194 20.88 -11.69 -23.20
N ARG K 195 20.29 -10.51 -23.03
CA ARG K 195 21.01 -9.37 -22.47
C ARG K 195 21.60 -9.70 -21.11
N VAL K 196 20.90 -10.50 -20.31
CA VAL K 196 21.41 -10.90 -19.01
C VAL K 196 22.63 -11.81 -19.18
N ASP K 197 22.59 -12.69 -20.19
CA ASP K 197 23.73 -13.57 -20.43
C ASP K 197 24.96 -12.76 -20.84
N GLN K 198 24.79 -11.74 -21.67
CA GLN K 198 25.93 -10.95 -22.13
C GLN K 198 26.60 -10.23 -20.98
N LYS K 199 25.81 -9.66 -20.06
CA LYS K 199 26.37 -8.93 -18.93
C LYS K 199 27.02 -9.84 -17.91
N MET K 200 26.46 -11.03 -17.68
CA MET K 200 26.95 -11.94 -16.65
C MET K 200 28.07 -12.85 -17.17
N ARG K 201 28.34 -12.80 -18.47
CA ARG K 201 29.40 -13.61 -19.06
C ARG K 201 30.61 -12.76 -19.40
N GLY K 208 22.86 -19.09 -27.26
CA GLY K 208 21.75 -19.58 -28.05
C GLY K 208 21.46 -21.05 -27.81
N VAL K 209 20.18 -21.40 -27.78
CA VAL K 209 19.75 -22.77 -27.56
C VAL K 209 18.74 -23.15 -28.64
N PRO K 210 18.88 -24.31 -29.27
CA PRO K 210 17.88 -24.72 -30.28
C PRO K 210 16.49 -24.83 -29.67
N VAL K 211 15.50 -24.42 -30.44
CA VAL K 211 14.11 -24.41 -30.01
C VAL K 211 13.28 -25.20 -31.00
N VAL K 212 12.41 -26.07 -30.48
CA VAL K 212 11.48 -26.84 -31.28
C VAL K 212 10.07 -26.54 -30.80
N ILE K 213 9.16 -26.28 -31.74
CA ILE K 213 7.79 -25.90 -31.43
C ILE K 213 6.83 -26.84 -32.15
N THR K 214 5.82 -27.32 -31.43
CA THR K 214 4.71 -28.06 -32.01
C THR K 214 3.45 -27.20 -31.88
N SER K 215 2.57 -27.29 -32.88
CA SER K 215 1.38 -26.46 -32.87
C SER K 215 0.34 -27.00 -33.84
N ASN K 216 -0.93 -26.78 -33.51
CA ASN K 216 -2.01 -27.09 -34.43
C ASN K 216 -2.37 -25.88 -35.30
N GLY K 217 -2.16 -24.67 -34.79
CA GLY K 217 -2.42 -23.46 -35.55
C GLY K 217 -1.15 -22.74 -35.94
N ASP K 218 -1.28 -21.75 -36.82
CA ASP K 218 -0.13 -20.99 -37.30
C ASP K 218 0.35 -20.06 -36.19
N ILE K 219 1.59 -20.24 -35.75
CA ILE K 219 2.12 -19.45 -34.64
C ILE K 219 2.64 -18.08 -35.08
N THR K 220 2.71 -17.83 -36.39
CA THR K 220 3.08 -16.49 -36.85
C THR K 220 2.02 -15.46 -36.55
N PHE K 221 0.83 -15.90 -36.13
CA PHE K 221 -0.25 -14.98 -35.75
C PHE K 221 -0.09 -14.65 -34.26
N VAL K 222 0.37 -13.43 -33.97
CA VAL K 222 0.60 -13.04 -32.59
C VAL K 222 -0.71 -12.61 -31.94
N VAL K 223 -0.93 -13.07 -30.71
CA VAL K 223 -2.14 -12.76 -29.96
C VAL K 223 -1.91 -11.47 -29.19
N SER K 224 -2.53 -10.39 -29.65
CA SER K 224 -2.49 -9.10 -28.95
C SER K 224 -3.90 -8.78 -28.47
N GLY K 225 -4.06 -8.67 -27.15
CA GLY K 225 -5.39 -8.50 -26.60
C GLY K 225 -6.29 -9.67 -26.96
N ASN K 226 -7.48 -9.35 -27.45
CA ASN K 226 -8.40 -10.36 -27.96
C ASN K 226 -8.42 -10.41 -29.48
N THR K 227 -7.30 -10.11 -30.14
CA THR K 227 -7.29 -9.92 -31.57
C THR K 227 -6.00 -10.47 -32.17
N THR K 228 -6.13 -11.12 -33.32
CA THR K 228 -4.97 -11.62 -34.05
C THR K 228 -4.23 -10.46 -34.72
N THR K 229 -2.90 -10.53 -34.71
CA THR K 229 -2.06 -9.53 -35.38
C THR K 229 -1.05 -10.22 -36.26
N THR K 230 -0.67 -9.55 -37.35
CA THR K 230 0.29 -10.07 -38.31
C THR K 230 1.50 -9.19 -38.49
N VAL K 231 1.80 -8.30 -37.53
CA VAL K 231 2.97 -7.44 -37.64
C VAL K 231 4.25 -8.24 -37.62
N HIS K 232 4.35 -9.23 -36.73
CA HIS K 232 5.55 -10.03 -36.56
C HIS K 232 5.59 -11.25 -37.47
N ALA K 233 4.78 -11.28 -38.53
CA ALA K 233 4.71 -12.45 -39.39
C ALA K 233 6.04 -12.68 -40.10
N LYS K 234 6.66 -11.62 -40.62
CA LYS K 234 7.90 -11.78 -41.37
C LYS K 234 9.06 -12.11 -40.45
N ALA K 235 9.12 -11.45 -39.30
CA ALA K 235 10.24 -11.67 -38.38
C ALA K 235 10.28 -13.11 -37.89
N LEU K 236 9.13 -13.70 -37.60
CA LEU K 236 9.10 -15.08 -37.09
C LEU K 236 9.42 -16.08 -38.18
N LYS K 237 9.07 -15.76 -39.43
CA LYS K 237 9.35 -16.68 -40.52
C LYS K 237 10.83 -16.75 -40.85
N GLU K 238 11.58 -15.69 -40.57
CA GLU K 238 13.02 -15.69 -40.86
C GLU K 238 13.78 -16.63 -39.94
N ARG K 239 13.14 -17.08 -38.85
CA ARG K 239 13.81 -17.90 -37.84
C ARG K 239 13.32 -19.33 -37.81
N MET K 240 12.27 -19.67 -38.56
CA MET K 240 11.60 -20.96 -38.41
C MET K 240 11.76 -21.83 -39.65
N VAL K 241 11.71 -23.14 -39.44
CA VAL K 241 11.61 -24.12 -40.49
C VAL K 241 10.37 -24.96 -40.17
N LYS K 242 9.44 -25.05 -41.13
CA LYS K 242 8.11 -25.58 -40.89
C LYS K 242 7.95 -26.94 -41.56
N LEU K 243 7.36 -27.89 -40.82
CA LEU K 243 7.05 -29.22 -41.34
C LEU K 243 5.55 -29.46 -41.16
N ASN K 244 4.90 -29.93 -42.22
CA ASN K 244 3.45 -30.12 -42.22
C ASN K 244 3.15 -31.60 -41.93
N PHE K 245 2.68 -31.86 -40.70
CA PHE K 245 2.30 -33.21 -40.30
C PHE K 245 0.79 -33.34 -40.45
N THR K 246 0.36 -33.57 -41.70
CA THR K 246 -1.05 -33.54 -42.04
C THR K 246 -1.68 -34.92 -42.20
N VAL K 247 -0.95 -36.00 -41.91
CA VAL K 247 -1.44 -37.35 -42.11
C VAL K 247 -1.39 -38.11 -40.78
N ARG K 248 -2.48 -38.77 -40.44
CA ARG K 248 -2.56 -39.52 -39.20
C ARG K 248 -1.67 -40.76 -39.27
N CYS K 249 -1.18 -41.19 -38.10
CA CYS K 249 -0.32 -42.35 -37.96
C CYS K 249 -1.11 -43.48 -37.33
N SER K 250 -0.81 -44.71 -37.75
CA SER K 250 -1.51 -45.87 -37.21
C SER K 250 -1.18 -46.02 -35.72
N PRO K 251 -2.11 -46.52 -34.91
CA PRO K 251 -1.84 -46.66 -33.47
C PRO K 251 -0.69 -47.61 -33.15
N ASP K 252 -0.29 -48.46 -34.09
CA ASP K 252 0.82 -49.38 -33.85
C ASP K 252 2.15 -48.68 -33.64
N MET K 253 2.24 -47.39 -33.97
CA MET K 253 3.48 -46.65 -33.75
C MET K 253 3.83 -46.57 -32.26
N GLY K 254 2.84 -46.32 -31.41
CA GLY K 254 3.06 -46.27 -29.98
C GLY K 254 4.00 -45.14 -29.59
N LEU K 255 4.82 -45.41 -28.59
CA LEU K 255 5.79 -44.44 -28.11
C LEU K 255 7.13 -44.66 -28.80
N LEU K 256 7.78 -43.56 -29.17
CA LEU K 256 9.09 -43.63 -29.82
C LEU K 256 10.20 -43.59 -28.78
N THR K 257 11.22 -44.41 -29.00
CA THR K 257 12.31 -44.59 -28.05
C THR K 257 13.51 -43.74 -28.46
N GLU K 258 14.44 -43.58 -27.52
CA GLU K 258 15.67 -42.85 -27.80
C GLU K 258 16.50 -43.56 -28.86
N ALA K 259 16.56 -44.89 -28.79
CA ALA K 259 17.37 -45.65 -29.75
C ALA K 259 16.89 -45.46 -31.18
N ASP K 260 15.61 -45.15 -31.38
CA ASP K 260 15.11 -44.85 -32.72
C ASP K 260 15.79 -43.60 -33.26
N VAL K 261 15.95 -42.58 -32.43
CA VAL K 261 16.60 -41.35 -32.86
C VAL K 261 18.09 -41.59 -33.15
N GLN K 262 18.75 -42.33 -32.25
CA GLN K 262 20.19 -42.57 -32.42
C GLN K 262 20.48 -43.39 -33.68
N GLN K 263 19.68 -44.43 -33.93
CA GLN K 263 19.87 -45.21 -35.15
C GLN K 263 19.60 -44.37 -36.40
N TRP K 264 18.52 -43.57 -36.35
CA TRP K 264 18.14 -42.77 -37.51
C TRP K 264 19.18 -41.70 -37.81
N LEU K 265 19.67 -41.01 -36.78
CA LEU K 265 20.62 -39.93 -37.00
C LEU K 265 22.02 -40.44 -37.33
N THR K 266 22.39 -41.62 -36.81
CA THR K 266 23.69 -42.19 -37.14
C THR K 266 23.76 -42.55 -38.63
N TRP K 267 22.68 -43.13 -39.15
CA TRP K 267 22.65 -43.49 -40.57
C TRP K 267 22.71 -42.25 -41.45
N CYS K 268 21.98 -41.19 -41.08
CA CYS K 268 21.95 -39.99 -41.91
C CYS K 268 23.30 -39.30 -41.95
N ASN K 269 24.04 -39.33 -40.84
CA ASN K 269 25.36 -38.70 -40.81
C ASN K 269 26.33 -39.37 -41.76
N ALA K 270 26.27 -40.70 -41.87
CA ALA K 270 27.23 -41.42 -42.69
C ALA K 270 26.94 -41.30 -44.18
N GLN K 271 25.76 -40.83 -44.58
CA GLN K 271 25.43 -40.71 -45.99
C GLN K 271 26.01 -39.42 -46.57
N SER K 272 25.81 -39.24 -47.87
CA SER K 272 26.33 -38.06 -48.55
C SER K 272 25.57 -36.82 -48.12
N TRP K 273 26.30 -35.73 -47.93
CA TRP K 273 25.72 -34.44 -47.58
C TRP K 273 25.47 -33.57 -48.81
N ASP K 274 25.72 -34.07 -50.01
CA ASP K 274 25.70 -33.23 -51.21
C ASP K 274 24.34 -32.57 -51.41
N HIS K 275 23.26 -33.28 -51.12
CA HIS K 275 21.93 -32.73 -51.29
C HIS K 275 21.66 -31.62 -50.28
N TYR K 276 22.41 -31.58 -49.18
CA TYR K 276 22.08 -30.67 -48.08
C TYR K 276 22.47 -29.23 -48.42
N GLU K 277 23.76 -29.00 -48.68
CA GLU K 277 24.23 -27.63 -48.90
C GLU K 277 23.59 -27.00 -50.13
N ASN K 278 23.11 -27.81 -51.07
CA ASN K 278 22.38 -27.25 -52.20
C ASN K 278 21.13 -26.52 -51.73
N TRP K 279 20.39 -27.14 -50.81
CA TRP K 279 19.26 -26.45 -50.20
C TRP K 279 19.70 -25.48 -49.12
N ALA K 280 20.78 -25.80 -48.41
CA ALA K 280 21.23 -24.98 -47.29
C ALA K 280 21.78 -23.62 -47.72
N ILE K 281 22.13 -23.45 -49.00
CA ILE K 281 22.53 -22.12 -49.47
C ILE K 281 21.36 -21.15 -49.37
N ASN K 282 20.17 -21.61 -49.77
CA ASN K 282 18.95 -20.79 -49.71
C ASN K 282 18.02 -21.40 -48.65
N TYR K 283 18.16 -20.93 -47.42
CA TYR K 283 17.31 -21.41 -46.33
C TYR K 283 15.87 -20.96 -46.55
N THR K 284 14.99 -21.90 -46.87
CA THR K 284 13.59 -21.60 -47.09
C THR K 284 12.79 -21.81 -45.81
N PHE K 285 11.70 -21.04 -45.69
CA PHE K 285 10.83 -21.17 -44.52
C PHE K 285 10.19 -22.55 -44.47
N ASP K 286 9.73 -23.04 -45.62
CA ASP K 286 9.11 -24.35 -45.67
C ASP K 286 10.12 -25.41 -46.09
N PHE K 287 10.06 -26.56 -45.46
CA PHE K 287 10.98 -27.65 -45.78
C PHE K 287 10.58 -28.29 -47.11
N PRO K 288 11.52 -28.46 -48.03
CA PRO K 288 11.18 -29.04 -49.34
C PRO K 288 10.66 -30.47 -49.21
N GLY K 289 9.74 -30.83 -50.08
CA GLY K 289 9.12 -32.14 -50.05
C GLY K 289 9.94 -33.20 -50.75
N ILE K 290 9.36 -34.40 -50.85
CA ILE K 290 10.04 -35.53 -51.46
C ILE K 290 10.15 -35.32 -52.96
N ASN K 291 11.35 -35.51 -53.49
CA ASN K 291 11.59 -35.58 -54.93
C ASN K 291 12.08 -36.97 -55.25
N ALA K 292 11.42 -37.64 -56.20
CA ALA K 292 11.72 -39.03 -56.50
C ALA K 292 13.15 -39.23 -56.99
N ASP K 293 13.77 -38.19 -57.54
CA ASP K 293 15.14 -38.33 -58.05
C ASP K 293 16.15 -38.45 -56.92
N ALA K 294 15.95 -37.70 -55.84
CA ALA K 294 16.96 -37.61 -54.78
C ALA K 294 16.79 -38.66 -53.68
N LEU K 295 15.81 -39.55 -53.79
CA LEU K 295 15.61 -40.56 -52.76
C LEU K 295 16.76 -41.54 -52.74
N HIS K 296 17.20 -41.91 -51.54
CA HIS K 296 18.32 -42.84 -51.40
C HIS K 296 17.89 -44.24 -51.84
N PRO K 297 18.79 -45.01 -52.46
CA PRO K 297 18.41 -46.34 -52.94
C PRO K 297 17.89 -47.26 -51.85
N ASP K 298 18.38 -47.11 -50.61
CA ASP K 298 17.92 -47.96 -49.52
C ASP K 298 16.43 -47.78 -49.24
N LEU K 299 15.90 -46.59 -49.50
CA LEU K 299 14.49 -46.30 -49.24
C LEU K 299 13.61 -46.42 -50.47
N GLN K 300 14.18 -46.52 -51.66
CA GLN K 300 13.40 -46.64 -52.89
C GLN K 300 12.66 -47.97 -52.95
N VAL L 3 -55.26 5.00 14.15
CA VAL L 3 -54.63 6.30 14.03
C VAL L 3 -55.39 7.16 13.02
N VAL L 4 -55.67 8.40 13.40
CA VAL L 4 -56.43 9.32 12.55
C VAL L 4 -55.57 9.75 11.37
N PRO L 5 -56.01 9.51 10.13
CA PRO L 5 -55.23 9.94 8.97
C PRO L 5 -55.14 11.46 8.90
N PHE L 6 -54.04 11.94 8.32
CA PHE L 6 -53.85 13.38 8.14
C PHE L 6 -54.89 13.92 7.14
N ASN L 7 -55.42 15.10 7.46
CA ASN L 7 -56.55 15.62 6.70
C ASN L 7 -56.14 16.10 5.31
N GLY L 8 -54.86 16.44 5.14
CA GLY L 8 -54.39 17.10 3.94
C GLY L 8 -54.72 16.41 2.62
N LYS L 9 -55.34 17.15 1.71
CA LYS L 9 -55.70 16.65 0.39
C LYS L 9 -54.75 17.21 -0.67
N GLY L 10 -54.59 16.47 -1.75
CA GLY L 10 -53.69 16.86 -2.82
C GLY L 10 -54.41 17.39 -4.04
N THR L 11 -53.63 18.01 -4.93
CA THR L 11 -54.17 18.52 -6.18
C THR L 11 -54.39 17.38 -7.18
N LYS L 12 -54.81 17.75 -8.39
CA LYS L 12 -55.06 16.75 -9.43
C LYS L 12 -53.78 15.99 -9.78
N ALA L 13 -52.65 16.69 -9.87
CA ALA L 13 -51.40 16.03 -10.20
C ALA L 13 -50.99 15.04 -9.11
N SER L 14 -51.23 15.39 -7.84
CA SER L 14 -50.87 14.49 -6.75
C SER L 14 -51.75 13.26 -6.71
N ILE L 15 -53.01 13.39 -7.12
CA ILE L 15 -53.91 12.24 -7.12
C ILE L 15 -53.52 11.25 -8.20
N LYS L 16 -53.19 11.75 -9.40
CA LYS L 16 -52.86 10.87 -10.50
C LYS L 16 -51.62 10.04 -10.21
N PHE L 17 -50.69 10.57 -9.39
CA PHE L 17 -49.58 9.76 -8.95
C PHE L 17 -50.04 8.58 -8.11
N GLN L 18 -51.02 8.82 -7.23
CA GLN L 18 -51.56 7.73 -6.41
C GLN L 18 -52.27 6.69 -7.28
N THR L 19 -53.02 7.15 -8.29
CA THR L 19 -53.67 6.23 -9.21
C THR L 19 -52.64 5.44 -10.01
N MET L 20 -51.56 6.11 -10.44
CA MET L 20 -50.49 5.42 -11.15
C MET L 20 -49.79 4.41 -10.24
N VAL L 21 -49.71 4.71 -8.95
CA VAL L 21 -49.16 3.74 -8.00
C VAL L 21 -50.03 2.50 -7.93
N ASN L 22 -51.35 2.69 -7.91
CA ASN L 22 -52.26 1.54 -7.86
C ASN L 22 -52.22 0.74 -9.15
N TRP L 23 -52.13 1.42 -10.29
CA TRP L 23 -52.10 0.73 -11.58
C TRP L 23 -50.87 -0.15 -11.72
N LEU L 24 -49.73 0.29 -11.14
CA LEU L 24 -48.53 -0.53 -11.19
C LEU L 24 -48.71 -1.80 -10.37
N CYS L 25 -49.40 -1.71 -9.24
CA CYS L 25 -49.53 -2.86 -8.34
C CYS L 25 -50.45 -3.92 -8.94
N GLU L 26 -51.61 -3.51 -9.45
CA GLU L 26 -52.60 -4.49 -9.90
C GLU L 26 -52.16 -5.16 -11.20
N ASN L 27 -51.31 -4.49 -11.98
CA ASN L 27 -50.71 -5.10 -13.16
C ASN L 27 -49.39 -5.80 -12.85
N ARG L 28 -48.98 -5.80 -11.57
CA ARG L 28 -47.77 -6.50 -11.13
C ARG L 28 -46.53 -6.02 -11.89
N VAL L 29 -46.47 -4.71 -12.12
CA VAL L 29 -45.32 -4.09 -12.76
C VAL L 29 -44.46 -3.47 -11.67
N PHE L 30 -43.20 -3.92 -11.57
CA PHE L 30 -42.31 -3.48 -10.51
C PHE L 30 -40.91 -3.14 -11.00
N THR L 31 -40.72 -2.94 -12.30
CA THR L 31 -39.41 -2.60 -12.85
C THR L 31 -39.62 -1.80 -14.12
N GLU L 32 -38.68 -0.90 -14.40
CA GLU L 32 -38.76 -0.08 -15.61
C GLU L 32 -38.75 -0.95 -16.87
N ASP L 33 -37.90 -2.00 -16.88
CA ASP L 33 -37.87 -2.90 -18.03
C ASP L 33 -39.22 -3.56 -18.27
N LYS L 34 -39.93 -3.91 -17.19
CA LYS L 34 -41.28 -4.42 -17.34
C LYS L 34 -42.25 -3.32 -17.76
N TRP L 35 -42.05 -2.10 -17.24
CA TRP L 35 -42.94 -1.00 -17.57
C TRP L 35 -42.86 -0.65 -19.05
N LYS L 36 -41.66 -0.64 -19.62
CA LYS L 36 -41.50 -0.34 -21.04
C LYS L 36 -42.18 -1.39 -21.90
N LEU L 37 -42.03 -2.67 -21.54
CA LEU L 37 -42.63 -3.74 -22.33
C LEU L 37 -44.15 -3.73 -22.25
N VAL L 38 -44.71 -3.19 -21.16
CA VAL L 38 -46.14 -3.22 -20.94
C VAL L 38 -46.81 -1.94 -21.43
N ASP L 39 -46.31 -0.77 -21.02
CA ASP L 39 -46.91 0.50 -21.40
C ASP L 39 -45.78 1.46 -21.75
N PHE L 40 -45.41 1.48 -23.04
CA PHE L 40 -44.35 2.37 -23.50
C PHE L 40 -44.85 3.81 -23.62
N ASN L 41 -46.12 4.00 -23.97
CA ASN L 41 -46.64 5.35 -24.15
C ASN L 41 -46.57 6.14 -22.85
N GLN L 42 -47.04 5.56 -21.74
CA GLN L 42 -46.97 6.26 -20.47
C GLN L 42 -45.53 6.48 -20.02
N TYR L 43 -44.67 5.48 -20.25
CA TYR L 43 -43.27 5.63 -19.89
C TYR L 43 -42.59 6.72 -20.71
N THR L 44 -42.90 6.79 -22.01
CA THR L 44 -42.32 7.83 -22.85
C THR L 44 -42.79 9.22 -22.42
N LEU L 45 -44.07 9.36 -22.13
CA LEU L 45 -44.60 10.66 -21.72
C LEU L 45 -44.01 11.10 -20.38
N LEU L 46 -43.88 10.17 -19.43
CA LEU L 46 -43.35 10.54 -18.11
C LEU L 46 -41.92 11.02 -18.20
N SER L 47 -41.08 10.33 -18.97
CA SER L 47 -39.67 10.68 -19.03
C SER L 47 -39.38 11.92 -19.85
N SER L 48 -40.41 12.66 -20.27
CA SER L 48 -40.18 13.88 -21.05
C SER L 48 -39.47 14.95 -20.24
N SER L 49 -39.81 15.10 -18.96
CA SER L 49 -39.28 16.18 -18.14
C SER L 49 -38.69 15.60 -16.86
N HIS L 50 -37.96 16.46 -16.14
CA HIS L 50 -37.29 16.02 -14.92
C HIS L 50 -38.29 15.58 -13.87
N SER L 51 -39.39 16.31 -13.71
CA SER L 51 -40.39 15.96 -12.70
C SER L 51 -41.03 14.60 -13.03
N GLY L 52 -41.36 14.37 -14.30
CA GLY L 52 -41.94 13.10 -14.67
C GLY L 52 -40.99 11.94 -14.50
N SER L 53 -39.71 12.14 -14.84
CA SER L 53 -38.73 11.08 -14.65
C SER L 53 -38.49 10.80 -13.17
N PHE L 54 -38.78 11.78 -12.31
CA PHE L 54 -38.69 11.54 -10.87
C PHE L 54 -39.84 10.67 -10.39
N GLN L 55 -41.04 10.90 -10.93
CA GLN L 55 -42.21 10.15 -10.49
C GLN L 55 -42.10 8.67 -10.84
N ILE L 56 -41.32 8.33 -11.88
CA ILE L 56 -41.14 6.93 -12.26
C ILE L 56 -40.46 6.16 -11.14
N GLN L 57 -39.39 6.74 -10.58
CA GLN L 57 -38.67 6.05 -9.50
C GLN L 57 -39.47 6.04 -8.21
N SER L 58 -40.20 7.12 -7.92
CA SER L 58 -40.98 7.17 -6.70
C SER L 58 -42.19 6.24 -6.75
N ALA L 59 -42.82 6.11 -7.92
CA ALA L 59 -43.96 5.21 -8.05
C ALA L 59 -43.56 3.76 -7.88
N LEU L 60 -42.40 3.38 -8.44
CA LEU L 60 -41.97 1.98 -8.38
C LEU L 60 -41.53 1.59 -6.97
N LYS L 61 -40.95 2.53 -6.22
CA LYS L 61 -40.60 2.23 -4.83
C LYS L 61 -41.86 1.98 -4.01
N LEU L 62 -42.91 2.79 -4.20
CA LEU L 62 -44.13 2.61 -3.45
C LEU L 62 -44.95 1.43 -3.95
N ALA L 63 -44.85 1.11 -5.24
CA ALA L 63 -45.53 -0.07 -5.77
C ALA L 63 -44.94 -1.35 -5.20
N ILE L 64 -43.61 -1.41 -5.09
CA ILE L 64 -42.95 -2.58 -4.52
C ILE L 64 -43.32 -2.74 -3.06
N TYR L 65 -43.29 -1.64 -2.30
CA TYR L 65 -43.57 -1.71 -0.87
C TYR L 65 -44.99 -2.15 -0.60
N LYS L 66 -45.94 -1.65 -1.41
CA LYS L 66 -47.35 -2.00 -1.19
C LYS L 66 -47.58 -3.49 -1.39
N ALA L 67 -46.95 -4.08 -2.41
CA ALA L 67 -47.19 -5.49 -2.71
C ALA L 67 -46.32 -6.41 -1.87
N THR L 68 -45.40 -5.87 -1.07
CA THR L 68 -44.52 -6.69 -0.25
C THR L 68 -44.82 -6.55 1.25
N ASN L 69 -45.41 -5.45 1.67
CA ASN L 69 -45.65 -5.24 3.10
C ASN L 69 -47.11 -4.99 3.44
N LEU L 70 -47.82 -4.23 2.62
CA LEU L 70 -49.20 -3.87 2.91
C LEU L 70 -50.22 -4.88 2.39
N VAL L 71 -49.79 -5.84 1.58
CA VAL L 71 -50.68 -6.87 1.06
C VAL L 71 -50.04 -8.24 1.27
N PRO L 72 -50.74 -9.20 1.88
CA PRO L 72 -50.17 -10.54 2.02
C PRO L 72 -49.85 -11.15 0.67
N THR L 73 -48.73 -11.89 0.62
CA THR L 73 -48.25 -12.42 -0.65
C THR L 73 -49.20 -13.46 -1.23
N SER L 74 -49.92 -14.18 -0.36
CA SER L 74 -50.81 -15.23 -0.85
C SER L 74 -51.94 -14.66 -1.71
N THR L 75 -52.31 -13.40 -1.48
CA THR L 75 -53.36 -12.78 -2.28
C THR L 75 -52.99 -12.70 -3.75
N PHE L 76 -51.70 -12.62 -4.07
CA PHE L 76 -51.24 -12.65 -5.44
C PHE L 76 -51.26 -14.05 -6.03
N LEU L 77 -51.27 -15.08 -5.19
CA LEU L 77 -51.27 -16.47 -5.64
C LEU L 77 -52.68 -17.03 -5.76
N LEU L 78 -53.58 -16.64 -4.86
CA LEU L 78 -54.97 -17.08 -4.95
C LEU L 78 -55.69 -16.31 -6.04
N HIS L 79 -56.37 -17.03 -6.92
CA HIS L 79 -57.12 -16.41 -8.01
C HIS L 79 -58.59 -16.31 -7.64
N CYS L 87 -60.40 -29.90 -13.78
CA CYS L 87 -60.09 -31.10 -13.02
C CYS L 87 -58.82 -30.90 -12.22
N ILE L 88 -58.87 -31.29 -10.94
CA ILE L 88 -57.71 -31.11 -10.06
C ILE L 88 -56.60 -32.07 -10.44
N LYS L 89 -56.93 -33.33 -10.73
CA LYS L 89 -55.92 -34.28 -11.18
C LYS L 89 -55.33 -33.89 -12.52
N ASP L 90 -56.03 -33.07 -13.31
CA ASP L 90 -55.50 -32.61 -14.58
C ASP L 90 -54.38 -31.58 -14.42
N ASN L 91 -54.16 -31.08 -13.21
CA ASN L 91 -53.09 -30.12 -12.98
C ASN L 91 -51.75 -30.84 -12.96
N LYS L 92 -50.75 -30.23 -13.61
CA LYS L 92 -49.42 -30.83 -13.67
C LYS L 92 -48.77 -30.91 -12.29
N ILE L 93 -48.92 -29.86 -11.49
CA ILE L 93 -48.26 -29.83 -10.18
C ILE L 93 -48.81 -30.94 -9.29
N VAL L 94 -50.12 -31.14 -9.28
CA VAL L 94 -50.71 -32.22 -8.49
C VAL L 94 -50.20 -33.56 -8.98
N LYS L 95 -50.10 -33.74 -10.30
CA LYS L 95 -49.55 -34.97 -10.86
C LYS L 95 -48.11 -35.18 -10.41
N LEU L 96 -47.31 -34.11 -10.44
CA LEU L 96 -45.92 -34.20 -10.03
C LEU L 96 -45.79 -34.56 -8.55
N LEU L 97 -46.58 -33.91 -7.71
CA LEU L 97 -46.50 -34.15 -6.27
C LEU L 97 -46.99 -35.56 -5.90
N LEU L 98 -47.99 -36.06 -6.63
CA LEU L 98 -48.44 -37.44 -6.39
C LEU L 98 -47.35 -38.44 -6.76
N CYS L 99 -46.62 -38.18 -7.85
CA CYS L 99 -45.55 -39.07 -8.26
C CYS L 99 -44.45 -39.13 -7.20
N GLN L 100 -44.11 -37.99 -6.60
CA GLN L 100 -43.09 -37.95 -5.56
C GLN L 100 -43.56 -38.49 -4.22
N ASN L 101 -44.74 -39.12 -4.18
CA ASN L 101 -45.27 -39.74 -2.95
C ASN L 101 -45.50 -38.69 -1.86
N TYR L 102 -46.20 -37.61 -2.22
CA TYR L 102 -46.54 -36.55 -1.29
C TYR L 102 -47.99 -36.11 -1.50
N ASP L 103 -48.61 -35.65 -0.44
CA ASP L 103 -50.00 -35.24 -0.50
C ASP L 103 -50.11 -33.81 -1.04
N PRO L 104 -50.65 -33.61 -2.25
CA PRO L 104 -50.69 -32.25 -2.81
C PRO L 104 -51.48 -31.26 -1.96
N LEU L 105 -52.56 -31.70 -1.33
CA LEU L 105 -53.36 -30.81 -0.51
C LEU L 105 -52.56 -30.31 0.70
N LEU L 106 -51.78 -31.20 1.32
CA LEU L 106 -51.00 -30.81 2.49
C LEU L 106 -49.83 -29.90 2.09
N VAL L 107 -49.19 -30.19 0.95
CA VAL L 107 -48.09 -29.35 0.48
C VAL L 107 -48.60 -27.96 0.13
N GLY L 108 -49.72 -27.89 -0.60
CA GLY L 108 -50.24 -26.61 -1.03
C GLY L 108 -50.64 -25.72 0.13
N GLN L 109 -51.26 -26.28 1.15
CA GLN L 109 -51.65 -25.50 2.32
C GLN L 109 -50.43 -24.99 3.06
N HIS L 110 -49.30 -25.71 2.97
CA HIS L 110 -48.07 -25.23 3.59
C HIS L 110 -47.49 -24.04 2.82
N VAL L 111 -47.57 -24.08 1.49
CA VAL L 111 -47.03 -23.00 0.69
C VAL L 111 -47.73 -21.69 1.02
N LEU L 112 -49.06 -21.73 1.18
CA LEU L 112 -49.80 -20.53 1.52
C LEU L 112 -49.39 -19.98 2.87
N LYS L 113 -49.18 -20.86 3.86
CA LYS L 113 -48.75 -20.40 5.17
C LYS L 113 -47.28 -19.99 5.17
N TRP L 114 -46.45 -20.70 4.41
CA TRP L 114 -45.02 -20.40 4.40
C TRP L 114 -44.74 -19.09 3.66
N ILE L 115 -45.42 -18.85 2.55
CA ILE L 115 -45.22 -17.61 1.81
C ILE L 115 -45.78 -16.42 2.55
N ASP L 116 -46.67 -16.63 3.51
CA ASP L 116 -47.23 -15.57 4.34
C ASP L 116 -46.48 -15.41 5.65
N LYS L 117 -45.36 -16.11 5.83
CA LYS L 117 -44.54 -16.05 7.03
C LYS L 117 -45.33 -16.44 8.28
N LYS L 118 -46.33 -17.31 8.13
CA LYS L 118 -47.13 -17.77 9.26
C LYS L 118 -46.57 -19.01 9.93
N CYS L 119 -45.53 -19.63 9.34
CA CYS L 119 -44.97 -20.86 9.88
C CYS L 119 -43.99 -20.62 11.02
N GLY L 120 -43.65 -19.37 11.32
CA GLY L 120 -42.75 -19.10 12.43
C GLY L 120 -41.32 -19.33 12.04
N LYS L 121 -40.60 -20.12 12.85
CA LYS L 121 -39.18 -20.34 12.63
C LYS L 121 -38.91 -21.07 11.33
N LYS L 122 -39.73 -22.07 10.99
CA LYS L 122 -39.50 -22.89 9.79
C LYS L 122 -39.87 -22.09 8.53
N ASN L 123 -38.99 -21.17 8.18
CA ASN L 123 -39.21 -20.25 7.08
C ASN L 123 -38.68 -20.76 5.74
N THR L 124 -37.95 -21.86 5.73
CA THR L 124 -37.25 -22.33 4.53
C THR L 124 -37.86 -23.62 4.01
N LEU L 125 -38.11 -23.67 2.70
CA LEU L 125 -38.51 -24.90 2.02
C LEU L 125 -37.30 -25.46 1.28
N TRP L 126 -37.07 -26.76 1.44
CA TRP L 126 -35.90 -27.42 0.87
C TRP L 126 -36.36 -28.57 -0.02
N PHE L 127 -35.94 -28.54 -1.28
CA PHE L 127 -36.23 -29.61 -2.23
C PHE L 127 -34.97 -30.44 -2.44
N TYR L 128 -35.10 -31.75 -2.31
CA TYR L 128 -33.98 -32.67 -2.39
C TYR L 128 -34.34 -33.84 -3.30
N GLY L 129 -33.34 -34.35 -4.02
CA GLY L 129 -33.54 -35.51 -4.86
C GLY L 129 -32.54 -35.62 -5.99
N PRO L 130 -32.59 -36.74 -6.71
CA PRO L 130 -31.71 -36.94 -7.87
C PRO L 130 -31.95 -35.86 -8.93
N PRO L 131 -31.02 -35.71 -9.88
CA PRO L 131 -31.21 -34.71 -10.92
C PRO L 131 -32.41 -35.01 -11.81
N SER L 132 -32.98 -33.94 -12.37
CA SER L 132 -34.11 -34.03 -13.30
C SER L 132 -35.35 -34.63 -12.64
N THR L 133 -35.75 -34.10 -11.49
CA THR L 133 -36.94 -34.56 -10.80
C THR L 133 -37.94 -33.44 -10.50
N GLY L 134 -37.76 -32.26 -11.10
CA GLY L 134 -38.73 -31.19 -10.96
C GLY L 134 -38.46 -30.20 -9.85
N LYS L 135 -37.30 -30.27 -9.20
CA LYS L 135 -37.01 -29.37 -8.08
C LYS L 135 -36.95 -27.92 -8.53
N THR L 136 -36.18 -27.64 -9.58
CA THR L 136 -36.05 -26.26 -10.06
C THR L 136 -37.33 -25.77 -10.72
N ASN L 137 -38.00 -26.66 -11.46
CA ASN L 137 -39.23 -26.28 -12.14
C ASN L 137 -40.30 -25.83 -11.15
N LEU L 138 -40.51 -26.62 -10.10
CA LEU L 138 -41.50 -26.25 -9.09
C LEU L 138 -41.07 -24.99 -8.34
N ALA L 139 -39.78 -24.88 -8.01
CA ALA L 139 -39.31 -23.72 -7.25
C ALA L 139 -39.47 -22.44 -8.05
N MET L 140 -39.11 -22.47 -9.33
CA MET L 140 -39.22 -21.26 -10.15
C MET L 140 -40.68 -20.92 -10.42
N ALA L 141 -41.54 -21.94 -10.53
CA ALA L 141 -42.96 -21.69 -10.76
C ALA L 141 -43.56 -20.90 -9.61
N ILE L 142 -43.25 -21.30 -8.37
CA ILE L 142 -43.68 -20.54 -7.21
C ILE L 142 -43.08 -19.14 -7.23
N ALA L 143 -41.80 -19.06 -7.58
CA ALA L 143 -41.10 -17.77 -7.58
C ALA L 143 -41.63 -16.83 -8.65
N LYS L 144 -42.15 -17.36 -9.75
CA LYS L 144 -42.68 -16.51 -10.81
C LYS L 144 -44.12 -16.07 -10.55
N SER L 145 -44.78 -16.65 -9.56
CA SER L 145 -46.14 -16.24 -9.20
C SER L 145 -46.17 -15.10 -8.19
N VAL L 146 -45.14 -14.94 -7.38
CA VAL L 146 -45.09 -13.89 -6.37
C VAL L 146 -44.82 -12.57 -7.09
N PRO L 147 -45.14 -11.42 -6.46
CA PRO L 147 -44.90 -10.13 -7.14
C PRO L 147 -43.45 -9.90 -7.55
N VAL L 148 -42.54 -9.94 -6.59
CA VAL L 148 -41.12 -9.73 -6.84
C VAL L 148 -40.34 -10.77 -6.07
N TYR L 149 -39.30 -11.32 -6.69
CA TYR L 149 -38.49 -12.37 -6.07
C TYR L 149 -37.02 -12.14 -6.37
N GLY L 150 -36.20 -12.29 -5.34
CA GLY L 150 -34.76 -12.25 -5.49
C GLY L 150 -34.18 -13.65 -5.58
N MET L 151 -32.97 -13.74 -6.10
CA MET L 151 -32.32 -15.03 -6.32
C MET L 151 -30.88 -14.94 -5.85
N VAL L 152 -30.45 -15.94 -5.06
CA VAL L 152 -29.12 -15.91 -4.48
C VAL L 152 -28.05 -15.99 -5.54
N ASN L 153 -28.33 -16.71 -6.64
CA ASN L 153 -27.33 -16.86 -7.70
C ASN L 153 -27.03 -15.56 -8.43
N TRP L 154 -27.94 -14.58 -8.35
CA TRP L 154 -27.67 -13.27 -8.95
C TRP L 154 -26.73 -12.42 -8.11
N ASN L 155 -26.82 -12.53 -6.78
CA ASN L 155 -26.05 -11.68 -5.90
C ASN L 155 -24.57 -12.02 -5.97
N ASN L 156 -23.76 -11.16 -5.35
CA ASN L 156 -22.31 -11.33 -5.38
C ASN L 156 -21.91 -12.62 -4.67
N GLU L 157 -20.81 -13.22 -5.13
CA GLU L 157 -20.37 -14.50 -4.58
C GLU L 157 -19.98 -14.38 -3.11
N ASN L 158 -19.52 -13.20 -2.68
CA ASN L 158 -19.13 -13.01 -1.29
C ASN L 158 -20.25 -12.45 -0.42
N PHE L 159 -21.30 -11.90 -1.03
CA PHE L 159 -22.46 -11.39 -0.31
C PHE L 159 -23.73 -11.99 -0.89
N PRO L 160 -23.97 -13.28 -0.65
CA PRO L 160 -25.14 -13.94 -1.25
C PRO L 160 -26.47 -13.37 -0.76
N PHE L 161 -26.51 -12.76 0.42
CA PHE L 161 -27.74 -12.22 0.97
C PHE L 161 -27.85 -10.71 0.79
N ASN L 162 -27.01 -10.14 -0.07
CA ASN L 162 -27.11 -8.72 -0.37
C ASN L 162 -28.40 -8.44 -1.13
N ASP L 163 -28.98 -7.26 -0.87
CA ASP L 163 -30.22 -6.80 -1.49
C ASP L 163 -31.37 -7.76 -1.24
N VAL L 164 -31.47 -8.30 -0.02
CA VAL L 164 -32.57 -9.20 0.29
C VAL L 164 -33.81 -8.42 0.70
N ALA L 165 -33.66 -7.17 1.10
CA ALA L 165 -34.80 -6.36 1.46
C ALA L 165 -35.63 -6.00 0.24
N GLY L 166 -36.96 -5.97 0.42
CA GLY L 166 -37.85 -5.65 -0.67
C GLY L 166 -38.17 -6.80 -1.60
N LYS L 167 -38.00 -8.04 -1.15
CA LYS L 167 -38.30 -9.22 -1.95
C LYS L 167 -39.36 -10.06 -1.25
N SER L 168 -40.33 -10.54 -2.03
CA SER L 168 -41.36 -11.40 -1.45
C SER L 168 -40.91 -12.84 -1.34
N LEU L 169 -39.82 -13.21 -2.02
CA LEU L 169 -39.30 -14.56 -1.97
C LEU L 169 -37.86 -14.55 -2.42
N VAL L 170 -37.07 -15.46 -1.86
CA VAL L 170 -35.66 -15.64 -2.21
C VAL L 170 -35.46 -17.07 -2.65
N VAL L 171 -34.82 -17.25 -3.81
CA VAL L 171 -34.58 -18.56 -4.39
C VAL L 171 -33.07 -18.84 -4.36
N TRP L 172 -32.70 -20.03 -3.88
CA TRP L 172 -31.30 -20.44 -3.77
C TRP L 172 -31.17 -21.75 -4.54
N ASP L 173 -30.92 -21.65 -5.85
CA ASP L 173 -30.88 -22.82 -6.70
C ASP L 173 -29.51 -23.50 -6.63
N GLU L 174 -29.54 -24.83 -6.49
CA GLU L 174 -28.34 -25.65 -6.41
C GLU L 174 -27.40 -25.16 -5.31
N GLY L 175 -27.96 -24.81 -4.17
CA GLY L 175 -27.21 -24.09 -3.16
C GLY L 175 -26.33 -24.98 -2.32
N ILE L 176 -25.38 -24.35 -1.64
CA ILE L 176 -24.54 -24.99 -0.63
C ILE L 176 -24.03 -23.90 0.31
N ILE L 177 -23.83 -24.25 1.57
CA ILE L 177 -23.54 -23.28 2.61
C ILE L 177 -22.07 -23.39 2.99
N LYS L 178 -21.35 -22.28 2.89
CA LYS L 178 -19.96 -22.20 3.34
C LYS L 178 -19.91 -21.70 4.77
N SER L 179 -18.82 -22.05 5.46
CA SER L 179 -18.66 -21.62 6.85
C SER L 179 -18.47 -20.11 6.98
N THR L 180 -18.01 -19.45 5.91
CA THR L 180 -17.83 -18.00 5.97
C THR L 180 -19.15 -17.25 5.95
N ILE L 181 -20.20 -17.83 5.36
CA ILE L 181 -21.51 -17.21 5.32
C ILE L 181 -22.54 -17.94 6.15
N VAL L 182 -22.14 -18.93 6.94
CA VAL L 182 -23.11 -19.74 7.68
C VAL L 182 -23.79 -18.92 8.77
N GLU L 183 -23.08 -17.97 9.37
CA GLU L 183 -23.67 -17.17 10.45
C GLU L 183 -24.76 -16.25 9.91
N ALA L 184 -24.55 -15.66 8.74
CA ALA L 184 -25.59 -14.84 8.13
C ALA L 184 -26.71 -15.69 7.56
N ALA L 185 -26.44 -16.96 7.27
CA ALA L 185 -27.46 -17.86 6.74
C ALA L 185 -28.51 -18.16 7.80
N LYS L 186 -28.08 -18.29 9.07
CA LYS L 186 -29.01 -18.64 10.14
C LYS L 186 -30.12 -17.61 10.28
N ALA L 187 -29.78 -16.33 10.15
CA ALA L 187 -30.77 -15.27 10.30
C ALA L 187 -31.81 -15.32 9.17
N ILE L 188 -31.34 -15.38 7.92
CA ILE L 188 -32.25 -15.34 6.79
C ILE L 188 -33.06 -16.64 6.69
N LEU L 189 -32.40 -17.79 6.92
CA LEU L 189 -33.11 -19.05 6.83
C LEU L 189 -34.17 -19.17 7.92
N GLY L 190 -33.88 -18.68 9.11
CA GLY L 190 -34.82 -18.70 10.21
C GLY L 190 -35.78 -17.55 10.27
N GLY L 191 -35.77 -16.67 9.29
CA GLY L 191 -36.67 -15.52 9.30
C GLY L 191 -36.25 -14.42 10.24
N GLN L 192 -35.06 -14.50 10.82
CA GLN L 192 -34.59 -13.46 11.71
C GLN L 192 -34.16 -12.24 10.89
N PRO L 193 -34.76 -11.08 11.11
CA PRO L 193 -34.35 -9.88 10.36
C PRO L 193 -32.90 -9.54 10.63
N THR L 194 -32.23 -9.08 9.57
CA THR L 194 -30.80 -8.79 9.61
C THR L 194 -30.51 -7.53 10.41
N ARG L 195 -29.28 -7.45 10.93
CA ARG L 195 -28.90 -6.38 11.83
C ARG L 195 -29.03 -5.01 11.17
N VAL L 196 -28.63 -4.90 9.90
CA VAL L 196 -28.70 -3.62 9.23
C VAL L 196 -30.14 -3.16 9.06
N ASP L 197 -31.07 -4.10 8.86
CA ASP L 197 -32.49 -3.74 8.78
C ASP L 197 -32.99 -3.20 10.11
N GLN L 198 -32.56 -3.80 11.21
CA GLN L 198 -33.00 -3.34 12.54
C GLN L 198 -32.52 -1.93 12.82
N LYS L 199 -31.28 -1.62 12.42
CA LYS L 199 -30.70 -0.31 12.70
C LYS L 199 -31.37 0.81 11.90
N MET L 200 -31.76 0.56 10.66
CA MET L 200 -32.36 1.57 9.81
C MET L 200 -33.88 1.64 9.97
N ARG L 201 -34.45 0.74 10.76
CA ARG L 201 -35.90 0.74 10.99
C ARG L 201 -36.27 1.64 12.14
N PRO L 207 -37.02 -7.62 7.05
CA PRO L 207 -38.09 -7.99 7.97
C PRO L 207 -38.43 -9.48 7.91
N GLY L 208 -37.71 -10.23 7.07
CA GLY L 208 -37.94 -11.65 6.93
C GLY L 208 -38.51 -12.02 5.58
N VAL L 209 -37.80 -12.86 4.85
CA VAL L 209 -38.23 -13.28 3.50
C VAL L 209 -38.24 -14.80 3.44
N PRO L 210 -39.31 -15.40 2.92
CA PRO L 210 -39.31 -16.86 2.71
C PRO L 210 -38.20 -17.27 1.75
N VAL L 211 -37.60 -18.42 2.01
CA VAL L 211 -36.51 -18.95 1.21
C VAL L 211 -36.88 -20.34 0.71
N VAL L 212 -36.66 -20.57 -0.58
CA VAL L 212 -36.87 -21.89 -1.19
C VAL L 212 -35.55 -22.33 -1.81
N ILE L 213 -35.13 -23.54 -1.49
CA ILE L 213 -33.81 -24.05 -1.88
C ILE L 213 -33.98 -25.37 -2.61
N THR L 214 -33.19 -25.57 -3.66
CA THR L 214 -33.08 -26.84 -4.36
C THR L 214 -31.63 -27.29 -4.33
N SER L 215 -31.42 -28.60 -4.19
CA SER L 215 -30.06 -29.13 -4.09
C SER L 215 -30.06 -30.60 -4.46
N ASN L 216 -28.94 -31.05 -5.02
CA ASN L 216 -28.75 -32.47 -5.30
C ASN L 216 -28.14 -33.21 -4.11
N GLY L 217 -27.55 -32.49 -3.15
CA GLY L 217 -26.98 -33.10 -1.98
C GLY L 217 -27.44 -32.41 -0.72
N ASP L 218 -27.06 -32.99 0.42
CA ASP L 218 -27.46 -32.46 1.71
C ASP L 218 -26.79 -31.12 1.95
N ILE L 219 -27.59 -30.12 2.36
CA ILE L 219 -27.04 -28.79 2.64
C ILE L 219 -26.79 -28.56 4.12
N THR L 220 -27.30 -29.43 5.00
CA THR L 220 -26.98 -29.33 6.41
C THR L 220 -25.50 -29.55 6.68
N PHE L 221 -24.81 -30.26 5.78
CA PHE L 221 -23.36 -30.36 5.85
C PHE L 221 -22.74 -29.06 5.38
N VAL L 222 -22.02 -28.38 6.27
CA VAL L 222 -21.46 -27.06 6.00
C VAL L 222 -20.02 -27.21 5.54
N VAL L 223 -19.67 -26.53 4.46
CA VAL L 223 -18.31 -26.58 3.92
C VAL L 223 -17.42 -25.69 4.77
N SER L 224 -16.28 -26.23 5.19
CA SER L 224 -15.30 -25.48 5.96
C SER L 224 -13.91 -25.83 5.45
N GLY L 225 -13.31 -24.92 4.68
CA GLY L 225 -12.06 -25.23 4.03
C GLY L 225 -12.25 -26.36 3.02
N ASN L 226 -11.23 -27.20 2.90
CA ASN L 226 -11.34 -28.43 2.11
C ASN L 226 -11.83 -29.58 2.97
N THR L 227 -12.94 -29.34 3.67
CA THR L 227 -13.45 -30.26 4.68
C THR L 227 -14.92 -29.96 4.92
N THR L 228 -15.68 -31.02 5.20
CA THR L 228 -17.10 -30.91 5.50
C THR L 228 -17.31 -31.08 7.00
N THR L 229 -17.97 -30.10 7.62
CA THR L 229 -18.26 -30.14 9.04
C THR L 229 -19.77 -30.23 9.25
N THR L 230 -20.16 -30.87 10.36
CA THR L 230 -21.56 -31.13 10.67
C THR L 230 -21.98 -30.45 11.98
N VAL L 231 -21.22 -29.46 12.43
CA VAL L 231 -21.53 -28.81 13.71
C VAL L 231 -22.83 -28.01 13.60
N HIS L 232 -23.07 -27.36 12.47
CA HIS L 232 -24.25 -26.54 12.29
C HIS L 232 -25.47 -27.32 11.81
N ALA L 233 -25.41 -28.66 11.87
CA ALA L 233 -26.51 -29.45 11.31
C ALA L 233 -27.81 -29.23 12.06
N LYS L 234 -27.79 -29.35 13.39
CA LYS L 234 -29.02 -29.31 14.17
C LYS L 234 -29.72 -27.96 14.03
N ALA L 235 -28.96 -26.86 14.07
CA ALA L 235 -29.57 -25.54 13.95
C ALA L 235 -30.19 -25.34 12.58
N LEU L 236 -29.54 -25.83 11.52
CA LEU L 236 -30.11 -25.69 10.18
C LEU L 236 -31.34 -26.58 10.00
N LYS L 237 -31.38 -27.72 10.69
CA LYS L 237 -32.53 -28.61 10.56
C LYS L 237 -33.80 -28.01 11.15
N GLU L 238 -33.66 -27.12 12.13
CA GLU L 238 -34.83 -26.57 12.80
C GLU L 238 -35.56 -25.56 11.92
N ARG L 239 -34.92 -25.06 10.87
CA ARG L 239 -35.47 -23.98 10.06
C ARG L 239 -35.96 -24.43 8.70
N MET L 240 -35.98 -25.72 8.41
CA MET L 240 -36.26 -26.20 7.06
C MET L 240 -37.38 -27.24 7.07
N VAL L 241 -38.06 -27.33 5.93
CA VAL L 241 -39.02 -28.40 5.64
C VAL L 241 -38.55 -29.10 4.37
N LYS L 242 -38.31 -30.39 4.45
CA LYS L 242 -37.64 -31.14 3.40
C LYS L 242 -38.64 -31.96 2.61
N LEU L 243 -38.65 -31.78 1.29
CA LEU L 243 -39.45 -32.57 0.37
C LEU L 243 -38.52 -33.32 -0.57
N ASN L 244 -38.72 -34.64 -0.68
CA ASN L 244 -37.83 -35.50 -1.46
C ASN L 244 -38.43 -35.71 -2.85
N PHE L 245 -37.74 -35.22 -3.87
CA PHE L 245 -38.12 -35.43 -5.26
C PHE L 245 -37.27 -36.58 -5.81
N THR L 246 -37.66 -37.81 -5.48
CA THR L 246 -36.86 -38.98 -5.83
C THR L 246 -37.19 -39.50 -7.22
N VAL L 247 -38.45 -39.87 -7.46
CA VAL L 247 -38.85 -40.51 -8.70
C VAL L 247 -39.18 -39.47 -9.76
N ARG L 248 -38.52 -39.55 -10.91
CA ARG L 248 -38.78 -38.64 -12.01
C ARG L 248 -39.90 -39.19 -12.89
N CYS L 249 -40.89 -38.34 -13.18
CA CYS L 249 -41.99 -38.73 -14.05
C CYS L 249 -41.65 -38.43 -15.50
N SER L 250 -42.62 -38.57 -16.39
CA SER L 250 -42.41 -38.30 -17.81
C SER L 250 -42.02 -36.86 -18.06
N ASP L 252 -41.07 -34.69 -20.07
CA ASP L 252 -41.67 -33.76 -21.02
C ASP L 252 -42.86 -33.03 -20.41
N MET L 253 -42.80 -32.81 -19.09
CA MET L 253 -43.83 -32.04 -18.42
C MET L 253 -43.86 -30.60 -18.91
N GLY L 254 -42.70 -30.02 -19.16
CA GLY L 254 -42.65 -28.64 -19.63
C GLY L 254 -42.64 -27.65 -18.49
N LEU L 255 -42.53 -26.37 -18.85
CA LEU L 255 -42.54 -25.28 -17.88
C LEU L 255 -43.82 -25.29 -17.07
N LEU L 256 -43.67 -25.37 -15.75
CA LEU L 256 -44.80 -25.16 -14.86
C LEU L 256 -45.07 -23.67 -14.74
N THR L 257 -46.18 -23.22 -15.31
CA THR L 257 -46.47 -21.80 -15.43
C THR L 257 -47.13 -21.26 -14.17
N GLU L 258 -47.32 -19.94 -14.14
CA GLU L 258 -48.02 -19.32 -13.03
C GLU L 258 -49.47 -19.77 -12.96
N ALA L 259 -50.05 -20.15 -14.10
CA ALA L 259 -51.43 -20.65 -14.10
C ALA L 259 -51.56 -21.94 -13.31
N ASP L 260 -50.58 -22.84 -13.46
CA ASP L 260 -50.63 -24.11 -12.73
C ASP L 260 -50.54 -23.89 -11.23
N VAL L 261 -49.71 -22.92 -10.80
CA VAL L 261 -49.59 -22.62 -9.38
C VAL L 261 -50.90 -22.05 -8.85
N GLN L 262 -51.50 -21.12 -9.60
CA GLN L 262 -52.70 -20.45 -9.12
C GLN L 262 -53.89 -21.41 -9.02
N GLN L 263 -54.07 -22.27 -10.02
CA GLN L 263 -55.14 -23.26 -9.96
C GLN L 263 -54.91 -24.24 -8.82
N TRP L 264 -53.64 -24.62 -8.60
CA TRP L 264 -53.31 -25.55 -7.53
C TRP L 264 -53.64 -24.97 -6.16
N LEU L 265 -53.16 -23.75 -5.89
CA LEU L 265 -53.29 -23.19 -4.55
C LEU L 265 -54.70 -22.68 -4.28
N THR L 266 -55.43 -22.27 -5.32
CA THR L 266 -56.80 -21.84 -5.14
C THR L 266 -57.66 -22.98 -4.61
N TRP L 267 -57.49 -24.17 -5.17
CA TRP L 267 -58.23 -25.34 -4.70
C TRP L 267 -57.73 -25.79 -3.34
N CYS L 268 -56.41 -25.72 -3.11
CA CYS L 268 -55.86 -26.13 -1.83
C CYS L 268 -56.39 -25.27 -0.69
N ASN L 269 -56.53 -23.96 -0.93
CA ASN L 269 -57.08 -23.07 0.09
C ASN L 269 -58.54 -23.39 0.39
N ALA L 270 -59.29 -23.86 -0.60
CA ALA L 270 -60.72 -24.08 -0.45
C ALA L 270 -61.07 -25.30 0.40
N GLN L 271 -60.12 -26.19 0.65
CA GLN L 271 -60.40 -27.41 1.39
C GLN L 271 -60.20 -27.19 2.89
N SER L 272 -60.40 -28.26 3.67
CA SER L 272 -60.32 -28.17 5.12
C SER L 272 -58.89 -27.91 5.58
N TRP L 273 -58.76 -27.03 6.56
CA TRP L 273 -57.48 -26.74 7.20
C TRP L 273 -57.25 -27.59 8.45
N ASP L 274 -58.23 -28.39 8.86
CA ASP L 274 -58.13 -29.13 10.11
C ASP L 274 -56.99 -30.15 10.06
N HIS L 275 -56.83 -30.82 8.92
CA HIS L 275 -55.74 -31.79 8.79
C HIS L 275 -54.38 -31.09 8.92
N TYR L 276 -54.25 -29.91 8.33
CA TYR L 276 -52.97 -29.20 8.40
C TYR L 276 -52.66 -28.76 9.84
N GLU L 277 -53.64 -28.18 10.53
CA GLU L 277 -53.40 -27.73 11.89
C GLU L 277 -53.05 -28.89 12.81
N ASN L 278 -53.53 -30.10 12.49
CA ASN L 278 -53.10 -31.27 13.24
C ASN L 278 -51.60 -31.49 13.09
N TRP L 279 -51.08 -31.36 11.86
CA TRP L 279 -49.64 -31.46 11.64
C TRP L 279 -48.90 -30.22 12.10
N ALA L 280 -49.56 -29.06 12.09
CA ALA L 280 -48.86 -27.79 12.26
C ALA L 280 -48.57 -27.45 13.72
N ILE L 281 -49.21 -28.12 14.68
CA ILE L 281 -48.96 -27.80 16.08
C ILE L 281 -47.50 -28.05 16.44
N ASN L 282 -46.92 -29.13 15.93
CA ASN L 282 -45.49 -29.39 16.06
C ASN L 282 -44.97 -29.72 14.67
N TYR L 283 -44.20 -28.80 14.09
CA TYR L 283 -43.72 -28.97 12.73
C TYR L 283 -42.64 -30.03 12.66
N THR L 284 -42.77 -30.95 11.71
CA THR L 284 -41.77 -31.99 11.52
C THR L 284 -40.71 -31.54 10.52
N PHE L 285 -39.57 -32.23 10.53
CA PHE L 285 -38.50 -31.92 9.60
C PHE L 285 -38.82 -32.42 8.20
N ASP L 286 -39.05 -33.73 8.06
CA ASP L 286 -39.41 -34.29 6.77
C ASP L 286 -40.92 -34.20 6.57
N PHE L 287 -41.33 -33.87 5.35
CA PHE L 287 -42.74 -33.75 5.05
C PHE L 287 -43.38 -35.14 4.98
N PRO L 288 -44.52 -35.33 5.63
CA PRO L 288 -45.18 -36.65 5.60
C PRO L 288 -45.70 -37.00 4.21
N GLY L 289 -45.76 -38.31 3.96
CA GLY L 289 -46.18 -38.82 2.67
C GLY L 289 -47.69 -38.93 2.54
N ILE L 290 -48.10 -39.63 1.49
CA ILE L 290 -49.53 -39.80 1.22
C ILE L 290 -50.14 -40.78 2.20
N ASN L 291 -51.47 -40.75 2.30
CA ASN L 291 -52.23 -41.70 3.09
C ASN L 291 -53.54 -41.97 2.38
N ALA L 292 -53.98 -43.23 2.36
CA ALA L 292 -55.20 -43.60 1.67
C ALA L 292 -56.44 -42.98 2.30
N ASP L 293 -56.49 -42.90 3.64
CA ASP L 293 -57.64 -42.32 4.32
C ASP L 293 -57.66 -40.80 4.25
N ALA L 294 -56.48 -40.16 4.25
CA ALA L 294 -56.41 -38.71 4.18
C ALA L 294 -56.47 -38.18 2.75
N LEU L 295 -56.44 -39.07 1.75
CA LEU L 295 -56.48 -38.63 0.36
C LEU L 295 -57.86 -38.04 0.05
N HIS L 296 -57.86 -36.97 -0.73
CA HIS L 296 -59.11 -36.27 -1.03
C HIS L 296 -59.94 -37.08 -2.00
N PRO L 297 -61.27 -37.02 -1.90
CA PRO L 297 -62.12 -37.75 -2.87
C PRO L 297 -61.88 -37.35 -4.31
N ASP L 298 -61.46 -36.11 -4.58
CA ASP L 298 -61.08 -35.73 -5.93
C ASP L 298 -59.77 -36.37 -6.36
N LEU L 299 -59.03 -36.96 -5.42
CA LEU L 299 -57.75 -37.58 -5.72
C LEU L 299 -57.69 -39.06 -5.40
N GLN L 300 -58.73 -39.64 -4.81
CA GLN L 300 -58.76 -41.06 -4.49
C GLN L 300 -58.86 -41.93 -5.74
#